data_7UBR
#
_entry.id   7UBR
#
_cell.length_a   257.890
_cell.length_b   144.400
_cell.length_c   104.800
_cell.angle_alpha   90.000
_cell.angle_beta   90.000
_cell.angle_gamma   90.000
#
_symmetry.space_group_name_H-M   'P 21 21 2'
#
loop_
_entity.id
_entity.type
_entity.pdbx_description
1 polymer 'Integrin alpha-IIb'
2 polymer 'Isoform Beta-3C of Integrin beta-3'
3 polymer '10E5 Fab heavy chain'
4 polymer '10E5 Fab light chain'
5 branched alpha-D-mannopyranose-(1-3)-[alpha-D-mannopyranose-(1-6)]beta-D-mannopyranose-(1-4)-2-acetamido-2-deoxy-beta-D-glucopyranose-(1-4)-2-acetamido-2-deoxy-beta-D-glucopyranose
6 branched 2-acetamido-2-deoxy-beta-D-glucopyranose-(1-4)-2-acetamido-2-deoxy-beta-D-glucopyranose
7 branched alpha-D-mannopyranose-(1-3)-beta-D-mannopyranose-(1-4)-2-acetamido-2-deoxy-beta-D-glucopyranose-(1-4)-2-acetamido-2-deoxy-beta-D-glucopyranose
8 non-polymer 'SULFATE ION'
9 non-polymer 'CALCIUM ION'
10 non-polymer 'MANGANESE (II) ION'
11 non-polymer 2-acetamido-2-deoxy-beta-D-glucopyranose
12 non-polymer '{4-[4-(4-carbamimidoylphenyl)piperazin-1-yl]piperidin-1-yl}acetic acid'
13 non-polymer 'CHLORIDE ION'
14 water water
#
loop_
_entity_poly.entity_id
_entity_poly.type
_entity_poly.pdbx_seq_one_letter_code
_entity_poly.pdbx_strand_id
1 'polypeptide(L)'
;LNLDPVQLTFYAGPNGSQFGFSLDFHKDSHGRVAIVVGAPRTLGPSQEETGGVFLCPWRAEGGQCPSLLFDLRDETRNVG
SQTLQTFKARQGLGASVVSWSDVIVACAPWQHWNVLEKTEEAEKTPVGSCFLAQPESGRRAEYSPCRGNTLSRIYVENDF
SWDKRYCEAGFSSVVTQAGELVLGAPGGYYFLGLLAQAPVADIFSSYRPGILLWHVSSQSLSFDSSNPEYFDGYWGYSVA
VGEFDGDLNTTEYVVGAPTWSWTLGAVEILDSYYQRLHRLRGEQMASYFGHSVAVTDVNGDGRHDLLVGAPLYMESRADR
KLAEVGRVYLFLQPRGPHALGAPSLLLTGTQLYGRFGSAIAPLGDLDRDGYNDIAVAAPYGGPSGRGQVLVFLGQSEGLR
SRPSQVLDSPFPTGSAFGFSLRGAVDIDDNGYPDLIVGAYGANQVAVYRAQPVV
;
A,C
2 'polypeptide(L)'
;GPNICTTRGVSSCQQCLAVSPMCAWCSDEALPLGSPRCDLKENLLKDNCAPESIEFPVSEARVLEDRPLSDKGSGDSSQV
TQVSPQRIALRLRPDDSKNFSIQVRQVEDYPVDIYYLMDLSYSMKDDLWSIQNLGTKLATQMRKLTSNLRIGFGAFVDKP
VSPYMYISPPEALENPCYDMKTTCLPMFGYKHVLTLTDQVTRFNEEVKKQSVSRNRDAPEGGFDAIMQATVCDEKIGWRN
DASHLLVFTTDAKTHIALDGRLAGIVQPNDGQCHVGSDNHYSASTTMDYPSLGLMTEKLSQKNINLIFAVTENVVNLYQN
YSELIPGTTVGVLSMDSSNVLQLIVDAYGKIRSKVELEVRDLPEELSLSFNATCLNNEVIPGLKSCMGLKIGDTVSFSIE
AKVRGCPQEKEKSFTIKPVGFKDSLIVQVTFDCDCACQAQAEPNSHRCNNGNGTFECGVCRCGPGWLGSQCE
;
B,D
3 'polypeptide(L)'
;EVQLQQSGAELVKPGASVKLSCTASGFNIKDTYVHWVKQRPEQGLEWIGRIDPANGYTKYDPKFQGKATITADTSSNTAY
LQLSSLTSEDTAVYYCVRPLYDYYAMDYWGQGTSVTVSSAKTTAPSVYPLAPVCGDTTGSSVTLGCLVKGYFPEPVTLTW
NSGSLSSGVHTFPAVLQSDLYTLSSSVTVTSSTWPSQSITCNVAHPASSTKVDKKIEPRGP
;
E,H
4 'polypeptide(L)'
;DILMTQSPSSMSVSLGDTVSITCHASQGISSNIGWLQQKPGKSFMGLIYYGTNLVDGVPSRFSGSGSGADYSLTISSLDS
EDFADYYCVQYAQLPYTFGGGTKLEIKRADAAPTVSIFPPSSEQLTSGGASVVCFLNNFYPKDINVKWKIDGSERQNGVL
NSWTDQDSKDSTYSMSSTLTLTKDEYERHNSYTCEATHKTSTSPIVKSFNRNEC
;
F,L
#
loop_
_chem_comp.id
_chem_comp.type
_chem_comp.name
_chem_comp.formula
BMA D-saccharide, beta linking beta-D-mannopyranose 'C6 H12 O6'
CA non-polymer 'CALCIUM ION' 'Ca 2'
CL non-polymer 'CHLORIDE ION' 'Cl -1'
MAN D-saccharide, alpha linking alpha-D-mannopyranose 'C6 H12 O6'
MJX non-polymer '{4-[4-(4-carbamimidoylphenyl)piperazin-1-yl]piperidin-1-yl}acetic acid' 'C18 H27 N5 O2'
MN non-polymer 'MANGANESE (II) ION' 'Mn 2'
NAG D-saccharide, beta linking 2-acetamido-2-deoxy-beta-D-glucopyranose 'C8 H15 N O6'
SO4 non-polymer 'SULFATE ION' 'O4 S -2'
#
# COMPACT_ATOMS: atom_id res chain seq x y z
N LEU A 1 35.71 -21.73 24.13
CA LEU A 1 37.18 -21.96 24.11
C LEU A 1 37.62 -22.92 25.20
N ASN A 2 37.20 -22.63 26.44
CA ASN A 2 37.73 -23.32 27.62
C ASN A 2 36.68 -24.09 28.40
N LEU A 3 35.61 -24.51 27.74
CA LEU A 3 34.71 -25.51 28.30
C LEU A 3 35.41 -26.85 28.23
N ASP A 4 35.24 -27.67 29.26
CA ASP A 4 35.91 -28.98 29.32
C ASP A 4 35.05 -30.06 28.66
N PRO A 5 35.51 -30.60 27.51
CA PRO A 5 34.72 -31.60 26.79
C PRO A 5 35.10 -33.03 27.14
N VAL A 6 35.95 -33.21 28.14
CA VAL A 6 36.44 -34.53 28.52
C VAL A 6 35.66 -35.10 29.69
N GLN A 7 35.53 -34.33 30.76
CA GLN A 7 34.83 -34.78 31.96
C GLN A 7 33.49 -34.05 32.12
N LEU A 8 32.47 -34.59 31.47
CA LEU A 8 31.13 -34.02 31.54
C LEU A 8 30.36 -34.58 32.72
N THR A 9 29.24 -33.94 33.03
CA THR A 9 28.30 -34.41 34.04
C THR A 9 26.96 -34.67 33.38
N PHE A 10 26.38 -35.83 33.66
CA PHE A 10 25.12 -36.22 33.05
C PHE A 10 24.01 -36.39 34.09
N TYR A 11 22.89 -35.70 33.86
CA TYR A 11 21.66 -35.93 34.60
C TYR A 11 20.66 -36.60 33.67
N ALA A 12 19.81 -37.47 34.24
CA ALA A 12 18.88 -38.25 33.43
C ALA A 12 17.51 -38.35 34.08
N GLY A 13 16.48 -38.37 33.24
CA GLY A 13 15.11 -38.56 33.68
C GLY A 13 14.53 -39.83 33.11
N PRO A 14 13.24 -40.08 33.37
CA PRO A 14 12.57 -41.28 32.88
C PRO A 14 12.56 -41.39 31.36
N ASN A 15 12.57 -42.62 30.85
CA ASN A 15 12.53 -42.86 29.41
C ASN A 15 11.25 -42.28 28.81
N GLY A 16 11.39 -41.54 27.72
CA GLY A 16 10.23 -40.97 27.03
C GLY A 16 9.64 -39.74 27.70
N SER A 17 10.30 -39.26 28.75
CA SER A 17 9.80 -38.10 29.49
C SER A 17 10.20 -36.78 28.82
N GLN A 18 11.12 -36.86 27.87
CA GLN A 18 11.70 -35.68 27.23
C GLN A 18 12.38 -34.78 28.27
N PHE A 19 12.94 -35.42 29.29
CA PHE A 19 13.80 -34.77 30.28
C PHE A 19 14.89 -33.97 29.58
N GLY A 20 14.91 -32.66 29.82
CA GLY A 20 15.89 -31.78 29.20
C GLY A 20 15.32 -30.96 28.05
N PHE A 21 13.99 -31.00 27.90
CA PHE A 21 13.33 -30.20 26.88
C PHE A 21 13.58 -28.72 27.17
N SER A 22 13.53 -28.36 28.45
CA SER A 22 13.86 -27.03 28.91
C SER A 22 14.66 -27.13 30.19
N LEU A 23 15.46 -26.10 30.48
CA LEU A 23 16.26 -26.09 31.70
C LEU A 23 16.71 -24.68 32.07
N ASP A 24 17.19 -24.54 33.30
CA ASP A 24 17.70 -23.26 33.77
C ASP A 24 18.49 -23.50 35.06
N PHE A 25 19.33 -22.54 35.43
CA PHE A 25 20.01 -22.58 36.72
C PHE A 25 19.07 -22.04 37.78
N HIS A 26 19.13 -22.61 38.98
CA HIS A 26 18.32 -22.13 40.10
C HIS A 26 19.18 -21.98 41.35
N LYS A 27 19.19 -20.77 41.90
CA LYS A 27 19.88 -20.50 43.15
C LYS A 27 18.87 -20.44 44.29
N ASP A 28 19.11 -21.20 45.36
CA ASP A 28 18.24 -21.11 46.52
C ASP A 28 18.57 -19.84 47.30
N SER A 29 17.89 -19.64 48.43
CA SER A 29 18.05 -18.42 49.21
C SER A 29 19.45 -18.28 49.80
N HIS A 30 20.28 -19.32 49.65
CA HIS A 30 21.65 -19.30 50.18
C HIS A 30 22.68 -19.18 49.06
N GLY A 31 22.22 -19.08 47.81
CA GLY A 31 23.12 -18.90 46.68
C GLY A 31 23.61 -20.18 46.05
N ARG A 32 23.18 -21.31 46.60
CA ARG A 32 23.59 -22.61 46.09
C ARG A 32 22.90 -22.92 44.77
N VAL A 33 23.68 -23.14 43.72
CA VAL A 33 23.16 -23.35 42.37
C VAL A 33 22.71 -24.79 42.15
N ALA A 34 21.50 -24.94 41.62
CA ALA A 34 20.98 -26.23 41.19
C ALA A 34 20.54 -26.11 39.74
N ILE A 35 20.06 -27.21 39.16
CA ILE A 35 19.54 -27.20 37.80
C ILE A 35 18.08 -27.64 37.78
N VAL A 36 17.20 -26.74 37.38
CA VAL A 36 15.80 -27.09 37.19
C VAL A 36 15.63 -27.63 35.76
N VAL A 37 14.98 -28.78 35.64
CA VAL A 37 14.81 -29.44 34.35
C VAL A 37 13.34 -29.77 34.10
N GLY A 38 12.87 -29.38 32.91
CA GLY A 38 11.53 -29.70 32.49
C GLY A 38 11.49 -30.99 31.68
N ALA A 39 10.46 -31.79 31.92
CA ALA A 39 10.27 -33.05 31.21
C ALA A 39 8.81 -33.17 30.78
N PRO A 40 8.47 -32.53 29.64
CA PRO A 40 7.06 -32.30 29.26
C PRO A 40 6.23 -33.55 28.96
N ARG A 41 6.81 -34.75 28.94
CA ARG A 41 6.03 -35.95 28.70
C ARG A 41 6.11 -36.96 29.84
N THR A 42 6.57 -36.48 31.00
CA THR A 42 6.57 -37.31 32.20
C THR A 42 5.16 -37.82 32.49
N LEU A 43 5.06 -39.06 32.94
CA LEU A 43 3.76 -39.66 33.22
C LEU A 43 3.19 -39.14 34.54
N GLY A 44 1.87 -39.00 34.57
CA GLY A 44 1.17 -38.50 35.74
C GLY A 44 0.57 -39.63 36.57
N PRO A 45 -0.52 -39.34 37.30
CA PRO A 45 -1.13 -40.36 38.15
C PRO A 45 -1.92 -41.41 37.37
N SER A 46 -2.62 -40.96 36.34
CA SER A 46 -3.46 -41.84 35.53
C SER A 46 -2.68 -42.57 34.45
N GLN A 47 -1.36 -42.70 34.66
CA GLN A 47 -0.48 -43.33 33.69
C GLN A 47 -0.56 -42.64 32.35
N GLU A 48 -0.88 -41.34 32.39
CA GLU A 48 -1.02 -40.53 31.19
C GLU A 48 0.01 -39.41 31.20
N GLU A 49 0.52 -39.05 30.03
CA GLU A 49 1.50 -37.98 29.93
C GLU A 49 0.90 -36.66 30.38
N THR A 50 1.60 -35.99 31.29
CA THR A 50 1.19 -34.67 31.77
C THR A 50 2.39 -33.72 31.88
N GLY A 51 3.59 -34.29 31.80
CA GLY A 51 4.80 -33.52 31.99
C GLY A 51 5.18 -33.45 33.45
N GLY A 52 6.37 -32.95 33.72
CA GLY A 52 6.87 -32.85 35.08
C GLY A 52 8.13 -32.00 35.15
N VAL A 53 8.54 -31.68 36.37
CA VAL A 53 9.71 -30.84 36.60
C VAL A 53 10.63 -31.49 37.61
N PHE A 54 11.93 -31.34 37.39
CA PHE A 54 12.93 -31.92 38.29
C PHE A 54 13.91 -30.84 38.73
N LEU A 55 14.31 -30.90 40.00
CA LEU A 55 15.27 -29.96 40.56
C LEU A 55 16.54 -30.73 40.94
N CYS A 56 17.57 -30.58 40.12
CA CYS A 56 18.79 -31.37 40.24
C CYS A 56 19.86 -30.69 41.08
N PRO A 57 20.19 -31.24 42.26
CA PRO A 57 21.32 -30.69 43.00
C PRO A 57 22.62 -30.85 42.22
N TRP A 58 23.54 -29.90 42.35
CA TRP A 58 24.81 -30.00 41.65
C TRP A 58 25.69 -31.11 42.22
N ARG A 59 26.07 -32.04 41.37
CA ARG A 59 27.00 -33.11 41.72
C ARG A 59 27.85 -33.42 40.50
N ALA A 60 29.15 -33.52 40.67
CA ALA A 60 30.05 -33.78 39.56
C ALA A 60 29.69 -35.10 38.86
N GLU A 61 29.13 -36.04 39.63
CA GLU A 61 28.74 -37.33 39.09
C GLU A 61 27.37 -37.31 38.43
N GLY A 62 26.57 -36.30 38.78
CA GLY A 62 25.22 -36.20 38.25
C GLY A 62 24.32 -37.31 38.74
N GLY A 63 23.50 -37.86 37.85
CA GLY A 63 22.62 -38.96 38.16
C GLY A 63 21.14 -38.59 38.12
N GLN A 64 20.36 -39.19 39.01
CA GLN A 64 18.93 -38.94 39.08
C GLN A 64 18.62 -37.70 39.90
N CYS A 65 17.46 -37.10 39.66
CA CYS A 65 17.06 -35.88 40.36
C CYS A 65 15.70 -36.06 41.03
N PRO A 66 15.48 -35.38 42.17
CA PRO A 66 14.17 -35.41 42.80
C PRO A 66 13.14 -34.60 42.02
N SER A 67 11.87 -34.93 42.18
CA SER A 67 10.80 -34.22 41.48
C SER A 67 10.43 -32.93 42.20
N LEU A 68 10.14 -31.89 41.42
CA LEU A 68 9.50 -30.69 41.95
C LEU A 68 8.01 -30.85 41.71
N LEU A 69 7.28 -31.18 42.76
CA LEU A 69 5.89 -31.64 42.63
C LEU A 69 4.89 -30.53 42.38
N PHE A 70 3.95 -30.78 41.47
CA PHE A 70 2.83 -29.90 41.20
C PHE A 70 1.54 -30.70 41.13
N ASP A 71 0.41 -30.04 41.32
CA ASP A 71 -0.89 -30.69 41.24
C ASP A 71 -1.18 -31.09 39.79
N LEU A 72 -1.42 -32.38 39.57
CA LEU A 72 -1.67 -32.92 38.23
C LEU A 72 -3.12 -33.36 38.04
N ARG A 73 -3.97 -33.06 39.02
CA ARG A 73 -5.38 -33.44 38.97
C ARG A 73 -6.19 -32.42 38.17
N ASP A 74 -7.08 -32.91 37.32
CA ASP A 74 -8.02 -32.04 36.62
C ASP A 74 -8.96 -31.41 37.63
N GLU A 75 -9.32 -30.15 37.40
CA GLU A 75 -10.14 -29.39 38.33
C GLU A 75 -11.51 -29.06 37.75
N THR A 76 -12.49 -28.94 38.62
CA THR A 76 -13.85 -28.60 38.23
C THR A 76 -14.49 -27.71 39.28
N ARG A 77 -15.04 -26.58 38.84
CA ARG A 77 -15.74 -25.66 39.73
C ARG A 77 -17.09 -25.26 39.14
N ASN A 78 -18.15 -25.51 39.92
CA ASN A 78 -19.48 -25.06 39.55
C ASN A 78 -19.80 -23.76 40.26
N VAL A 79 -19.78 -22.66 39.52
CA VAL A 79 -19.95 -21.34 40.08
C VAL A 79 -20.55 -20.39 39.05
N GLY A 80 -21.38 -19.45 39.52
CA GLY A 80 -22.01 -18.49 38.64
C GLY A 80 -22.82 -19.14 37.55
N SER A 81 -23.50 -20.23 37.90
CA SER A 81 -24.32 -21.00 36.96
C SER A 81 -23.50 -21.45 35.76
N GLN A 82 -22.20 -21.65 35.98
CA GLN A 82 -21.30 -22.18 34.96
C GLN A 82 -20.48 -23.33 35.55
N THR A 83 -19.78 -24.05 34.68
CA THR A 83 -18.88 -25.11 35.11
C THR A 83 -17.49 -24.89 34.50
N LEU A 84 -16.52 -24.59 35.34
CA LEU A 84 -15.14 -24.36 34.89
C LEU A 84 -14.37 -25.68 34.91
N GLN A 85 -13.54 -25.90 33.89
CA GLN A 85 -12.82 -27.16 33.73
C GLN A 85 -11.38 -26.96 33.27
N THR A 86 -10.45 -27.60 33.98
CA THR A 86 -9.06 -27.69 33.52
C THR A 86 -8.75 -29.13 33.14
N PHE A 87 -7.93 -29.29 32.10
CA PHE A 87 -7.54 -30.61 31.61
C PHE A 87 -6.03 -30.67 31.47
N LYS A 88 -5.40 -31.52 32.28
CA LYS A 88 -3.95 -31.54 32.38
C LYS A 88 -3.32 -32.71 31.60
N ALA A 89 -4.15 -33.53 30.96
CA ALA A 89 -3.65 -34.59 30.12
C ALA A 89 -2.88 -34.01 28.93
N ARG A 90 -1.62 -34.44 28.79
CA ARG A 90 -0.77 -34.01 27.69
C ARG A 90 -0.58 -32.48 27.68
N GLN A 91 -0.62 -31.87 28.86
CA GLN A 91 -0.49 -30.43 28.99
C GLN A 91 0.94 -29.95 28.72
N GLY A 92 1.90 -30.86 28.89
CA GLY A 92 3.28 -30.54 28.61
C GLY A 92 3.96 -29.72 29.69
N LEU A 93 3.64 -30.00 30.95
CA LEU A 93 4.28 -29.33 32.08
C LEU A 93 5.79 -29.51 32.01
N GLY A 94 6.51 -28.39 31.95
CA GLY A 94 7.95 -28.41 31.83
C GLY A 94 8.42 -28.17 30.41
N ALA A 95 7.49 -27.80 29.53
CA ALA A 95 7.86 -27.43 28.16
C ALA A 95 8.71 -26.16 28.19
N SER A 96 8.60 -25.42 29.29
CA SER A 96 9.49 -24.31 29.55
C SER A 96 9.68 -24.17 31.05
N VAL A 97 10.88 -23.80 31.46
CA VAL A 97 11.18 -23.52 32.86
C VAL A 97 12.10 -22.33 32.95
N VAL A 98 11.94 -21.55 34.01
CA VAL A 98 12.79 -20.40 34.26
C VAL A 98 12.85 -20.14 35.76
N SER A 99 14.01 -19.70 36.22
CA SER A 99 14.22 -19.41 37.63
C SER A 99 14.49 -17.92 37.83
N TRP A 100 13.88 -17.37 38.87
CA TRP A 100 14.15 -16.01 39.31
C TRP A 100 14.12 -15.97 40.82
N SER A 101 15.14 -15.36 41.43
CA SER A 101 15.28 -15.36 42.88
C SER A 101 15.26 -16.81 43.36
N ASP A 102 14.51 -17.09 44.42
CA ASP A 102 14.36 -18.46 44.92
C ASP A 102 13.03 -19.06 44.47
N VAL A 103 12.55 -18.62 43.31
CA VAL A 103 11.30 -19.09 42.74
C VAL A 103 11.53 -19.78 41.40
N ILE A 104 10.76 -20.84 41.15
CA ILE A 104 10.80 -21.55 39.88
C ILE A 104 9.46 -21.41 39.17
N VAL A 105 9.52 -21.13 37.87
CA VAL A 105 8.31 -21.03 37.04
C VAL A 105 8.35 -22.09 35.95
N ALA A 106 7.42 -23.05 36.04
CA ALA A 106 7.34 -24.13 35.07
C ALA A 106 5.97 -24.10 34.39
N CYS A 107 5.96 -24.16 33.07
CA CYS A 107 4.74 -23.94 32.31
C CYS A 107 4.26 -25.18 31.55
N ALA A 108 2.94 -25.24 31.35
CA ALA A 108 2.29 -26.28 30.57
C ALA A 108 1.50 -25.62 29.45
N PRO A 109 2.16 -25.34 28.31
CA PRO A 109 1.52 -24.57 27.24
C PRO A 109 0.25 -25.20 26.68
N TRP A 110 0.13 -26.52 26.77
CA TRP A 110 -0.99 -27.20 26.13
C TRP A 110 -2.02 -27.71 27.12
N GLN A 111 -2.04 -27.13 28.32
CA GLN A 111 -3.11 -27.40 29.26
C GLN A 111 -4.41 -26.87 28.66
N HIS A 112 -5.43 -27.71 28.59
CA HIS A 112 -6.69 -27.31 28.00
C HIS A 112 -7.67 -26.78 29.03
N TRP A 113 -8.69 -26.09 28.54
CA TRP A 113 -9.62 -25.36 29.39
C TRP A 113 -10.97 -25.24 28.69
N ASN A 114 -12.04 -25.34 29.46
CA ASN A 114 -13.39 -25.20 28.92
C ASN A 114 -14.34 -24.69 30.00
N VAL A 115 -15.42 -24.05 29.56
CA VAL A 115 -16.46 -23.55 30.44
C VAL A 115 -17.81 -23.97 29.91
N LEU A 116 -18.58 -24.69 30.73
CA LEU A 116 -19.90 -25.16 30.33
C LEU A 116 -21.00 -24.31 30.97
N GLU A 117 -22.00 -23.97 30.17
CA GLU A 117 -23.18 -23.27 30.65
C GLU A 117 -24.40 -23.84 29.92
N LYS A 118 -25.14 -24.70 30.62
CA LYS A 118 -26.26 -25.43 30.02
C LYS A 118 -25.77 -26.22 28.79
N THR A 119 -26.29 -25.88 27.61
CA THR A 119 -25.94 -26.61 26.39
C THR A 119 -24.76 -25.99 25.65
N GLU A 120 -24.41 -24.76 26.02
CA GLU A 120 -23.32 -24.04 25.35
C GLU A 120 -21.99 -24.31 26.03
N GLU A 121 -20.92 -23.85 25.40
CA GLU A 121 -19.57 -24.01 25.95
C GLU A 121 -18.62 -22.95 25.40
N ALA A 122 -17.50 -22.76 26.09
CA ALA A 122 -16.46 -21.86 25.64
C ALA A 122 -15.59 -22.51 24.56
N GLU A 123 -15.68 -23.85 24.50
CA GLU A 123 -14.84 -24.73 23.66
C GLU A 123 -13.58 -25.15 24.43
N LYS A 124 -13.26 -26.42 24.30
CA LYS A 124 -12.09 -27.02 24.96
C LYS A 124 -10.83 -26.65 24.19
N THR A 125 -10.02 -25.76 24.77
CA THR A 125 -8.87 -25.18 24.05
C THR A 125 -7.62 -25.05 24.92
N PRO A 126 -6.43 -25.06 24.30
CA PRO A 126 -5.18 -24.96 25.05
C PRO A 126 -4.80 -23.53 25.45
N VAL A 127 -5.41 -23.02 26.51
CA VAL A 127 -5.08 -21.70 27.02
C VAL A 127 -3.69 -21.70 27.64
N GLY A 128 -3.23 -22.88 28.04
CA GLY A 128 -1.93 -23.01 28.69
C GLY A 128 -2.00 -22.55 30.13
N SER A 129 -0.96 -22.87 30.89
CA SER A 129 -0.91 -22.46 32.30
C SER A 129 0.51 -22.57 32.84
N CYS A 130 0.81 -21.73 33.83
CA CYS A 130 2.12 -21.74 34.47
C CYS A 130 2.01 -22.08 35.95
N PHE A 131 2.96 -22.89 36.42
CA PHE A 131 3.03 -23.29 37.82
C PHE A 131 4.27 -22.65 38.46
N LEU A 132 4.06 -22.01 39.61
CA LEU A 132 5.14 -21.35 40.33
C LEU A 132 5.39 -22.05 41.66
N ALA A 133 6.67 -22.17 42.00
CA ALA A 133 7.06 -22.85 43.23
C ALA A 133 8.19 -22.11 43.94
N GLN A 134 8.10 -22.09 45.27
CA GLN A 134 9.20 -21.68 46.12
C GLN A 134 9.67 -22.92 46.87
N PRO A 135 10.63 -23.67 46.29
CA PRO A 135 11.01 -25.01 46.78
C PRO A 135 11.31 -25.07 48.27
N GLU A 136 12.00 -24.06 48.79
CA GLU A 136 12.44 -24.08 50.19
C GLU A 136 11.26 -23.97 51.16
N SER A 137 10.24 -23.20 50.77
CA SER A 137 9.10 -22.94 51.64
C SER A 137 7.92 -23.87 51.33
N GLY A 138 7.88 -24.38 50.11
CA GLY A 138 6.80 -25.25 49.69
C GLY A 138 5.63 -24.48 49.11
N ARG A 139 5.74 -23.15 49.05
CA ARG A 139 4.69 -22.32 48.49
C ARG A 139 4.43 -22.69 47.03
N ARG A 140 3.16 -22.70 46.65
CA ARG A 140 2.76 -22.98 45.28
C ARG A 140 1.75 -21.94 44.79
N ALA A 141 1.83 -21.61 43.51
CA ALA A 141 0.88 -20.71 42.89
C ALA A 141 0.72 -21.08 41.42
N GLU A 142 -0.28 -20.49 40.78
CA GLU A 142 -0.50 -20.71 39.36
C GLU A 142 -0.80 -19.39 38.67
N TYR A 143 -0.62 -19.37 37.35
CA TYR A 143 -0.92 -18.20 36.55
C TYR A 143 -1.36 -18.65 35.17
N SER A 144 -2.59 -18.32 34.82
CA SER A 144 -3.18 -18.73 33.54
C SER A 144 -4.04 -17.58 33.00
N PRO A 145 -3.37 -16.54 32.46
CA PRO A 145 -4.03 -15.28 32.10
C PRO A 145 -4.99 -15.37 30.92
N CYS A 146 -4.99 -16.50 30.20
CA CYS A 146 -5.80 -16.63 28.99
C CYS A 146 -7.12 -17.35 29.24
N ARG A 147 -7.31 -17.89 30.45
CA ARG A 147 -8.58 -18.50 30.81
C ARG A 147 -9.69 -17.46 30.76
N GLY A 148 -10.85 -17.86 30.23
CA GLY A 148 -12.01 -16.98 30.16
C GLY A 148 -13.28 -17.77 30.38
N ASN A 149 -14.40 -17.05 30.49
CA ASN A 149 -15.70 -17.68 30.67
C ASN A 149 -16.73 -17.18 29.66
N THR A 150 -16.24 -16.74 28.51
CA THR A 150 -17.11 -16.33 27.41
C THR A 150 -17.50 -17.55 26.58
N LEU A 151 -18.77 -17.62 26.20
CA LEU A 151 -19.26 -18.76 25.43
C LEU A 151 -18.94 -18.64 23.95
N SER A 152 -18.86 -19.78 23.28
CA SER A 152 -18.44 -19.86 21.88
C SER A 152 -19.20 -18.92 20.96
N ARG A 153 -20.51 -18.83 21.14
CA ARG A 153 -21.38 -18.02 20.29
C ARG A 153 -20.94 -16.56 20.23
N ILE A 154 -20.47 -16.04 21.36
CA ILE A 154 -20.11 -14.63 21.44
C ILE A 154 -18.90 -14.31 20.57
N TYR A 155 -17.89 -15.17 20.59
CA TYR A 155 -16.70 -14.99 19.76
C TYR A 155 -17.09 -14.92 18.29
N VAL A 156 -17.99 -15.80 17.88
CA VAL A 156 -18.44 -15.87 16.50
C VAL A 156 -19.12 -14.56 16.07
N GLU A 157 -19.92 -14.00 16.97
CA GLU A 157 -20.62 -12.75 16.69
C GLU A 157 -19.66 -11.60 16.49
N ASN A 158 -18.62 -11.54 17.32
CA ASN A 158 -17.66 -10.44 17.28
C ASN A 158 -16.44 -10.76 16.44
N ASP A 159 -16.58 -11.72 15.53
CA ASP A 159 -15.53 -12.08 14.58
C ASP A 159 -14.23 -12.49 15.30
N PHE A 160 -14.37 -13.15 16.43
CA PHE A 160 -13.23 -13.74 17.14
C PHE A 160 -12.19 -12.70 17.55
N SER A 161 -12.65 -11.52 17.95
CA SER A 161 -11.77 -10.49 18.46
C SER A 161 -11.38 -10.81 19.89
N TRP A 162 -10.13 -10.54 20.24
CA TRP A 162 -9.64 -10.78 21.59
C TRP A 162 -9.92 -12.22 22.02
N ASP A 163 -9.60 -13.15 21.12
CA ASP A 163 -9.80 -14.58 21.36
C ASP A 163 -8.53 -15.20 21.94
N LYS A 164 -8.51 -15.39 23.25
CA LYS A 164 -7.34 -15.90 23.95
C LYS A 164 -7.47 -17.38 24.26
N ARG A 165 -8.38 -18.07 23.58
CA ARG A 165 -8.70 -19.45 23.91
C ARG A 165 -7.56 -20.43 23.60
N TYR A 166 -6.70 -20.06 22.64
CA TYR A 166 -5.62 -20.95 22.20
C TYR A 166 -4.24 -20.37 22.51
N CYS A 167 -4.17 -19.51 23.52
CA CYS A 167 -2.94 -18.79 23.87
C CYS A 167 -1.70 -19.65 23.92
N GLU A 168 -1.81 -20.77 24.64
CA GLU A 168 -0.66 -21.59 25.00
C GLU A 168 0.35 -20.74 25.75
N ALA A 169 -0.13 -20.07 26.78
CA ALA A 169 0.71 -19.25 27.64
C ALA A 169 1.77 -20.09 28.31
N GLY A 170 3.01 -19.60 28.32
CA GLY A 170 4.13 -20.33 28.87
C GLY A 170 4.90 -21.09 27.81
N PHE A 171 4.43 -21.03 26.58
CA PHE A 171 5.15 -21.57 25.42
C PHE A 171 6.61 -21.10 25.50
N SER A 172 6.77 -19.82 25.83
CA SER A 172 8.07 -19.25 26.15
C SER A 172 7.92 -18.40 27.39
N SER A 173 9.01 -18.14 28.09
CA SER A 173 8.93 -17.40 29.35
C SER A 173 10.24 -16.71 29.68
N VAL A 174 10.14 -15.66 30.50
CA VAL A 174 11.30 -14.92 30.97
C VAL A 174 10.87 -14.09 32.18
N VAL A 175 11.83 -13.72 33.02
CA VAL A 175 11.54 -12.91 34.20
C VAL A 175 12.52 -11.73 34.27
N THR A 176 11.98 -10.53 34.41
CA THR A 176 12.82 -9.35 34.55
C THR A 176 13.55 -9.39 35.89
N GLN A 177 14.64 -8.65 35.99
CA GLN A 177 15.41 -8.60 37.24
C GLN A 177 14.54 -8.09 38.39
N ALA A 178 13.54 -7.28 38.05
CA ALA A 178 12.63 -6.73 39.06
C ALA A 178 11.62 -7.76 39.54
N GLY A 179 11.55 -8.89 38.85
CA GLY A 179 10.66 -9.97 39.25
C GLY A 179 9.31 -9.95 38.56
N GLU A 180 9.27 -9.41 37.34
CA GLU A 180 8.06 -9.46 36.52
C GLU A 180 8.14 -10.63 35.55
N LEU A 181 7.24 -11.59 35.72
CA LEU A 181 7.15 -12.74 34.83
C LEU A 181 6.50 -12.31 33.52
N VAL A 182 7.15 -12.64 32.41
CA VAL A 182 6.61 -12.37 31.07
C VAL A 182 6.45 -13.67 30.29
N LEU A 183 5.21 -13.97 29.91
CA LEU A 183 4.91 -15.20 29.19
C LEU A 183 4.65 -14.94 27.72
N GLY A 184 5.18 -15.80 26.86
CA GLY A 184 4.85 -15.78 25.46
C GLY A 184 3.71 -16.74 25.18
N ALA A 185 2.73 -16.28 24.40
CA ALA A 185 1.55 -17.08 24.06
C ALA A 185 1.30 -16.99 22.56
N PRO A 186 2.00 -17.84 21.77
CA PRO A 186 2.00 -17.68 20.32
C PRO A 186 0.64 -17.93 19.66
N GLY A 187 -0.27 -18.57 20.38
CA GLY A 187 -1.59 -18.86 19.84
C GLY A 187 -2.62 -17.81 20.20
N GLY A 188 -2.19 -16.78 20.93
CA GLY A 188 -3.10 -15.74 21.39
C GLY A 188 -3.75 -14.96 20.27
N TYR A 189 -4.98 -14.51 20.53
CA TYR A 189 -5.75 -13.73 19.56
C TYR A 189 -5.85 -14.44 18.22
N TYR A 190 -6.32 -15.69 18.26
CA TYR A 190 -6.49 -16.51 17.07
C TYR A 190 -5.16 -16.62 16.30
N PHE A 191 -4.10 -16.93 17.05
CA PHE A 191 -2.80 -17.29 16.51
C PHE A 191 -1.98 -16.10 15.99
N LEU A 192 -2.38 -14.88 16.35
CA LEU A 192 -1.51 -13.73 16.16
C LEU A 192 -0.36 -13.81 17.14
N GLY A 193 -0.69 -14.18 18.37
CA GLY A 193 0.28 -14.27 19.45
C GLY A 193 0.14 -13.09 20.39
N LEU A 194 0.37 -13.33 21.69
CA LEU A 194 0.34 -12.25 22.66
C LEU A 194 1.34 -12.49 23.79
N LEU A 195 1.59 -11.42 24.55
CA LEU A 195 2.42 -11.49 25.75
C LEU A 195 1.55 -11.21 26.97
N ALA A 196 1.84 -11.93 28.06
CA ALA A 196 1.17 -11.68 29.33
C ALA A 196 2.23 -11.46 30.41
N GLN A 197 2.10 -10.35 31.13
CA GLN A 197 3.07 -9.98 32.16
C GLN A 197 2.39 -9.76 33.49
N ALA A 198 3.05 -10.17 34.57
CA ALA A 198 2.56 -9.91 35.92
C ALA A 198 3.69 -10.13 36.93
N PRO A 199 3.75 -9.29 37.98
CA PRO A 199 4.77 -9.50 39.02
C PRO A 199 4.62 -10.85 39.72
N VAL A 200 5.73 -11.55 39.95
CA VAL A 200 5.70 -12.84 40.63
C VAL A 200 5.03 -12.71 41.99
N ALA A 201 5.35 -11.63 42.70
CA ALA A 201 4.80 -11.39 44.03
C ALA A 201 3.27 -11.33 44.01
N ASP A 202 2.72 -10.73 42.96
CA ASP A 202 1.28 -10.57 42.85
C ASP A 202 0.59 -11.85 42.41
N ILE A 203 1.30 -12.67 41.64
CA ILE A 203 0.78 -13.98 41.25
C ILE A 203 0.56 -14.84 42.48
N PHE A 204 1.53 -14.82 43.39
CA PHE A 204 1.43 -15.60 44.62
C PHE A 204 0.33 -15.09 45.55
N SER A 205 0.29 -13.76 45.75
CA SER A 205 -0.62 -13.17 46.72
C SER A 205 -2.07 -13.16 46.26
N SER A 206 -2.29 -13.27 44.95
CA SER A 206 -3.64 -13.23 44.39
C SER A 206 -4.19 -14.62 44.10
N TYR A 207 -3.32 -15.64 44.15
CA TYR A 207 -3.73 -17.00 43.85
C TYR A 207 -4.28 -17.74 45.07
N ARG A 208 -5.36 -18.47 44.84
CA ARG A 208 -5.89 -19.42 45.82
C ARG A 208 -6.35 -20.67 45.07
N PRO A 209 -6.14 -21.85 45.67
CA PRO A 209 -6.53 -23.09 44.96
C PRO A 209 -8.04 -23.26 44.85
N GLY A 210 -8.49 -23.80 43.72
CA GLY A 210 -9.90 -24.11 43.51
C GLY A 210 -10.71 -22.99 42.87
N ILE A 211 -10.12 -21.81 42.76
CA ILE A 211 -10.81 -20.66 42.19
C ILE A 211 -10.85 -20.76 40.66
N LEU A 212 -9.73 -21.15 40.07
CA LEU A 212 -9.61 -21.39 38.62
C LEU A 212 -9.71 -20.12 37.77
N LEU A 213 -10.67 -19.25 38.08
CA LEU A 213 -10.78 -17.94 37.41
C LEU A 213 -10.66 -16.82 38.44
N TRP A 214 -9.51 -16.13 38.42
CA TRP A 214 -9.27 -15.04 39.35
C TRP A 214 -8.52 -13.90 38.69
N HIS A 215 -8.62 -12.71 39.27
CA HIS A 215 -7.98 -11.51 38.72
C HIS A 215 -6.59 -11.28 39.31
N VAL A 216 -5.65 -10.94 38.44
CA VAL A 216 -4.34 -10.43 38.84
C VAL A 216 -4.26 -9.00 38.33
N SER A 217 -4.72 -8.05 39.14
CA SER A 217 -4.95 -6.67 38.69
C SER A 217 -3.70 -6.02 38.12
N SER A 218 -2.53 -6.40 38.62
CA SER A 218 -1.27 -5.79 38.21
C SER A 218 -0.74 -6.38 36.91
N GLN A 219 -1.49 -7.30 36.30
CA GLN A 219 -1.03 -7.94 35.07
C GLN A 219 -1.26 -7.02 33.88
N SER A 220 -0.56 -7.33 32.78
CA SER A 220 -0.65 -6.54 31.57
C SER A 220 -0.52 -7.46 30.35
N LEU A 221 -1.53 -7.44 29.48
CA LEU A 221 -1.52 -8.25 28.27
C LEU A 221 -1.32 -7.37 27.05
N SER A 222 -0.71 -7.95 26.01
CA SER A 222 -0.52 -7.23 24.75
C SER A 222 -1.85 -7.17 24.00
N PHE A 223 -1.82 -6.63 22.78
CA PHE A 223 -3.06 -6.26 22.10
C PHE A 223 -3.34 -7.04 20.83
N ASP A 224 -4.63 -7.17 20.51
CA ASP A 224 -5.08 -7.81 19.28
C ASP A 224 -4.86 -6.85 18.11
N SER A 225 -5.07 -7.33 16.89
CA SER A 225 -4.88 -6.51 15.71
C SER A 225 -5.67 -7.02 14.52
N SER A 226 -6.02 -6.12 13.61
CA SER A 226 -6.75 -6.47 12.40
C SER A 226 -5.83 -6.51 11.18
N ASN A 227 -4.55 -6.22 11.39
CA ASN A 227 -3.56 -6.22 10.32
C ASN A 227 -3.18 -7.66 9.93
N PRO A 228 -3.42 -8.04 8.66
CA PRO A 228 -3.14 -9.43 8.26
C PRO A 228 -1.67 -9.82 8.33
N GLU A 229 -0.77 -8.84 8.44
CA GLU A 229 0.66 -9.10 8.56
C GLU A 229 0.98 -9.89 9.84
N TYR A 230 0.11 -9.77 10.83
CA TYR A 230 0.31 -10.42 12.12
C TYR A 230 -0.38 -11.78 12.22
N PHE A 231 -1.28 -12.07 11.28
CA PHE A 231 -2.07 -13.30 11.33
C PHE A 231 -1.16 -14.54 11.24
N ASP A 232 -1.35 -15.46 12.17
CA ASP A 232 -0.56 -16.70 12.22
C ASP A 232 0.93 -16.40 12.34
N GLY A 233 1.27 -15.34 13.07
CA GLY A 233 2.65 -14.92 13.22
C GLY A 233 3.34 -15.54 14.42
N TYR A 234 2.55 -16.11 15.33
CA TYR A 234 3.07 -16.79 16.52
C TYR A 234 3.97 -15.84 17.32
N TRP A 235 3.50 -14.61 17.43
CA TRP A 235 4.11 -13.58 18.26
C TRP A 235 4.22 -14.08 19.70
N GLY A 236 5.45 -14.32 20.14
CA GLY A 236 5.68 -14.88 21.47
C GLY A 236 6.15 -16.33 21.42
N TYR A 237 6.50 -16.79 20.23
CA TYR A 237 7.15 -18.09 20.06
C TYR A 237 8.40 -18.15 20.93
N SER A 238 9.08 -17.01 21.01
CA SER A 238 10.23 -16.84 21.90
C SER A 238 10.17 -15.45 22.53
N VAL A 239 10.80 -15.30 23.69
CA VAL A 239 10.80 -14.02 24.39
CA VAL A 239 10.81 -14.02 24.41
C VAL A 239 12.11 -13.81 25.15
N ALA A 240 12.46 -12.54 25.38
CA ALA A 240 13.64 -12.16 26.14
C ALA A 240 13.49 -10.71 26.59
N VAL A 241 14.36 -10.28 27.51
CA VAL A 241 14.32 -8.91 28.01
C VAL A 241 15.71 -8.28 27.96
N GLY A 242 15.75 -6.95 27.99
CA GLY A 242 17.00 -6.22 27.94
C GLY A 242 16.79 -4.73 28.01
N GLU A 243 17.88 -3.97 27.87
CA GLU A 243 17.85 -2.52 27.91
C GLU A 243 18.22 -1.95 26.54
N PHE A 244 17.24 -1.38 25.86
CA PHE A 244 17.42 -0.92 24.48
C PHE A 244 16.98 0.53 24.22
N ASP A 245 16.37 1.18 25.21
CA ASP A 245 15.84 2.53 25.02
C ASP A 245 16.65 3.61 25.74
N GLY A 246 17.72 3.21 26.41
CA GLY A 246 18.59 4.16 27.08
C GLY A 246 18.09 4.61 28.44
N ASP A 247 16.90 4.14 28.82
CA ASP A 247 16.32 4.45 30.13
C ASP A 247 16.44 3.25 31.04
N LEU A 248 17.34 3.33 32.02
CA LEU A 248 17.63 2.20 32.89
C LEU A 248 16.47 1.84 33.83
N ASN A 249 15.53 2.77 34.00
CA ASN A 249 14.37 2.53 34.85
C ASN A 249 13.33 1.66 34.15
N THR A 250 13.37 1.65 32.81
CA THR A 250 12.45 0.84 32.03
C THR A 250 13.11 -0.45 31.56
N THR A 251 12.31 -1.51 31.44
CA THR A 251 12.76 -2.78 30.90
C THR A 251 12.04 -3.06 29.59
N GLU A 252 12.81 -3.31 28.53
CA GLU A 252 12.25 -3.56 27.21
C GLU A 252 12.12 -5.06 26.94
N TYR A 253 11.07 -5.43 26.20
CA TYR A 253 10.82 -6.82 25.85
C TYR A 253 11.27 -7.11 24.42
N VAL A 254 11.86 -8.28 24.22
CA VAL A 254 12.22 -8.77 22.90
C VAL A 254 11.31 -9.95 22.59
N VAL A 255 10.60 -9.88 21.46
CA VAL A 255 9.62 -10.90 21.11
C VAL A 255 9.88 -11.48 19.72
N GLY A 256 9.88 -12.80 19.63
CA GLY A 256 10.06 -13.49 18.36
C GLY A 256 8.73 -13.87 17.75
N ALA A 257 8.59 -13.59 16.45
CA ALA A 257 7.38 -13.91 15.69
C ALA A 257 7.81 -14.57 14.39
N PRO A 258 8.15 -15.87 14.45
CA PRO A 258 8.85 -16.54 13.34
C PRO A 258 8.03 -16.75 12.07
N THR A 259 6.72 -16.58 12.12
CA THR A 259 5.88 -16.72 10.95
C THR A 259 5.19 -15.40 10.59
N TRP A 260 5.70 -14.31 11.14
CA TRP A 260 5.15 -12.97 10.91
C TRP A 260 5.15 -12.60 9.43
N SER A 261 4.08 -11.95 8.99
CA SER A 261 3.94 -11.48 7.61
C SER A 261 4.13 -12.62 6.61
N TRP A 262 3.21 -13.57 6.64
CA TRP A 262 3.20 -14.68 5.68
C TRP A 262 4.53 -15.44 5.70
N THR A 263 4.97 -15.79 6.91
CA THR A 263 6.15 -16.63 7.16
C THR A 263 7.49 -15.95 6.82
N LEU A 264 7.48 -14.63 6.68
CA LEU A 264 8.73 -13.90 6.54
C LEU A 264 9.49 -13.94 7.87
N GLY A 265 8.74 -13.91 8.97
CA GLY A 265 9.33 -13.91 10.29
C GLY A 265 9.76 -12.52 10.73
N ALA A 266 9.75 -12.28 12.03
CA ALA A 266 10.20 -11.00 12.56
C ALA A 266 10.55 -11.08 14.04
N VAL A 267 11.32 -10.11 14.50
CA VAL A 267 11.60 -9.92 15.92
C VAL A 267 11.32 -8.46 16.25
N GLU A 268 10.65 -8.22 17.37
CA GLU A 268 10.29 -6.87 17.76
C GLU A 268 10.82 -6.54 19.16
N ILE A 269 11.21 -5.28 19.33
CA ILE A 269 11.61 -4.76 20.63
C ILE A 269 10.55 -3.76 21.09
N LEU A 270 10.04 -3.97 22.29
CA LEU A 270 8.93 -3.17 22.82
C LEU A 270 9.27 -2.61 24.19
N ASP A 271 8.53 -1.58 24.62
CA ASP A 271 8.60 -1.15 26.01
C ASP A 271 7.62 -1.99 26.81
N SER A 272 7.57 -1.76 28.12
CA SER A 272 6.76 -2.60 29.00
C SER A 272 5.25 -2.38 28.78
N TYR A 273 4.91 -1.41 27.94
CA TYR A 273 3.51 -1.17 27.56
C TYR A 273 3.22 -1.75 26.17
N TYR A 274 4.12 -2.60 25.69
CA TYR A 274 3.96 -3.30 24.42
C TYR A 274 3.91 -2.34 23.23
N GLN A 275 4.48 -1.15 23.39
CA GLN A 275 4.62 -0.22 22.28
C GLN A 275 5.92 -0.53 21.53
N ARG A 276 5.82 -0.66 20.21
CA ARG A 276 6.91 -1.14 19.40
C ARG A 276 8.01 -0.09 19.20
N LEU A 277 9.24 -0.45 19.59
CA LEU A 277 10.40 0.43 19.43
C LEU A 277 11.17 0.10 18.16
N HIS A 278 11.38 -1.18 17.90
CA HIS A 278 12.02 -1.61 16.67
CA HIS A 278 12.09 -1.67 16.73
C HIS A 278 11.41 -2.91 16.16
N ARG A 279 11.65 -3.18 14.88
CA ARG A 279 11.22 -4.43 14.25
C ARG A 279 12.31 -4.91 13.32
N LEU A 280 12.77 -6.13 13.54
CA LEU A 280 13.73 -6.79 12.65
C LEU A 280 12.98 -7.81 11.80
N ARG A 281 13.01 -7.63 10.49
CA ARG A 281 12.30 -8.52 9.58
C ARG A 281 13.19 -9.69 9.18
N GLY A 282 12.58 -10.83 8.90
CA GLY A 282 13.33 -11.99 8.43
C GLY A 282 13.91 -11.75 7.06
N GLU A 283 14.94 -12.53 6.72
CA GLU A 283 15.63 -12.39 5.45
C GLU A 283 15.03 -13.31 4.39
N GLN A 284 14.48 -14.43 4.83
CA GLN A 284 14.02 -15.48 3.93
C GLN A 284 12.78 -16.16 4.49
N MET A 285 11.74 -16.27 3.67
CA MET A 285 10.49 -16.88 4.10
C MET A 285 10.70 -18.32 4.54
N ALA A 286 9.98 -18.70 5.60
CA ALA A 286 10.01 -20.05 6.16
C ALA A 286 11.34 -20.40 6.85
N SER A 287 12.24 -19.43 6.98
CA SER A 287 13.50 -19.67 7.68
C SER A 287 13.29 -19.73 9.20
N TYR A 288 12.11 -19.28 9.63
CA TYR A 288 11.74 -19.23 11.04
C TYR A 288 12.65 -18.28 11.81
N PHE A 289 12.95 -17.15 11.16
CA PHE A 289 13.64 -16.03 11.78
C PHE A 289 12.87 -15.57 13.01
N GLY A 290 13.46 -15.78 14.19
CA GLY A 290 12.82 -15.43 15.45
C GLY A 290 12.47 -16.66 16.27
N HIS A 291 12.87 -17.83 15.78
CA HIS A 291 12.69 -19.08 16.52
C HIS A 291 13.32 -18.96 17.90
N SER A 292 14.47 -18.29 17.95
CA SER A 292 15.16 -18.03 19.20
C SER A 292 15.73 -16.62 19.21
N VAL A 293 15.71 -16.00 20.37
CA VAL A 293 16.28 -14.68 20.56
C VAL A 293 17.17 -14.69 21.80
N ALA A 294 18.24 -13.91 21.76
CA ALA A 294 19.15 -13.80 22.89
C ALA A 294 19.62 -12.36 23.06
N VAL A 295 19.71 -11.93 24.31
CA VAL A 295 20.16 -10.58 24.65
C VAL A 295 21.41 -10.62 25.52
N THR A 296 22.48 -10.01 25.05
CA THR A 296 23.71 -9.87 25.81
C THR A 296 24.64 -8.86 25.13
N ASP A 297 25.41 -8.14 25.92
CA ASP A 297 26.40 -7.22 25.38
C ASP A 297 27.67 -7.99 25.02
N VAL A 298 27.92 -8.17 23.73
CA VAL A 298 29.03 -8.99 23.28
C VAL A 298 30.32 -8.22 23.05
N ASN A 299 30.22 -6.91 22.78
CA ASN A 299 31.40 -6.12 22.46
C ASN A 299 31.81 -5.15 23.57
N GLY A 300 31.30 -5.39 24.78
CA GLY A 300 31.77 -4.70 25.97
C GLY A 300 31.72 -3.19 25.95
N ASP A 301 30.60 -2.64 25.47
CA ASP A 301 30.36 -1.20 25.54
C ASP A 301 29.23 -0.89 26.52
N GLY A 302 28.76 -1.92 27.21
CA GLY A 302 27.72 -1.75 28.21
C GLY A 302 26.31 -1.70 27.61
N ARG A 303 26.22 -1.80 26.30
CA ARG A 303 24.93 -1.77 25.61
C ARG A 303 24.54 -3.17 25.14
N HIS A 304 23.39 -3.63 25.60
CA HIS A 304 22.87 -4.94 25.21
C HIS A 304 22.76 -5.07 23.70
N ASP A 305 23.20 -6.21 23.18
CA ASP A 305 23.10 -6.51 21.76
C ASP A 305 22.11 -7.65 21.56
N LEU A 306 21.64 -7.81 20.33
CA LEU A 306 20.57 -8.76 20.02
C LEU A 306 21.04 -9.84 19.06
N LEU A 307 20.73 -11.08 19.40
CA LEU A 307 20.98 -12.21 18.51
C LEU A 307 19.66 -12.89 18.16
N VAL A 308 19.50 -13.23 16.89
CA VAL A 308 18.29 -13.87 16.40
C VAL A 308 18.63 -15.13 15.62
N GLY A 309 17.92 -16.20 15.90
CA GLY A 309 18.12 -17.46 15.21
C GLY A 309 17.08 -17.72 14.14
N ALA A 310 17.54 -18.15 12.96
CA ALA A 310 16.67 -18.61 11.89
C ALA A 310 17.13 -20.01 11.48
N PRO A 311 16.70 -21.04 12.24
CA PRO A 311 17.27 -22.37 12.09
C PRO A 311 17.03 -23.03 10.72
N LEU A 312 16.08 -22.54 9.94
CA LEU A 312 15.76 -23.16 8.66
C LEU A 312 16.22 -22.33 7.46
N TYR A 313 17.13 -21.39 7.68
CA TYR A 313 17.63 -20.55 6.60
C TYR A 313 18.37 -21.38 5.56
N MET A 314 18.01 -21.20 4.30
CA MET A 314 18.64 -21.92 3.20
C MET A 314 19.71 -21.07 2.54
N GLU A 315 20.96 -21.50 2.69
CA GLU A 315 22.11 -20.79 2.14
C GLU A 315 22.22 -21.03 0.65
N SER A 316 22.62 -19.99 -0.08
CA SER A 316 22.82 -20.11 -1.52
CA SER A 316 22.81 -20.10 -1.53
C SER A 316 24.14 -20.79 -1.83
N ARG A 317 24.11 -21.71 -2.78
CA ARG A 317 25.31 -22.46 -3.17
C ARG A 317 25.41 -22.56 -4.69
N ALA A 318 26.45 -23.25 -5.15
CA ALA A 318 26.73 -23.35 -6.58
C ALA A 318 25.55 -23.93 -7.36
N ASP A 319 25.41 -23.49 -8.60
CA ASP A 319 24.40 -24.02 -9.51
C ASP A 319 22.98 -23.67 -9.06
N ARG A 320 22.81 -22.46 -8.52
CA ARG A 320 21.50 -21.95 -8.16
C ARG A 320 20.74 -22.86 -7.18
N LYS A 321 21.48 -23.59 -6.34
CA LYS A 321 20.88 -24.50 -5.40
C LYS A 321 20.92 -23.96 -3.98
N LEU A 322 19.90 -24.31 -3.19
CA LEU A 322 19.76 -23.85 -1.82
C LEU A 322 19.98 -25.01 -0.86
N ALA A 323 20.51 -24.71 0.33
CA ALA A 323 20.80 -25.73 1.34
C ALA A 323 20.39 -25.26 2.72
N GLU A 324 19.38 -25.91 3.29
CA GLU A 324 18.92 -25.59 4.64
C GLU A 324 20.01 -25.90 5.66
N VAL A 325 20.52 -24.86 6.31
CA VAL A 325 21.60 -25.02 7.30
C VAL A 325 21.36 -24.20 8.57
N GLY A 326 20.57 -23.15 8.46
CA GLY A 326 20.29 -22.28 9.59
C GLY A 326 21.25 -21.11 9.65
N ARG A 327 20.82 -20.02 10.29
CA ARG A 327 21.62 -18.80 10.34
C ARG A 327 21.33 -18.01 11.63
N VAL A 328 22.36 -17.34 12.14
CA VAL A 328 22.22 -16.47 13.30
C VAL A 328 22.60 -15.03 12.92
N TYR A 329 21.82 -14.09 13.42
CA TYR A 329 22.03 -12.67 13.11
C TYR A 329 22.43 -11.91 14.37
N LEU A 330 23.47 -11.08 14.27
CA LEU A 330 23.90 -10.24 15.38
C LEU A 330 23.59 -8.78 15.10
N PHE A 331 22.88 -8.14 16.02
CA PHE A 331 22.59 -6.71 15.94
C PHE A 331 23.20 -5.98 17.13
N LEU A 332 24.21 -5.15 16.86
CA LEU A 332 24.82 -4.34 17.90
C LEU A 332 23.99 -3.09 18.16
N GLN A 333 23.72 -2.81 19.43
CA GLN A 333 22.95 -1.62 19.77
C GLN A 333 23.81 -0.37 19.58
N PRO A 334 23.32 0.60 18.78
CA PRO A 334 24.10 1.82 18.55
C PRO A 334 24.13 2.74 19.77
N ARG A 335 25.06 3.68 19.78
CA ARG A 335 25.21 4.63 20.87
C ARG A 335 24.05 5.64 20.85
N GLY A 336 23.38 5.77 21.99
CA GLY A 336 22.30 6.73 22.12
C GLY A 336 21.03 6.31 21.41
N PRO A 337 20.04 7.22 21.33
CA PRO A 337 18.74 6.93 20.71
C PRO A 337 18.84 6.79 19.19
N HIS A 338 19.06 5.56 18.72
CA HIS A 338 19.13 5.28 17.30
C HIS A 338 18.61 3.87 17.01
N ALA A 339 18.17 3.65 15.78
CA ALA A 339 17.60 2.38 15.38
C ALA A 339 18.69 1.33 15.16
N LEU A 340 18.38 0.08 15.49
CA LEU A 340 19.25 -1.03 15.16
C LEU A 340 19.34 -1.16 13.65
N GLY A 341 20.54 -1.02 13.10
CA GLY A 341 20.74 -1.05 11.67
C GLY A 341 20.73 -2.45 11.11
N ALA A 342 21.46 -2.65 10.02
CA ALA A 342 21.61 -3.98 9.44
C ALA A 342 22.40 -4.86 10.41
N PRO A 343 22.36 -6.19 10.19
CA PRO A 343 23.14 -7.07 11.05
C PRO A 343 24.63 -6.76 10.99
N SER A 344 25.31 -6.85 12.14
CA SER A 344 26.74 -6.60 12.20
C SER A 344 27.52 -7.84 11.77
N LEU A 345 26.89 -9.00 11.91
CA LEU A 345 27.53 -10.27 11.61
C LEU A 345 26.49 -11.34 11.28
N LEU A 346 26.79 -12.16 10.28
CA LEU A 346 25.97 -13.30 9.93
C LEU A 346 26.75 -14.59 10.14
N LEU A 347 26.23 -15.46 11.01
CA LEU A 347 26.78 -16.78 11.21
C LEU A 347 25.86 -17.80 10.57
N THR A 348 26.42 -18.66 9.71
CA THR A 348 25.63 -19.61 8.93
C THR A 348 26.09 -21.03 9.17
N GLY A 349 25.12 -21.94 9.31
CA GLY A 349 25.41 -23.34 9.53
C GLY A 349 26.11 -23.99 8.34
N THR A 350 26.60 -25.20 8.56
CA THR A 350 27.34 -25.94 7.53
CA THR A 350 27.35 -25.95 7.55
C THR A 350 26.65 -27.26 7.19
N GLN A 351 26.18 -27.97 8.21
CA GLN A 351 25.55 -29.27 8.02
C GLN A 351 24.11 -29.14 7.53
N LEU A 352 23.78 -29.89 6.48
CA LEU A 352 22.43 -29.89 5.92
C LEU A 352 21.41 -30.37 6.96
N TYR A 353 20.36 -29.59 7.14
CA TYR A 353 19.29 -29.87 8.11
C TYR A 353 19.77 -29.81 9.56
N GLY A 354 20.94 -29.21 9.77
CA GLY A 354 21.52 -29.13 11.10
C GLY A 354 20.76 -28.22 12.06
N ARG A 355 20.03 -27.26 11.50
CA ARG A 355 19.25 -26.28 12.26
C ARG A 355 20.12 -25.44 13.18
N PHE A 356 21.24 -24.97 12.63
CA PHE A 356 22.09 -24.00 13.30
C PHE A 356 21.29 -22.75 13.67
N GLY A 357 21.29 -22.41 14.95
CA GLY A 357 20.58 -21.24 15.43
C GLY A 357 19.25 -21.58 16.08
N SER A 358 19.01 -22.86 16.31
CA SER A 358 17.80 -23.31 16.96
C SER A 358 17.75 -22.79 18.39
N ALA A 359 18.93 -22.66 19.00
CA ALA A 359 19.05 -22.11 20.35
C ALA A 359 20.29 -21.23 20.45
N ILE A 360 20.17 -20.14 21.20
CA ILE A 360 21.29 -19.21 21.40
C ILE A 360 21.37 -18.84 22.88
N ALA A 361 22.47 -19.22 23.51
CA ALA A 361 22.65 -19.01 24.95
C ALA A 361 23.78 -18.02 25.23
N PRO A 362 23.47 -16.92 25.93
CA PRO A 362 24.56 -16.11 26.48
C PRO A 362 25.39 -16.92 27.47
N LEU A 363 26.71 -16.84 27.36
CA LEU A 363 27.62 -17.59 28.22
C LEU A 363 28.25 -16.72 29.30
N GLY A 364 27.95 -15.43 29.28
CA GLY A 364 28.73 -14.48 30.04
C GLY A 364 30.12 -14.44 29.43
N ASP A 365 31.12 -14.04 30.20
CA ASP A 365 32.49 -14.03 29.72
C ASP A 365 33.17 -15.34 30.06
N LEU A 366 33.24 -16.24 29.08
CA LEU A 366 33.74 -17.60 29.30
C LEU A 366 35.24 -17.63 29.55
N ASP A 367 36.01 -16.97 28.70
CA ASP A 367 37.46 -16.98 28.79
C ASP A 367 38.01 -15.82 29.63
N ARG A 368 37.10 -15.03 30.19
CA ARG A 368 37.48 -13.97 31.14
C ARG A 368 38.37 -12.90 30.51
N ASP A 369 38.03 -12.47 29.30
CA ASP A 369 38.81 -11.46 28.57
C ASP A 369 38.12 -10.10 28.54
N GLY A 370 36.98 -9.99 29.22
CA GLY A 370 36.25 -8.73 29.29
C GLY A 370 35.15 -8.60 28.25
N TYR A 371 34.94 -9.64 27.45
CA TYR A 371 33.87 -9.66 26.46
C TYR A 371 32.97 -10.88 26.65
N ASN A 372 31.67 -10.64 26.71
CA ASN A 372 30.71 -11.73 26.84
C ASN A 372 30.63 -12.54 25.56
N ASP A 373 30.32 -13.82 25.71
CA ASP A 373 30.36 -14.78 24.61
C ASP A 373 29.03 -15.52 24.52
N ILE A 374 28.85 -16.30 23.46
CA ILE A 374 27.61 -17.05 23.26
C ILE A 374 27.87 -18.47 22.81
N ALA A 375 26.83 -19.30 22.95
CA ALA A 375 26.82 -20.65 22.39
C ALA A 375 25.62 -20.78 21.46
N VAL A 376 25.86 -21.32 20.27
CA VAL A 376 24.80 -21.56 19.29
C VAL A 376 24.62 -23.06 19.08
N ALA A 377 23.38 -23.51 19.11
CA ALA A 377 23.07 -24.93 18.92
C ALA A 377 22.71 -25.25 17.47
N ALA A 378 23.19 -26.40 17.01
CA ALA A 378 22.74 -27.02 15.77
C ALA A 378 22.35 -28.45 16.13
N PRO A 379 21.12 -28.64 16.64
CA PRO A 379 20.71 -29.91 17.26
C PRO A 379 20.81 -31.14 16.36
N TYR A 380 20.97 -30.94 15.05
CA TYR A 380 21.14 -32.05 14.13
C TYR A 380 22.36 -31.81 13.25
N GLY A 381 23.30 -31.01 13.76
CA GLY A 381 24.51 -30.69 13.05
C GLY A 381 25.63 -31.67 13.34
N GLY A 382 26.85 -31.28 12.96
CA GLY A 382 28.00 -32.15 13.07
C GLY A 382 28.05 -33.11 11.89
N PRO A 383 29.23 -33.68 11.62
CA PRO A 383 29.38 -34.57 10.47
C PRO A 383 28.49 -35.81 10.57
N SER A 384 28.08 -36.15 11.78
CA SER A 384 27.28 -37.34 12.04
C SER A 384 25.80 -37.03 12.13
N GLY A 385 25.47 -35.74 12.22
CA GLY A 385 24.08 -35.31 12.34
C GLY A 385 23.53 -35.51 13.73
N ARG A 386 24.41 -35.79 14.68
CA ARG A 386 23.98 -36.09 16.05
C ARG A 386 23.76 -34.81 16.87
N GLY A 387 24.30 -33.70 16.39
CA GLY A 387 24.14 -32.41 17.03
C GLY A 387 25.45 -31.79 17.47
N GLN A 388 25.51 -30.46 17.41
CA GLN A 388 26.69 -29.71 17.82
C GLN A 388 26.30 -28.40 18.51
N VAL A 389 27.14 -27.96 19.45
CA VAL A 389 27.02 -26.65 20.06
C VAL A 389 28.30 -25.88 19.80
N LEU A 390 28.18 -24.69 19.21
CA LEU A 390 29.34 -23.91 18.80
C LEU A 390 29.48 -22.66 19.67
N VAL A 391 30.68 -22.44 20.19
CA VAL A 391 30.98 -21.27 21.01
C VAL A 391 31.61 -20.17 20.17
N PHE A 392 31.06 -18.97 20.27
CA PHE A 392 31.62 -17.78 19.61
C PHE A 392 31.97 -16.75 20.66
N LEU A 393 33.19 -16.21 20.58
CA LEU A 393 33.69 -15.28 21.58
C LEU A 393 33.43 -13.83 21.19
N GLY A 394 33.13 -13.00 22.19
CA GLY A 394 32.94 -11.59 21.98
C GLY A 394 34.25 -10.89 21.67
N GLN A 395 34.15 -9.68 21.14
CA GLN A 395 35.31 -8.86 20.81
C GLN A 395 34.85 -7.43 20.60
N SER A 396 35.80 -6.51 20.47
CA SER A 396 35.48 -5.08 20.39
C SER A 396 34.52 -4.73 19.25
N GLU A 397 34.53 -5.54 18.19
CA GLU A 397 33.72 -5.26 17.01
C GLU A 397 32.49 -6.17 16.92
N GLY A 398 32.19 -6.88 18.01
CA GLY A 398 31.05 -7.78 18.05
C GLY A 398 31.44 -9.19 18.46
N LEU A 399 31.29 -10.13 17.53
CA LEU A 399 31.64 -11.53 17.75
C LEU A 399 32.67 -12.00 16.73
N ARG A 400 33.41 -13.05 17.08
CA ARG A 400 34.29 -13.70 16.13
C ARG A 400 33.45 -14.45 15.10
N SER A 401 33.91 -14.48 13.85
CA SER A 401 33.15 -15.12 12.79
C SER A 401 33.32 -16.63 12.80
N ARG A 402 34.37 -17.11 13.45
CA ARG A 402 34.64 -18.55 13.56
C ARG A 402 34.57 -19.00 15.01
N PRO A 403 34.07 -20.23 15.25
CA PRO A 403 33.89 -20.68 16.64
C PRO A 403 35.22 -20.98 17.34
N SER A 404 35.27 -20.73 18.64
CA SER A 404 36.48 -20.98 19.43
C SER A 404 36.50 -22.42 19.92
N GLN A 405 35.34 -23.05 19.91
CA GLN A 405 35.20 -24.42 20.39
C GLN A 405 33.89 -25.00 19.88
N VAL A 406 33.91 -26.30 19.57
CA VAL A 406 32.72 -27.00 19.12
C VAL A 406 32.48 -28.21 20.01
N LEU A 407 31.26 -28.35 20.51
CA LEU A 407 30.89 -29.47 21.36
C LEU A 407 30.05 -30.48 20.59
N ASP A 408 30.61 -31.65 20.35
CA ASP A 408 29.88 -32.73 19.69
C ASP A 408 29.02 -33.47 20.69
N SER A 409 27.80 -33.84 20.27
CA SER A 409 26.88 -34.55 21.15
C SER A 409 27.48 -35.86 21.66
N PRO A 410 27.42 -36.09 22.98
CA PRO A 410 27.84 -37.38 23.52
C PRO A 410 26.70 -38.41 23.50
N PHE A 411 25.56 -38.05 22.94
CA PHE A 411 24.38 -38.92 22.93
C PHE A 411 24.18 -39.57 21.56
N PRO A 412 23.27 -40.55 21.48
CA PRO A 412 23.01 -41.18 20.18
C PRO A 412 22.25 -40.26 19.23
N THR A 413 22.03 -40.73 18.00
CA THR A 413 21.23 -40.01 17.02
C THR A 413 19.84 -39.75 17.57
N GLY A 414 19.29 -38.57 17.25
CA GLY A 414 17.93 -38.24 17.62
C GLY A 414 17.75 -37.63 19.00
N SER A 415 18.87 -37.33 19.67
CA SER A 415 18.80 -36.80 21.03
C SER A 415 18.37 -35.34 21.07
N ALA A 416 18.50 -34.65 19.94
CA ALA A 416 18.21 -33.21 19.85
C ALA A 416 19.12 -32.42 20.78
N PHE A 417 20.34 -32.92 20.94
CA PHE A 417 21.38 -32.27 21.72
C PHE A 417 21.54 -30.80 21.37
N GLY A 418 21.26 -29.92 22.33
CA GLY A 418 21.41 -28.50 22.13
C GLY A 418 20.10 -27.79 21.84
N PHE A 419 19.00 -28.54 21.80
CA PHE A 419 17.69 -27.95 21.58
C PHE A 419 17.38 -26.93 22.67
N SER A 420 17.90 -27.19 23.87
CA SER A 420 17.82 -26.22 24.96
C SER A 420 19.23 -25.94 25.50
N LEU A 421 19.47 -24.68 25.85
CA LEU A 421 20.77 -24.25 26.34
C LEU A 421 20.62 -23.25 27.47
N ARG A 422 21.64 -23.15 28.31
CA ARG A 422 21.68 -22.14 29.35
C ARG A 422 23.11 -22.01 29.87
N GLY A 423 23.60 -20.78 29.95
CA GLY A 423 24.94 -20.52 30.43
C GLY A 423 25.00 -19.35 31.40
N ALA A 424 26.20 -18.77 31.53
CA ALA A 424 26.41 -17.57 32.32
C ALA A 424 26.21 -17.77 33.83
N VAL A 425 26.38 -19.01 34.29
CA VAL A 425 26.29 -19.30 35.72
C VAL A 425 27.37 -20.28 36.15
N ASP A 426 28.09 -19.93 37.20
CA ASP A 426 29.18 -20.75 37.73
C ASP A 426 28.62 -21.73 38.75
N ILE A 427 28.42 -22.98 38.32
CA ILE A 427 27.70 -23.95 39.14
C ILE A 427 28.61 -24.64 40.15
N ASP A 428 29.91 -24.74 39.83
CA ASP A 428 30.87 -25.41 40.71
C ASP A 428 31.73 -24.40 41.48
N ASP A 429 31.44 -23.12 41.30
CA ASP A 429 32.08 -22.06 42.06
C ASP A 429 33.60 -22.02 41.85
N ASN A 430 34.03 -22.16 40.59
CA ASN A 430 35.46 -22.10 40.27
C ASN A 430 35.85 -20.78 39.59
N GLY A 431 34.91 -19.84 39.56
CA GLY A 431 35.17 -18.52 39.00
C GLY A 431 34.99 -18.43 37.50
N TYR A 432 34.47 -19.49 36.89
CA TYR A 432 34.22 -19.53 35.46
C TYR A 432 32.77 -19.96 35.17
N PRO A 433 32.07 -19.22 34.28
CA PRO A 433 30.67 -19.56 33.99
C PRO A 433 30.55 -20.82 33.14
N ASP A 434 29.54 -21.65 33.45
CA ASP A 434 29.43 -22.98 32.84
C ASP A 434 28.20 -23.10 31.95
N LEU A 435 28.10 -24.22 31.24
CA LEU A 435 27.06 -24.44 30.24
C LEU A 435 26.31 -25.75 30.48
N ILE A 436 24.98 -25.66 30.52
CA ILE A 436 24.14 -26.85 30.59
C ILE A 436 23.41 -27.02 29.26
N VAL A 437 23.43 -28.25 28.76
CA VAL A 437 22.86 -28.57 27.45
C VAL A 437 21.82 -29.68 27.57
N GLY A 438 20.61 -29.40 27.09
CA GLY A 438 19.55 -30.38 27.13
C GLY A 438 19.51 -31.24 25.88
N ALA A 439 19.17 -32.51 26.07
CA ALA A 439 19.01 -33.45 24.96
C ALA A 439 17.76 -34.29 25.22
N TYR A 440 16.60 -33.70 24.99
CA TYR A 440 15.34 -34.31 25.39
C TYR A 440 15.08 -35.63 24.67
N GLY A 441 15.64 -35.77 23.47
CA GLY A 441 15.50 -37.01 22.72
C GLY A 441 16.13 -38.18 23.45
N ALA A 442 17.16 -37.90 24.25
CA ALA A 442 17.84 -38.90 25.04
C ALA A 442 17.43 -38.83 26.51
N ASN A 443 16.53 -37.91 26.84
CA ASN A 443 16.05 -37.72 28.20
C ASN A 443 17.19 -37.41 29.18
N GLN A 444 18.17 -36.65 28.72
CA GLN A 444 19.33 -36.31 29.54
C GLN A 444 19.75 -34.85 29.40
N VAL A 445 20.53 -34.40 30.37
CA VAL A 445 21.17 -33.09 30.33
C VAL A 445 22.67 -33.26 30.55
N ALA A 446 23.47 -32.55 29.77
CA ALA A 446 24.92 -32.56 29.92
C ALA A 446 25.39 -31.22 30.49
N VAL A 447 26.30 -31.29 31.47
CA VAL A 447 26.89 -30.09 32.05
C VAL A 447 28.35 -29.96 31.65
N TYR A 448 28.68 -28.85 31.00
CA TYR A 448 30.05 -28.55 30.62
C TYR A 448 30.62 -27.50 31.57
N ARG A 449 31.67 -27.87 32.30
CA ARG A 449 32.32 -26.96 33.22
C ARG A 449 33.43 -26.17 32.53
N ALA A 450 33.44 -24.86 32.74
CA ALA A 450 34.50 -24.01 32.21
C ALA A 450 35.73 -24.11 33.09
N GLN A 451 36.90 -24.14 32.46
CA GLN A 451 38.17 -24.29 33.16
C GLN A 451 39.12 -23.14 32.78
N PRO A 452 40.20 -22.97 33.54
CA PRO A 452 41.19 -21.95 33.17
C PRO A 452 41.70 -22.12 31.73
N VAL A 453 41.89 -21.00 31.04
CA VAL A 453 42.30 -21.03 29.63
C VAL A 453 43.66 -21.67 29.47
N VAL A 454 43.78 -22.51 28.44
CA VAL A 454 45.02 -23.22 28.14
C VAL A 454 45.63 -22.70 26.84
N GLY B 1 63.89 -24.65 -34.57
CA GLY B 1 64.59 -24.11 -33.37
C GLY B 1 64.07 -24.72 -32.08
N PRO B 2 64.67 -24.34 -30.95
CA PRO B 2 64.25 -24.86 -29.64
C PRO B 2 62.86 -24.40 -29.24
N ASN B 3 62.23 -25.15 -28.35
CA ASN B 3 60.88 -24.82 -27.87
C ASN B 3 60.73 -25.23 -26.40
N ILE B 4 59.53 -25.05 -25.87
CA ILE B 4 59.25 -25.40 -24.48
C ILE B 4 59.50 -26.88 -24.21
N CYS B 5 59.45 -27.70 -25.26
CA CYS B 5 59.67 -29.13 -25.13
C CYS B 5 61.14 -29.45 -24.83
N THR B 6 62.05 -28.82 -25.58
CA THR B 6 63.47 -29.06 -25.41
C THR B 6 64.07 -28.20 -24.31
N THR B 7 63.70 -26.92 -24.28
CA THR B 7 64.27 -25.97 -23.34
C THR B 7 63.97 -26.32 -21.88
N ARG B 8 62.92 -27.12 -21.68
CA ARG B 8 62.57 -27.56 -20.33
C ARG B 8 63.57 -28.62 -19.84
N GLY B 9 64.16 -29.35 -20.77
CA GLY B 9 65.14 -30.38 -20.43
C GLY B 9 64.55 -31.46 -19.56
N VAL B 10 63.63 -32.25 -20.13
CA VAL B 10 62.94 -33.29 -19.40
C VAL B 10 63.84 -34.50 -19.18
N SER B 11 63.44 -35.38 -18.26
CA SER B 11 64.26 -36.52 -17.85
C SER B 11 63.71 -37.85 -18.34
N SER B 12 62.42 -37.89 -18.68
CA SER B 12 61.77 -39.13 -19.08
C SER B 12 60.66 -38.88 -20.09
N CYS B 13 60.06 -39.97 -20.56
CA CYS B 13 58.96 -39.89 -21.52
C CYS B 13 57.71 -39.31 -20.88
N GLN B 14 57.45 -39.71 -19.64
CA GLN B 14 56.30 -39.22 -18.91
C GLN B 14 56.40 -37.72 -18.67
N GLN B 15 57.59 -37.27 -18.26
CA GLN B 15 57.82 -35.85 -18.01
C GLN B 15 57.68 -35.04 -19.30
N CYS B 16 58.07 -35.65 -20.42
CA CYS B 16 58.02 -34.98 -21.71
C CYS B 16 56.60 -34.62 -22.10
N LEU B 17 55.69 -35.58 -21.98
CA LEU B 17 54.30 -35.37 -22.34
C LEU B 17 53.63 -34.38 -21.39
N ALA B 18 54.17 -34.24 -20.19
CA ALA B 18 53.60 -33.35 -19.18
C ALA B 18 53.96 -31.89 -19.43
N VAL B 19 54.93 -31.66 -20.30
CA VAL B 19 55.35 -30.30 -20.63
C VAL B 19 54.22 -29.55 -21.34
N SER B 20 53.78 -30.10 -22.47
CA SER B 20 52.74 -29.47 -23.27
C SER B 20 52.05 -30.50 -24.15
N PRO B 21 50.77 -30.27 -24.50
CA PRO B 21 50.06 -31.24 -25.36
C PRO B 21 50.69 -31.43 -26.74
N MET B 22 51.61 -30.54 -27.12
CA MET B 22 52.24 -30.60 -28.44
C MET B 22 53.55 -31.38 -28.41
N CYS B 23 54.00 -31.76 -27.22
CA CYS B 23 55.27 -32.44 -27.07
C CYS B 23 55.18 -33.93 -27.40
N ALA B 24 56.27 -34.47 -27.95
CA ALA B 24 56.37 -35.88 -28.30
C ALA B 24 57.71 -36.43 -27.83
N TRP B 25 57.78 -37.75 -27.65
CA TRP B 25 58.99 -38.40 -27.15
C TRP B 25 59.49 -39.47 -28.11
N CYS B 26 60.80 -39.49 -28.34
CA CYS B 26 61.43 -40.47 -29.21
C CYS B 26 62.15 -41.53 -28.39
N SER B 27 61.68 -42.77 -28.50
CA SER B 27 62.26 -43.89 -27.74
C SER B 27 63.28 -44.66 -28.58
N ASP B 28 63.84 -44.00 -29.59
CA ASP B 28 64.78 -44.64 -30.50
C ASP B 28 66.17 -44.75 -29.88
N GLU B 29 66.87 -45.83 -30.22
CA GLU B 29 68.24 -46.02 -29.78
C GLU B 29 69.19 -45.13 -30.56
N ALA B 30 69.10 -45.21 -31.89
CA ALA B 30 69.98 -44.44 -32.76
C ALA B 30 69.57 -42.97 -32.79
N LEU B 31 69.96 -42.24 -31.74
CA LEU B 31 69.68 -40.81 -31.65
C LEU B 31 70.93 -40.10 -31.13
N PRO B 32 71.39 -39.03 -31.81
CA PRO B 32 72.60 -38.33 -31.39
C PRO B 32 72.57 -37.88 -29.93
N LEU B 33 73.74 -37.81 -29.30
CA LEU B 33 73.84 -37.43 -27.90
C LEU B 33 73.33 -36.01 -27.67
N GLY B 34 73.62 -35.11 -28.60
CA GLY B 34 73.23 -33.72 -28.47
C GLY B 34 71.78 -33.47 -28.81
N SER B 35 71.20 -34.33 -29.63
CA SER B 35 69.81 -34.16 -30.07
C SER B 35 68.84 -34.54 -28.96
N PRO B 36 67.88 -33.64 -28.64
CA PRO B 36 66.90 -33.96 -27.59
C PRO B 36 65.86 -34.97 -28.05
N ARG B 37 65.34 -35.75 -27.10
CA ARG B 37 64.35 -36.76 -27.41
C ARG B 37 62.93 -36.19 -27.26
N CYS B 38 62.83 -35.02 -26.64
CA CYS B 38 61.54 -34.37 -26.40
C CYS B 38 61.40 -33.12 -27.28
N ASP B 39 60.61 -33.25 -28.34
CA ASP B 39 60.44 -32.16 -29.30
C ASP B 39 59.10 -32.32 -30.02
N LEU B 40 58.82 -31.43 -30.97
CA LEU B 40 57.65 -31.57 -31.82
C LEU B 40 57.77 -32.85 -32.64
N LYS B 41 56.64 -33.48 -32.94
CA LYS B 41 56.64 -34.72 -33.71
C LYS B 41 57.27 -34.51 -35.08
N GLU B 42 57.17 -33.29 -35.60
CA GLU B 42 57.76 -32.95 -36.89
C GLU B 42 59.27 -32.93 -36.78
N ASN B 43 59.78 -32.33 -35.72
CA ASN B 43 61.22 -32.21 -35.50
C ASN B 43 61.89 -33.55 -35.25
N LEU B 44 61.17 -34.47 -34.65
CA LEU B 44 61.72 -35.79 -34.36
C LEU B 44 61.90 -36.60 -35.64
N LEU B 45 60.86 -36.62 -36.48
CA LEU B 45 60.95 -37.28 -37.78
C LEU B 45 62.00 -36.61 -38.65
N LYS B 46 62.18 -35.30 -38.45
CA LYS B 46 63.18 -34.55 -39.17
C LYS B 46 64.58 -35.00 -38.77
N ASP B 47 64.72 -35.49 -37.55
CA ASP B 47 65.99 -35.99 -37.03
C ASP B 47 66.07 -37.51 -37.14
N ASN B 48 65.45 -38.06 -38.19
CA ASN B 48 65.54 -39.48 -38.50
C ASN B 48 65.08 -40.39 -37.36
N CYS B 49 64.10 -39.94 -36.59
CA CYS B 49 63.55 -40.75 -35.51
C CYS B 49 62.64 -41.83 -36.06
N ALA B 50 62.81 -43.05 -35.57
CA ALA B 50 61.98 -44.18 -35.99
C ALA B 50 60.51 -43.89 -35.67
N PRO B 51 59.64 -43.85 -36.70
CA PRO B 51 58.22 -43.52 -36.48
C PRO B 51 57.53 -44.36 -35.41
N GLU B 52 57.94 -45.61 -35.26
CA GLU B 52 57.33 -46.51 -34.29
C GLU B 52 57.73 -46.14 -32.87
N SER B 53 58.89 -45.53 -32.72
CA SER B 53 59.42 -45.17 -31.41
C SER B 53 58.93 -43.80 -30.94
N ILE B 54 58.01 -43.21 -31.70
CA ILE B 54 57.48 -41.89 -31.36
C ILE B 54 56.25 -42.00 -30.47
N GLU B 55 56.37 -41.48 -29.26
CA GLU B 55 55.25 -41.43 -28.32
C GLU B 55 54.58 -40.06 -28.39
N PHE B 56 53.38 -40.01 -28.97
CA PHE B 56 52.64 -38.76 -29.12
C PHE B 56 51.14 -39.00 -29.10
N PRO B 57 50.55 -39.10 -27.90
CA PRO B 57 49.10 -39.24 -27.76
C PRO B 57 48.35 -37.98 -28.22
N VAL B 58 47.17 -38.17 -28.81
CA VAL B 58 46.34 -37.07 -29.26
C VAL B 58 44.98 -37.13 -28.55
N SER B 59 44.61 -36.02 -27.91
CA SER B 59 43.31 -35.94 -27.25
C SER B 59 42.18 -36.07 -28.27
N GLU B 60 41.29 -37.03 -28.04
CA GLU B 60 40.21 -37.32 -28.98
C GLU B 60 38.88 -37.47 -28.26
N ALA B 61 37.83 -37.69 -29.04
CA ALA B 61 36.49 -37.88 -28.50
C ALA B 61 35.64 -38.65 -29.51
N ARG B 62 35.33 -39.91 -29.20
CA ARG B 62 34.53 -40.74 -30.10
C ARG B 62 33.30 -41.28 -29.38
N VAL B 63 32.19 -41.35 -30.12
CA VAL B 63 30.92 -41.81 -29.56
C VAL B 63 30.89 -43.34 -29.46
N LEU B 64 30.24 -43.84 -28.41
CA LEU B 64 30.07 -45.27 -28.21
C LEU B 64 28.60 -45.65 -28.43
N GLU B 65 27.71 -44.79 -27.96
CA GLU B 65 26.27 -44.94 -28.18
C GLU B 65 25.73 -43.67 -28.81
N ASP B 66 25.01 -43.81 -29.92
CA ASP B 66 24.50 -42.66 -30.65
C ASP B 66 23.13 -42.95 -31.25
N ARG B 67 22.19 -43.34 -30.39
CA ARG B 67 20.82 -43.59 -30.82
C ARG B 67 20.20 -42.30 -31.38
N PRO B 68 19.40 -42.41 -32.46
CA PRO B 68 18.74 -41.21 -32.97
C PRO B 68 17.63 -40.71 -32.04
N LEU B 69 17.44 -39.40 -31.99
CA LEU B 69 16.37 -38.82 -31.20
C LEU B 69 15.00 -39.30 -31.70
N SER B 70 14.13 -39.66 -30.77
CA SER B 70 12.81 -40.17 -31.13
C SER B 70 11.90 -39.06 -31.65
N ASP B 71 11.09 -39.39 -32.66
CA ASP B 71 10.12 -38.45 -33.19
C ASP B 71 8.85 -38.48 -32.35
N LYS B 72 8.64 -39.59 -31.64
CA LYS B 72 7.46 -39.76 -30.81
C LYS B 72 7.80 -40.47 -29.50
N GLY B 73 7.25 -39.97 -28.40
CA GLY B 73 7.41 -40.59 -27.10
C GLY B 73 6.36 -41.65 -26.84
N SER B 74 5.40 -41.76 -27.75
CA SER B 74 4.35 -42.77 -27.65
C SER B 74 4.89 -44.14 -28.03
N GLY B 75 4.14 -45.18 -27.68
CA GLY B 75 4.53 -46.54 -27.98
C GLY B 75 5.81 -46.95 -27.28
N ASP B 76 6.32 -48.13 -27.60
CA ASP B 76 7.53 -48.68 -27.01
C ASP B 76 7.41 -48.91 -25.51
N SER B 77 8.26 -49.78 -24.98
CA SER B 77 8.40 -49.96 -23.54
C SER B 77 9.48 -49.01 -23.04
N SER B 78 9.28 -47.73 -23.32
CA SER B 78 10.23 -46.68 -22.94
C SER B 78 11.59 -46.89 -23.60
N GLN B 79 11.58 -47.14 -24.90
CA GLN B 79 12.79 -47.17 -25.71
C GLN B 79 12.97 -45.81 -26.37
N VAL B 80 12.47 -44.77 -25.70
CA VAL B 80 12.49 -43.42 -26.24
C VAL B 80 13.82 -42.73 -25.97
N THR B 81 14.36 -42.09 -27.01
CA THR B 81 15.63 -41.38 -26.92
C THR B 81 15.41 -39.88 -26.89
N GLN B 82 15.83 -39.25 -25.79
CA GLN B 82 15.68 -37.81 -25.59
C GLN B 82 17.01 -37.08 -25.72
N VAL B 83 18.10 -37.81 -25.46
CA VAL B 83 19.44 -37.25 -25.50
C VAL B 83 20.30 -38.03 -26.48
N SER B 84 21.16 -37.32 -27.20
CA SER B 84 22.06 -37.97 -28.17
C SER B 84 23.34 -37.14 -28.34
N PRO B 85 24.51 -37.79 -28.28
CA PRO B 85 24.72 -39.23 -28.03
C PRO B 85 24.43 -39.60 -26.58
N GLN B 86 24.36 -40.89 -26.30
CA GLN B 86 24.05 -41.37 -24.95
C GLN B 86 25.34 -41.72 -24.20
N ARG B 87 26.40 -41.99 -24.94
CA ARG B 87 27.67 -42.37 -24.34
C ARG B 87 28.83 -42.09 -25.29
N ILE B 88 29.89 -41.47 -24.75
CA ILE B 88 31.08 -41.16 -25.54
C ILE B 88 32.34 -41.48 -24.76
N ALA B 89 33.42 -41.78 -25.49
CA ALA B 89 34.72 -42.03 -24.89
C ALA B 89 35.61 -40.79 -25.08
N LEU B 90 36.14 -40.28 -23.97
CA LEU B 90 36.95 -39.07 -23.98
C LEU B 90 38.38 -39.37 -23.55
N ARG B 91 39.35 -38.94 -24.35
CA ARG B 91 40.76 -39.14 -24.05
C ARG B 91 41.47 -37.79 -23.97
N LEU B 92 42.22 -37.58 -22.89
CA LEU B 92 42.89 -36.32 -22.63
C LEU B 92 44.30 -36.52 -22.09
N ARG B 93 45.28 -35.85 -22.69
CA ARG B 93 46.63 -35.81 -22.16
C ARG B 93 46.75 -34.57 -21.27
N PRO B 94 47.78 -34.52 -20.40
CA PRO B 94 47.88 -33.48 -19.37
C PRO B 94 47.70 -32.04 -19.88
N ASP B 95 46.90 -31.26 -19.15
CA ASP B 95 46.71 -29.84 -19.45
C ASP B 95 46.17 -29.57 -20.85
N ASP B 96 45.51 -30.58 -21.43
CA ASP B 96 44.92 -30.44 -22.76
C ASP B 96 43.40 -30.37 -22.63
N SER B 97 42.72 -30.13 -23.75
CA SER B 97 41.27 -30.05 -23.75
C SER B 97 40.68 -30.54 -25.07
N LYS B 98 39.58 -31.30 -24.95
CA LYS B 98 38.85 -31.78 -26.12
C LYS B 98 37.39 -31.34 -26.01
N ASN B 99 36.71 -31.25 -27.15
CA ASN B 99 35.34 -30.76 -27.20
C ASN B 99 34.39 -31.77 -27.82
N PHE B 100 33.13 -31.73 -27.39
CA PHE B 100 32.10 -32.61 -27.92
C PHE B 100 30.73 -31.95 -27.80
N SER B 101 29.73 -32.52 -28.45
CA SER B 101 28.39 -31.95 -28.48
C SER B 101 27.37 -32.87 -27.82
N ILE B 102 26.17 -32.33 -27.62
CA ILE B 102 25.04 -33.10 -27.09
C ILE B 102 23.74 -32.49 -27.59
N GLN B 103 22.82 -33.34 -28.02
CA GLN B 103 21.50 -32.89 -28.47
C GLN B 103 20.43 -33.30 -27.47
N VAL B 104 19.50 -32.38 -27.22
CA VAL B 104 18.39 -32.62 -26.31
C VAL B 104 17.08 -32.22 -26.98
N ARG B 105 16.12 -33.15 -26.99
CA ARG B 105 14.82 -32.92 -27.60
C ARG B 105 13.70 -33.07 -26.58
N GLN B 106 12.75 -32.14 -26.63
CA GLN B 106 11.52 -32.29 -25.87
C GLN B 106 10.57 -33.13 -26.72
N VAL B 107 10.64 -34.46 -26.52
CA VAL B 107 9.95 -35.40 -27.39
C VAL B 107 8.44 -35.20 -27.38
N GLU B 108 7.83 -35.40 -28.55
CA GLU B 108 6.40 -35.21 -28.72
C GLU B 108 5.64 -36.48 -28.32
N ASP B 109 4.46 -36.29 -27.74
CA ASP B 109 3.59 -37.40 -27.36
C ASP B 109 4.24 -38.26 -26.26
N TYR B 110 4.74 -37.58 -25.23
CA TYR B 110 5.34 -38.27 -24.09
C TYR B 110 4.28 -38.48 -23.01
N PRO B 111 4.29 -39.65 -22.34
CA PRO B 111 3.28 -39.92 -21.31
C PRO B 111 3.28 -38.90 -20.17
N VAL B 112 2.14 -38.76 -19.50
CA VAL B 112 1.98 -37.77 -18.44
C VAL B 112 1.19 -38.33 -17.26
N ASP B 113 1.73 -38.11 -16.05
CA ASP B 113 1.03 -38.41 -14.81
C ASP B 113 0.59 -37.11 -14.15
N ILE B 114 -0.69 -37.02 -13.79
CA ILE B 114 -1.21 -35.85 -13.11
C ILE B 114 -1.95 -36.26 -11.85
N TYR B 115 -1.32 -36.01 -10.69
CA TYR B 115 -1.94 -36.30 -9.40
C TYR B 115 -2.55 -35.03 -8.83
N TYR B 116 -3.87 -35.06 -8.63
CA TYR B 116 -4.61 -33.89 -8.16
C TYR B 116 -4.68 -33.91 -6.64
N LEU B 117 -3.92 -33.01 -6.02
CA LEU B 117 -3.85 -32.92 -4.56
C LEU B 117 -4.61 -31.69 -4.09
N MET B 118 -5.71 -31.92 -3.38
CA MET B 118 -6.72 -30.88 -3.15
C MET B 118 -6.96 -30.54 -1.69
N ASP B 119 -6.91 -29.24 -1.39
CA ASP B 119 -7.37 -28.70 -0.13
C ASP B 119 -8.86 -29.00 0.01
N LEU B 120 -9.26 -29.69 1.07
CA LEU B 120 -10.67 -29.97 1.31
C LEU B 120 -11.12 -29.47 2.69
N SER B 121 -10.52 -28.36 3.11
CA SER B 121 -11.07 -27.59 4.22
C SER B 121 -12.37 -26.96 3.73
N TYR B 122 -13.13 -26.35 4.65
CA TYR B 122 -14.53 -26.02 4.38
C TYR B 122 -14.76 -25.06 3.20
N SER B 123 -13.81 -24.18 2.92
CA SER B 123 -13.97 -23.17 1.88
C SER B 123 -13.87 -23.73 0.46
N MET B 124 -13.51 -25.02 0.38
CA MET B 124 -13.32 -25.67 -0.90
C MET B 124 -14.53 -26.53 -1.26
N LYS B 125 -15.64 -26.30 -0.58
CA LYS B 125 -16.86 -27.05 -0.81
C LYS B 125 -17.39 -26.85 -2.22
N ASP B 126 -17.41 -25.60 -2.67
N ASP B 126 -17.42 -25.60 -2.68
CA ASP B 126 -17.90 -25.26 -4.00
CA ASP B 126 -17.92 -25.29 -4.01
C ASP B 126 -16.92 -25.71 -5.07
C ASP B 126 -16.92 -25.71 -5.08
N ASP B 127 -15.65 -25.84 -4.69
CA ASP B 127 -14.60 -26.28 -5.62
C ASP B 127 -14.82 -27.73 -6.02
N LEU B 128 -15.24 -28.56 -5.07
CA LEU B 128 -15.50 -29.96 -5.33
C LEU B 128 -16.58 -30.14 -6.39
N TRP B 129 -17.57 -29.27 -6.36
CA TRP B 129 -18.71 -29.38 -7.27
C TRP B 129 -18.31 -29.14 -8.72
N SER B 130 -17.38 -28.22 -8.93
CA SER B 130 -17.02 -27.79 -10.28
C SER B 130 -16.04 -28.72 -10.98
N ILE B 131 -15.37 -29.59 -10.22
CA ILE B 131 -14.40 -30.52 -10.82
C ILE B 131 -14.95 -31.94 -10.92
N GLN B 132 -16.27 -32.09 -10.80
CA GLN B 132 -16.89 -33.41 -10.84
C GLN B 132 -16.75 -34.07 -12.21
N ASN B 133 -16.45 -33.28 -13.24
CA ASN B 133 -16.24 -33.80 -14.58
C ASN B 133 -14.84 -33.46 -15.09
N LEU B 134 -13.95 -33.05 -14.19
CA LEU B 134 -12.60 -32.65 -14.56
C LEU B 134 -11.83 -33.80 -15.20
N GLY B 135 -12.03 -35.00 -14.70
CA GLY B 135 -11.34 -36.17 -15.22
C GLY B 135 -11.55 -36.36 -16.71
N THR B 136 -12.79 -36.29 -17.15
CA THR B 136 -13.12 -36.47 -18.55
C THR B 136 -12.76 -35.23 -19.38
N LYS B 137 -13.01 -34.05 -18.82
CA LYS B 137 -12.67 -32.80 -19.49
C LYS B 137 -11.16 -32.70 -19.69
N LEU B 138 -10.40 -33.05 -18.66
CA LEU B 138 -8.95 -33.00 -18.70
C LEU B 138 -8.41 -34.06 -19.68
N ALA B 139 -9.12 -35.18 -19.78
CA ALA B 139 -8.75 -36.24 -20.70
C ALA B 139 -8.85 -35.76 -22.15
N THR B 140 -9.91 -35.00 -22.43
CA THR B 140 -10.16 -34.51 -23.79
C THR B 140 -9.05 -33.59 -24.28
N GLN B 141 -8.60 -32.68 -23.42
CA GLN B 141 -7.62 -31.68 -23.81
C GLN B 141 -6.20 -32.22 -23.83
N MET B 142 -5.87 -33.10 -22.89
CA MET B 142 -4.53 -33.69 -22.81
C MET B 142 -4.32 -34.68 -23.94
N ARG B 143 -5.42 -35.17 -24.52
CA ARG B 143 -5.35 -36.10 -25.64
C ARG B 143 -4.66 -35.46 -26.84
N LYS B 144 -4.69 -34.14 -26.89
CA LYS B 144 -4.07 -33.37 -27.97
C LYS B 144 -2.55 -33.37 -27.84
N LEU B 145 -2.05 -33.68 -26.65
CA LEU B 145 -0.61 -33.58 -26.36
C LEU B 145 0.03 -34.95 -26.09
N THR B 146 -0.74 -35.87 -25.53
CA THR B 146 -0.22 -37.18 -25.18
C THR B 146 -1.28 -38.27 -25.34
N SER B 147 -0.82 -39.49 -25.61
CA SER B 147 -1.71 -40.64 -25.76
C SER B 147 -1.62 -41.58 -24.57
N ASN B 148 -0.82 -41.20 -23.57
CA ASN B 148 -0.69 -41.97 -22.34
C ASN B 148 -0.86 -41.08 -21.11
N LEU B 149 -2.11 -40.77 -20.79
CA LEU B 149 -2.43 -39.96 -19.62
C LEU B 149 -2.91 -40.84 -18.47
N ARG B 150 -2.37 -40.58 -17.28
CA ARG B 150 -2.89 -41.18 -16.04
C ARG B 150 -3.16 -40.07 -15.03
N ILE B 151 -4.27 -40.18 -14.33
CA ILE B 151 -4.63 -39.18 -13.33
C ILE B 151 -5.03 -39.82 -12.00
N GLY B 152 -4.83 -39.09 -10.92
CA GLY B 152 -5.14 -39.57 -9.58
C GLY B 152 -5.58 -38.42 -8.69
N PHE B 153 -6.00 -38.76 -7.48
CA PHE B 153 -6.57 -37.77 -6.57
C PHE B 153 -6.19 -38.03 -5.13
N GLY B 154 -5.87 -36.95 -4.43
CA GLY B 154 -5.61 -36.98 -2.99
C GLY B 154 -6.14 -35.70 -2.37
N ALA B 155 -6.38 -35.74 -1.06
CA ALA B 155 -6.95 -34.58 -0.38
C ALA B 155 -6.31 -34.37 0.99
N PHE B 156 -6.35 -33.14 1.46
CA PHE B 156 -5.78 -32.80 2.75
C PHE B 156 -6.59 -31.71 3.44
N VAL B 157 -6.47 -31.65 4.76
CA VAL B 157 -6.99 -30.52 5.52
C VAL B 157 -5.86 -30.02 6.42
N ASP B 158 -5.72 -30.60 7.60
CA ASP B 158 -4.66 -30.21 8.51
C ASP B 158 -4.47 -31.31 9.55
N LYS B 159 -3.45 -31.21 10.37
CA LYS B 159 -3.18 -32.21 11.39
C LYS B 159 -4.39 -32.37 12.33
N PRO B 160 -5.01 -33.57 12.34
CA PRO B 160 -6.19 -33.74 13.19
C PRO B 160 -5.83 -33.78 14.67
N VAL B 161 -5.54 -32.60 15.22
CA VAL B 161 -5.15 -32.47 16.62
C VAL B 161 -5.37 -31.03 17.08
N SER B 162 -5.72 -30.87 18.35
CA SER B 162 -5.86 -29.54 18.93
C SER B 162 -4.52 -28.81 18.83
N PRO B 163 -4.54 -27.49 18.55
CA PRO B 163 -5.70 -26.60 18.38
C PRO B 163 -6.25 -26.51 16.97
N TYR B 164 -5.65 -27.19 16.00
CA TYR B 164 -6.14 -27.15 14.63
C TYR B 164 -7.53 -27.77 14.55
N MET B 165 -7.74 -28.80 15.36
CA MET B 165 -8.98 -29.57 15.34
C MET B 165 -9.90 -29.19 16.50
N TYR B 166 -11.19 -29.05 16.22
CA TYR B 166 -12.18 -28.87 17.27
C TYR B 166 -12.36 -30.17 18.03
N ILE B 167 -12.26 -30.12 19.36
CA ILE B 167 -12.28 -31.32 20.18
C ILE B 167 -13.38 -31.31 21.23
N SER B 168 -14.37 -30.45 21.04
CA SER B 168 -15.52 -30.40 21.94
C SER B 168 -16.72 -29.74 21.26
N PRO B 169 -17.94 -30.21 21.55
CA PRO B 169 -18.29 -31.39 22.34
C PRO B 169 -17.89 -32.67 21.63
N PRO B 170 -18.17 -33.84 22.23
CA PRO B 170 -17.87 -35.12 21.59
C PRO B 170 -18.41 -35.22 20.17
N GLU B 171 -19.57 -34.60 19.94
CA GLU B 171 -20.19 -34.58 18.62
C GLU B 171 -19.28 -33.93 17.58
N ALA B 172 -18.51 -32.94 18.01
CA ALA B 172 -17.68 -32.16 17.09
C ALA B 172 -16.59 -33.01 16.44
N LEU B 173 -16.22 -34.11 17.08
CA LEU B 173 -15.19 -35.00 16.55
C LEU B 173 -15.73 -35.81 15.37
N GLU B 174 -16.97 -36.26 15.49
CA GLU B 174 -17.62 -37.00 14.42
C GLU B 174 -18.10 -36.04 13.33
N ASN B 175 -18.45 -34.82 13.73
CA ASN B 175 -18.98 -33.82 12.83
C ASN B 175 -18.51 -32.41 13.22
N PRO B 176 -17.38 -31.97 12.67
CA PRO B 176 -16.83 -30.64 13.01
C PRO B 176 -17.79 -29.49 12.73
N CYS B 177 -18.76 -29.69 11.86
CA CYS B 177 -19.71 -28.63 11.49
C CYS B 177 -21.02 -28.77 12.24
N TYR B 178 -20.96 -29.26 13.48
CA TYR B 178 -22.16 -29.51 14.26
C TYR B 178 -22.84 -28.21 14.70
N ASP B 179 -22.05 -27.20 15.07
CA ASP B 179 -22.60 -25.94 15.57
C ASP B 179 -23.18 -25.10 14.44
N MET B 180 -22.96 -25.55 13.21
CA MET B 180 -23.59 -24.98 12.03
C MET B 180 -24.80 -25.84 11.70
N LYS B 181 -25.40 -25.62 10.52
CA LYS B 181 -26.58 -26.38 10.12
C LYS B 181 -26.27 -27.32 8.97
N THR B 182 -25.12 -27.96 9.03
CA THR B 182 -24.72 -28.95 8.02
C THR B 182 -23.87 -30.05 8.65
N THR B 183 -23.47 -31.00 7.82
CA THR B 183 -22.58 -32.08 8.22
C THR B 183 -21.33 -32.03 7.36
N CYS B 184 -20.17 -32.29 7.96
CA CYS B 184 -18.93 -32.45 7.22
C CYS B 184 -18.14 -33.60 7.81
N LEU B 185 -17.14 -34.08 7.08
CA LEU B 185 -16.36 -35.23 7.52
C LEU B 185 -15.56 -34.93 8.79
N PRO B 186 -15.26 -35.98 9.57
CA PRO B 186 -14.26 -35.80 10.63
C PRO B 186 -12.96 -35.33 10.02
N MET B 187 -12.17 -34.59 10.79
N MET B 187 -12.18 -34.58 10.80
CA MET B 187 -10.93 -34.02 10.29
CA MET B 187 -10.89 -34.07 10.34
C MET B 187 -9.91 -35.10 9.92
C MET B 187 -9.97 -35.17 9.86
N PHE B 188 -9.17 -34.86 8.84
CA PHE B 188 -8.15 -35.78 8.36
C PHE B 188 -6.93 -35.00 7.87
N GLY B 189 -5.74 -35.57 8.07
CA GLY B 189 -4.52 -34.92 7.66
C GLY B 189 -4.35 -34.96 6.15
N TYR B 190 -3.97 -36.13 5.66
CA TYR B 190 -3.87 -36.38 4.22
C TYR B 190 -4.38 -37.77 3.91
N LYS B 191 -5.24 -37.88 2.92
CA LYS B 191 -5.70 -39.19 2.47
C LYS B 191 -5.54 -39.34 0.96
N HIS B 192 -4.92 -40.46 0.57
CA HIS B 192 -4.85 -40.86 -0.82
C HIS B 192 -6.20 -41.45 -1.21
N VAL B 193 -6.70 -41.06 -2.37
CA VAL B 193 -8.03 -41.49 -2.82
C VAL B 193 -7.94 -42.36 -4.05
N LEU B 194 -7.25 -41.88 -5.07
CA LEU B 194 -7.20 -42.55 -6.36
C LEU B 194 -5.77 -42.65 -6.90
N THR B 195 -5.28 -43.89 -6.99
CA THR B 195 -4.00 -44.17 -7.61
C THR B 195 -4.05 -43.79 -9.08
N LEU B 196 -2.93 -43.28 -9.59
CA LEU B 196 -2.83 -42.87 -10.98
C LEU B 196 -3.33 -43.96 -11.94
N THR B 197 -4.33 -43.61 -12.76
CA THR B 197 -4.93 -44.55 -13.69
C THR B 197 -5.34 -43.87 -14.99
N ASP B 198 -5.37 -44.64 -16.07
CA ASP B 198 -5.79 -44.12 -17.37
C ASP B 198 -7.31 -44.15 -17.52
N GLN B 199 -7.99 -44.72 -16.53
CA GLN B 199 -9.45 -44.77 -16.51
C GLN B 199 -10.00 -43.50 -15.86
N VAL B 200 -10.21 -42.47 -16.66
CA VAL B 200 -10.47 -41.13 -16.13
C VAL B 200 -11.82 -40.98 -15.44
N THR B 201 -12.79 -41.84 -15.77
CA THR B 201 -14.09 -41.78 -15.11
C THR B 201 -13.99 -42.20 -13.65
N ARG B 202 -12.91 -42.90 -13.30
CA ARG B 202 -12.65 -43.22 -11.91
C ARG B 202 -12.38 -41.95 -11.11
N PHE B 203 -11.76 -40.97 -11.76
CA PHE B 203 -11.51 -39.67 -11.15
C PHE B 203 -12.83 -38.98 -10.84
N ASN B 204 -13.69 -38.88 -11.87
CA ASN B 204 -15.01 -38.26 -11.73
C ASN B 204 -15.81 -38.83 -10.58
N GLU B 205 -15.91 -40.16 -10.53
CA GLU B 205 -16.79 -40.81 -9.57
C GLU B 205 -16.23 -40.77 -8.15
N GLU B 206 -14.91 -40.81 -8.01
CA GLU B 206 -14.28 -40.66 -6.70
C GLU B 206 -14.52 -39.26 -6.17
N VAL B 207 -14.33 -38.26 -7.02
CA VAL B 207 -14.55 -36.86 -6.64
C VAL B 207 -15.98 -36.61 -6.21
N LYS B 208 -16.94 -37.23 -6.89
CA LYS B 208 -18.35 -37.03 -6.60
C LYS B 208 -18.72 -37.55 -5.21
N LYS B 209 -17.88 -38.43 -4.67
CA LYS B 209 -18.10 -38.99 -3.33
C LYS B 209 -17.30 -38.25 -2.25
N GLN B 210 -16.38 -37.39 -2.68
CA GLN B 210 -15.59 -36.61 -1.74
C GLN B 210 -16.41 -35.50 -1.10
N SER B 211 -16.00 -35.09 0.10
CA SER B 211 -16.63 -33.96 0.78
C SER B 211 -15.59 -33.27 1.67
N VAL B 212 -15.93 -32.06 2.11
CA VAL B 212 -14.99 -31.25 2.88
C VAL B 212 -15.05 -31.56 4.38
N SER B 213 -14.05 -31.09 5.11
CA SER B 213 -14.06 -31.10 6.56
C SER B 213 -13.92 -29.66 7.03
N ARG B 214 -13.58 -29.48 8.31
CA ARG B 214 -13.48 -28.13 8.88
C ARG B 214 -12.48 -28.10 10.02
N ASN B 215 -11.53 -27.18 9.95
CA ASN B 215 -10.55 -26.98 11.02
C ASN B 215 -10.50 -25.51 11.44
N ARG B 216 -9.69 -25.21 12.44
CA ARG B 216 -9.77 -23.92 13.12
C ARG B 216 -8.93 -22.80 12.47
N ASP B 217 -7.68 -23.11 12.12
CA ASP B 217 -6.74 -22.07 11.69
C ASP B 217 -6.54 -22.05 10.17
N ALA B 218 -6.31 -20.84 9.67
CA ALA B 218 -6.23 -20.59 8.23
C ALA B 218 -5.14 -21.41 7.55
N PRO B 219 -3.92 -21.43 8.12
CA PRO B 219 -2.90 -22.26 7.47
C PRO B 219 -3.27 -23.74 7.50
N GLU B 220 -3.01 -24.45 6.41
CA GLU B 220 -3.40 -25.86 6.32
C GLU B 220 -2.20 -26.77 6.13
N GLY B 221 -2.45 -28.08 6.23
CA GLY B 221 -1.38 -29.06 6.25
C GLY B 221 -1.06 -29.65 4.89
N GLY B 222 -1.09 -28.81 3.86
CA GLY B 222 -0.86 -29.25 2.50
C GLY B 222 0.55 -29.76 2.24
N PHE B 223 1.53 -29.19 2.94
CA PHE B 223 2.91 -29.60 2.74
C PHE B 223 3.18 -31.01 3.27
N ASP B 224 2.45 -31.43 4.29
CA ASP B 224 2.47 -32.83 4.71
C ASP B 224 2.07 -33.71 3.53
N ALA B 225 1.03 -33.29 2.81
CA ALA B 225 0.47 -34.08 1.73
C ALA B 225 1.38 -34.09 0.51
N ILE B 226 2.07 -32.98 0.26
CA ILE B 226 3.00 -32.91 -0.86
C ILE B 226 4.13 -33.89 -0.65
N MET B 227 4.61 -33.98 0.59
CA MET B 227 5.70 -34.89 0.92
C MET B 227 5.29 -36.33 0.68
N GLN B 228 4.12 -36.69 1.19
CA GLN B 228 3.63 -38.06 1.08
C GLN B 228 3.28 -38.43 -0.37
N ALA B 229 2.68 -37.50 -1.10
CA ALA B 229 2.34 -37.74 -2.49
C ALA B 229 3.60 -37.91 -3.33
N THR B 230 4.72 -37.40 -2.80
CA THR B 230 6.00 -37.47 -3.50
C THR B 230 6.74 -38.77 -3.18
N VAL B 231 6.85 -39.11 -1.90
CA VAL B 231 7.71 -40.22 -1.49
C VAL B 231 7.00 -41.57 -1.46
N CYS B 232 5.67 -41.56 -1.50
CA CYS B 232 4.91 -42.81 -1.58
C CYS B 232 4.71 -43.22 -3.03
N ASP B 233 5.81 -43.63 -3.66
CA ASP B 233 5.84 -43.96 -5.09
C ASP B 233 4.78 -44.97 -5.50
N GLU B 234 4.78 -46.12 -4.83
CA GLU B 234 3.94 -47.23 -5.24
C GLU B 234 2.46 -46.94 -5.02
N LYS B 235 2.15 -46.22 -3.95
CA LYS B 235 0.76 -45.93 -3.62
C LYS B 235 0.15 -44.92 -4.60
N ILE B 236 0.87 -43.83 -4.86
CA ILE B 236 0.39 -42.81 -5.79
C ILE B 236 0.47 -43.37 -7.21
N GLY B 237 1.54 -44.09 -7.50
CA GLY B 237 1.66 -44.84 -8.75
C GLY B 237 2.34 -44.10 -9.88
N TRP B 238 3.26 -43.20 -9.55
CA TRP B 238 4.04 -42.51 -10.57
C TRP B 238 4.73 -43.51 -11.49
N ARG B 239 4.74 -43.23 -12.78
CA ARG B 239 5.41 -44.09 -13.76
C ARG B 239 6.86 -43.65 -13.97
N ASN B 240 7.73 -44.61 -14.26
CA ASN B 240 9.15 -44.33 -14.42
C ASN B 240 9.45 -43.39 -15.57
N ASP B 241 8.91 -43.70 -16.75
CA ASP B 241 9.12 -42.89 -17.95
C ASP B 241 7.89 -42.07 -18.28
N ALA B 242 7.70 -40.97 -17.55
CA ALA B 242 6.57 -40.09 -17.78
C ALA B 242 6.78 -38.78 -17.03
N SER B 243 6.14 -37.71 -17.52
CA SER B 243 6.16 -36.43 -16.81
C SER B 243 5.26 -36.53 -15.59
N HIS B 244 5.77 -36.08 -14.45
CA HIS B 244 5.04 -36.14 -13.19
C HIS B 244 4.56 -34.75 -12.77
N LEU B 245 3.25 -34.53 -12.89
CA LEU B 245 2.64 -33.26 -12.47
C LEU B 245 1.88 -33.45 -11.17
N LEU B 246 2.29 -32.72 -10.14
CA LEU B 246 1.61 -32.71 -8.86
C LEU B 246 0.85 -31.40 -8.72
N VAL B 247 -0.47 -31.45 -8.87
CA VAL B 247 -1.30 -30.24 -8.87
C VAL B 247 -1.85 -29.96 -7.48
N PHE B 248 -1.26 -28.95 -6.84
CA PHE B 248 -1.60 -28.57 -5.47
C PHE B 248 -2.57 -27.39 -5.50
N THR B 249 -3.83 -27.64 -5.11
CA THR B 249 -4.85 -26.58 -5.10
C THR B 249 -5.24 -26.20 -3.69
N THR B 250 -5.29 -24.89 -3.43
CA THR B 250 -5.69 -24.38 -2.12
C THR B 250 -6.04 -22.89 -2.20
N ASP B 251 -6.77 -22.41 -1.22
CA ASP B 251 -7.17 -21.01 -1.17
C ASP B 251 -6.70 -20.34 0.12
N ALA B 252 -5.65 -20.89 0.73
CA ALA B 252 -5.21 -20.44 2.04
C ALA B 252 -3.71 -20.54 2.23
N LYS B 253 -3.23 -19.94 3.31
CA LYS B 253 -1.84 -20.06 3.72
C LYS B 253 -1.52 -21.52 4.02
N THR B 254 -0.24 -21.81 4.28
CA THR B 254 0.16 -23.19 4.57
C THR B 254 1.08 -23.27 5.78
N HIS B 255 0.97 -24.37 6.50
CA HIS B 255 1.87 -24.65 7.61
C HIS B 255 3.23 -25.05 7.08
N ILE B 256 4.26 -24.70 7.85
CA ILE B 256 5.64 -25.00 7.48
C ILE B 256 6.35 -25.64 8.66
N ALA B 257 7.54 -26.17 8.43
CA ALA B 257 8.33 -26.81 9.48
C ALA B 257 8.47 -25.90 10.70
N LEU B 258 8.34 -26.51 11.89
CA LEU B 258 8.41 -25.85 13.20
C LEU B 258 7.09 -25.20 13.63
N ASP B 259 6.07 -25.26 12.77
CA ASP B 259 4.72 -24.88 13.17
C ASP B 259 4.12 -25.89 14.14
N GLY B 260 4.50 -27.16 13.95
CA GLY B 260 3.91 -28.27 14.69
C GLY B 260 4.01 -28.17 16.20
N ARG B 261 4.96 -27.37 16.68
CA ARG B 261 5.18 -27.23 18.12
C ARG B 261 3.96 -26.64 18.83
N LEU B 262 3.09 -25.95 18.09
CA LEU B 262 1.87 -25.44 18.68
C LEU B 262 0.87 -26.55 18.93
N ALA B 263 1.11 -27.72 18.35
CA ALA B 263 0.32 -28.92 18.64
C ALA B 263 1.11 -29.89 19.50
N GLY B 264 2.27 -29.44 19.99
CA GLY B 264 3.13 -30.27 20.81
C GLY B 264 3.93 -31.27 20.00
N ILE B 265 4.11 -30.98 18.72
CA ILE B 265 4.84 -31.86 17.82
C ILE B 265 6.21 -31.27 17.51
N VAL B 266 7.26 -31.99 17.87
CA VAL B 266 8.63 -31.49 17.70
C VAL B 266 9.50 -32.41 16.85
N GLN B 267 9.06 -33.64 16.62
CA GLN B 267 9.83 -34.58 15.82
C GLN B 267 9.95 -34.07 14.38
N PRO B 268 11.19 -33.90 13.89
CA PRO B 268 11.35 -33.47 12.50
C PRO B 268 10.75 -34.45 11.50
N ASN B 269 10.32 -33.92 10.35
CA ASN B 269 9.84 -34.75 9.26
C ASN B 269 10.96 -35.62 8.72
N ASP B 270 10.71 -36.93 8.59
CA ASP B 270 11.76 -37.86 8.17
C ASP B 270 11.78 -38.09 6.66
N GLY B 271 10.83 -37.49 5.96
CA GLY B 271 10.79 -37.58 4.51
C GLY B 271 10.49 -38.98 4.00
N GLN B 272 9.90 -39.82 4.85
CA GLN B 272 9.57 -41.19 4.49
C GLN B 272 8.07 -41.37 4.29
N CYS B 273 7.70 -42.43 3.58
CA CYS B 273 6.28 -42.72 3.34
C CYS B 273 5.63 -43.28 4.59
N HIS B 274 4.47 -42.71 4.95
CA HIS B 274 3.71 -43.18 6.11
C HIS B 274 2.22 -43.28 5.78
N VAL B 275 1.93 -43.67 4.54
CA VAL B 275 0.56 -43.97 4.12
C VAL B 275 0.42 -45.47 3.92
N GLY B 276 -0.36 -46.10 4.79
CA GLY B 276 -0.55 -47.54 4.75
C GLY B 276 -1.78 -47.97 3.99
N SER B 277 -2.32 -49.13 4.37
CA SER B 277 -3.45 -49.71 3.65
C SER B 277 -4.72 -48.88 3.78
N ASP B 278 -4.82 -48.11 4.87
CA ASP B 278 -6.00 -47.27 5.10
C ASP B 278 -5.94 -45.97 4.30
N ASN B 279 -4.83 -45.77 3.58
CA ASN B 279 -4.65 -44.61 2.71
C ASN B 279 -4.66 -43.27 3.44
N HIS B 280 -4.41 -43.27 4.74
CA HIS B 280 -4.26 -42.03 5.50
C HIS B 280 -2.82 -41.85 6.00
N TYR B 281 -2.41 -40.60 6.13
CA TYR B 281 -1.08 -40.27 6.63
C TYR B 281 -1.01 -40.48 8.15
N SER B 282 -0.37 -41.56 8.57
CA SER B 282 -0.43 -41.99 9.97
C SER B 282 0.50 -41.22 10.91
N ALA B 283 1.45 -40.48 10.36
CA ALA B 283 2.38 -39.68 11.16
C ALA B 283 1.93 -38.22 11.25
N SER B 284 0.70 -37.95 10.86
CA SER B 284 0.17 -36.59 10.84
C SER B 284 0.20 -35.95 12.23
N THR B 285 -0.15 -36.72 13.25
CA THR B 285 -0.27 -36.20 14.61
C THR B 285 1.00 -36.37 15.46
N THR B 286 2.06 -36.91 14.86
CA THR B 286 3.29 -37.21 15.60
C THR B 286 4.55 -36.64 14.94
N MET B 287 4.42 -36.14 13.72
CA MET B 287 5.57 -35.67 12.95
C MET B 287 5.32 -34.27 12.41
N ASP B 288 6.34 -33.41 12.53
CA ASP B 288 6.24 -32.01 12.14
C ASP B 288 6.07 -31.85 10.63
N TYR B 289 5.55 -30.69 10.21
CA TYR B 289 5.46 -30.35 8.80
C TYR B 289 6.86 -30.35 8.18
N PRO B 290 6.97 -30.70 6.89
CA PRO B 290 8.28 -30.74 6.25
C PRO B 290 8.81 -29.35 5.92
N SER B 291 10.13 -29.22 5.84
CA SER B 291 10.77 -27.96 5.46
C SER B 291 10.83 -27.84 3.95
N LEU B 292 11.01 -26.62 3.45
CA LEU B 292 11.09 -26.38 2.01
C LEU B 292 12.26 -27.14 1.41
N GLY B 293 13.37 -27.19 2.14
CA GLY B 293 14.56 -27.88 1.68
C GLY B 293 14.34 -29.37 1.52
N LEU B 294 13.67 -29.98 2.50
CA LEU B 294 13.41 -31.41 2.44
C LEU B 294 12.42 -31.71 1.31
N MET B 295 11.43 -30.84 1.15
CA MET B 295 10.47 -30.98 0.06
C MET B 295 11.18 -30.94 -1.27
N THR B 296 12.08 -29.98 -1.42
CA THR B 296 12.86 -29.82 -2.64
C THR B 296 13.66 -31.07 -2.96
N GLU B 297 14.28 -31.65 -1.93
CA GLU B 297 15.11 -32.82 -2.09
C GLU B 297 14.32 -33.99 -2.69
N LYS B 298 13.12 -34.21 -2.16
CA LYS B 298 12.31 -35.35 -2.56
C LYS B 298 11.63 -35.14 -3.90
N LEU B 299 11.16 -33.92 -4.14
CA LEU B 299 10.58 -33.57 -5.44
C LEU B 299 11.59 -33.83 -6.56
N SER B 300 12.83 -33.43 -6.31
CA SER B 300 13.92 -33.62 -7.27
C SER B 300 14.26 -35.10 -7.40
N GLN B 301 14.30 -35.78 -6.26
CA GLN B 301 14.64 -37.19 -6.21
C GLN B 301 13.66 -38.04 -7.04
N LYS B 302 12.39 -37.63 -7.01
CA LYS B 302 11.33 -38.39 -7.67
C LYS B 302 10.88 -37.75 -8.98
N ASN B 303 11.57 -36.70 -9.41
CA ASN B 303 11.25 -36.00 -10.65
C ASN B 303 9.81 -35.52 -10.69
N ILE B 304 9.37 -34.89 -9.60
CA ILE B 304 8.01 -34.36 -9.52
C ILE B 304 7.99 -32.87 -9.82
N ASN B 305 7.17 -32.48 -10.79
CA ASN B 305 6.93 -31.08 -11.07
C ASN B 305 5.74 -30.56 -10.27
N LEU B 306 6.03 -29.79 -9.23
CA LEU B 306 5.00 -29.26 -8.34
C LEU B 306 4.34 -28.04 -8.96
N ILE B 307 3.01 -28.00 -8.93
CA ILE B 307 2.23 -26.89 -9.45
C ILE B 307 1.38 -26.27 -8.35
N PHE B 308 1.70 -25.03 -8.00
CA PHE B 308 0.92 -24.28 -7.03
C PHE B 308 -0.25 -23.58 -7.73
N ALA B 309 -1.41 -24.24 -7.72
CA ALA B 309 -2.62 -23.66 -8.28
C ALA B 309 -3.45 -23.05 -7.16
N VAL B 310 -3.22 -21.77 -6.89
CA VAL B 310 -3.83 -21.13 -5.72
C VAL B 310 -4.61 -19.87 -6.09
N THR B 311 -5.45 -19.42 -5.17
CA THR B 311 -6.32 -18.29 -5.40
C THR B 311 -5.57 -16.97 -5.28
N GLU B 312 -6.14 -15.90 -5.83
CA GLU B 312 -5.41 -14.64 -5.97
C GLU B 312 -5.02 -14.05 -4.62
N ASN B 313 -5.74 -14.41 -3.57
CA ASN B 313 -5.45 -13.90 -2.23
C ASN B 313 -4.15 -14.46 -1.66
N VAL B 314 -3.56 -15.47 -2.33
CA VAL B 314 -2.32 -16.08 -1.87
C VAL B 314 -1.30 -16.40 -2.97
N VAL B 315 -1.51 -15.86 -4.17
N VAL B 315 -1.51 -15.88 -4.18
CA VAL B 315 -0.58 -16.11 -5.27
CA VAL B 315 -0.57 -16.13 -5.27
C VAL B 315 0.82 -15.57 -4.98
C VAL B 315 0.82 -15.58 -4.96
N ASN B 316 0.88 -14.37 -4.40
CA ASN B 316 2.16 -13.77 -4.05
C ASN B 316 2.93 -14.64 -3.08
N LEU B 317 2.21 -15.18 -2.10
CA LEU B 317 2.78 -16.08 -1.12
C LEU B 317 3.43 -17.29 -1.81
N TYR B 318 2.67 -17.97 -2.66
CA TYR B 318 3.15 -19.19 -3.27
C TYR B 318 4.13 -18.92 -4.40
N GLN B 319 4.05 -17.74 -5.00
CA GLN B 319 5.05 -17.33 -5.98
CA GLN B 319 5.05 -17.33 -5.98
C GLN B 319 6.40 -17.20 -5.31
N ASN B 320 6.40 -16.72 -4.06
CA ASN B 320 7.63 -16.54 -3.31
C ASN B 320 8.20 -17.87 -2.82
N TYR B 321 7.32 -18.80 -2.44
CA TYR B 321 7.75 -20.15 -2.12
C TYR B 321 8.33 -20.82 -3.36
N SER B 322 7.68 -20.59 -4.50
CA SER B 322 8.09 -21.17 -5.77
C SER B 322 9.53 -20.81 -6.12
N GLU B 323 9.93 -19.61 -5.74
CA GLU B 323 11.27 -19.14 -6.03
C GLU B 323 12.30 -19.84 -5.14
N LEU B 324 11.83 -20.35 -4.00
CA LEU B 324 12.69 -21.09 -3.08
C LEU B 324 12.69 -22.59 -3.39
N ILE B 325 11.81 -23.00 -4.29
CA ILE B 325 11.73 -24.40 -4.73
C ILE B 325 11.82 -24.44 -6.26
N PRO B 326 13.04 -24.39 -6.81
CA PRO B 326 13.23 -24.35 -8.27
C PRO B 326 12.51 -25.47 -9.01
N GLY B 327 11.98 -25.15 -10.19
CA GLY B 327 11.25 -26.12 -10.98
C GLY B 327 9.76 -26.09 -10.70
N THR B 328 9.35 -25.30 -9.72
CA THR B 328 7.95 -25.20 -9.33
C THR B 328 7.22 -24.15 -10.19
N THR B 329 5.96 -24.45 -10.53
CA THR B 329 5.13 -23.57 -11.35
C THR B 329 3.96 -23.05 -10.53
N VAL B 330 3.56 -21.81 -10.80
CA VAL B 330 2.41 -21.21 -10.13
C VAL B 330 1.35 -20.79 -11.13
N GLY B 331 0.09 -21.06 -10.79
CA GLY B 331 -1.05 -20.64 -11.60
C GLY B 331 -2.14 -20.07 -10.72
N VAL B 332 -2.93 -19.17 -11.28
CA VAL B 332 -3.99 -18.51 -10.52
C VAL B 332 -5.29 -19.30 -10.61
N LEU B 333 -5.73 -19.84 -9.47
CA LEU B 333 -6.94 -20.63 -9.39
C LEU B 333 -8.14 -19.78 -9.01
N SER B 334 -9.28 -19.99 -9.65
N SER B 334 -9.27 -19.99 -9.66
CA SER B 334 -10.50 -19.26 -9.32
CA SER B 334 -10.49 -19.27 -9.32
C SER B 334 -11.02 -19.74 -7.97
C SER B 334 -11.03 -19.73 -7.96
N MET B 335 -11.95 -18.96 -7.39
CA MET B 335 -12.49 -19.26 -6.07
C MET B 335 -13.27 -20.58 -5.98
N ASP B 336 -13.54 -21.17 -7.14
CA ASP B 336 -14.26 -22.44 -7.20
C ASP B 336 -13.56 -23.44 -8.12
N SER B 337 -12.30 -23.19 -8.44
CA SER B 337 -11.50 -24.09 -9.28
C SER B 337 -12.09 -24.30 -10.67
N SER B 338 -12.93 -23.38 -11.11
CA SER B 338 -13.61 -23.52 -12.40
C SER B 338 -12.62 -23.45 -13.58
N ASN B 339 -11.45 -22.85 -13.35
CA ASN B 339 -10.46 -22.67 -14.39
C ASN B 339 -9.25 -23.59 -14.25
N VAL B 340 -9.34 -24.59 -13.38
CA VAL B 340 -8.18 -25.42 -13.05
C VAL B 340 -7.71 -26.24 -14.26
N LEU B 341 -8.63 -26.57 -15.15
CA LEU B 341 -8.30 -27.33 -16.35
C LEU B 341 -7.27 -26.61 -17.20
N GLN B 342 -7.57 -25.37 -17.58
CA GLN B 342 -6.65 -24.59 -18.41
C GLN B 342 -5.37 -24.29 -17.65
N LEU B 343 -5.47 -24.16 -16.34
CA LEU B 343 -4.32 -23.91 -15.49
C LEU B 343 -3.31 -25.04 -15.64
N ILE B 344 -3.81 -26.27 -15.60
CA ILE B 344 -2.96 -27.45 -15.72
C ILE B 344 -2.32 -27.57 -17.09
N VAL B 345 -3.09 -27.27 -18.13
CA VAL B 345 -2.59 -27.34 -19.51
C VAL B 345 -1.47 -26.33 -19.73
N ASP B 346 -1.68 -25.11 -19.25
CA ASP B 346 -0.68 -24.06 -19.38
C ASP B 346 0.58 -24.42 -18.60
N ALA B 347 0.39 -25.04 -17.44
CA ALA B 347 1.50 -25.46 -16.59
C ALA B 347 2.32 -26.54 -17.29
N TYR B 348 1.64 -27.51 -17.89
CA TYR B 348 2.30 -28.59 -18.59
C TYR B 348 3.18 -28.05 -19.72
N GLY B 349 2.68 -27.03 -20.40
CA GLY B 349 3.42 -26.40 -21.47
C GLY B 349 4.65 -25.68 -20.95
N LYS B 350 4.47 -24.93 -19.87
CA LYS B 350 5.56 -24.17 -19.27
C LYS B 350 6.65 -25.11 -18.75
N ILE B 351 6.24 -26.26 -18.22
CA ILE B 351 7.17 -27.24 -17.68
C ILE B 351 8.07 -27.82 -18.77
N ARG B 352 7.50 -28.08 -19.94
CA ARG B 352 8.24 -28.68 -21.04
C ARG B 352 8.77 -27.63 -22.02
N SER B 353 8.93 -26.39 -21.54
CA SER B 353 9.43 -25.31 -22.38
C SER B 353 10.88 -24.96 -22.03
N LYS B 354 11.52 -25.79 -21.23
CA LYS B 354 12.88 -25.54 -20.78
C LYS B 354 13.75 -26.79 -20.83
N VAL B 355 15.00 -26.60 -21.24
CA VAL B 355 16.02 -27.63 -21.16
C VAL B 355 17.22 -27.05 -20.42
N GLU B 356 17.56 -27.65 -19.28
CA GLU B 356 18.66 -27.18 -18.44
C GLU B 356 19.62 -28.32 -18.14
N LEU B 357 20.85 -28.21 -18.63
CA LEU B 357 21.85 -29.24 -18.42
C LEU B 357 22.36 -29.26 -16.98
N GLU B 358 22.65 -30.46 -16.49
CA GLU B 358 23.18 -30.66 -15.17
C GLU B 358 24.32 -31.67 -15.24
N VAL B 359 25.34 -31.49 -14.40
CA VAL B 359 26.51 -32.36 -14.39
C VAL B 359 26.60 -33.13 -13.08
N ARG B 360 26.81 -34.44 -13.17
CA ARG B 360 26.96 -35.29 -12.00
C ARG B 360 28.30 -36.01 -12.01
N ASP B 361 28.96 -36.04 -10.85
CA ASP B 361 30.18 -36.80 -10.65
C ASP B 361 31.34 -36.28 -11.51
N LEU B 362 31.39 -34.98 -11.73
CA LEU B 362 32.50 -34.38 -12.47
C LEU B 362 33.76 -34.39 -11.61
N PRO B 363 34.85 -35.00 -12.10
CA PRO B 363 36.10 -34.99 -11.33
C PRO B 363 36.61 -33.60 -10.99
N GLU B 364 37.36 -33.49 -9.90
CA GLU B 364 37.91 -32.23 -9.43
C GLU B 364 38.75 -31.53 -10.49
N GLU B 365 39.61 -32.30 -11.15
CA GLU B 365 40.58 -31.73 -12.09
C GLU B 365 39.97 -31.38 -13.44
N LEU B 366 38.72 -31.79 -13.67
CA LEU B 366 38.03 -31.47 -14.91
C LEU B 366 37.11 -30.26 -14.76
N SER B 367 37.15 -29.38 -15.75
CA SER B 367 36.27 -28.22 -15.82
C SER B 367 35.58 -28.19 -17.18
N LEU B 368 34.29 -27.82 -17.18
CA LEU B 368 33.50 -27.81 -18.41
C LEU B 368 33.06 -26.39 -18.78
N SER B 369 32.76 -26.21 -20.07
CA SER B 369 32.24 -24.95 -20.58
C SER B 369 31.17 -25.26 -21.63
N PHE B 370 30.16 -24.41 -21.72
CA PHE B 370 28.98 -24.71 -22.54
C PHE B 370 28.57 -23.58 -23.48
N ASN B 371 28.19 -23.97 -24.69
CA ASN B 371 27.62 -23.05 -25.68
C ASN B 371 26.27 -23.55 -26.16
N ALA B 372 25.21 -22.82 -25.82
CA ALA B 372 23.86 -23.25 -26.13
C ALA B 372 23.42 -22.79 -27.51
N THR B 373 22.63 -23.64 -28.18
CA THR B 373 22.02 -23.29 -29.46
C THR B 373 20.51 -23.46 -29.36
N CYS B 374 19.83 -22.42 -28.89
CA CYS B 374 18.39 -22.41 -28.80
C CYS B 374 17.80 -21.73 -30.03
N LEU B 375 16.48 -21.79 -30.17
CA LEU B 375 15.79 -21.13 -31.28
C LEU B 375 16.32 -21.66 -32.63
N ASN B 376 16.63 -20.76 -33.55
CA ASN B 376 17.13 -21.14 -34.87
C ASN B 376 18.63 -20.94 -35.02
N ASN B 377 19.41 -21.94 -34.59
CA ASN B 377 20.85 -21.97 -34.81
C ASN B 377 21.58 -20.76 -34.25
N GLU B 378 21.03 -20.15 -33.20
CA GLU B 378 21.67 -19.01 -32.55
C GLU B 378 22.52 -19.48 -31.37
N VAL B 379 23.84 -19.38 -31.53
CA VAL B 379 24.76 -19.79 -30.48
C VAL B 379 24.74 -18.78 -29.34
N ILE B 380 24.79 -19.28 -28.11
CA ILE B 380 24.78 -18.45 -26.92
C ILE B 380 25.90 -18.91 -25.97
N PRO B 381 27.06 -18.21 -26.00
CA PRO B 381 28.21 -18.71 -25.24
C PRO B 381 28.03 -18.63 -23.72
N GLY B 382 28.64 -19.58 -23.01
CA GLY B 382 28.62 -19.59 -21.56
C GLY B 382 27.24 -19.86 -21.00
N LEU B 383 26.44 -20.66 -21.72
CA LEU B 383 25.08 -20.97 -21.31
C LEU B 383 24.80 -22.46 -21.49
N LYS B 384 24.18 -23.06 -20.48
CA LYS B 384 23.90 -24.49 -20.48
C LYS B 384 22.40 -24.75 -20.26
N SER B 385 21.57 -23.81 -20.67
CA SER B 385 20.13 -23.94 -20.52
C SER B 385 19.38 -23.17 -21.59
N CYS B 386 18.23 -23.71 -22.01
CA CYS B 386 17.38 -23.07 -23.01
C CYS B 386 15.96 -22.89 -22.47
N MET B 387 15.27 -21.85 -22.94
CA MET B 387 13.91 -21.57 -22.52
C MET B 387 13.04 -21.20 -23.72
N GLY B 388 11.74 -21.12 -23.48
CA GLY B 388 10.80 -20.71 -24.52
C GLY B 388 10.62 -21.76 -25.58
N LEU B 389 10.88 -23.01 -25.22
CA LEU B 389 10.77 -24.13 -26.16
C LEU B 389 9.34 -24.62 -26.27
N LYS B 390 9.07 -25.35 -27.34
CA LYS B 390 7.77 -26.00 -27.54
C LYS B 390 7.99 -27.50 -27.69
N ILE B 391 6.93 -28.28 -27.50
CA ILE B 391 7.02 -29.72 -27.62
C ILE B 391 7.46 -30.09 -29.04
N GLY B 392 8.47 -30.95 -29.14
CA GLY B 392 8.99 -31.38 -30.42
C GLY B 392 10.27 -30.65 -30.81
N ASP B 393 10.55 -29.54 -30.15
CA ASP B 393 11.74 -28.76 -30.45
C ASP B 393 13.01 -29.50 -30.03
N THR B 394 14.12 -29.15 -30.67
CA THR B 394 15.41 -29.73 -30.36
C THR B 394 16.46 -28.64 -30.20
N VAL B 395 17.28 -28.77 -29.17
CA VAL B 395 18.40 -27.87 -28.94
C VAL B 395 19.69 -28.66 -28.83
N SER B 396 20.83 -27.98 -28.93
CA SER B 396 22.12 -28.65 -28.82
C SER B 396 23.10 -27.79 -28.03
N PHE B 397 24.09 -28.45 -27.43
CA PHE B 397 25.11 -27.76 -26.64
C PHE B 397 26.50 -28.22 -27.04
N SER B 398 27.39 -27.26 -27.28
CA SER B 398 28.79 -27.57 -27.52
C SER B 398 29.54 -27.54 -26.19
N ILE B 399 30.25 -28.62 -25.87
CA ILE B 399 30.92 -28.76 -24.58
C ILE B 399 32.42 -28.95 -24.78
N GLU B 400 33.20 -28.37 -23.87
CA GLU B 400 34.65 -28.53 -23.87
C GLU B 400 35.16 -28.85 -22.47
N ALA B 401 35.89 -29.96 -22.37
CA ALA B 401 36.46 -30.40 -21.09
C ALA B 401 37.94 -30.04 -21.00
N LYS B 402 38.32 -29.39 -19.91
CA LYS B 402 39.70 -28.97 -19.69
C LYS B 402 40.24 -29.63 -18.42
N VAL B 403 41.26 -30.47 -18.58
CA VAL B 403 41.87 -31.17 -17.45
C VAL B 403 43.09 -30.41 -16.93
N ARG B 404 43.22 -30.35 -15.62
CA ARG B 404 44.36 -29.68 -14.98
C ARG B 404 45.40 -30.71 -14.56
N GLY B 405 46.58 -30.64 -15.17
CA GLY B 405 47.64 -31.58 -14.88
C GLY B 405 47.22 -33.00 -15.23
N CYS B 406 47.62 -33.96 -14.40
CA CYS B 406 47.25 -35.36 -14.60
C CYS B 406 46.84 -36.00 -13.27
N PRO B 407 45.65 -36.61 -13.21
CA PRO B 407 45.19 -37.21 -11.95
C PRO B 407 45.80 -38.58 -11.69
N GLN B 408 45.69 -39.04 -10.44
CA GLN B 408 46.18 -40.36 -10.06
C GLN B 408 45.41 -41.46 -10.79
N GLU B 409 44.09 -41.45 -10.64
CA GLU B 409 43.24 -42.42 -11.33
C GLU B 409 43.11 -42.03 -12.80
N LYS B 410 43.42 -42.98 -13.68
CA LYS B 410 43.51 -42.71 -15.11
C LYS B 410 42.20 -42.94 -15.86
N GLU B 411 41.18 -43.41 -15.16
CA GLU B 411 39.87 -43.63 -15.78
C GLU B 411 38.73 -43.29 -14.83
N LYS B 412 37.93 -42.30 -15.25
CA LYS B 412 36.74 -41.88 -14.51
C LYS B 412 35.61 -41.62 -15.49
N SER B 413 34.41 -41.44 -14.96
CA SER B 413 33.25 -41.15 -15.80
C SER B 413 32.23 -40.28 -15.08
N PHE B 414 31.70 -39.28 -15.81
CA PHE B 414 30.68 -38.39 -15.27
C PHE B 414 29.46 -38.39 -16.19
N THR B 415 28.45 -37.61 -15.83
CA THR B 415 27.18 -37.61 -16.55
C THR B 415 26.68 -36.20 -16.87
N ILE B 416 26.15 -36.05 -18.08
CA ILE B 416 25.45 -34.83 -18.48
C ILE B 416 23.98 -35.19 -18.68
N LYS B 417 23.11 -34.66 -17.82
CA LYS B 417 21.68 -34.98 -17.87
C LYS B 417 20.83 -33.72 -17.77
N PRO B 418 19.85 -33.55 -18.67
CA PRO B 418 18.94 -32.42 -18.49
C PRO B 418 18.06 -32.62 -17.26
N VAL B 419 17.72 -31.53 -16.58
CA VAL B 419 16.88 -31.60 -15.39
C VAL B 419 15.51 -32.21 -15.71
N GLY B 420 15.14 -33.23 -14.95
CA GLY B 420 13.83 -33.85 -15.10
C GLY B 420 13.78 -34.94 -16.15
N PHE B 421 14.80 -34.99 -17.01
CA PHE B 421 14.83 -35.97 -18.09
C PHE B 421 15.28 -37.34 -17.61
N LYS B 422 14.91 -38.37 -18.37
CA LYS B 422 15.29 -39.73 -18.04
C LYS B 422 16.66 -40.05 -18.62
N ASP B 423 16.82 -39.82 -19.91
CA ASP B 423 18.06 -40.13 -20.60
C ASP B 423 19.18 -39.17 -20.22
N SER B 424 20.41 -39.53 -20.56
CA SER B 424 21.58 -38.74 -20.21
C SER B 424 22.80 -39.13 -21.04
N LEU B 425 23.79 -38.25 -21.06
CA LEU B 425 25.05 -38.52 -21.75
C LEU B 425 26.13 -38.92 -20.75
N ILE B 426 26.61 -40.15 -20.87
CA ILE B 426 27.69 -40.66 -20.03
C ILE B 426 29.03 -40.42 -20.73
N VAL B 427 29.91 -39.65 -20.09
CA VAL B 427 31.23 -39.38 -20.64
C VAL B 427 32.28 -40.22 -19.93
N GLN B 428 32.79 -41.23 -20.62
CA GLN B 428 33.86 -42.07 -20.09
C GLN B 428 35.21 -41.44 -20.38
N VAL B 429 35.84 -40.89 -19.34
CA VAL B 429 37.11 -40.19 -19.50
C VAL B 429 38.29 -41.12 -19.27
N THR B 430 39.32 -40.97 -20.09
CA THR B 430 40.58 -41.69 -19.90
C THR B 430 41.73 -40.69 -19.99
N PHE B 431 42.57 -40.67 -18.95
CA PHE B 431 43.70 -39.75 -18.90
C PHE B 431 44.97 -40.41 -19.40
N ASP B 432 45.32 -40.14 -20.65
CA ASP B 432 46.50 -40.71 -21.28
C ASP B 432 47.73 -39.88 -20.91
N CYS B 433 48.38 -40.25 -19.82
CA CYS B 433 49.54 -39.52 -19.31
C CYS B 433 50.82 -40.33 -19.45
N ASP B 434 50.69 -41.65 -19.50
CA ASP B 434 51.83 -42.54 -19.60
C ASP B 434 52.20 -42.84 -21.05
N CYS B 435 53.38 -43.43 -21.23
CA CYS B 435 53.85 -43.83 -22.56
C CYS B 435 53.79 -45.35 -22.69
N ALA B 436 53.59 -45.83 -23.91
CA ALA B 436 53.48 -47.27 -24.16
C ALA B 436 54.78 -48.00 -23.85
N CYS B 437 55.90 -47.32 -24.10
CA CYS B 437 57.22 -47.93 -23.92
C CYS B 437 57.53 -48.21 -22.46
N GLN B 438 56.77 -47.60 -21.55
CA GLN B 438 56.97 -47.80 -20.12
C GLN B 438 56.55 -49.21 -19.70
N ALA B 439 55.66 -49.82 -20.47
CA ALA B 439 55.18 -51.15 -20.18
C ALA B 439 56.25 -52.20 -20.42
N GLN B 440 57.32 -51.82 -21.10
CA GLN B 440 58.42 -52.72 -21.41
C GLN B 440 59.75 -52.15 -20.90
N ALA B 441 59.73 -51.67 -19.67
CA ALA B 441 60.93 -51.10 -19.05
C ALA B 441 61.85 -52.20 -18.53
N GLU B 442 63.13 -51.88 -18.40
CA GLU B 442 64.14 -52.83 -17.94
C GLU B 442 64.65 -52.47 -16.54
N PRO B 443 64.05 -53.05 -15.49
CA PRO B 443 64.54 -52.79 -14.13
C PRO B 443 65.92 -53.42 -13.90
N ASN B 444 66.78 -52.70 -13.18
CA ASN B 444 68.15 -53.16 -12.94
C ASN B 444 68.89 -53.40 -14.25
N SER B 445 68.69 -52.51 -15.21
CA SER B 445 69.37 -52.60 -16.51
C SER B 445 70.88 -52.45 -16.34
N HIS B 446 71.64 -53.28 -17.04
CA HIS B 446 73.09 -53.20 -16.98
C HIS B 446 73.62 -52.09 -17.88
N ARG B 447 72.70 -51.31 -18.46
CA ARG B 447 73.06 -50.12 -19.22
C ARG B 447 73.13 -48.89 -18.33
N CYS B 448 72.56 -48.99 -17.13
CA CYS B 448 72.37 -47.85 -16.25
C CYS B 448 73.15 -47.96 -14.95
N ASN B 449 74.41 -47.53 -14.99
CA ASN B 449 75.24 -47.41 -13.79
C ASN B 449 75.40 -48.73 -13.05
N ASN B 450 75.77 -49.78 -13.78
CA ASN B 450 76.01 -51.09 -13.20
C ASN B 450 74.80 -51.63 -12.42
N GLY B 451 73.63 -51.53 -13.02
CA GLY B 451 72.42 -52.10 -12.45
C GLY B 451 71.77 -51.24 -11.37
N ASN B 452 72.26 -50.01 -11.21
CA ASN B 452 71.71 -49.10 -10.21
C ASN B 452 70.52 -48.29 -10.73
N GLY B 453 70.13 -48.54 -11.98
CA GLY B 453 69.05 -47.80 -12.60
C GLY B 453 68.17 -48.63 -13.51
N THR B 454 67.05 -48.04 -13.92
CA THR B 454 66.10 -48.69 -14.81
C THR B 454 66.16 -48.05 -16.20
N PHE B 455 66.13 -48.90 -17.23
CA PHE B 455 66.17 -48.42 -18.61
C PHE B 455 64.77 -48.49 -19.24
N GLU B 456 64.17 -47.33 -19.46
CA GLU B 456 62.86 -47.25 -20.10
C GLU B 456 62.83 -46.15 -21.16
N CYS B 457 62.13 -46.43 -22.26
CA CYS B 457 61.91 -45.44 -23.31
C CYS B 457 63.22 -44.87 -23.87
N GLY B 458 64.30 -45.64 -23.75
CA GLY B 458 65.58 -45.26 -24.34
C GLY B 458 66.44 -44.38 -23.45
N VAL B 459 66.12 -44.32 -22.16
CA VAL B 459 66.90 -43.53 -21.22
C VAL B 459 67.00 -44.25 -19.87
N CYS B 460 67.99 -43.85 -19.07
CA CYS B 460 68.21 -44.46 -17.76
C CYS B 460 67.54 -43.65 -16.65
N ARG B 461 66.78 -44.34 -15.81
CA ARG B 461 66.06 -43.72 -14.70
C ARG B 461 66.54 -44.31 -13.37
N CYS B 462 66.65 -43.46 -12.35
CA CYS B 462 67.02 -43.91 -11.02
C CYS B 462 65.96 -44.85 -10.47
N GLY B 463 66.39 -46.04 -10.05
CA GLY B 463 65.46 -47.05 -9.57
C GLY B 463 64.82 -46.69 -8.24
N PRO B 464 63.93 -47.56 -7.76
CA PRO B 464 63.26 -47.36 -6.46
C PRO B 464 64.24 -47.37 -5.29
N GLY B 465 64.10 -46.40 -4.38
CA GLY B 465 64.95 -46.32 -3.21
C GLY B 465 66.00 -45.24 -3.30
N TRP B 466 66.33 -44.83 -4.52
CA TRP B 466 67.33 -43.79 -4.74
C TRP B 466 66.71 -42.41 -4.71
N LEU C 1 -18.23 56.20 -21.55
CA LEU C 1 -17.67 54.84 -21.26
C LEU C 1 -16.71 54.41 -22.37
N ASN C 2 -15.96 53.34 -22.11
CA ASN C 2 -14.94 52.88 -23.04
C ASN C 2 -15.49 51.93 -24.10
N LEU C 3 -15.79 50.70 -23.70
CA LEU C 3 -16.37 49.72 -24.62
C LEU C 3 -17.87 49.94 -24.72
N ASP C 4 -18.37 49.99 -25.95
CA ASP C 4 -19.79 50.28 -26.19
C ASP C 4 -20.66 49.05 -25.93
N PRO C 5 -21.52 49.10 -24.88
CA PRO C 5 -22.36 47.95 -24.57
C PRO C 5 -23.73 48.00 -25.25
N VAL C 6 -23.96 49.05 -26.05
CA VAL C 6 -25.26 49.27 -26.67
C VAL C 6 -25.31 48.65 -28.07
N GLN C 7 -24.36 49.04 -28.91
N GLN C 7 -24.36 49.03 -28.92
CA GLN C 7 -24.29 48.55 -30.29
CA GLN C 7 -24.31 48.53 -30.29
C GLN C 7 -23.18 47.52 -30.45
C GLN C 7 -23.19 47.52 -30.45
N LEU C 8 -23.51 46.25 -30.25
CA LEU C 8 -22.55 45.17 -30.39
C LEU C 8 -22.59 44.56 -31.77
N THR C 9 -21.61 43.70 -32.05
CA THR C 9 -21.57 42.92 -33.28
C THR C 9 -21.54 41.44 -32.93
N PHE C 10 -22.43 40.67 -33.54
CA PHE C 10 -22.56 39.25 -33.24
C PHE C 10 -22.19 38.38 -34.44
N TYR C 11 -21.27 37.45 -34.20
CA TYR C 11 -20.96 36.39 -35.16
C TYR C 11 -21.50 35.07 -34.61
N ALA C 12 -21.97 34.20 -35.49
CA ALA C 12 -22.58 32.95 -35.08
C ALA C 12 -22.11 31.77 -35.91
N GLY C 13 -21.92 30.63 -35.25
CA GLY C 13 -21.56 29.39 -35.92
C GLY C 13 -22.69 28.40 -35.84
N PRO C 14 -22.46 27.17 -36.35
CA PRO C 14 -23.49 26.12 -36.31
C PRO C 14 -23.83 25.70 -34.88
N ASN C 15 -25.03 25.15 -34.70
CA ASN C 15 -25.46 24.66 -33.39
C ASN C 15 -24.61 23.48 -32.93
N GLY C 16 -24.24 23.50 -31.65
CA GLY C 16 -23.47 22.42 -31.06
C GLY C 16 -22.02 22.38 -31.50
N SER C 17 -21.60 23.40 -32.25
CA SER C 17 -20.24 23.46 -32.77
C SER C 17 -19.26 24.05 -31.75
N GLN C 18 -19.82 24.65 -30.69
CA GLN C 18 -19.02 25.37 -29.70
C GLN C 18 -18.20 26.47 -30.36
N PHE C 19 -18.77 27.03 -31.42
CA PHE C 19 -18.23 28.22 -32.07
C PHE C 19 -17.99 29.32 -31.04
N GLY C 20 -16.71 29.70 -30.88
CA GLY C 20 -16.34 30.73 -29.92
C GLY C 20 -15.56 30.19 -28.74
N PHE C 21 -15.27 28.89 -28.76
CA PHE C 21 -14.50 28.26 -27.70
C PHE C 21 -13.12 28.90 -27.60
N SER C 22 -12.57 29.26 -28.76
CA SER C 22 -11.32 29.99 -28.83
C SER C 22 -11.41 31.00 -29.98
N LEU C 23 -10.58 32.03 -29.91
CA LEU C 23 -10.57 33.05 -30.97
C LEU C 23 -9.33 33.93 -30.89
N ASP C 24 -9.10 34.71 -31.94
CA ASP C 24 -7.97 35.63 -31.99
C ASP C 24 -8.13 36.60 -33.15
N PHE C 25 -7.39 37.71 -33.09
CA PHE C 25 -7.36 38.67 -34.18
C PHE C 25 -6.36 38.22 -35.23
N HIS C 26 -6.73 38.33 -36.50
CA HIS C 26 -5.86 37.93 -37.61
C HIS C 26 -5.68 39.04 -38.62
N LYS C 27 -4.44 39.48 -38.80
CA LYS C 27 -4.09 40.44 -39.84
C LYS C 27 -3.60 39.69 -41.08
N ASP C 28 -4.21 39.99 -42.23
CA ASP C 28 -3.72 39.44 -43.49
C ASP C 28 -2.46 40.19 -43.92
N SER C 29 -2.01 39.96 -45.15
CA SER C 29 -0.77 40.58 -45.62
C SER C 29 -0.94 42.08 -45.87
N HIS C 30 -2.19 42.53 -45.95
CA HIS C 30 -2.48 43.94 -46.21
C HIS C 30 -2.82 44.70 -44.94
N GLY C 31 -2.74 44.02 -43.80
CA GLY C 31 -2.99 44.65 -42.51
C GLY C 31 -4.45 44.70 -42.12
N ARG C 32 -5.32 44.11 -42.95
CA ARG C 32 -6.75 44.07 -42.67
C ARG C 32 -7.05 43.06 -41.58
N VAL C 33 -7.71 43.52 -40.51
CA VAL C 33 -7.99 42.68 -39.37
C VAL C 33 -9.24 41.82 -39.58
N ALA C 34 -9.13 40.55 -39.24
CA ALA C 34 -10.26 39.62 -39.24
C ALA C 34 -10.27 38.86 -37.93
N ILE C 35 -11.29 38.03 -37.73
CA ILE C 35 -11.40 37.22 -36.52
C ILE C 35 -11.42 35.74 -36.85
N VAL C 36 -10.43 35.02 -36.33
CA VAL C 36 -10.39 33.57 -36.45
C VAL C 36 -11.10 32.97 -35.24
N VAL C 37 -12.04 32.06 -35.49
CA VAL C 37 -12.85 31.48 -34.43
C VAL C 37 -12.76 29.96 -34.45
N GLY C 38 -12.50 29.37 -33.29
CA GLY C 38 -12.45 27.93 -33.15
C GLY C 38 -13.79 27.36 -32.76
N ALA C 39 -14.13 26.21 -33.35
CA ALA C 39 -15.40 25.54 -33.07
C ALA C 39 -15.15 24.04 -32.93
N PRO C 40 -14.65 23.62 -31.76
CA PRO C 40 -14.09 22.27 -31.57
C PRO C 40 -15.08 21.11 -31.68
N ARG C 41 -16.37 21.37 -31.84
CA ARG C 41 -17.34 20.29 -31.99
C ARG C 41 -18.12 20.41 -33.30
N THR C 42 -17.53 21.10 -34.26
CA THR C 42 -18.09 21.16 -35.60
C THR C 42 -18.08 19.78 -36.24
N LEU C 43 -19.14 19.44 -36.95
CA LEU C 43 -19.23 18.15 -37.62
C LEU C 43 -18.24 18.06 -38.77
N GLY C 44 -17.67 16.87 -38.94
CA GLY C 44 -16.76 16.59 -40.05
C GLY C 44 -17.51 15.97 -41.21
N PRO C 45 -16.77 15.46 -42.21
CA PRO C 45 -17.38 14.85 -43.39
C PRO C 45 -18.04 13.51 -43.07
N SER C 46 -17.50 12.81 -42.08
CA SER C 46 -18.04 11.51 -41.68
C SER C 46 -19.21 11.67 -40.72
N GLN C 47 -19.75 12.87 -40.64
CA GLN C 47 -20.92 13.17 -39.80
C GLN C 47 -20.64 12.95 -38.32
N GLU C 48 -19.35 12.93 -37.96
CA GLU C 48 -18.93 12.89 -36.56
C GLU C 48 -18.19 14.18 -36.22
N GLU C 49 -18.23 14.55 -34.94
CA GLU C 49 -17.56 15.76 -34.49
C GLU C 49 -16.05 15.67 -34.71
N THR C 50 -15.50 16.69 -35.35
CA THR C 50 -14.06 16.78 -35.61
C THR C 50 -13.52 18.17 -35.26
N GLY C 51 -14.42 19.11 -35.04
CA GLY C 51 -14.04 20.49 -34.81
C GLY C 51 -13.77 21.20 -36.11
N GLY C 52 -13.69 22.53 -36.06
CA GLY C 52 -13.46 23.32 -37.25
C GLY C 52 -13.00 24.72 -36.92
N VAL C 53 -12.64 25.47 -37.96
CA VAL C 53 -12.16 26.84 -37.80
C VAL C 53 -12.87 27.75 -38.79
N PHE C 54 -13.16 28.97 -38.35
CA PHE C 54 -13.82 29.98 -39.18
C PHE C 54 -13.01 31.26 -39.20
N LEU C 55 -12.94 31.89 -40.37
CA LEU C 55 -12.25 33.17 -40.53
C LEU C 55 -13.26 34.26 -40.86
N CYS C 56 -13.67 35.00 -39.82
CA CYS C 56 -14.71 36.01 -39.96
C CYS C 56 -14.15 37.36 -40.40
N PRO C 57 -14.52 37.82 -41.61
CA PRO C 57 -14.12 39.18 -41.97
C PRO C 57 -14.88 40.21 -41.15
N TRP C 58 -14.25 41.35 -40.87
CA TRP C 58 -14.88 42.38 -40.04
C TRP C 58 -16.08 43.00 -40.76
N ARG C 59 -17.24 42.89 -40.12
CA ARG C 59 -18.46 43.52 -40.59
C ARG C 59 -19.26 43.97 -39.39
N ALA C 60 -19.61 45.26 -39.34
CA ALA C 60 -20.30 45.82 -38.18
C ALA C 60 -21.58 45.06 -37.85
N GLU C 61 -22.23 44.52 -38.88
CA GLU C 61 -23.46 43.75 -38.69
C GLU C 61 -23.16 42.29 -38.34
N GLY C 62 -21.91 41.89 -38.46
CA GLY C 62 -21.50 40.53 -38.14
C GLY C 62 -22.12 39.50 -39.08
N GLY C 63 -22.62 38.41 -38.51
CA GLY C 63 -23.30 37.37 -39.28
C GLY C 63 -22.54 36.06 -39.32
N GLN C 64 -22.66 35.35 -40.44
CA GLN C 64 -21.99 34.07 -40.63
C GLN C 64 -20.56 34.27 -41.09
N CYS C 65 -19.75 33.20 -41.00
CA CYS C 65 -18.34 33.27 -41.39
C CYS C 65 -17.97 32.10 -42.30
N PRO C 66 -17.04 32.33 -43.25
CA PRO C 66 -16.58 31.23 -44.09
C PRO C 66 -15.70 30.26 -43.31
N SER C 67 -15.65 29.00 -43.76
CA SER C 67 -14.84 27.99 -43.10
C SER C 67 -13.40 28.03 -43.58
N LEU C 68 -12.48 27.92 -42.63
CA LEU C 68 -11.07 27.71 -42.95
C LEU C 68 -10.83 26.20 -42.99
N LEU C 69 -10.69 25.66 -44.20
CA LEU C 69 -10.71 24.22 -44.40
C LEU C 69 -9.38 23.53 -44.11
N PHE C 70 -9.46 22.42 -43.39
CA PHE C 70 -8.30 21.57 -43.10
C PHE C 70 -8.61 20.13 -43.48
N ASP C 71 -7.57 19.32 -43.60
CA ASP C 71 -7.73 17.90 -43.91
C ASP C 71 -8.23 17.14 -42.69
N LEU C 72 -9.38 16.49 -42.82
CA LEU C 72 -10.02 15.80 -41.70
C LEU C 72 -10.05 14.28 -41.93
N ARG C 73 -9.25 13.79 -42.86
CA ARG C 73 -9.20 12.36 -43.15
C ARG C 73 -8.29 11.62 -42.18
N ASP C 74 -8.75 10.47 -41.70
CA ASP C 74 -7.91 9.58 -40.91
C ASP C 74 -6.84 8.97 -41.80
N GLU C 75 -5.59 9.13 -41.40
CA GLU C 75 -4.45 8.73 -42.22
C GLU C 75 -3.84 7.41 -41.74
N THR C 76 -3.38 6.61 -42.69
CA THR C 76 -2.70 5.35 -42.38
C THR C 76 -1.46 5.21 -43.25
N ARG C 77 -0.34 4.84 -42.63
CA ARG C 77 0.91 4.62 -43.36
C ARG C 77 1.59 3.32 -42.91
N ASN C 78 1.77 2.41 -43.87
CA ASN C 78 2.50 1.18 -43.62
C ASN C 78 3.96 1.36 -44.02
N VAL C 79 4.82 1.60 -43.02
CA VAL C 79 6.23 1.88 -43.26
C VAL C 79 7.10 1.31 -42.14
N GLY C 80 8.28 0.83 -42.52
CA GLY C 80 9.22 0.26 -41.56
C GLY C 80 8.63 -0.91 -40.80
N SER C 81 7.84 -1.73 -41.49
CA SER C 81 7.15 -2.87 -40.88
C SER C 81 6.24 -2.42 -39.72
N GLN C 82 5.81 -1.16 -39.78
CA GLN C 82 4.89 -0.61 -38.79
C GLN C 82 3.72 0.07 -39.50
N THR C 83 2.59 0.16 -38.81
CA THR C 83 1.40 0.81 -39.33
C THR C 83 1.07 2.05 -38.50
N LEU C 84 1.26 3.22 -39.08
CA LEU C 84 0.95 4.49 -38.41
C LEU C 84 -0.52 4.82 -38.62
N GLN C 85 -1.13 5.46 -37.62
CA GLN C 85 -2.56 5.79 -37.68
C GLN C 85 -2.87 7.09 -36.97
N THR C 86 -3.60 7.97 -37.65
CA THR C 86 -4.16 9.17 -37.03
C THR C 86 -5.66 9.02 -36.94
N PHE C 87 -6.24 9.54 -35.86
CA PHE C 87 -7.68 9.50 -35.64
C PHE C 87 -8.17 10.89 -35.27
N LYS C 88 -9.02 11.46 -36.13
CA LYS C 88 -9.44 12.85 -36.01
C LYS C 88 -10.85 12.99 -35.47
N ALA C 89 -11.51 11.87 -35.17
CA ALA C 89 -12.84 11.90 -34.58
C ALA C 89 -12.78 12.45 -33.16
N ARG C 90 -13.59 13.47 -32.90
CA ARG C 90 -13.63 14.14 -31.59
C ARG C 90 -12.26 14.72 -31.22
N GLN C 91 -11.50 15.13 -32.23
CA GLN C 91 -10.16 15.66 -32.00
C GLN C 91 -10.19 17.07 -31.42
N GLY C 92 -11.32 17.75 -31.60
CA GLY C 92 -11.48 19.08 -31.06
C GLY C 92 -10.68 20.14 -31.80
N LEU C 93 -10.67 20.07 -33.14
CA LEU C 93 -9.99 21.07 -33.94
C LEU C 93 -10.58 22.44 -33.70
N GLY C 94 -9.77 23.36 -33.20
CA GLY C 94 -10.20 24.70 -32.88
C GLY C 94 -10.41 24.91 -31.39
N ALA C 95 -10.00 23.94 -30.59
CA ALA C 95 -10.05 24.09 -29.14
C ALA C 95 -9.12 25.21 -28.71
N SER C 96 -8.14 25.51 -29.56
CA SER C 96 -7.30 26.68 -29.40
C SER C 96 -6.93 27.22 -30.78
N VAL C 97 -6.84 28.54 -30.89
CA VAL C 97 -6.40 29.18 -32.12
C VAL C 97 -5.52 30.38 -31.79
N VAL C 98 -4.49 30.58 -32.62
CA VAL C 98 -3.60 31.73 -32.47
C VAL C 98 -3.17 32.21 -33.84
N SER C 99 -3.04 33.52 -33.99
CA SER C 99 -2.61 34.13 -35.24
C SER C 99 -1.27 34.83 -35.07
N TRP C 100 -0.40 34.66 -36.06
CA TRP C 100 0.88 35.35 -36.09
C TRP C 100 1.23 35.62 -37.54
N SER C 101 1.56 36.88 -37.83
CA SER C 101 1.78 37.31 -39.21
C SER C 101 0.54 36.97 -40.04
N ASP C 102 0.73 36.39 -41.22
CA ASP C 102 -0.40 35.97 -42.05
C ASP C 102 -0.67 34.47 -41.88
N VAL C 103 -0.28 33.93 -40.74
CA VAL C 103 -0.43 32.50 -40.46
C VAL C 103 -1.42 32.27 -39.31
N ILE C 104 -2.19 31.18 -39.43
CA ILE C 104 -3.13 30.77 -38.41
C ILE C 104 -2.77 29.36 -37.92
N VAL C 105 -2.73 29.19 -36.61
CA VAL C 105 -2.43 27.89 -36.00
C VAL C 105 -3.63 27.40 -35.18
N ALA C 106 -4.33 26.41 -35.71
CA ALA C 106 -5.48 25.83 -35.04
C ALA C 106 -5.15 24.43 -34.57
N CYS C 107 -5.37 24.16 -33.29
CA CYS C 107 -4.97 22.88 -32.69
C CYS C 107 -6.14 21.97 -32.38
N ALA C 108 -5.87 20.67 -32.48
CA ALA C 108 -6.81 19.62 -32.08
C ALA C 108 -6.16 18.80 -30.98
N PRO C 109 -6.31 19.24 -29.71
CA PRO C 109 -5.57 18.60 -28.62
C PRO C 109 -5.97 17.15 -28.35
N TRP C 110 -7.12 16.72 -28.83
CA TRP C 110 -7.59 15.37 -28.55
C TRP C 110 -7.55 14.48 -29.80
N GLN C 111 -6.73 14.86 -30.76
CA GLN C 111 -6.45 13.99 -31.89
C GLN C 111 -5.68 12.78 -31.40
N HIS C 112 -6.17 11.59 -31.74
CA HIS C 112 -5.54 10.36 -31.27
C HIS C 112 -4.54 9.81 -32.28
N TRP C 113 -3.68 8.92 -31.81
CA TRP C 113 -2.57 8.41 -32.60
C TRP C 113 -2.21 7.01 -32.12
N ASN C 114 -1.79 6.15 -33.04
CA ASN C 114 -1.40 4.80 -32.71
C ASN C 114 -0.40 4.24 -33.71
N VAL C 115 0.35 3.23 -33.28
CA VAL C 115 1.34 2.58 -34.13
C VAL C 115 1.28 1.09 -33.91
N LEU C 116 0.88 0.34 -34.94
CA LEU C 116 0.75 -1.10 -34.85
C LEU C 116 2.00 -1.80 -35.34
N GLU C 117 2.26 -2.99 -34.79
CA GLU C 117 3.36 -3.83 -35.25
C GLU C 117 3.06 -5.27 -34.85
N LYS C 118 2.61 -6.05 -35.83
CA LYS C 118 2.19 -7.42 -35.60
C LYS C 118 1.05 -7.47 -34.58
N THR C 119 1.35 -7.91 -33.35
CA THR C 119 0.35 -8.02 -32.30
C THR C 119 0.53 -6.94 -31.23
N GLU C 120 1.64 -6.20 -31.32
CA GLU C 120 1.94 -5.14 -30.36
C GLU C 120 1.44 -3.80 -30.88
N GLU C 121 1.47 -2.79 -30.01
CA GLU C 121 1.06 -1.45 -30.38
C GLU C 121 1.64 -0.41 -29.42
N ALA C 122 1.59 0.86 -29.82
CA ALA C 122 2.02 1.95 -28.97
C ALA C 122 0.89 2.40 -28.03
N GLU C 123 -0.31 1.92 -28.32
CA GLU C 123 -1.57 2.31 -27.66
C GLU C 123 -2.17 3.55 -28.33
N LYS C 124 -3.50 3.54 -28.46
CA LYS C 124 -4.25 4.61 -29.09
C LYS C 124 -4.48 5.75 -28.11
N THR C 125 -3.66 6.80 -28.20
CA THR C 125 -3.64 7.87 -27.20
C THR C 125 -3.76 9.25 -27.83
N PRO C 126 -4.22 10.24 -27.05
CA PRO C 126 -4.38 11.61 -27.55
C PRO C 126 -3.08 12.42 -27.51
N VAL C 127 -2.25 12.26 -28.53
CA VAL C 127 -1.01 13.01 -28.63
C VAL C 127 -1.28 14.47 -28.98
N GLY C 128 -2.42 14.71 -29.63
CA GLY C 128 -2.79 16.05 -30.05
C GLY C 128 -2.03 16.46 -31.31
N SER C 129 -2.55 17.46 -32.01
CA SER C 129 -1.91 17.95 -33.22
C SER C 129 -2.33 19.38 -33.52
N CYS C 130 -1.45 20.11 -34.20
CA CYS C 130 -1.74 21.49 -34.59
C CYS C 130 -1.76 21.63 -36.11
N PHE C 131 -2.77 22.33 -36.61
CA PHE C 131 -2.90 22.61 -38.03
C PHE C 131 -2.50 24.07 -38.31
N LEU C 132 -1.58 24.25 -39.26
CA LEU C 132 -1.14 25.58 -39.65
C LEU C 132 -1.65 25.93 -41.04
N ALA C 133 -2.02 27.19 -41.24
CA ALA C 133 -2.57 27.63 -42.52
C ALA C 133 -2.16 29.06 -42.84
N GLN C 134 -1.91 29.30 -44.13
CA GLN C 134 -1.69 30.64 -44.65
C GLN C 134 -2.85 30.94 -45.61
N PRO C 135 -3.95 31.50 -45.09
CA PRO C 135 -5.22 31.64 -45.81
C PRO C 135 -5.09 32.20 -47.23
N GLU C 136 -4.26 33.22 -47.40
CA GLU C 136 -4.13 33.89 -48.69
C GLU C 136 -3.48 32.99 -49.74
N SER C 137 -2.47 32.23 -49.34
CA SER C 137 -1.72 31.38 -50.27
C SER C 137 -2.32 29.97 -50.36
N GLY C 138 -3.15 29.62 -49.38
CA GLY C 138 -3.79 28.32 -49.36
C GLY C 138 -2.86 27.22 -48.86
N ARG C 139 -1.65 27.60 -48.45
CA ARG C 139 -0.68 26.63 -47.97
C ARG C 139 -1.10 26.07 -46.62
N ARG C 140 -0.75 24.80 -46.39
CA ARG C 140 -1.08 24.10 -45.15
C ARG C 140 0.11 23.34 -44.60
N ALA C 141 0.08 23.11 -43.30
CA ALA C 141 1.10 22.30 -42.63
C ALA C 141 0.55 21.81 -41.29
N GLU C 142 1.17 20.77 -40.74
CA GLU C 142 0.76 20.23 -39.46
C GLU C 142 1.98 20.14 -38.53
N TYR C 143 1.71 20.01 -37.24
CA TYR C 143 2.76 19.87 -36.25
C TYR C 143 2.28 19.05 -35.05
N SER C 144 2.87 17.87 -34.89
CA SER C 144 2.45 16.95 -33.84
C SER C 144 3.68 16.35 -33.16
N PRO C 145 4.34 17.14 -32.29
CA PRO C 145 5.65 16.79 -31.73
C PRO C 145 5.62 15.63 -30.73
N CYS C 146 4.44 15.14 -30.38
CA CYS C 146 4.32 14.09 -29.36
C CYS C 146 4.07 12.71 -29.98
N ARG C 147 3.98 12.64 -31.30
CA ARG C 147 3.84 11.35 -31.98
C ARG C 147 5.13 10.55 -31.83
N GLY C 148 5.00 9.23 -31.66
CA GLY C 148 6.13 8.34 -31.54
C GLY C 148 5.85 6.97 -32.13
N ASN C 149 6.88 6.13 -32.19
CA ASN C 149 6.74 4.78 -32.72
C ASN C 149 7.28 3.71 -31.76
N THR C 150 7.34 4.06 -30.47
CA THR C 150 7.76 3.13 -29.43
C THR C 150 6.57 2.30 -28.96
N LEU C 151 6.77 0.99 -28.83
CA LEU C 151 5.69 0.09 -28.45
C LEU C 151 5.42 0.12 -26.95
N SER C 152 4.19 -0.25 -26.58
CA SER C 152 3.72 -0.19 -25.21
C SER C 152 4.65 -0.89 -24.22
N ARG C 153 5.18 -2.04 -24.64
CA ARG C 153 6.05 -2.85 -23.79
C ARG C 153 7.26 -2.06 -23.28
N ILE C 154 7.78 -1.19 -24.12
CA ILE C 154 9.01 -0.46 -23.81
C ILE C 154 8.80 0.57 -22.70
N TYR C 155 7.66 1.26 -22.72
CA TYR C 155 7.35 2.25 -21.69
C TYR C 155 7.28 1.60 -20.32
N VAL C 156 6.72 0.39 -20.27
CA VAL C 156 6.57 -0.34 -19.02
C VAL C 156 7.94 -0.71 -18.43
N GLU C 157 8.86 -1.14 -19.30
CA GLU C 157 10.19 -1.54 -18.88
C GLU C 157 10.97 -0.36 -18.28
N ASN C 158 10.66 0.85 -18.76
CA ASN C 158 11.37 2.05 -18.34
C ASN C 158 10.58 2.91 -17.35
N ASP C 159 9.59 2.30 -16.71
CA ASP C 159 8.76 2.99 -15.72
C ASP C 159 8.12 4.25 -16.29
N PHE C 160 7.73 4.17 -17.55
CA PHE C 160 6.96 5.24 -18.20
C PHE C 160 7.68 6.57 -18.20
N SER C 161 8.99 6.55 -18.40
CA SER C 161 9.77 7.78 -18.53
C SER C 161 9.67 8.31 -19.95
N TRP C 162 9.63 9.62 -20.09
CA TRP C 162 9.56 10.27 -21.40
C TRP C 162 8.37 9.73 -22.20
N ASP C 163 7.23 9.60 -21.53
CA ASP C 163 6.01 9.10 -22.15
C ASP C 163 5.17 10.27 -22.69
N LYS C 164 5.28 10.52 -23.98
CA LYS C 164 4.61 11.65 -24.61
C LYS C 164 3.31 11.23 -25.31
N ARG C 165 2.80 10.05 -24.98
CA ARG C 165 1.67 9.49 -25.70
C ARG C 165 0.36 10.24 -25.46
N TYR C 166 0.25 10.94 -24.33
CA TYR C 166 -0.98 11.62 -23.95
C TYR C 166 -0.81 13.14 -23.87
N CYS C 167 0.17 13.65 -24.62
CA CYS C 167 0.52 15.07 -24.59
C CYS C 167 -0.68 16.01 -24.69
N GLU C 168 -1.52 15.77 -25.68
CA GLU C 168 -2.57 16.71 -26.06
C GLU C 168 -1.96 18.05 -26.42
N ALA C 169 -0.92 18.02 -27.24
CA ALA C 169 -0.26 19.22 -27.72
C ALA C 169 -1.25 20.14 -28.38
N GLY C 170 -1.14 21.43 -28.08
CA GLY C 170 -2.06 22.43 -28.62
C GLY C 170 -3.23 22.68 -27.69
N PHE C 171 -3.19 22.05 -26.52
CA PHE C 171 -4.18 22.33 -25.47
C PHE C 171 -4.19 23.83 -25.21
N SER C 172 -2.99 24.42 -25.18
CA SER C 172 -2.82 25.86 -25.17
C SER C 172 -1.71 26.19 -26.18
N SER C 173 -1.68 27.43 -26.64
CA SER C 173 -0.69 27.84 -27.64
C SER C 173 -0.37 29.32 -27.57
N VAL C 174 0.78 29.66 -28.13
CA VAL C 174 1.24 31.05 -28.21
C VAL C 174 2.41 31.12 -29.18
N VAL C 175 2.58 32.27 -29.83
CA VAL C 175 3.66 32.47 -30.78
C VAL C 175 4.46 33.72 -30.42
N THR C 176 5.78 33.58 -30.33
CA THR C 176 6.66 34.69 -30.02
C THR C 176 6.65 35.70 -31.16
N GLN C 177 7.13 36.91 -30.88
N GLN C 177 7.13 36.91 -30.88
CA GLN C 177 7.22 37.95 -31.90
CA GLN C 177 7.22 37.95 -31.90
C GLN C 177 8.12 37.50 -33.04
C GLN C 177 8.14 37.52 -33.04
N ALA C 178 9.09 36.65 -32.74
CA ALA C 178 10.03 36.15 -33.73
C ALA C 178 9.42 35.04 -34.58
N GLY C 179 8.29 34.50 -34.13
CA GLY C 179 7.59 33.48 -34.88
C GLY C 179 7.92 32.07 -34.42
N GLU C 180 8.13 31.91 -33.12
CA GLU C 180 8.36 30.60 -32.53
C GLU C 180 7.08 30.07 -31.89
N LEU C 181 6.47 29.07 -32.51
CA LEU C 181 5.27 28.45 -31.98
C LEU C 181 5.58 27.65 -30.73
N VAL C 182 4.89 27.98 -29.64
CA VAL C 182 5.03 27.24 -28.38
C VAL C 182 3.69 26.59 -28.03
N LEU C 183 3.72 25.28 -27.83
CA LEU C 183 2.51 24.52 -27.53
C LEU C 183 2.54 23.99 -26.10
N GLY C 184 1.41 24.10 -25.42
CA GLY C 184 1.24 23.49 -24.11
C GLY C 184 0.63 22.10 -24.25
N ALA C 185 1.24 21.13 -23.58
CA ALA C 185 0.77 19.75 -23.61
C ALA C 185 0.62 19.24 -22.19
N PRO C 186 -0.53 19.53 -21.55
CA PRO C 186 -0.69 19.24 -20.11
C PRO C 186 -0.63 17.75 -19.78
N GLY C 187 -0.91 16.89 -20.76
CA GLY C 187 -0.88 15.46 -20.53
C GLY C 187 0.48 14.85 -20.81
N GLY C 188 1.47 15.69 -21.10
CA GLY C 188 2.79 15.23 -21.44
C GLY C 188 3.50 14.54 -20.30
N TYR C 189 4.37 13.59 -20.64
CA TYR C 189 5.15 12.84 -19.65
C TYR C 189 4.25 12.24 -18.58
N TYR C 190 3.20 11.55 -19.04
CA TYR C 190 2.23 10.92 -18.15
C TYR C 190 1.60 11.95 -17.21
N PHE C 191 1.07 13.01 -17.82
CA PHE C 191 0.25 14.02 -17.14
C PHE C 191 1.04 14.95 -16.22
N LEU C 192 2.36 14.91 -16.33
CA LEU C 192 3.18 15.95 -15.72
C LEU C 192 2.97 17.24 -16.51
N GLY C 193 2.94 17.09 -17.83
CA GLY C 193 2.80 18.23 -18.73
C GLY C 193 4.14 18.63 -19.30
N LEU C 194 4.14 19.09 -20.55
CA LEU C 194 5.37 19.55 -21.19
C LEU C 194 5.09 20.68 -22.17
N LEU C 195 6.15 21.33 -22.63
CA LEU C 195 6.06 22.38 -23.63
C LEU C 195 6.81 21.95 -24.88
N ALA C 196 6.23 22.26 -26.04
CA ALA C 196 6.86 21.97 -27.33
C ALA C 196 7.02 23.26 -28.12
N GLN C 197 8.24 23.54 -28.57
CA GLN C 197 8.55 24.77 -29.27
C GLN C 197 9.16 24.46 -30.63
N ALA C 198 8.76 25.24 -31.65
CA ALA C 198 9.30 25.07 -32.99
C ALA C 198 8.99 26.30 -33.85
N PRO C 199 9.97 26.77 -34.64
CA PRO C 199 9.70 27.92 -35.53
C PRO C 199 8.63 27.62 -36.58
N VAL C 200 7.75 28.58 -36.83
CA VAL C 200 6.69 28.41 -37.82
C VAL C 200 7.26 28.06 -39.19
N ALA C 201 8.27 28.81 -39.62
CA ALA C 201 8.86 28.63 -40.94
C ALA C 201 9.42 27.23 -41.11
N ASP C 202 9.96 26.67 -40.03
CA ASP C 202 10.57 25.35 -40.07
C ASP C 202 9.52 24.24 -40.08
N ILE C 203 8.33 24.55 -39.58
CA ILE C 203 7.23 23.59 -39.60
C ILE C 203 6.70 23.44 -41.03
N PHE C 204 6.64 24.55 -41.75
CA PHE C 204 6.13 24.54 -43.12
C PHE C 204 7.11 23.88 -44.09
N SER C 205 8.40 24.18 -43.94
CA SER C 205 9.40 23.68 -44.87
C SER C 205 9.76 22.23 -44.62
N SER C 206 9.49 21.73 -43.41
CA SER C 206 9.84 20.37 -43.03
C SER C 206 8.65 19.42 -43.12
N TYR C 207 7.46 19.95 -43.40
CA TYR C 207 6.25 19.15 -43.48
C TYR C 207 5.93 18.71 -44.90
N ARG C 208 5.57 17.44 -45.05
CA ARG C 208 5.02 16.91 -46.28
C ARG C 208 3.84 16.01 -45.94
N PRO C 209 2.80 16.00 -46.80
CA PRO C 209 1.61 15.20 -46.48
C PRO C 209 1.88 13.70 -46.61
N GLY C 210 1.39 12.93 -45.64
CA GLY C 210 1.47 11.47 -45.70
C GLY C 210 2.65 10.86 -44.97
N ILE C 211 3.50 11.70 -44.40
CA ILE C 211 4.69 11.21 -43.70
C ILE C 211 4.35 10.85 -42.25
N LEU C 212 3.51 11.67 -41.62
CA LEU C 212 3.03 11.45 -40.26
C LEU C 212 4.13 11.55 -39.19
N LEU C 213 5.24 10.84 -39.38
CA LEU C 213 6.39 10.94 -38.49
C LEU C 213 7.58 11.56 -39.21
N TRP C 214 7.90 12.80 -38.86
CA TRP C 214 9.04 13.50 -39.47
C TRP C 214 9.79 14.32 -38.42
N HIS C 215 11.06 14.61 -38.71
CA HIS C 215 11.93 15.32 -37.78
C HIS C 215 11.93 16.83 -38.03
N VAL C 216 11.63 17.59 -36.97
CA VAL C 216 11.82 19.03 -36.96
C VAL C 216 13.00 19.33 -36.05
N SER C 217 14.20 19.39 -36.63
CA SER C 217 15.43 19.45 -35.86
C SER C 217 15.53 20.69 -34.98
N SER C 218 14.90 21.78 -35.43
CA SER C 218 14.96 23.04 -34.70
C SER C 218 13.97 23.10 -33.55
N GLN C 219 13.22 22.03 -33.35
CA GLN C 219 12.22 22.00 -32.27
C GLN C 219 12.91 21.74 -30.94
N SER C 220 12.23 22.11 -29.85
CA SER C 220 12.77 21.97 -28.51
C SER C 220 11.65 21.70 -27.52
N LEU C 221 11.74 20.55 -26.84
CA LEU C 221 10.74 20.15 -25.86
C LEU C 221 11.26 20.26 -24.44
N SER C 222 10.35 20.51 -23.49
CA SER C 222 10.71 20.56 -22.08
C SER C 222 11.03 19.15 -21.60
N PHE C 223 11.34 19.02 -20.30
CA PHE C 223 11.91 17.79 -19.78
C PHE C 223 11.01 17.08 -18.76
N ASP C 224 11.19 15.77 -18.66
CA ASP C 224 10.45 14.95 -17.71
C ASP C 224 11.03 15.14 -16.31
N SER C 225 10.39 14.54 -15.32
CA SER C 225 10.85 14.66 -13.93
C SER C 225 10.36 13.48 -13.08
N SER C 226 11.14 13.15 -12.06
CA SER C 226 10.77 12.10 -11.11
C SER C 226 10.22 12.71 -9.82
N ASN C 227 10.22 14.04 -9.75
CA ASN C 227 9.72 14.75 -8.57
C ASN C 227 8.20 14.63 -8.46
N PRO C 228 7.70 14.00 -7.38
CA PRO C 228 6.25 13.81 -7.25
C PRO C 228 5.46 15.12 -7.19
N GLU C 229 6.14 16.22 -6.88
CA GLU C 229 5.50 17.54 -6.87
C GLU C 229 4.87 17.86 -8.22
N TYR C 230 5.48 17.33 -9.28
CA TYR C 230 5.05 17.66 -10.64
C TYR C 230 4.02 16.69 -11.22
N PHE C 231 3.76 15.59 -10.50
CA PHE C 231 2.85 14.56 -11.00
C PHE C 231 1.42 15.10 -11.09
N ASP C 232 0.79 14.86 -12.24
CA ASP C 232 -0.60 15.28 -12.48
C ASP C 232 -0.76 16.80 -12.36
N GLY C 233 0.31 17.53 -12.68
CA GLY C 233 0.32 18.97 -12.53
C GLY C 233 -0.26 19.71 -13.72
N TYR C 234 -0.43 19.00 -14.83
CA TYR C 234 -0.98 19.59 -16.06
C TYR C 234 -0.19 20.83 -16.47
N TRP C 235 1.13 20.70 -16.35
CA TRP C 235 2.08 21.72 -16.77
C TRP C 235 1.89 22.05 -18.25
N GLY C 236 1.32 23.23 -18.54
CA GLY C 236 1.04 23.64 -19.89
C GLY C 236 -0.45 23.74 -20.16
N TYR C 237 -1.24 23.71 -19.09
CA TYR C 237 -2.68 23.92 -19.17
C TYR C 237 -2.95 25.27 -19.81
N SER C 238 -2.07 26.23 -19.54
CA SER C 238 -2.12 27.54 -20.17
C SER C 238 -0.68 27.98 -20.45
N VAL C 239 -0.52 28.94 -21.36
CA VAL C 239 0.81 29.41 -21.72
C VAL C 239 0.79 30.84 -22.26
N ALA C 240 1.90 31.55 -22.05
CA ALA C 240 2.08 32.90 -22.57
C ALA C 240 3.56 33.22 -22.65
N VAL C 241 3.89 34.35 -23.28
CA VAL C 241 5.29 34.79 -23.41
C VAL C 241 5.45 36.23 -22.95
N GLY C 242 6.70 36.63 -22.72
CA GLY C 242 7.01 37.97 -22.29
C GLY C 242 8.49 38.17 -22.03
N GLU C 243 8.83 39.34 -21.49
CA GLU C 243 10.21 39.67 -21.16
C GLU C 243 10.36 39.85 -19.65
N PHE C 244 11.14 38.97 -19.02
CA PHE C 244 11.24 38.92 -17.57
C PHE C 244 12.67 38.80 -17.04
N ASP C 245 13.65 38.62 -17.93
CA ASP C 245 15.03 38.38 -17.50
C ASP C 245 15.94 39.58 -17.77
N GLY C 246 15.41 40.61 -18.41
CA GLY C 246 16.17 41.81 -18.70
C GLY C 246 16.85 41.77 -20.05
N ASP C 247 17.26 40.58 -20.49
CA ASP C 247 17.87 40.40 -21.79
C ASP C 247 16.79 40.45 -22.88
N LEU C 248 16.88 41.44 -23.76
CA LEU C 248 15.86 41.64 -24.79
C LEU C 248 16.06 40.70 -25.98
N ASN C 249 17.25 40.14 -26.10
CA ASN C 249 17.53 39.15 -27.13
C ASN C 249 16.76 37.85 -26.86
N THR C 250 16.63 37.51 -25.59
CA THR C 250 15.95 36.30 -25.18
C THR C 250 14.46 36.53 -24.97
N THR C 251 13.68 35.45 -25.07
CA THR C 251 12.25 35.48 -24.80
C THR C 251 11.92 34.46 -23.72
N GLU C 252 11.15 34.88 -22.72
CA GLU C 252 10.81 34.02 -21.59
C GLU C 252 9.39 33.47 -21.74
N TYR C 253 9.20 32.24 -21.25
CA TYR C 253 7.91 31.57 -21.32
C TYR C 253 7.21 31.57 -19.97
N VAL C 254 5.88 31.72 -20.00
CA VAL C 254 5.05 31.60 -18.81
C VAL C 254 4.15 30.39 -18.95
N VAL C 255 4.21 29.49 -17.98
CA VAL C 255 3.48 28.22 -18.04
C VAL C 255 2.60 28.04 -16.81
N GLY C 256 1.35 27.68 -17.04
CA GLY C 256 0.42 27.38 -15.97
C GLY C 256 0.36 25.90 -15.68
N ALA C 257 0.41 25.55 -14.40
CA ALA C 257 0.28 24.16 -13.95
C ALA C 257 -0.75 24.11 -12.83
N PRO C 258 -2.04 24.15 -13.20
CA PRO C 258 -3.11 24.43 -12.24
C PRO C 258 -3.30 23.37 -11.16
N THR C 259 -2.72 22.18 -11.35
CA THR C 259 -2.84 21.13 -10.35
C THR C 259 -1.47 20.71 -9.81
N TRP C 260 -0.48 21.58 -9.99
CA TRP C 260 0.88 21.32 -9.53
C TRP C 260 0.94 21.08 -8.03
N SER C 261 1.79 20.15 -7.61
CA SER C 261 1.97 19.81 -6.20
C SER C 261 0.65 19.49 -5.51
N TRP C 262 0.05 18.36 -5.90
CA TRP C 262 -1.19 17.89 -5.28
C TRP C 262 -2.29 18.94 -5.34
N THR C 263 -2.53 19.47 -6.53
CA THR C 263 -3.60 20.43 -6.81
C THR C 263 -3.42 21.77 -6.08
N LEU C 264 -2.22 22.04 -5.58
CA LEU C 264 -1.94 23.36 -5.04
C LEU C 264 -1.96 24.39 -6.16
N GLY C 265 -1.46 23.97 -7.33
CA GLY C 265 -1.41 24.85 -8.49
C GLY C 265 -0.16 25.71 -8.46
N ALA C 266 0.30 26.10 -9.65
CA ALA C 266 1.47 26.96 -9.75
C ALA C 266 1.64 27.55 -11.14
N VAL C 267 2.45 28.60 -11.22
CA VAL C 267 2.84 29.20 -12.48
C VAL C 267 4.35 29.38 -12.47
N GLU C 268 4.99 29.16 -13.60
CA GLU C 268 6.45 29.25 -13.69
C GLU C 268 6.90 30.10 -14.87
N ILE C 269 7.95 30.87 -14.65
CA ILE C 269 8.58 31.66 -15.70
C ILE C 269 9.89 30.96 -16.10
N LEU C 270 10.09 30.78 -17.40
CA LEU C 270 11.22 30.03 -17.91
C LEU C 270 11.93 30.81 -19.01
N ASP C 271 13.20 30.46 -19.26
CA ASP C 271 13.89 30.94 -20.43
C ASP C 271 13.54 30.04 -21.62
N SER C 272 14.07 30.36 -22.79
CA SER C 272 13.75 29.59 -24.00
C SER C 272 14.27 28.15 -23.92
N TYR C 273 15.11 27.87 -22.91
CA TYR C 273 15.64 26.53 -22.72
C TYR C 273 14.94 25.80 -21.56
N TYR C 274 13.78 26.32 -21.17
CA TYR C 274 12.93 25.67 -20.16
C TYR C 274 13.59 25.59 -18.78
N GLN C 275 14.55 26.46 -18.51
CA GLN C 275 15.13 26.56 -17.18
C GLN C 275 14.29 27.51 -16.34
N ARG C 276 13.95 27.07 -15.12
CA ARG C 276 13.04 27.82 -14.26
C ARG C 276 13.70 29.07 -13.69
N LEU C 277 13.09 30.22 -13.93
CA LEU C 277 13.57 31.50 -13.42
C LEU C 277 12.81 31.90 -12.15
N HIS C 278 11.50 31.66 -12.15
CA HIS C 278 10.68 31.90 -10.97
CA HIS C 278 10.65 31.95 -11.01
C HIS C 278 9.52 30.93 -10.92
N ARG C 279 9.00 30.73 -9.70
CA ARG C 279 7.82 29.89 -9.50
C ARG C 279 6.85 30.58 -8.57
N LEU C 280 5.61 30.68 -9.02
CA LEU C 280 4.53 31.23 -8.21
C LEU C 280 3.61 30.10 -7.80
N ARG C 281 3.46 29.92 -6.49
CA ARG C 281 2.65 28.83 -5.94
C ARG C 281 1.21 29.28 -5.72
N GLY C 282 0.27 28.36 -5.86
CA GLY C 282 -1.12 28.65 -5.60
C GLY C 282 -1.36 28.96 -4.13
N GLU C 283 -2.45 29.65 -3.84
CA GLU C 283 -2.79 30.06 -2.48
C GLU C 283 -3.67 29.02 -1.81
N GLN C 284 -4.51 28.37 -2.60
CA GLN C 284 -5.54 27.47 -2.07
C GLN C 284 -5.68 26.26 -2.98
N MET C 285 -5.61 25.07 -2.40
CA MET C 285 -5.72 23.83 -3.16
C MET C 285 -7.04 23.76 -3.92
N ALA C 286 -6.98 23.24 -5.14
CA ALA C 286 -8.14 23.04 -6.01
C ALA C 286 -8.74 24.33 -6.55
N SER C 287 -8.09 25.46 -6.32
CA SER C 287 -8.56 26.74 -6.86
C SER C 287 -8.22 26.87 -8.35
N TYR C 288 -7.40 25.94 -8.83
CA TYR C 288 -6.92 25.94 -10.22
C TYR C 288 -6.12 27.20 -10.52
N PHE C 289 -5.30 27.60 -9.55
CA PHE C 289 -4.33 28.67 -9.73
C PHE C 289 -3.42 28.36 -10.90
N GLY C 290 -3.59 29.11 -12.00
CA GLY C 290 -2.81 28.89 -13.20
C GLY C 290 -3.68 28.44 -14.36
N HIS C 291 -4.99 28.41 -14.15
CA HIS C 291 -5.94 28.07 -15.20
C HIS C 291 -5.76 29.00 -16.40
N SER C 292 -5.44 30.26 -16.11
CA SER C 292 -5.16 31.24 -17.14
C SER C 292 -4.02 32.15 -16.71
N VAL C 293 -3.22 32.59 -17.68
CA VAL C 293 -2.13 33.52 -17.43
C VAL C 293 -2.17 34.63 -18.47
N ALA C 294 -1.70 35.81 -18.08
CA ALA C 294 -1.66 36.96 -18.98
C ALA C 294 -0.43 37.81 -18.71
N VAL C 295 0.15 38.34 -19.78
CA VAL C 295 1.36 39.15 -19.69
C VAL C 295 1.14 40.50 -20.37
N THR C 296 1.27 41.57 -19.58
CA THR C 296 1.18 42.92 -20.10
C THR C 296 1.66 43.92 -19.05
N ASP C 297 2.30 44.99 -19.50
CA ASP C 297 2.76 46.05 -18.60
C ASP C 297 1.60 46.99 -18.27
N VAL C 298 1.07 46.86 -17.05
CA VAL C 298 -0.13 47.59 -16.67
C VAL C 298 0.16 48.94 -16.01
N ASN C 299 1.36 49.09 -15.45
CA ASN C 299 1.70 50.32 -14.73
C ASN C 299 2.68 51.21 -15.50
N GLY C 300 2.80 50.97 -16.80
CA GLY C 300 3.56 51.85 -17.68
C GLY C 300 4.98 52.14 -17.23
N ASP C 301 5.71 51.11 -16.84
CA ASP C 301 7.13 51.25 -16.48
C ASP C 301 8.02 50.46 -17.44
N GLY C 302 7.41 49.94 -18.51
CA GLY C 302 8.14 49.27 -19.56
C GLY C 302 8.39 47.79 -19.30
N ARG C 303 8.21 47.37 -18.06
CA ARG C 303 8.43 45.98 -17.67
C ARG C 303 7.12 45.21 -17.65
N HIS C 304 7.10 44.07 -18.35
CA HIS C 304 5.92 43.21 -18.40
C HIS C 304 5.52 42.74 -17.01
N ASP C 305 4.23 42.75 -16.74
CA ASP C 305 3.68 42.27 -15.47
C ASP C 305 2.91 40.98 -15.72
N LEU C 306 2.66 40.23 -14.66
CA LEU C 306 2.04 38.92 -14.77
C LEU C 306 0.72 38.86 -14.02
N LEU C 307 -0.30 38.32 -14.70
CA LEU C 307 -1.60 38.10 -14.10
C LEU C 307 -1.94 36.60 -14.14
N VAL C 308 -2.37 36.07 -13.00
CA VAL C 308 -2.73 34.66 -12.89
C VAL C 308 -4.17 34.52 -12.42
N GLY C 309 -4.90 33.58 -13.03
CA GLY C 309 -6.28 33.33 -12.67
C GLY C 309 -6.46 32.03 -11.90
N ALA C 310 -7.21 32.12 -10.81
CA ALA C 310 -7.61 30.95 -10.04
C ALA C 310 -9.13 30.92 -9.94
N PRO C 311 -9.80 30.46 -11.00
CA PRO C 311 -11.26 30.60 -11.11
C PRO C 311 -12.08 29.89 -10.03
N LEU C 312 -11.51 28.90 -9.36
CA LEU C 312 -12.26 28.15 -8.36
C LEU C 312 -11.85 28.50 -6.93
N TYR C 313 -11.21 29.66 -6.76
CA TYR C 313 -10.82 30.09 -5.43
C TYR C 313 -12.04 30.35 -4.57
N MET C 314 -11.99 29.85 -3.34
CA MET C 314 -13.08 30.01 -2.39
C MET C 314 -12.73 31.08 -1.37
N GLU C 315 -13.55 32.12 -1.33
CA GLU C 315 -13.32 33.26 -0.44
C GLU C 315 -13.85 32.98 0.96
N SER C 316 -13.21 33.55 1.97
CA SER C 316 -13.63 33.39 3.34
C SER C 316 -14.86 34.26 3.64
N ARG C 317 -15.91 33.64 4.15
CA ARG C 317 -17.13 34.34 4.54
C ARG C 317 -17.33 34.22 6.05
N ALA C 318 -18.37 34.86 6.57
CA ALA C 318 -18.64 34.84 8.00
C ALA C 318 -19.00 33.42 8.46
N ASP C 319 -18.92 33.20 9.77
CA ASP C 319 -19.18 31.89 10.36
C ASP C 319 -18.28 30.80 9.76
N ARG C 320 -17.05 31.19 9.42
CA ARG C 320 -16.05 30.26 8.88
C ARG C 320 -16.55 29.56 7.62
N LYS C 321 -17.35 30.28 6.83
CA LYS C 321 -17.88 29.73 5.58
C LYS C 321 -16.95 30.03 4.42
N LEU C 322 -17.06 29.24 3.36
CA LEU C 322 -16.30 29.44 2.13
C LEU C 322 -17.24 29.59 0.96
N ALA C 323 -16.81 30.34 -0.06
CA ALA C 323 -17.65 30.61 -1.22
C ALA C 323 -16.80 30.68 -2.49
N GLU C 324 -16.98 29.70 -3.37
CA GLU C 324 -16.29 29.66 -4.64
C GLU C 324 -16.68 30.85 -5.51
N VAL C 325 -15.73 31.74 -5.78
CA VAL C 325 -15.98 32.93 -6.58
C VAL C 325 -14.88 33.17 -7.62
N GLY C 326 -13.70 32.64 -7.34
CA GLY C 326 -12.56 32.84 -8.22
C GLY C 326 -11.74 34.06 -7.83
N ARG C 327 -10.48 34.08 -8.23
CA ARG C 327 -9.58 35.17 -7.88
C ARG C 327 -8.50 35.36 -8.94
N VAL C 328 -8.10 36.61 -9.13
CA VAL C 328 -7.01 36.97 -10.04
C VAL C 328 -5.88 37.62 -9.26
N TYR C 329 -4.64 37.19 -9.55
CA TYR C 329 -3.46 37.68 -8.87
C TYR C 329 -2.62 38.55 -9.79
N LEU C 330 -2.21 39.72 -9.32
CA LEU C 330 -1.34 40.61 -10.09
C LEU C 330 0.08 40.61 -9.52
N PHE C 331 1.05 40.29 -10.37
CA PHE C 331 2.46 40.32 -10.00
C PHE C 331 3.20 41.35 -10.85
N LEU C 332 3.63 42.44 -10.21
CA LEU C 332 4.40 43.46 -10.90
C LEU C 332 5.89 43.10 -10.91
N GLN C 333 6.51 43.23 -12.06
CA GLN C 333 7.93 42.92 -12.20
C GLN C 333 8.78 44.01 -11.54
N PRO C 334 9.61 43.65 -10.56
CA PRO C 334 10.39 44.67 -9.84
C PRO C 334 11.57 45.20 -10.65
N ARG C 335 12.23 46.24 -10.14
CA ARG C 335 13.43 46.77 -10.75
C ARG C 335 14.55 45.75 -10.69
N GLY C 336 15.25 45.57 -11.80
CA GLY C 336 16.41 44.69 -11.84
C GLY C 336 16.05 43.21 -11.95
N PRO C 337 17.04 42.34 -11.70
CA PRO C 337 16.89 40.89 -11.84
C PRO C 337 16.19 40.23 -10.65
N HIS C 338 15.63 41.03 -9.75
CA HIS C 338 14.98 40.52 -8.55
C HIS C 338 13.81 39.62 -8.90
N ALA C 339 13.55 38.64 -8.03
CA ALA C 339 12.46 37.70 -8.23
C ALA C 339 11.11 38.36 -7.99
N LEU C 340 10.09 37.87 -8.67
CA LEU C 340 8.74 38.38 -8.50
C LEU C 340 8.22 38.04 -7.10
N GLY C 341 7.97 39.06 -6.30
CA GLY C 341 7.59 38.88 -4.91
C GLY C 341 6.13 38.48 -4.75
N ALA C 342 5.54 38.91 -3.64
CA ALA C 342 4.16 38.60 -3.34
C ALA C 342 3.24 39.36 -4.30
N PRO C 343 1.97 38.94 -4.39
CA PRO C 343 1.01 39.63 -5.26
C PRO C 343 0.88 41.11 -4.91
N SER C 344 0.88 41.96 -5.94
CA SER C 344 0.72 43.40 -5.75
C SER C 344 -0.74 43.75 -5.54
N LEU C 345 -1.64 42.91 -6.06
CA LEU C 345 -3.07 43.15 -5.95
C LEU C 345 -3.83 41.83 -6.07
N LEU C 346 -4.92 41.71 -5.33
CA LEU C 346 -5.80 40.55 -5.40
C LEU C 346 -7.21 40.97 -5.81
N LEU C 347 -7.62 40.54 -7.00
CA LEU C 347 -8.98 40.75 -7.46
C LEU C 347 -9.79 39.48 -7.20
N THR C 348 -10.93 39.63 -6.54
CA THR C 348 -11.75 38.49 -6.15
C THR C 348 -13.18 38.63 -6.68
N GLY C 349 -13.74 37.52 -7.15
CA GLY C 349 -15.09 37.52 -7.68
C GLY C 349 -16.13 37.67 -6.58
N THR C 350 -17.38 37.90 -6.98
CA THR C 350 -18.47 38.10 -6.03
C THR C 350 -19.57 37.07 -6.22
N GLN C 351 -19.84 36.72 -7.47
CA GLN C 351 -20.92 35.78 -7.78
C GLN C 351 -20.48 34.35 -7.53
N LEU C 352 -21.27 33.61 -6.75
CA LEU C 352 -21.00 32.21 -6.45
C LEU C 352 -20.92 31.38 -7.73
N TYR C 353 -19.91 30.54 -7.82
CA TYR C 353 -19.68 29.67 -8.98
C TYR C 353 -19.46 30.48 -10.26
N GLY C 354 -19.18 31.77 -10.13
CA GLY C 354 -19.01 32.64 -11.28
C GLY C 354 -17.75 32.37 -12.06
N ARG C 355 -16.77 31.77 -11.40
CA ARG C 355 -15.48 31.43 -11.99
C ARG C 355 -14.75 32.67 -12.51
N PHE C 356 -14.73 33.70 -11.68
CA PHE C 356 -13.94 34.90 -11.92
C PHE C 356 -12.47 34.54 -12.11
N GLY C 357 -11.91 34.89 -13.26
CA GLY C 357 -10.52 34.61 -13.56
C GLY C 357 -10.31 33.45 -14.50
N SER C 358 -11.39 32.99 -15.13
CA SER C 358 -11.31 31.91 -16.11
CA SER C 358 -11.31 31.91 -16.11
C SER C 358 -10.48 32.35 -17.32
N ALA C 359 -10.59 33.62 -17.67
CA ALA C 359 -9.83 34.19 -18.78
C ALA C 359 -9.39 35.60 -18.43
N ILE C 360 -8.16 35.93 -18.84
CA ILE C 360 -7.60 37.25 -18.59
C ILE C 360 -6.97 37.76 -19.89
N ALA C 361 -7.51 38.86 -20.41
CA ALA C 361 -7.09 39.39 -21.71
C ALA C 361 -6.51 40.79 -21.58
N PRO C 362 -5.25 40.98 -22.04
CA PRO C 362 -4.75 42.34 -22.16
C PRO C 362 -5.54 43.14 -23.21
N LEU C 363 -5.85 44.39 -22.91
CA LEU C 363 -6.65 45.22 -23.80
C LEU C 363 -5.83 46.32 -24.46
N GLY C 364 -4.53 46.37 -24.15
CA GLY C 364 -3.72 47.52 -24.53
C GLY C 364 -4.21 48.70 -23.73
N ASP C 365 -3.97 49.91 -24.22
CA ASP C 365 -4.47 51.11 -23.56
C ASP C 365 -5.85 51.46 -24.09
N LEU C 366 -6.87 51.16 -23.29
CA LEU C 366 -8.26 51.30 -23.72
C LEU C 366 -8.68 52.77 -23.82
N ASP C 367 -8.37 53.55 -22.77
CA ASP C 367 -8.74 54.95 -22.73
C ASP C 367 -7.59 55.87 -23.18
N ARG C 368 -6.49 55.26 -23.60
CA ARG C 368 -5.33 56.01 -24.09
C ARG C 368 -4.85 57.05 -23.09
N ASP C 369 -4.65 56.63 -21.85
CA ASP C 369 -4.21 57.51 -20.77
C ASP C 369 -2.73 57.31 -20.43
N GLY C 370 -2.15 56.22 -20.94
CA GLY C 370 -0.74 55.93 -20.74
C GLY C 370 -0.49 54.58 -20.08
N TYR C 371 -1.55 53.96 -19.57
CA TYR C 371 -1.45 52.68 -18.89
C TYR C 371 -2.31 51.62 -19.58
N ASN C 372 -1.72 50.45 -19.83
CA ASN C 372 -2.45 49.34 -20.41
C ASN C 372 -3.48 48.80 -19.44
N ASP C 373 -4.54 48.21 -19.97
CA ASP C 373 -5.66 47.75 -19.17
C ASP C 373 -5.99 46.29 -19.50
N ILE C 374 -6.77 45.64 -18.64
CA ILE C 374 -7.10 44.24 -18.80
C ILE C 374 -8.61 43.99 -18.73
N ALA C 375 -8.99 42.79 -19.18
CA ALA C 375 -10.37 42.31 -19.04
C ALA C 375 -10.35 40.94 -18.37
N VAL C 376 -11.18 40.76 -17.35
CA VAL C 376 -11.27 39.50 -16.64
C VAL C 376 -12.66 38.91 -16.80
N ALA C 377 -12.72 37.64 -17.19
CA ALA C 377 -13.98 36.96 -17.42
C ALA C 377 -14.46 36.19 -16.19
N ALA C 378 -15.78 36.22 -15.99
CA ALA C 378 -16.44 35.36 -15.02
C ALA C 378 -17.59 34.67 -15.77
N PRO C 379 -17.28 33.59 -16.51
CA PRO C 379 -18.21 32.95 -17.45
C PRO C 379 -19.57 32.58 -16.88
N TYR C 380 -19.71 32.55 -15.56
CA TYR C 380 -20.99 32.25 -14.93
C TYR C 380 -21.28 33.28 -13.83
N GLY C 381 -20.66 34.45 -13.97
CA GLY C 381 -20.82 35.53 -13.02
C GLY C 381 -21.95 36.47 -13.38
N GLY C 382 -21.92 37.65 -12.78
CA GLY C 382 -23.01 38.61 -12.92
C GLY C 382 -24.12 38.25 -11.96
N PRO C 383 -24.97 39.22 -11.61
CA PRO C 383 -26.08 38.94 -10.69
C PRO C 383 -27.02 37.86 -11.21
N SER C 384 -27.03 37.65 -12.53
CA SER C 384 -27.91 36.69 -13.17
C SER C 384 -27.23 35.34 -13.41
N GLY C 385 -25.92 35.30 -13.21
CA GLY C 385 -25.16 34.09 -13.42
C GLY C 385 -25.00 33.70 -14.88
N ARG C 386 -25.30 34.65 -15.77
CA ARG C 386 -25.24 34.39 -17.20
C ARG C 386 -23.86 34.65 -17.80
N GLY C 387 -22.95 35.18 -16.99
CA GLY C 387 -21.61 35.49 -17.44
C GLY C 387 -21.36 36.99 -17.45
N GLN C 388 -20.13 37.39 -17.17
CA GLN C 388 -19.80 38.79 -17.02
C GLN C 388 -18.31 39.02 -17.26
N VAL C 389 -18.00 40.08 -18.01
CA VAL C 389 -16.62 40.48 -18.26
C VAL C 389 -16.36 41.82 -17.58
N LEU C 390 -15.28 41.88 -16.80
CA LEU C 390 -14.94 43.07 -16.02
C LEU C 390 -13.67 43.72 -16.54
N VAL C 391 -13.74 45.03 -16.77
CA VAL C 391 -12.60 45.80 -17.26
C VAL C 391 -11.90 46.51 -16.11
N PHE C 392 -10.61 46.25 -15.95
CA PHE C 392 -9.79 46.93 -14.95
C PHE C 392 -8.73 47.79 -15.63
N LEU C 393 -8.66 49.06 -15.24
CA LEU C 393 -7.75 50.00 -15.87
C LEU C 393 -6.41 50.06 -15.13
N GLY C 394 -5.34 50.25 -15.89
CA GLY C 394 -4.00 50.34 -15.33
C GLY C 394 -3.74 51.66 -14.66
N GLN C 395 -2.79 51.67 -13.74
CA GLN C 395 -2.37 52.88 -13.04
C GLN C 395 -0.91 52.75 -12.63
N SER C 396 -0.32 53.84 -12.17
CA SER C 396 1.09 53.83 -11.77
C SER C 396 1.37 52.80 -10.68
N GLU C 397 0.35 52.50 -9.88
CA GLU C 397 0.49 51.56 -8.78
C GLU C 397 0.15 50.13 -9.21
N GLY C 398 -0.38 49.97 -10.41
CA GLY C 398 -0.74 48.67 -10.94
C GLY C 398 -2.10 48.68 -11.62
N LEU C 399 -3.10 48.15 -10.94
CA LEU C 399 -4.47 48.14 -11.43
C LEU C 399 -5.42 48.73 -10.40
N ARG C 400 -6.56 49.24 -10.86
CA ARG C 400 -7.59 49.71 -9.96
C ARG C 400 -8.22 48.53 -9.24
N SER C 401 -8.62 48.74 -7.99
CA SER C 401 -9.22 47.68 -7.19
C SER C 401 -10.62 47.34 -7.70
N ARG C 402 -11.26 48.31 -8.36
CA ARG C 402 -12.63 48.16 -8.84
C ARG C 402 -12.70 48.32 -10.36
N PRO C 403 -13.62 47.58 -11.00
CA PRO C 403 -13.73 47.65 -12.46
C PRO C 403 -14.29 48.99 -12.94
N SER C 404 -13.74 49.52 -14.01
CA SER C 404 -14.23 50.76 -14.59
C SER C 404 -15.51 50.51 -15.37
N GLN C 405 -15.67 49.27 -15.84
CA GLN C 405 -16.81 48.90 -16.67
C GLN C 405 -17.10 47.41 -16.54
N VAL C 406 -18.35 47.04 -16.80
CA VAL C 406 -18.78 45.65 -16.73
C VAL C 406 -19.65 45.31 -17.94
N LEU C 407 -19.29 44.21 -18.61
CA LEU C 407 -20.04 43.74 -19.78
C LEU C 407 -20.84 42.49 -19.43
N ASP C 408 -22.13 42.67 -19.21
CA ASP C 408 -23.02 41.54 -18.93
C ASP C 408 -23.34 40.79 -20.21
N SER C 409 -23.40 39.46 -20.11
CA SER C 409 -23.66 38.61 -21.26
C SER C 409 -24.97 39.00 -21.96
N PRO C 410 -24.92 39.18 -23.29
CA PRO C 410 -26.16 39.41 -24.04
C PRO C 410 -26.88 38.11 -24.39
N PHE C 411 -26.27 36.98 -24.04
CA PHE C 411 -26.79 35.67 -24.42
C PHE C 411 -27.58 35.03 -23.28
N PRO C 412 -28.33 33.96 -23.59
CA PRO C 412 -29.06 33.24 -22.55
C PRO C 412 -28.15 32.52 -21.56
N THR C 413 -28.74 31.93 -20.53
CA THR C 413 -27.98 31.19 -19.54
C THR C 413 -27.20 30.04 -20.18
N GLY C 414 -26.00 29.79 -19.69
CA GLY C 414 -25.21 28.65 -20.10
C GLY C 414 -24.35 28.88 -21.33
N SER C 415 -24.21 30.13 -21.75
CA SER C 415 -23.45 30.44 -22.95
C SER C 415 -21.94 30.41 -22.70
N ALA C 416 -21.56 30.40 -21.42
CA ALA C 416 -20.15 30.48 -21.02
C ALA C 416 -19.52 31.75 -21.57
N PHE C 417 -20.32 32.81 -21.65
CA PHE C 417 -19.89 34.13 -22.10
C PHE C 417 -18.64 34.59 -21.35
N GLY C 418 -17.53 34.71 -22.06
CA GLY C 418 -16.27 35.18 -21.49
C GLY C 418 -15.23 34.08 -21.35
N PHE C 419 -15.63 32.85 -21.63
CA PHE C 419 -14.71 31.71 -21.54
C PHE C 419 -13.47 31.94 -22.38
N SER C 420 -13.62 32.72 -23.46
CA SER C 420 -12.50 33.13 -24.29
C SER C 420 -12.54 34.64 -24.51
N LEU C 421 -11.38 35.28 -24.33
CA LEU C 421 -11.25 36.72 -24.49
C LEU C 421 -10.04 37.06 -25.36
N ARG C 422 -10.07 38.25 -25.96
CA ARG C 422 -8.95 38.73 -26.75
C ARG C 422 -9.17 40.21 -27.08
N GLY C 423 -8.16 41.03 -26.83
CA GLY C 423 -8.25 42.46 -27.09
C GLY C 423 -6.96 43.03 -27.63
N ALA C 424 -6.73 44.31 -27.35
CA ALA C 424 -5.51 45.01 -27.77
C ALA C 424 -5.37 45.10 -29.29
N VAL C 425 -6.49 45.03 -30.00
CA VAL C 425 -6.49 45.17 -31.46
C VAL C 425 -7.64 46.05 -31.94
N ASP C 426 -7.31 47.05 -32.75
CA ASP C 426 -8.29 47.95 -33.32
C ASP C 426 -8.83 47.38 -34.63
N ILE C 427 -9.98 46.72 -34.57
CA ILE C 427 -10.52 46.00 -35.71
C ILE C 427 -11.25 46.92 -36.69
N ASP C 428 -11.80 48.02 -36.19
CA ASP C 428 -12.54 48.96 -37.02
C ASP C 428 -11.73 50.20 -37.35
N ASP C 429 -10.45 50.19 -36.96
CA ASP C 429 -9.51 51.24 -37.32
C ASP C 429 -10.00 52.63 -36.89
N ASN C 430 -10.48 52.74 -35.66
CA ASN C 430 -10.92 54.03 -35.12
C ASN C 430 -9.88 54.59 -34.14
N GLY C 431 -8.73 53.94 -34.07
CA GLY C 431 -7.64 54.40 -33.22
C GLY C 431 -7.70 53.88 -31.80
N TYR C 432 -8.69 53.01 -31.52
CA TYR C 432 -8.88 52.47 -30.17
C TYR C 432 -8.96 50.95 -30.19
N PRO C 433 -8.29 50.28 -29.23
CA PRO C 433 -8.27 48.81 -29.20
C PRO C 433 -9.61 48.22 -28.78
N ASP C 434 -10.03 47.16 -29.46
CA ASP C 434 -11.36 46.59 -29.27
C ASP C 434 -11.29 45.23 -28.57
N LEU C 435 -12.45 44.68 -28.24
CA LEU C 435 -12.54 43.44 -27.47
C LEU C 435 -13.50 42.45 -28.12
N ILE C 436 -13.02 41.21 -28.33
CA ILE C 436 -13.86 40.13 -28.81
C ILE C 436 -14.07 39.12 -27.69
N VAL C 437 -15.30 38.63 -27.57
CA VAL C 437 -15.68 37.72 -26.50
C VAL C 437 -16.40 36.51 -27.08
N GLY C 438 -15.94 35.32 -26.72
CA GLY C 438 -16.56 34.09 -27.17
C GLY C 438 -17.59 33.57 -26.19
N ALA C 439 -18.61 32.90 -26.72
CA ALA C 439 -19.62 32.24 -25.91
C ALA C 439 -19.99 30.92 -26.57
N TYR C 440 -19.14 29.91 -26.39
CA TYR C 440 -19.28 28.66 -27.13
C TYR C 440 -20.58 27.96 -26.81
N GLY C 441 -21.13 28.21 -25.62
CA GLY C 441 -22.40 27.64 -25.22
C GLY C 441 -23.54 28.09 -26.13
N ALA C 442 -23.43 29.31 -26.63
CA ALA C 442 -24.43 29.88 -27.54
C ALA C 442 -23.95 29.84 -28.98
N ASN C 443 -22.74 29.31 -29.18
CA ASN C 443 -22.14 29.23 -30.51
C ASN C 443 -22.06 30.58 -31.20
N GLN C 444 -21.67 31.60 -30.44
CA GLN C 444 -21.56 32.96 -30.96
C GLN C 444 -20.34 33.69 -30.41
N VAL C 445 -19.96 34.76 -31.09
CA VAL C 445 -18.91 35.66 -30.63
C VAL C 445 -19.44 37.08 -30.64
N ALA C 446 -19.19 37.79 -29.54
CA ALA C 446 -19.58 39.19 -29.42
C ALA C 446 -18.36 40.09 -29.56
N VAL C 447 -18.52 41.18 -30.28
CA VAL C 447 -17.45 42.15 -30.48
C VAL C 447 -17.82 43.50 -29.89
N TYR C 448 -16.94 44.01 -29.03
CA TYR C 448 -17.14 45.31 -28.39
C TYR C 448 -16.16 46.32 -28.95
N ARG C 449 -16.69 47.42 -29.48
CA ARG C 449 -15.86 48.49 -30.04
C ARG C 449 -15.60 49.58 -29.02
N ALA C 450 -14.33 49.94 -28.86
CA ALA C 450 -13.95 51.02 -27.96
C ALA C 450 -14.29 52.36 -28.59
N GLN C 451 -14.86 53.26 -27.80
CA GLN C 451 -15.29 54.56 -28.29
C GLN C 451 -14.34 55.66 -27.84
N PRO C 452 -14.22 56.74 -28.63
CA PRO C 452 -13.35 57.86 -28.25
C PRO C 452 -13.68 58.46 -26.89
N VAL C 453 -12.65 58.78 -26.11
CA VAL C 453 -12.83 59.37 -24.78
C VAL C 453 -12.84 60.88 -24.88
N GLY D 1 -33.51 62.91 40.45
CA GLY D 1 -34.40 63.87 39.75
C GLY D 1 -34.11 63.95 38.26
N PRO D 2 -32.96 64.55 37.90
CA PRO D 2 -32.57 64.70 36.49
C PRO D 2 -31.94 63.45 35.90
N ASN D 3 -32.30 63.15 34.65
CA ASN D 3 -31.74 62.01 33.95
C ASN D 3 -32.00 62.09 32.45
N ILE D 4 -31.48 61.14 31.69
CA ILE D 4 -31.60 61.14 30.24
C ILE D 4 -33.05 61.06 29.76
N CYS D 5 -33.93 60.58 30.63
CA CYS D 5 -35.35 60.47 30.29
C CYS D 5 -36.01 61.84 30.24
N THR D 6 -35.77 62.65 31.27
CA THR D 6 -36.37 63.97 31.36
C THR D 6 -35.63 64.99 30.51
N THR D 7 -34.31 64.98 30.59
CA THR D 7 -33.48 66.00 29.93
C THR D 7 -33.55 65.93 28.41
N ARG D 8 -34.07 64.83 27.88
CA ARG D 8 -34.17 64.67 26.43
C ARG D 8 -35.24 65.58 25.84
N GLY D 9 -36.31 65.81 26.60
CA GLY D 9 -37.42 66.61 26.13
C GLY D 9 -38.16 65.92 25.01
N VAL D 10 -38.76 64.77 25.32
CA VAL D 10 -39.45 63.96 24.33
C VAL D 10 -40.83 64.52 24.01
N SER D 11 -41.30 64.27 22.79
CA SER D 11 -42.56 64.83 22.32
C SER D 11 -43.68 63.79 22.33
N SER D 12 -43.34 62.53 22.56
CA SER D 12 -44.32 61.45 22.52
C SER D 12 -43.90 60.28 23.41
N CYS D 13 -44.88 59.43 23.72
CA CYS D 13 -44.61 58.24 24.53
C CYS D 13 -43.71 57.28 23.78
N GLN D 14 -43.93 57.14 22.48
CA GLN D 14 -43.11 56.29 21.63
C GLN D 14 -41.66 56.77 21.65
N GLN D 15 -41.51 58.09 21.59
CA GLN D 15 -40.19 58.71 21.60
C GLN D 15 -39.53 58.53 22.96
N CYS D 16 -40.34 58.48 24.01
CA CYS D 16 -39.84 58.33 25.37
C CYS D 16 -39.18 56.96 25.58
N LEU D 17 -39.89 55.91 25.17
CA LEU D 17 -39.35 54.55 25.31
C LEU D 17 -38.08 54.37 24.50
N ALA D 18 -37.97 55.13 23.41
CA ALA D 18 -36.83 55.03 22.51
C ALA D 18 -35.55 55.60 23.14
N VAL D 19 -35.72 56.42 24.17
CA VAL D 19 -34.59 57.03 24.85
C VAL D 19 -33.71 55.97 25.50
N SER D 20 -34.35 55.10 26.29
CA SER D 20 -33.63 54.07 27.02
C SER D 20 -34.60 53.01 27.54
N PRO D 21 -34.13 51.76 27.72
CA PRO D 21 -35.00 50.75 28.33
C PRO D 21 -35.39 51.11 29.76
N MET D 22 -34.69 52.08 30.32
CA MET D 22 -34.89 52.52 31.70
C MET D 22 -36.04 53.51 31.84
N CYS D 23 -36.39 54.17 30.74
CA CYS D 23 -37.39 55.24 30.78
C CYS D 23 -38.83 54.72 30.78
N ALA D 24 -39.69 55.45 31.49
CA ALA D 24 -41.12 55.15 31.54
C ALA D 24 -41.91 56.38 31.12
N TRP D 25 -43.18 56.19 30.79
CA TRP D 25 -44.04 57.30 30.35
C TRP D 25 -45.32 57.35 31.18
N CYS D 26 -45.77 58.58 31.47
CA CYS D 26 -47.04 58.80 32.15
C CYS D 26 -48.03 59.48 31.21
N SER D 27 -49.18 58.86 31.04
CA SER D 27 -50.21 59.37 30.13
C SER D 27 -51.39 59.97 30.88
N ASP D 28 -51.25 60.11 32.19
CA ASP D 28 -52.31 60.68 33.01
C ASP D 28 -52.59 62.13 32.62
N GLU D 29 -53.84 62.41 32.25
CA GLU D 29 -54.23 63.75 31.84
C GLU D 29 -54.14 64.75 32.98
N ALA D 30 -54.34 64.26 34.20
CA ALA D 30 -54.34 65.12 35.39
C ALA D 30 -52.97 65.17 36.04
N LEU D 31 -51.92 65.21 35.21
CA LEU D 31 -50.56 65.34 35.70
C LEU D 31 -50.23 66.82 35.90
N PRO D 32 -49.44 67.16 36.94
CA PRO D 32 -49.05 68.58 37.09
C PRO D 32 -48.30 69.09 35.86
N LEU D 33 -48.52 70.36 35.50
CA LEU D 33 -47.86 70.95 34.34
C LEU D 33 -46.35 70.94 34.53
N GLY D 34 -45.90 71.42 35.68
CA GLY D 34 -44.49 71.42 36.01
C GLY D 34 -44.04 70.05 36.44
N SER D 35 -44.10 69.09 35.51
CA SER D 35 -43.70 67.71 35.78
C SER D 35 -43.45 66.96 34.48
N PRO D 36 -42.34 66.20 34.42
CA PRO D 36 -42.02 65.46 33.19
C PRO D 36 -42.86 64.21 33.00
N ARG D 37 -43.29 63.95 31.77
CA ARG D 37 -44.05 62.74 31.47
C ARG D 37 -43.12 61.56 31.20
N CYS D 38 -41.86 61.86 30.91
CA CYS D 38 -40.86 60.82 30.63
C CYS D 38 -39.80 60.78 31.74
N ASP D 39 -39.79 59.69 32.50
CA ASP D 39 -38.87 59.54 33.62
C ASP D 39 -38.82 58.09 34.08
N LEU D 40 -38.08 57.83 35.16
CA LEU D 40 -38.04 56.51 35.76
C LEU D 40 -39.42 56.19 36.34
N LYS D 41 -39.78 54.92 36.35
CA LYS D 41 -41.11 54.50 36.83
C LYS D 41 -41.36 54.96 38.26
N GLU D 42 -40.30 55.04 39.05
CA GLU D 42 -40.41 55.46 40.44
C GLU D 42 -40.75 56.95 40.53
N ASN D 43 -39.98 57.76 39.80
CA ASN D 43 -40.17 59.20 39.80
C ASN D 43 -41.58 59.62 39.37
N LEU D 44 -42.16 58.84 38.46
CA LEU D 44 -43.51 59.12 37.99
C LEU D 44 -44.53 58.82 39.08
N LEU D 45 -44.33 57.70 39.79
CA LEU D 45 -45.23 57.31 40.86
C LEU D 45 -45.19 58.30 42.03
N LYS D 46 -44.10 59.06 42.12
CA LYS D 46 -43.96 60.05 43.18
C LYS D 46 -44.90 61.24 42.95
N ASP D 47 -45.18 61.54 41.69
CA ASP D 47 -46.02 62.67 41.33
C ASP D 47 -47.48 62.26 41.18
N ASN D 48 -47.90 61.28 42.00
CA ASN D 48 -49.29 60.84 42.02
C ASN D 48 -49.79 60.35 40.66
N CYS D 49 -48.85 59.94 39.80
CA CYS D 49 -49.21 59.43 38.48
C CYS D 49 -50.02 58.14 38.64
N ALA D 50 -51.20 58.12 38.02
CA ALA D 50 -52.07 56.95 38.09
C ALA D 50 -51.33 55.69 37.65
N PRO D 51 -51.15 54.72 38.57
CA PRO D 51 -50.39 53.50 38.26
C PRO D 51 -50.83 52.80 36.98
N GLU D 52 -52.14 52.82 36.70
CA GLU D 52 -52.68 52.19 35.50
C GLU D 52 -52.34 53.00 34.25
N SER D 53 -51.99 54.27 34.44
CA SER D 53 -51.68 55.16 33.33
C SER D 53 -50.19 55.20 33.00
N ILE D 54 -49.42 54.33 33.66
CA ILE D 54 -47.97 54.28 33.45
C ILE D 54 -47.61 53.27 32.36
N GLU D 55 -46.89 53.76 31.35
CA GLU D 55 -46.39 52.91 30.27
C GLU D 55 -44.93 52.56 30.52
N PHE D 56 -44.64 51.27 30.68
CA PHE D 56 -43.28 50.83 30.94
C PHE D 56 -43.11 49.35 30.60
N PRO D 57 -42.94 49.04 29.30
CA PRO D 57 -42.76 47.65 28.89
C PRO D 57 -41.45 47.05 29.37
N VAL D 58 -41.46 45.76 29.69
CA VAL D 58 -40.28 45.06 30.16
C VAL D 58 -39.91 43.95 29.19
N SER D 59 -38.65 43.95 28.74
CA SER D 59 -38.15 42.89 27.88
C SER D 59 -38.20 41.56 28.62
N GLU D 60 -38.78 40.56 27.99
CA GLU D 60 -38.97 39.26 28.62
C GLU D 60 -38.76 38.10 27.66
N ALA D 61 -38.52 36.92 28.22
CA ALA D 61 -38.42 35.69 27.46
C ALA D 61 -39.39 34.66 28.03
N ARG D 62 -40.22 34.09 27.16
CA ARG D 62 -41.25 33.16 27.59
C ARG D 62 -41.21 31.89 26.76
N VAL D 63 -41.21 30.74 27.43
CA VAL D 63 -41.14 29.45 26.75
C VAL D 63 -42.52 29.01 26.31
N LEU D 64 -42.62 28.61 25.04
CA LEU D 64 -43.88 28.17 24.45
C LEU D 64 -43.92 26.64 24.35
N GLU D 65 -42.90 26.07 23.73
CA GLU D 65 -42.77 24.62 23.59
C GLU D 65 -41.53 24.13 24.34
N ASP D 66 -41.74 23.23 25.29
CA ASP D 66 -40.68 22.79 26.19
C ASP D 66 -40.70 21.28 26.40
N ARG D 67 -40.70 20.52 25.30
CA ARG D 67 -40.69 19.07 25.39
C ARG D 67 -39.39 18.59 26.03
N PRO D 68 -39.45 17.58 26.92
CA PRO D 68 -38.21 17.08 27.52
C PRO D 68 -37.28 16.41 26.51
N LEU D 69 -35.98 16.45 26.77
CA LEU D 69 -35.01 15.78 25.92
C LEU D 69 -35.20 14.28 26.01
N SER D 70 -35.19 13.61 24.85
CA SER D 70 -35.40 12.18 24.80
C SER D 70 -34.18 11.42 25.32
N ASP D 71 -34.44 10.29 25.97
CA ASP D 71 -33.37 9.44 26.49
C ASP D 71 -32.87 8.50 25.40
N LYS D 72 -33.80 7.92 24.64
CA LYS D 72 -33.48 6.99 23.57
C LYS D 72 -33.99 7.54 22.23
N GLY D 73 -33.28 7.20 21.15
CA GLY D 73 -33.63 7.68 19.82
C GLY D 73 -34.40 6.65 19.01
N SER D 74 -34.74 5.54 19.63
CA SER D 74 -35.49 4.47 18.95
C SER D 74 -36.98 4.78 18.93
N GLY D 75 -37.77 3.83 18.44
CA GLY D 75 -39.21 3.98 18.35
C GLY D 75 -39.59 4.90 17.20
N ASP D 76 -40.47 5.85 17.47
CA ASP D 76 -40.90 6.81 16.46
C ASP D 76 -39.93 7.97 16.38
N SER D 77 -39.61 8.39 15.17
CA SER D 77 -38.68 9.50 14.95
C SER D 77 -39.32 10.83 15.30
N SER D 78 -40.65 10.88 15.20
CA SER D 78 -41.39 12.09 15.52
C SER D 78 -41.35 12.39 17.02
N GLN D 79 -41.11 11.35 17.82
CA GLN D 79 -41.08 11.48 19.27
C GLN D 79 -39.72 11.92 19.79
N VAL D 80 -38.71 11.93 18.92
CA VAL D 80 -37.34 12.24 19.32
C VAL D 80 -37.15 13.75 19.51
N THR D 81 -36.65 14.14 20.67
CA THR D 81 -36.39 15.53 21.00
C THR D 81 -34.92 15.71 21.38
N GLN D 82 -34.20 16.48 20.57
CA GLN D 82 -32.76 16.67 20.74
C GLN D 82 -32.44 18.07 21.27
N VAL D 83 -33.39 18.98 21.11
CA VAL D 83 -33.21 20.37 21.52
C VAL D 83 -34.31 20.80 22.48
N SER D 84 -33.95 21.61 23.47
CA SER D 84 -34.90 22.11 24.45
C SER D 84 -34.48 23.47 24.99
N PRO D 85 -35.39 24.46 24.99
CA PRO D 85 -36.76 24.41 24.47
C PRO D 85 -36.81 24.40 22.94
N GLN D 86 -38.01 24.22 22.38
CA GLN D 86 -38.18 24.18 20.93
C GLN D 86 -38.73 25.50 20.39
N ARG D 87 -39.43 26.23 21.25
CA ARG D 87 -40.02 27.50 20.84
C ARG D 87 -40.15 28.44 22.05
N ILE D 88 -39.69 29.67 21.88
CA ILE D 88 -39.80 30.69 22.92
C ILE D 88 -40.26 32.02 22.31
N ALA D 89 -40.91 32.85 23.12
CA ALA D 89 -41.36 34.17 22.70
C ALA D 89 -40.49 35.23 23.34
N LEU D 90 -39.80 36.00 22.50
CA LEU D 90 -38.88 37.04 22.98
C LEU D 90 -39.48 38.42 22.77
N ARG D 91 -39.48 39.23 23.83
CA ARG D 91 -39.95 40.61 23.77
C ARG D 91 -38.82 41.57 24.07
N LEU D 92 -38.62 42.54 23.17
CA LEU D 92 -37.51 43.48 23.29
C LEU D 92 -37.96 44.91 22.98
N ARG D 93 -37.74 45.82 23.93
CA ARG D 93 -37.95 47.23 23.67
C ARG D 93 -36.66 47.81 23.10
N PRO D 94 -36.73 49.01 22.49
CA PRO D 94 -35.59 49.57 21.75
C PRO D 94 -34.27 49.59 22.52
N ASP D 95 -33.18 49.21 21.84
CA ASP D 95 -31.84 49.26 22.41
C ASP D 95 -31.71 48.47 23.70
N ASP D 96 -32.58 47.49 23.89
CA ASP D 96 -32.56 46.65 25.08
C ASP D 96 -32.09 45.24 24.70
N SER D 97 -31.88 44.40 25.70
CA SER D 97 -31.45 43.02 25.45
C SER D 97 -31.97 42.08 26.53
N LYS D 98 -32.39 40.89 26.11
CA LYS D 98 -32.82 39.85 27.03
C LYS D 98 -32.05 38.57 26.73
N ASN D 99 -31.96 37.69 27.72
CA ASN D 99 -31.21 36.45 27.58
C ASN D 99 -32.10 35.23 27.71
N PHE D 100 -31.72 34.15 27.03
CA PHE D 100 -32.41 32.87 27.14
C PHE D 100 -31.41 31.73 26.98
N SER D 101 -31.88 30.50 27.16
CA SER D 101 -31.00 29.35 27.14
C SER D 101 -31.49 28.26 26.19
N ILE D 102 -30.60 27.32 25.87
CA ILE D 102 -30.93 26.20 25.02
C ILE D 102 -30.11 24.98 25.44
N GLN D 103 -30.75 23.81 25.41
CA GLN D 103 -30.07 22.56 25.71
C GLN D 103 -30.03 21.69 24.46
N VAL D 104 -28.88 21.03 24.25
CA VAL D 104 -28.71 20.13 23.11
C VAL D 104 -28.14 18.81 23.62
N ARG D 105 -28.69 17.71 23.10
CA ARG D 105 -28.27 16.37 23.51
C ARG D 105 -27.98 15.48 22.31
N GLN D 106 -26.82 14.83 22.34
CA GLN D 106 -26.52 13.75 21.41
C GLN D 106 -27.28 12.51 21.88
N VAL D 107 -28.51 12.37 21.42
CA VAL D 107 -29.41 11.32 21.90
C VAL D 107 -28.83 9.93 21.65
N GLU D 108 -28.97 9.06 22.65
CA GLU D 108 -28.49 7.70 22.56
C GLU D 108 -29.40 6.84 21.69
N ASP D 109 -28.81 5.89 20.98
CA ASP D 109 -29.56 4.96 20.12
C ASP D 109 -30.33 5.72 19.03
N TYR D 110 -29.60 6.52 18.26
CA TYR D 110 -30.18 7.24 17.13
C TYR D 110 -29.91 6.46 15.84
N PRO D 111 -30.90 6.39 14.93
CA PRO D 111 -30.69 5.60 13.70
C PRO D 111 -29.47 6.06 12.89
N VAL D 112 -28.89 5.14 12.12
CA VAL D 112 -27.68 5.41 11.35
C VAL D 112 -27.75 4.83 9.94
N ASP D 113 -27.40 5.65 8.96
CA ASP D 113 -27.22 5.20 7.58
C ASP D 113 -25.75 5.24 7.23
N ILE D 114 -25.22 4.14 6.69
CA ILE D 114 -23.83 4.07 6.27
C ILE D 114 -23.71 3.59 4.83
N TYR D 115 -23.40 4.51 3.93
CA TYR D 115 -23.17 4.17 2.54
C TYR D 115 -21.68 4.04 2.26
N TYR D 116 -21.28 2.84 1.85
CA TYR D 116 -19.88 2.50 1.62
C TYR D 116 -19.51 2.76 0.15
N LEU D 117 -18.81 3.85 -0.10
CA LEU D 117 -18.43 4.24 -1.45
C LEU D 117 -16.96 3.92 -1.69
N MET D 118 -16.71 2.95 -2.59
CA MET D 118 -15.41 2.32 -2.70
C MET D 118 -14.70 2.53 -4.03
N ASP D 119 -13.43 2.92 -3.95
CA ASP D 119 -12.55 2.92 -5.10
C ASP D 119 -12.34 1.48 -5.54
N LEU D 120 -12.62 1.18 -6.80
CA LEU D 120 -12.37 -0.15 -7.35
C LEU D 120 -11.44 -0.10 -8.57
N SER D 121 -10.56 0.89 -8.57
CA SER D 121 -9.43 0.86 -9.49
C SER D 121 -8.51 -0.28 -9.04
N TYR D 122 -7.55 -0.64 -9.89
CA TYR D 122 -6.87 -1.94 -9.76
C TYR D 122 -6.18 -2.19 -8.41
N SER D 123 -5.65 -1.15 -7.79
CA SER D 123 -4.89 -1.30 -6.54
C SER D 123 -5.78 -1.68 -5.35
N MET D 124 -7.09 -1.65 -5.57
CA MET D 124 -8.06 -1.94 -4.50
C MET D 124 -8.54 -3.39 -4.58
N LYS D 125 -7.81 -4.21 -5.33
CA LYS D 125 -8.19 -5.60 -5.54
C LYS D 125 -8.05 -6.40 -4.24
N ASP D 126 -6.99 -6.12 -3.49
CA ASP D 126 -6.76 -6.80 -2.22
C ASP D 126 -7.70 -6.29 -1.14
N ASP D 127 -8.17 -5.06 -1.31
CA ASP D 127 -9.10 -4.45 -0.37
C ASP D 127 -10.43 -5.17 -0.34
N LEU D 128 -10.84 -5.69 -1.49
CA LEU D 128 -12.09 -6.44 -1.60
C LEU D 128 -12.08 -7.71 -0.75
N TRP D 129 -10.91 -8.35 -0.68
CA TRP D 129 -10.75 -9.59 0.08
C TRP D 129 -11.06 -9.39 1.55
N SER D 130 -10.77 -8.19 2.06
CA SER D 130 -10.91 -7.90 3.48
C SER D 130 -12.37 -7.66 3.86
N ILE D 131 -13.11 -7.03 2.97
CA ILE D 131 -14.47 -6.58 3.28
C ILE D 131 -15.54 -7.55 2.80
N GLN D 132 -15.14 -8.79 2.54
CA GLN D 132 -16.06 -9.82 2.05
C GLN D 132 -17.28 -9.98 2.97
N ASN D 133 -17.03 -9.89 4.27
CA ASN D 133 -18.09 -10.03 5.28
C ASN D 133 -18.18 -8.80 6.16
N LEU D 134 -17.87 -7.63 5.60
CA LEU D 134 -17.86 -6.39 6.36
C LEU D 134 -19.24 -6.01 6.85
N GLY D 135 -20.27 -6.35 6.07
CA GLY D 135 -21.64 -6.05 6.43
C GLY D 135 -22.02 -6.66 7.77
N THR D 136 -21.76 -7.95 7.92
CA THR D 136 -22.05 -8.66 9.15
C THR D 136 -21.23 -8.11 10.31
N LYS D 137 -19.93 -7.95 10.09
CA LYS D 137 -19.02 -7.49 11.12
C LYS D 137 -19.34 -6.06 11.57
N LEU D 138 -19.55 -5.17 10.59
CA LEU D 138 -19.86 -3.79 10.89
C LEU D 138 -21.20 -3.67 11.62
N ALA D 139 -22.15 -4.51 11.22
CA ALA D 139 -23.47 -4.52 11.85
C ALA D 139 -23.36 -4.84 13.33
N THR D 140 -22.61 -5.88 13.65
CA THR D 140 -22.44 -6.33 15.03
C THR D 140 -21.97 -5.20 15.94
N GLN D 141 -20.91 -4.50 15.54
CA GLN D 141 -20.33 -3.45 16.35
C GLN D 141 -21.24 -2.23 16.42
N MET D 142 -21.90 -1.92 15.32
CA MET D 142 -22.76 -0.74 15.26
C MET D 142 -24.01 -0.91 16.12
N ARG D 143 -24.51 -2.14 16.23
CA ARG D 143 -25.73 -2.38 16.98
C ARG D 143 -25.48 -2.35 18.48
N LYS D 144 -24.23 -2.12 18.87
CA LYS D 144 -23.92 -1.75 20.24
C LYS D 144 -24.37 -0.31 20.47
N LEU D 145 -24.35 0.47 19.40
CA LEU D 145 -24.63 1.91 19.48
C LEU D 145 -26.07 2.26 19.08
N THR D 146 -26.58 1.61 18.03
CA THR D 146 -27.89 1.96 17.47
C THR D 146 -28.74 0.73 17.18
N SER D 147 -30.07 0.89 17.29
CA SER D 147 -31.01 -0.19 17.02
C SER D 147 -31.48 -0.17 15.56
N ASN D 148 -31.36 1.00 14.92
CA ASN D 148 -31.81 1.18 13.54
C ASN D 148 -30.65 1.45 12.58
N LEU D 149 -30.02 0.39 12.11
CA LEU D 149 -28.90 0.50 11.18
C LEU D 149 -29.30 0.11 9.76
N ARG D 150 -28.82 0.90 8.80
CA ARG D 150 -28.96 0.57 7.39
C ARG D 150 -27.62 0.78 6.68
N ILE D 151 -27.26 -0.17 5.82
CA ILE D 151 -26.00 -0.07 5.06
C ILE D 151 -26.25 -0.31 3.58
N GLY D 152 -25.41 0.32 2.76
CA GLY D 152 -25.50 0.21 1.32
C GLY D 152 -24.12 0.30 0.70
N PHE D 153 -24.02 0.06 -0.60
CA PHE D 153 -22.74 0.00 -1.28
C PHE D 153 -22.75 0.65 -2.66
N GLY D 154 -21.65 1.31 -2.99
CA GLY D 154 -21.43 1.86 -4.31
C GLY D 154 -19.94 1.85 -4.62
N ALA D 155 -19.60 1.93 -5.91
CA ALA D 155 -18.21 1.88 -6.32
C ALA D 155 -17.93 2.82 -7.49
N PHE D 156 -16.66 3.21 -7.61
CA PHE D 156 -16.24 4.12 -8.67
C PHE D 156 -14.85 3.77 -9.17
N VAL D 157 -14.52 4.28 -10.34
CA VAL D 157 -13.16 4.19 -10.87
C VAL D 157 -12.77 5.58 -11.39
N ASP D 158 -13.18 5.89 -12.62
CA ASP D 158 -12.90 7.18 -13.21
C ASP D 158 -13.77 7.30 -14.46
N LYS D 159 -13.79 8.49 -15.07
CA LYS D 159 -14.61 8.71 -16.26
C LYS D 159 -14.21 7.74 -17.36
N PRO D 160 -15.16 6.88 -17.82
CA PRO D 160 -14.80 5.90 -18.85
C PRO D 160 -14.64 6.56 -20.22
N VAL D 161 -13.53 7.27 -20.38
CA VAL D 161 -13.24 7.98 -21.61
C VAL D 161 -11.73 8.22 -21.72
N SER D 162 -11.21 8.24 -22.95
CA SER D 162 -9.81 8.56 -23.18
C SER D 162 -9.53 9.98 -22.70
N PRO D 163 -8.35 10.22 -22.09
CA PRO D 163 -7.21 9.32 -21.85
C PRO D 163 -7.27 8.51 -20.56
N TYR D 164 -8.30 8.72 -19.74
CA TYR D 164 -8.43 7.97 -18.49
C TYR D 164 -8.57 6.48 -18.79
N MET D 165 -9.27 6.17 -19.86
CA MET D 165 -9.61 4.80 -20.22
C MET D 165 -8.75 4.29 -21.36
N TYR D 166 -8.35 3.01 -21.29
CA TYR D 166 -7.66 2.36 -22.39
C TYR D 166 -8.67 2.01 -23.49
N ILE D 167 -8.39 2.46 -24.71
CA ILE D 167 -9.34 2.32 -25.81
C ILE D 167 -8.78 1.51 -26.98
N SER D 168 -7.74 0.71 -26.73
CA SER D 168 -7.17 -0.13 -27.77
C SER D 168 -6.32 -1.25 -27.18
N PRO D 169 -6.37 -2.46 -27.77
CA PRO D 169 -7.25 -2.88 -28.88
C PRO D 169 -8.69 -3.03 -28.41
N PRO D 170 -9.60 -3.45 -29.32
CA PRO D 170 -11.01 -3.60 -28.97
C PRO D 170 -11.23 -4.47 -27.73
N GLU D 171 -10.31 -5.39 -27.47
CA GLU D 171 -10.42 -6.28 -26.32
C GLU D 171 -10.18 -5.52 -25.02
N ALA D 172 -9.46 -4.42 -25.08
CA ALA D 172 -9.15 -3.62 -23.90
C ALA D 172 -10.40 -2.97 -23.31
N LEU D 173 -11.38 -2.71 -24.18
CA LEU D 173 -12.63 -2.10 -23.75
C LEU D 173 -13.47 -3.09 -22.93
N GLU D 174 -13.45 -4.35 -23.35
CA GLU D 174 -14.19 -5.39 -22.64
C GLU D 174 -13.38 -5.91 -21.44
N ASN D 175 -12.07 -5.80 -21.54
CA ASN D 175 -11.16 -6.27 -20.49
C ASN D 175 -9.91 -5.41 -20.43
N PRO D 176 -9.94 -4.34 -19.62
CA PRO D 176 -8.80 -3.42 -19.50
C PRO D 176 -7.51 -4.13 -19.07
N CYS D 177 -7.63 -5.31 -18.49
CA CYS D 177 -6.46 -6.08 -18.05
C CYS D 177 -6.08 -7.11 -19.13
N TYR D 178 -6.26 -6.73 -20.38
CA TYR D 178 -5.98 -7.63 -21.50
C TYR D 178 -4.50 -7.95 -21.63
N ASP D 179 -3.67 -6.92 -21.65
CA ASP D 179 -2.23 -7.10 -21.83
C ASP D 179 -1.56 -7.69 -20.59
N MET D 180 -2.36 -7.91 -19.54
CA MET D 180 -1.91 -8.63 -18.36
C MET D 180 -2.54 -10.02 -18.36
N LYS D 181 -1.90 -10.98 -17.71
CA LYS D 181 -2.41 -12.35 -17.69
C LYS D 181 -3.57 -12.48 -16.70
N THR D 182 -4.63 -11.71 -16.93
CA THR D 182 -5.79 -11.73 -16.04
C THR D 182 -6.99 -11.03 -16.68
N THR D 183 -8.06 -10.91 -15.90
CA THR D 183 -9.29 -10.27 -16.37
C THR D 183 -9.81 -9.30 -15.30
N CYS D 184 -10.39 -8.20 -15.75
CA CYS D 184 -11.06 -7.26 -14.86
C CYS D 184 -12.24 -6.63 -15.59
N LEU D 185 -13.12 -5.97 -14.84
CA LEU D 185 -14.33 -5.39 -15.41
C LEU D 185 -14.02 -4.28 -16.39
N PRO D 186 -14.94 -4.05 -17.35
CA PRO D 186 -14.85 -2.82 -18.15
C PRO D 186 -14.91 -1.60 -17.24
N MET D 187 -14.26 -0.51 -17.65
CA MET D 187 -14.22 0.69 -16.84
C MET D 187 -15.61 1.28 -16.65
N PHE D 188 -15.85 1.83 -15.45
CA PHE D 188 -17.12 2.50 -15.15
C PHE D 188 -16.87 3.73 -14.29
N GLY D 189 -17.66 4.77 -14.50
CA GLY D 189 -17.54 6.00 -13.73
C GLY D 189 -17.97 5.79 -12.29
N TYR D 190 -19.27 5.62 -12.09
CA TYR D 190 -19.83 5.35 -10.78
C TYR D 190 -21.08 4.48 -10.93
N LYS D 191 -21.19 3.46 -10.11
CA LYS D 191 -22.36 2.59 -10.12
C LYS D 191 -22.88 2.36 -8.70
N HIS D 192 -24.19 2.53 -8.54
CA HIS D 192 -24.87 2.21 -7.29
C HIS D 192 -25.15 0.71 -7.27
N VAL D 193 -24.79 0.06 -6.17
CA VAL D 193 -24.91 -1.39 -6.06
C VAL D 193 -26.05 -1.81 -5.15
N LEU D 194 -26.02 -1.32 -3.91
CA LEU D 194 -27.00 -1.70 -2.89
C LEU D 194 -27.58 -0.49 -2.18
N THR D 195 -28.89 -0.32 -2.31
CA THR D 195 -29.61 0.72 -1.59
C THR D 195 -29.55 0.42 -0.09
N LEU D 196 -29.49 1.48 0.72
CA LEU D 196 -29.46 1.34 2.17
C LEU D 196 -30.57 0.42 2.67
N THR D 197 -30.19 -0.64 3.36
CA THR D 197 -31.15 -1.63 3.85
C THR D 197 -30.72 -2.14 5.23
N ASP D 198 -31.69 -2.59 6.02
CA ASP D 198 -31.40 -3.14 7.34
C ASP D 198 -30.99 -4.60 7.26
N GLN D 199 -31.11 -5.20 6.08
CA GLN D 199 -30.70 -6.58 5.85
C GLN D 199 -29.22 -6.61 5.48
N VAL D 200 -28.37 -6.68 6.49
CA VAL D 200 -26.93 -6.49 6.30
C VAL D 200 -26.28 -7.63 5.52
N THR D 201 -26.98 -8.76 5.40
CA THR D 201 -26.46 -9.88 4.62
C THR D 201 -26.45 -9.51 3.14
N ARG D 202 -27.36 -8.65 2.73
CA ARG D 202 -27.40 -8.16 1.36
C ARG D 202 -26.10 -7.46 1.00
N PHE D 203 -25.48 -6.82 2.00
CA PHE D 203 -24.21 -6.13 1.80
C PHE D 203 -23.12 -7.13 1.41
N ASN D 204 -22.97 -8.17 2.21
CA ASN D 204 -21.98 -9.20 1.94
C ASN D 204 -22.20 -9.87 0.58
N GLU D 205 -23.45 -10.17 0.28
CA GLU D 205 -23.80 -10.81 -0.99
C GLU D 205 -23.33 -9.98 -2.18
N GLU D 206 -23.65 -8.70 -2.17
CA GLU D 206 -23.33 -7.82 -3.30
C GLU D 206 -21.83 -7.55 -3.39
N VAL D 207 -21.17 -7.42 -2.24
CA VAL D 207 -19.74 -7.16 -2.20
C VAL D 207 -18.94 -8.32 -2.80
N LYS D 208 -19.37 -9.55 -2.49
CA LYS D 208 -18.70 -10.73 -3.02
C LYS D 208 -18.79 -10.79 -4.55
N LYS D 209 -19.81 -10.14 -5.11
CA LYS D 209 -20.01 -10.13 -6.55
C LYS D 209 -19.24 -9.00 -7.24
N GLN D 210 -18.56 -8.17 -6.45
CA GLN D 210 -17.80 -7.05 -7.00
C GLN D 210 -16.40 -7.45 -7.43
N SER D 211 -15.86 -6.72 -8.39
CA SER D 211 -14.48 -6.88 -8.83
C SER D 211 -13.94 -5.55 -9.31
N VAL D 212 -12.62 -5.43 -9.38
CA VAL D 212 -11.98 -4.17 -9.75
C VAL D 212 -11.94 -3.95 -11.24
N SER D 213 -11.61 -2.72 -11.64
CA SER D 213 -11.34 -2.39 -13.04
C SER D 213 -9.93 -1.81 -13.13
N ARG D 214 -9.66 -1.09 -14.21
CA ARG D 214 -8.32 -0.54 -14.42
C ARG D 214 -8.37 0.68 -15.33
N ASN D 215 -7.72 1.76 -14.89
CA ASN D 215 -7.63 2.98 -15.70
C ASN D 215 -6.18 3.47 -15.72
N ARG D 216 -5.92 4.54 -16.46
CA ARG D 216 -4.56 4.94 -16.79
C ARG D 216 -3.91 5.88 -15.76
N ASP D 217 -4.62 6.93 -15.37
CA ASP D 217 -4.03 7.99 -14.54
C ASP D 217 -4.36 7.84 -13.06
N ALA D 218 -3.40 8.27 -12.23
CA ALA D 218 -3.48 8.10 -10.79
C ALA D 218 -4.72 8.74 -10.15
N PRO D 219 -5.00 10.01 -10.48
CA PRO D 219 -6.18 10.61 -9.87
C PRO D 219 -7.46 9.92 -10.36
N GLU D 220 -8.43 9.73 -9.46
CA GLU D 220 -9.63 8.97 -9.80
C GLU D 220 -10.87 9.86 -9.75
N GLY D 221 -12.01 9.29 -10.12
CA GLY D 221 -13.25 10.03 -10.24
C GLY D 221 -14.17 9.83 -9.04
N GLY D 222 -13.59 9.81 -7.85
CA GLY D 222 -14.36 9.60 -6.64
C GLY D 222 -15.34 10.73 -6.31
N PHE D 223 -14.97 11.96 -6.67
CA PHE D 223 -15.81 13.11 -6.34
C PHE D 223 -17.11 13.12 -7.16
N ASP D 224 -17.05 12.61 -8.39
CA ASP D 224 -18.26 12.38 -9.17
C ASP D 224 -19.22 11.49 -8.38
N ALA D 225 -18.67 10.44 -7.78
CA ALA D 225 -19.46 9.46 -7.05
C ALA D 225 -20.00 10.04 -5.74
N ILE D 226 -19.19 10.85 -5.06
CA ILE D 226 -19.62 11.51 -3.84
C ILE D 226 -20.83 12.40 -4.12
N MET D 227 -20.78 13.11 -5.24
CA MET D 227 -21.86 14.01 -5.63
C MET D 227 -23.14 13.23 -5.86
N GLN D 228 -23.05 12.15 -6.63
CA GLN D 228 -24.22 11.35 -6.95
C GLN D 228 -24.76 10.62 -5.73
N ALA D 229 -23.87 10.09 -4.91
CA ALA D 229 -24.28 9.41 -3.68
C ALA D 229 -24.99 10.39 -2.74
N THR D 230 -24.75 11.67 -2.94
CA THR D 230 -25.32 12.70 -2.07
C THR D 230 -26.71 13.15 -2.56
N VAL D 231 -26.82 13.45 -3.85
CA VAL D 231 -28.03 14.09 -4.38
C VAL D 231 -29.06 13.08 -4.90
N CYS D 232 -28.65 11.83 -5.10
CA CYS D 232 -29.59 10.79 -5.51
C CYS D 232 -30.30 10.20 -4.30
N ASP D 233 -31.21 10.98 -3.72
CA ASP D 233 -31.87 10.63 -2.46
C ASP D 233 -32.58 9.28 -2.50
N GLU D 234 -33.42 9.08 -3.49
CA GLU D 234 -34.27 7.89 -3.54
C GLU D 234 -33.48 6.62 -3.77
N LYS D 235 -32.47 6.67 -4.63
CA LYS D 235 -31.70 5.50 -4.98
C LYS D 235 -30.78 5.04 -3.86
N ILE D 236 -30.02 5.97 -3.30
CA ILE D 236 -29.14 5.65 -2.19
C ILE D 236 -29.99 5.30 -0.97
N GLY D 237 -31.08 6.03 -0.79
CA GLY D 237 -32.08 5.71 0.22
C GLY D 237 -31.78 6.27 1.59
N TRP D 238 -31.19 7.46 1.64
CA TRP D 238 -30.97 8.14 2.92
C TRP D 238 -32.30 8.35 3.64
N ARG D 239 -32.29 8.14 4.95
CA ARG D 239 -33.49 8.33 5.76
C ARG D 239 -33.56 9.74 6.33
N ASN D 240 -34.77 10.23 6.54
CA ASN D 240 -35.00 11.58 7.04
C ASN D 240 -34.41 11.78 8.44
N ASP D 241 -34.79 10.91 9.37
CA ASP D 241 -34.39 11.03 10.77
C ASP D 241 -33.30 10.03 11.13
N ALA D 242 -32.11 10.23 10.57
CA ALA D 242 -30.98 9.34 10.85
C ALA D 242 -29.66 10.03 10.53
N SER D 243 -28.59 9.57 11.16
CA SER D 243 -27.25 10.04 10.84
C SER D 243 -26.84 9.47 9.50
N HIS D 244 -26.20 10.30 8.67
CA HIS D 244 -25.79 9.89 7.33
C HIS D 244 -24.27 9.87 7.21
N LEU D 245 -23.72 8.65 7.17
CA LEU D 245 -22.28 8.47 6.98
C LEU D 245 -21.97 8.02 5.56
N LEU D 246 -21.20 8.84 4.85
CA LEU D 246 -20.72 8.47 3.51
C LEU D 246 -19.24 8.11 3.59
N VAL D 247 -18.96 6.81 3.62
CA VAL D 247 -17.60 6.32 3.78
C VAL D 247 -16.91 6.23 2.42
N PHE D 248 -15.91 7.08 2.23
CA PHE D 248 -15.19 7.22 0.97
C PHE D 248 -13.80 6.61 1.08
N THR D 249 -13.60 5.45 0.46
CA THR D 249 -12.33 4.74 0.54
C THR D 249 -11.56 4.79 -0.79
N THR D 250 -10.30 5.20 -0.70
CA THR D 250 -9.42 5.25 -1.87
C THR D 250 -7.96 5.26 -1.42
N ASP D 251 -7.05 5.03 -2.36
CA ASP D 251 -5.61 5.03 -2.06
C ASP D 251 -4.86 5.93 -3.04
N ALA D 252 -5.57 6.86 -3.67
CA ALA D 252 -4.97 7.71 -4.70
C ALA D 252 -5.48 9.14 -4.63
N LYS D 253 -4.90 9.99 -5.47
CA LYS D 253 -5.40 11.35 -5.66
C LYS D 253 -6.83 11.31 -6.18
N THR D 254 -7.44 12.50 -6.29
CA THR D 254 -8.78 12.61 -6.85
C THR D 254 -8.83 13.70 -7.91
N HIS D 255 -9.65 13.47 -8.94
CA HIS D 255 -9.89 14.49 -9.94
C HIS D 255 -10.80 15.57 -9.36
N ILE D 256 -10.56 16.80 -9.77
CA ILE D 256 -11.32 17.95 -9.29
C ILE D 256 -11.88 18.73 -10.49
N ALA D 257 -12.74 19.70 -10.22
CA ALA D 257 -13.35 20.48 -11.29
C ALA D 257 -12.29 21.12 -12.18
N LEU D 258 -12.58 21.13 -13.48
CA LEU D 258 -11.72 21.66 -14.54
C LEU D 258 -10.61 20.68 -14.96
N ASP D 259 -10.56 19.51 -14.32
CA ASP D 259 -9.69 18.43 -14.79
C ASP D 259 -10.28 17.80 -16.04
N GLY D 260 -11.61 17.81 -16.14
CA GLY D 260 -12.31 17.11 -17.20
C GLY D 260 -11.94 17.56 -18.60
N ARG D 261 -11.33 18.74 -18.70
CA ARG D 261 -10.98 19.31 -19.99
C ARG D 261 -9.96 18.43 -20.73
N LEU D 262 -9.23 17.61 -19.99
CA LEU D 262 -8.27 16.69 -20.61
C LEU D 262 -8.98 15.54 -21.32
N ALA D 263 -10.29 15.37 -21.05
CA ALA D 263 -11.11 14.40 -21.77
C ALA D 263 -12.11 15.10 -22.68
N GLY D 264 -11.93 16.40 -22.88
CA GLY D 264 -12.81 17.18 -23.72
C GLY D 264 -14.09 17.61 -23.02
N ILE D 265 -14.15 17.41 -21.71
CA ILE D 265 -15.33 17.76 -20.91
C ILE D 265 -15.19 19.17 -20.35
N VAL D 266 -16.14 20.04 -20.67
CA VAL D 266 -16.10 21.44 -20.22
C VAL D 266 -17.38 21.86 -19.50
N GLN D 267 -18.46 21.11 -19.69
CA GLN D 267 -19.72 21.42 -19.03
C GLN D 267 -19.56 21.31 -17.50
N PRO D 268 -19.89 22.40 -16.77
CA PRO D 268 -19.76 22.34 -15.31
C PRO D 268 -20.74 21.35 -14.66
N ASN D 269 -20.34 20.78 -13.53
CA ASN D 269 -21.21 19.89 -12.76
C ASN D 269 -22.47 20.64 -12.31
N ASP D 270 -23.64 20.07 -12.56
CA ASP D 270 -24.90 20.74 -12.26
C ASP D 270 -25.43 20.37 -10.86
N GLY D 271 -24.77 19.43 -10.20
CA GLY D 271 -25.15 19.03 -8.86
C GLY D 271 -26.49 18.31 -8.79
N GLN D 272 -26.90 17.71 -9.91
CA GLN D 272 -28.16 16.99 -9.98
C GLN D 272 -27.92 15.48 -10.14
N CYS D 273 -28.93 14.68 -9.80
CA CYS D 273 -28.82 13.23 -9.91
C CYS D 273 -28.91 12.79 -11.37
N HIS D 274 -27.99 11.92 -11.78
CA HIS D 274 -27.96 11.39 -13.13
C HIS D 274 -27.69 9.89 -13.13
N VAL D 275 -28.27 9.20 -12.15
CA VAL D 275 -28.19 7.75 -12.09
C VAL D 275 -29.56 7.16 -12.43
N GLY D 276 -29.64 6.53 -13.60
CA GLY D 276 -30.89 5.96 -14.09
C GLY D 276 -31.09 4.52 -13.67
N SER D 277 -32.09 3.87 -14.26
CA SER D 277 -32.48 2.51 -13.88
C SER D 277 -31.31 1.52 -13.93
N ASP D 278 -30.33 1.79 -14.77
CA ASP D 278 -29.15 0.93 -14.90
C ASP D 278 -28.15 1.17 -13.77
N ASN D 279 -28.47 2.09 -12.87
CA ASN D 279 -27.67 2.36 -11.67
C ASN D 279 -26.25 2.87 -11.93
N HIS D 280 -25.97 3.27 -13.17
CA HIS D 280 -24.68 3.90 -13.49
C HIS D 280 -24.85 5.41 -13.65
N TYR D 281 -23.78 6.15 -13.38
CA TYR D 281 -23.76 7.60 -13.54
C TYR D 281 -23.66 7.98 -15.01
N SER D 282 -24.78 8.42 -15.59
CA SER D 282 -24.89 8.59 -17.03
C SER D 282 -24.16 9.82 -17.57
N ALA D 283 -23.94 10.81 -16.72
CA ALA D 283 -23.29 12.05 -17.15
C ALA D 283 -21.78 12.02 -16.94
N SER D 284 -21.24 10.82 -16.78
CA SER D 284 -19.83 10.66 -16.46
C SER D 284 -18.91 11.18 -17.57
N THR D 285 -19.32 10.94 -18.81
CA THR D 285 -18.48 11.27 -19.97
C THR D 285 -18.91 12.57 -20.66
N THR D 286 -19.79 13.33 -20.02
CA THR D 286 -20.34 14.56 -20.59
C THR D 286 -20.33 15.73 -19.62
N MET D 287 -20.08 15.45 -18.34
CA MET D 287 -20.13 16.48 -17.30
C MET D 287 -18.85 16.47 -16.46
N ASP D 288 -18.33 17.66 -16.19
CA ASP D 288 -17.05 17.80 -15.50
C ASP D 288 -17.17 17.42 -14.03
N TYR D 289 -16.02 17.11 -13.41
CA TYR D 289 -15.98 16.80 -11.98
C TYR D 289 -16.51 17.97 -11.16
N PRO D 290 -17.11 17.68 -10.00
CA PRO D 290 -17.65 18.76 -9.16
C PRO D 290 -16.54 19.55 -8.46
N SER D 291 -16.84 20.78 -8.08
CA SER D 291 -15.90 21.60 -7.32
C SER D 291 -16.10 21.36 -5.83
N LEU D 292 -15.11 21.75 -5.02
CA LEU D 292 -15.20 21.57 -3.58
C LEU D 292 -16.42 22.32 -3.03
N GLY D 293 -16.65 23.53 -3.54
CA GLY D 293 -17.74 24.36 -3.08
C GLY D 293 -19.09 23.72 -3.33
N LEU D 294 -19.27 23.16 -4.52
CA LEU D 294 -20.53 22.54 -4.88
C LEU D 294 -20.77 21.30 -4.05
N MET D 295 -19.72 20.51 -3.84
CA MET D 295 -19.80 19.32 -2.99
C MET D 295 -20.24 19.71 -1.58
N THR D 296 -19.65 20.77 -1.07
CA THR D 296 -19.99 21.27 0.27
C THR D 296 -21.47 21.63 0.36
N GLU D 297 -21.99 22.30 -0.67
CA GLU D 297 -23.38 22.72 -0.70
C GLU D 297 -24.32 21.53 -0.55
N LYS D 298 -24.09 20.51 -1.37
CA LYS D 298 -24.98 19.36 -1.41
C LYS D 298 -24.87 18.47 -0.17
N LEU D 299 -23.65 18.29 0.33
CA LEU D 299 -23.45 17.53 1.56
C LEU D 299 -24.18 18.19 2.71
N SER D 300 -24.09 19.51 2.78
CA SER D 300 -24.77 20.29 3.81
C SER D 300 -26.28 20.20 3.62
N GLN D 301 -26.73 20.40 2.40
CA GLN D 301 -28.15 20.37 2.06
C GLN D 301 -28.79 19.03 2.43
N LYS D 302 -28.09 17.95 2.11
CA LYS D 302 -28.60 16.61 2.36
C LYS D 302 -28.16 16.05 3.72
N ASN D 303 -27.44 16.88 4.49
CA ASN D 303 -26.94 16.48 5.80
C ASN D 303 -26.15 15.17 5.76
N ILE D 304 -25.14 15.13 4.89
CA ILE D 304 -24.26 13.98 4.78
C ILE D 304 -22.94 14.26 5.47
N ASN D 305 -22.51 13.31 6.31
CA ASN D 305 -21.19 13.37 6.92
C ASN D 305 -20.19 12.57 6.09
N LEU D 306 -19.40 13.27 5.29
CA LEU D 306 -18.42 12.64 4.42
C LEU D 306 -17.18 12.23 5.20
N ILE D 307 -16.79 10.97 5.08
CA ILE D 307 -15.61 10.45 5.74
C ILE D 307 -14.56 10.05 4.70
N PHE D 308 -13.42 10.73 4.72
CA PHE D 308 -12.30 10.39 3.86
C PHE D 308 -11.46 9.27 4.49
N ALA D 309 -11.77 8.03 4.13
CA ALA D 309 -11.00 6.88 4.62
C ALA D 309 -9.91 6.54 3.62
N VAL D 310 -8.76 7.19 3.74
CA VAL D 310 -7.72 7.11 2.73
C VAL D 310 -6.41 6.57 3.28
N THR D 311 -5.57 6.06 2.38
CA THR D 311 -4.31 5.43 2.78
C THR D 311 -3.26 6.47 3.16
N GLU D 312 -2.23 5.98 3.86
CA GLU D 312 -1.17 6.82 4.43
C GLU D 312 -0.57 7.83 3.44
N ASN D 313 -0.46 7.42 2.18
CA ASN D 313 0.26 8.21 1.18
C ASN D 313 -0.51 9.44 0.67
N VAL D 314 -1.78 9.55 1.03
CA VAL D 314 -2.60 10.69 0.62
C VAL D 314 -3.43 11.27 1.78
N VAL D 315 -3.04 10.95 3.01
CA VAL D 315 -3.75 11.47 4.17
C VAL D 315 -3.65 12.99 4.24
N ASN D 316 -2.44 13.51 4.04
CA ASN D 316 -2.21 14.95 4.09
C ASN D 316 -3.01 15.67 3.02
N LEU D 317 -3.16 15.03 1.88
CA LEU D 317 -3.95 15.58 0.78
C LEU D 317 -5.41 15.74 1.19
N TYR D 318 -6.01 14.66 1.68
CA TYR D 318 -7.43 14.66 2.01
C TYR D 318 -7.71 15.34 3.34
N GLN D 319 -6.68 15.46 4.18
CA GLN D 319 -6.81 16.24 5.40
C GLN D 319 -6.93 17.72 5.03
N ASN D 320 -6.24 18.10 3.97
CA ASN D 320 -6.26 19.49 3.52
C ASN D 320 -7.54 19.81 2.77
N TYR D 321 -8.10 18.83 2.08
CA TYR D 321 -9.41 18.99 1.48
C TYR D 321 -10.47 19.08 2.56
N SER D 322 -10.28 18.31 3.62
CA SER D 322 -11.23 18.26 4.73
C SER D 322 -11.37 19.62 5.40
N GLU D 323 -10.29 20.39 5.39
CA GLU D 323 -10.30 21.73 5.96
C GLU D 323 -11.10 22.70 5.10
N LEU D 324 -11.20 22.40 3.80
CA LEU D 324 -11.93 23.23 2.87
C LEU D 324 -13.40 22.79 2.76
N ILE D 325 -13.70 21.61 3.29
CA ILE D 325 -15.08 21.13 3.36
C ILE D 325 -15.41 20.83 4.83
N PRO D 326 -15.83 21.87 5.58
CA PRO D 326 -16.14 21.72 7.00
C PRO D 326 -17.12 20.59 7.29
N GLY D 327 -16.90 19.87 8.39
CA GLY D 327 -17.80 18.81 8.79
C GLY D 327 -17.35 17.43 8.31
N THR D 328 -16.35 17.41 7.43
CA THR D 328 -15.82 16.16 6.91
C THR D 328 -14.79 15.55 7.86
N THR D 329 -14.69 14.23 7.85
CA THR D 329 -13.77 13.50 8.72
C THR D 329 -12.75 12.74 7.90
N VAL D 330 -11.55 12.57 8.46
CA VAL D 330 -10.48 11.85 7.78
C VAL D 330 -9.96 10.71 8.66
N GLY D 331 -9.84 9.53 8.07
CA GLY D 331 -9.32 8.36 8.77
C GLY D 331 -8.30 7.65 7.91
N VAL D 332 -7.28 7.09 8.56
CA VAL D 332 -6.20 6.40 7.85
C VAL D 332 -6.58 4.97 7.52
N LEU D 333 -6.71 4.69 6.22
CA LEU D 333 -7.07 3.36 5.74
C LEU D 333 -5.82 2.53 5.48
N SER D 334 -5.91 1.22 5.68
CA SER D 334 -4.82 0.33 5.34
C SER D 334 -4.77 0.13 3.84
N MET D 335 -3.66 -0.42 3.34
CA MET D 335 -3.53 -0.69 1.91
C MET D 335 -4.46 -1.83 1.49
N ASP D 336 -5.06 -2.51 2.46
CA ASP D 336 -5.99 -3.59 2.20
C ASP D 336 -7.33 -3.39 2.91
N SER D 337 -7.52 -2.19 3.46
CA SER D 337 -8.77 -1.83 4.14
C SER D 337 -9.10 -2.79 5.27
N SER D 338 -8.08 -3.39 5.86
CA SER D 338 -8.28 -4.37 6.94
C SER D 338 -8.72 -3.69 8.23
N ASN D 339 -8.57 -2.37 8.29
CA ASN D 339 -8.90 -1.61 9.50
C ASN D 339 -10.11 -0.71 9.32
N VAL D 340 -10.85 -0.92 8.23
CA VAL D 340 -11.92 0.00 7.86
C VAL D 340 -13.08 -0.03 8.87
N LEU D 341 -13.34 -1.19 9.45
CA LEU D 341 -14.43 -1.34 10.42
C LEU D 341 -14.22 -0.39 11.59
N GLN D 342 -13.06 -0.48 12.24
CA GLN D 342 -12.74 0.37 13.37
C GLN D 342 -12.64 1.83 12.94
N LEU D 343 -12.29 2.06 11.68
CA LEU D 343 -12.17 3.41 11.14
C LEU D 343 -13.54 4.08 11.11
N ILE D 344 -14.55 3.34 10.68
CA ILE D 344 -15.91 3.84 10.60
C ILE D 344 -16.47 4.11 11.99
N VAL D 345 -16.30 3.16 12.89
CA VAL D 345 -16.82 3.30 14.26
C VAL D 345 -16.21 4.51 14.95
N ASP D 346 -14.91 4.73 14.74
CA ASP D 346 -14.23 5.88 15.32
C ASP D 346 -14.75 7.18 14.73
N ALA D 347 -14.99 7.18 13.42
CA ALA D 347 -15.50 8.35 12.73
C ALA D 347 -16.89 8.72 13.21
N TYR D 348 -17.75 7.71 13.36
CA TYR D 348 -19.10 7.92 13.85
C TYR D 348 -19.08 8.57 15.23
N GLY D 349 -18.15 8.14 16.08
CA GLY D 349 -18.00 8.70 17.40
C GLY D 349 -17.48 10.13 17.34
N LYS D 350 -16.52 10.37 16.45
CA LYS D 350 -15.94 11.70 16.29
C LYS D 350 -16.99 12.67 15.74
N ILE D 351 -17.81 12.18 14.82
CA ILE D 351 -18.87 12.99 14.22
C ILE D 351 -19.87 13.46 15.27
N ARG D 352 -20.18 12.58 16.22
CA ARG D 352 -21.19 12.88 17.23
C ARG D 352 -20.55 13.39 18.53
N SER D 353 -19.29 13.81 18.46
CA SER D 353 -18.61 14.37 19.61
C SER D 353 -18.70 15.90 19.61
N LYS D 354 -19.41 16.44 18.64
CA LYS D 354 -19.46 17.89 18.44
C LYS D 354 -20.88 18.41 18.36
N VAL D 355 -21.10 19.56 18.97
CA VAL D 355 -22.37 20.28 18.88
C VAL D 355 -22.06 21.73 18.57
N GLU D 356 -22.44 22.17 17.37
CA GLU D 356 -22.18 23.54 16.92
C GLU D 356 -23.48 24.21 16.50
N LEU D 357 -23.77 25.35 17.14
CA LEU D 357 -24.98 26.10 16.83
C LEU D 357 -24.80 26.95 15.59
N GLU D 358 -25.82 26.98 14.74
CA GLU D 358 -25.88 27.92 13.63
C GLU D 358 -27.21 28.66 13.69
N VAL D 359 -27.20 29.92 13.29
CA VAL D 359 -28.38 30.76 13.32
C VAL D 359 -28.90 31.00 11.92
N ARG D 360 -30.21 30.91 11.75
CA ARG D 360 -30.85 31.12 10.45
C ARG D 360 -31.93 32.20 10.54
N ASP D 361 -31.93 33.09 9.56
CA ASP D 361 -32.97 34.12 9.44
C ASP D 361 -32.93 35.14 10.57
N LEU D 362 -31.75 35.40 11.11
CA LEU D 362 -31.60 36.44 12.12
C LEU D 362 -31.78 37.81 11.47
N PRO D 363 -32.65 38.66 12.03
CA PRO D 363 -32.84 39.97 11.39
C PRO D 363 -31.61 40.86 11.49
N GLU D 364 -31.57 41.88 10.63
CA GLU D 364 -30.41 42.75 10.50
C GLU D 364 -30.06 43.44 11.82
N GLU D 365 -31.09 43.73 12.62
CA GLU D 365 -30.93 44.58 13.80
C GLU D 365 -30.69 43.80 15.08
N LEU D 366 -30.78 42.46 15.00
CA LEU D 366 -30.46 41.62 16.15
C LEU D 366 -29.04 41.11 16.09
N SER D 367 -28.38 41.09 17.25
CA SER D 367 -27.05 40.51 17.39
C SER D 367 -27.07 39.54 18.57
N LEU D 368 -26.40 38.41 18.43
CA LEU D 368 -26.41 37.37 19.44
C LEU D 368 -25.01 37.13 20.03
N SER D 369 -24.98 36.75 21.30
CA SER D 369 -23.75 36.33 21.97
C SER D 369 -24.02 35.03 22.71
N PHE D 370 -23.04 34.14 22.70
CA PHE D 370 -23.21 32.79 23.23
C PHE D 370 -22.22 32.45 24.35
N ASN D 371 -22.69 31.67 25.31
CA ASN D 371 -21.85 31.15 26.38
C ASN D 371 -22.05 29.64 26.57
N ALA D 372 -21.08 28.87 26.11
CA ALA D 372 -21.19 27.42 26.11
C ALA D 372 -20.84 26.81 27.47
N THR D 373 -21.60 25.78 27.86
CA THR D 373 -21.28 24.97 29.03
C THR D 373 -21.10 23.52 28.57
N CYS D 374 -19.88 23.19 28.14
CA CYS D 374 -19.60 21.90 27.52
C CYS D 374 -19.28 20.83 28.58
N LEU D 375 -18.07 20.28 28.54
CA LEU D 375 -17.64 19.23 29.47
C LEU D 375 -17.82 19.69 30.92
N ASN D 376 -18.49 18.86 31.72
CA ASN D 376 -18.84 19.22 33.10
C ASN D 376 -19.60 20.55 33.09
N ASN D 377 -19.35 21.41 34.08
CA ASN D 377 -19.97 22.73 34.13
C ASN D 377 -18.95 23.83 33.85
N GLU D 378 -18.12 23.61 32.83
CA GLU D 378 -17.10 24.58 32.44
C GLU D 378 -17.71 25.60 31.47
N VAL D 379 -18.04 26.77 31.99
CA VAL D 379 -18.60 27.84 31.17
C VAL D 379 -17.50 28.48 30.32
N ILE D 380 -17.73 28.56 29.02
CA ILE D 380 -16.76 29.10 28.08
C ILE D 380 -17.36 30.30 27.35
N PRO D 381 -16.89 31.52 27.66
CA PRO D 381 -17.52 32.71 27.08
C PRO D 381 -17.20 32.92 25.59
N GLY D 382 -18.17 33.45 24.86
CA GLY D 382 -17.98 33.80 23.46
C GLY D 382 -17.86 32.60 22.54
N LEU D 383 -18.43 31.47 22.95
CA LEU D 383 -18.34 30.23 22.18
C LEU D 383 -19.72 29.62 21.97
N LYS D 384 -20.01 29.22 20.73
CA LYS D 384 -21.31 28.64 20.38
C LYS D 384 -21.15 27.21 19.88
N SER D 385 -20.12 26.52 20.38
CA SER D 385 -19.87 25.15 19.99
C SER D 385 -19.19 24.36 21.10
N CYS D 386 -19.32 23.04 21.05
CA CYS D 386 -18.68 22.15 22.02
C CYS D 386 -17.99 20.99 21.30
N MET D 387 -16.94 20.46 21.92
CA MET D 387 -16.18 19.35 21.36
C MET D 387 -15.85 18.33 22.45
N GLY D 388 -15.31 17.19 22.04
CA GLY D 388 -14.89 16.15 22.96
C GLY D 388 -16.06 15.51 23.70
N LEU D 389 -17.24 15.57 23.08
CA LEU D 389 -18.44 15.02 23.70
C LEU D 389 -18.58 13.53 23.43
N LYS D 390 -19.31 12.84 24.30
CA LYS D 390 -19.64 11.44 24.10
C LYS D 390 -21.15 11.31 23.87
N ILE D 391 -21.56 10.25 23.19
CA ILE D 391 -22.98 10.03 22.93
C ILE D 391 -23.76 9.92 24.23
N GLY D 392 -24.83 10.69 24.34
CA GLY D 392 -25.66 10.71 25.54
C GLY D 392 -25.44 11.96 26.38
N ASP D 393 -24.38 12.69 26.08
CA ASP D 393 -24.05 13.91 26.83
C ASP D 393 -24.98 15.05 26.45
N THR D 394 -25.15 15.99 27.38
CA THR D 394 -25.97 17.17 27.16
C THR D 394 -25.15 18.43 27.45
N VAL D 395 -25.22 19.39 26.54
CA VAL D 395 -24.57 20.68 26.72
C VAL D 395 -25.63 21.77 26.68
N SER D 396 -25.30 22.95 27.19
CA SER D 396 -26.22 24.07 27.22
C SER D 396 -25.53 25.37 26.80
N PHE D 397 -26.32 26.29 26.25
CA PHE D 397 -25.80 27.59 25.82
C PHE D 397 -26.66 28.71 26.38
N SER D 398 -26.02 29.71 26.99
CA SER D 398 -26.70 30.93 27.39
C SER D 398 -26.61 31.93 26.26
N ILE D 399 -27.75 32.46 25.84
CA ILE D 399 -27.83 33.32 24.67
C ILE D 399 -28.48 34.66 25.01
N GLU D 400 -27.83 35.75 24.57
CA GLU D 400 -28.35 37.09 24.78
C GLU D 400 -28.65 37.76 23.44
N ALA D 401 -29.88 38.23 23.28
CA ALA D 401 -30.30 38.93 22.08
C ALA D 401 -30.34 40.43 22.34
N LYS D 402 -29.55 41.19 21.59
CA LYS D 402 -29.51 42.64 21.70
C LYS D 402 -30.00 43.30 20.41
N VAL D 403 -31.14 43.99 20.51
CA VAL D 403 -31.70 44.71 19.38
C VAL D 403 -31.18 46.15 19.36
N ARG D 404 -30.87 46.64 18.17
CA ARG D 404 -30.44 48.03 17.99
C ARG D 404 -31.55 48.84 17.35
N GLY D 405 -32.07 49.80 18.10
CA GLY D 405 -33.16 50.63 17.63
C GLY D 405 -34.47 49.88 17.59
N CYS D 406 -35.40 50.38 16.78
CA CYS D 406 -36.72 49.77 16.60
C CYS D 406 -36.96 49.45 15.14
N PRO D 407 -36.97 48.15 14.77
CA PRO D 407 -37.17 47.82 13.36
C PRO D 407 -38.57 48.15 12.85
N GLN D 408 -38.71 48.26 11.54
CA GLN D 408 -40.00 48.53 10.91
C GLN D 408 -41.01 47.43 11.24
N GLU D 409 -40.61 46.19 11.04
CA GLU D 409 -41.46 45.05 11.34
C GLU D 409 -41.41 44.73 12.84
N LYS D 410 -42.58 44.68 13.47
CA LYS D 410 -42.66 44.52 14.92
C LYS D 410 -42.59 43.05 15.35
N GLU D 411 -42.86 42.14 14.42
CA GLU D 411 -42.85 40.72 14.71
C GLU D 411 -41.99 39.94 13.71
N LYS D 412 -41.06 39.16 14.25
CA LYS D 412 -40.16 38.35 13.45
C LYS D 412 -39.87 37.03 14.16
N SER D 413 -39.13 36.15 13.49
CA SER D 413 -38.70 34.91 14.12
C SER D 413 -37.50 34.32 13.38
N PHE D 414 -36.57 33.77 14.15
CA PHE D 414 -35.38 33.12 13.59
C PHE D 414 -35.18 31.76 14.25
N THR D 415 -34.23 31.00 13.73
CA THR D 415 -33.99 29.63 14.20
C THR D 415 -32.57 29.45 14.70
N ILE D 416 -32.44 28.74 15.82
CA ILE D 416 -31.14 28.30 16.32
C ILE D 416 -31.11 26.78 16.30
N LYS D 417 -30.35 26.22 15.37
CA LYS D 417 -30.30 24.79 15.15
C LYS D 417 -28.87 24.28 15.21
N PRO D 418 -28.63 23.17 15.92
CA PRO D 418 -27.28 22.61 15.87
C PRO D 418 -26.98 22.03 14.49
N VAL D 419 -25.74 22.17 14.02
CA VAL D 419 -25.36 21.65 12.72
C VAL D 419 -25.57 20.14 12.66
N GLY D 420 -26.35 19.70 11.69
CA GLY D 420 -26.58 18.27 11.48
C GLY D 420 -27.79 17.73 12.23
N PHE D 421 -28.37 18.54 13.10
CA PHE D 421 -29.51 18.13 13.91
C PHE D 421 -30.84 18.45 13.21
N LYS D 422 -31.87 17.68 13.54
CA LYS D 422 -33.21 17.90 13.02
C LYS D 422 -33.93 18.97 13.84
N ASP D 423 -33.99 18.76 15.14
CA ASP D 423 -34.69 19.67 16.04
C ASP D 423 -33.99 21.02 16.11
N SER D 424 -34.77 22.06 16.39
CA SER D 424 -34.25 23.41 16.44
C SER D 424 -35.07 24.29 17.38
N LEU D 425 -34.51 25.43 17.75
CA LEU D 425 -35.21 26.41 18.58
C LEU D 425 -35.72 27.57 17.74
N ILE D 426 -37.05 27.67 17.63
CA ILE D 426 -37.67 28.79 16.93
C ILE D 426 -37.91 29.93 17.90
N VAL D 427 -37.15 31.00 17.74
CA VAL D 427 -37.29 32.18 18.59
C VAL D 427 -38.21 33.20 17.92
N GLN D 428 -39.41 33.36 18.48
CA GLN D 428 -40.36 34.35 17.97
C GLN D 428 -40.14 35.68 18.67
N VAL D 429 -39.66 36.67 17.93
CA VAL D 429 -39.32 37.98 18.49
C VAL D 429 -40.45 38.98 18.28
N THR D 430 -40.72 39.77 19.31
CA THR D 430 -41.67 40.87 19.24
C THR D 430 -41.01 42.14 19.76
N PHE D 431 -40.94 43.16 18.91
CA PHE D 431 -40.31 44.42 19.29
C PHE D 431 -41.33 45.36 19.93
N ASP D 432 -41.14 45.63 21.22
CA ASP D 432 -42.06 46.47 21.98
C ASP D 432 -41.65 47.93 21.89
N CYS D 433 -42.07 48.59 20.80
CA CYS D 433 -41.69 49.97 20.53
C CYS D 433 -42.84 50.93 20.86
N ASP D 434 -44.07 50.46 20.69
CA ASP D 434 -45.25 51.30 20.85
C ASP D 434 -45.85 51.16 22.25
N CYS D 435 -46.49 52.23 22.71
CA CYS D 435 -47.19 52.23 23.99
C CYS D 435 -48.62 51.76 23.80
N ALA D 436 -49.20 51.18 24.85
CA ALA D 436 -50.55 50.65 24.79
C ALA D 436 -51.59 51.76 24.61
N CYS D 437 -51.28 52.94 25.14
CA CYS D 437 -52.21 54.07 25.11
C CYS D 437 -52.36 54.67 23.71
N GLN D 438 -51.60 54.16 22.75
CA GLN D 438 -51.67 54.64 21.38
C GLN D 438 -52.92 54.15 20.68
N ALA D 439 -53.50 53.06 21.18
CA ALA D 439 -54.72 52.50 20.61
C ALA D 439 -55.89 53.45 20.86
N GLN D 440 -55.88 54.14 21.98
CA GLN D 440 -56.94 55.08 22.34
C GLN D 440 -56.63 56.48 21.80
N ALA D 441 -55.70 56.57 20.85
CA ALA D 441 -55.35 57.84 20.24
C ALA D 441 -56.58 58.44 19.55
N GLU D 442 -56.74 59.75 19.68
CA GLU D 442 -57.88 60.46 19.12
C GLU D 442 -57.46 61.35 17.95
N PRO D 443 -57.70 60.91 16.71
CA PRO D 443 -57.36 61.76 15.56
C PRO D 443 -58.29 62.98 15.45
N ASN D 444 -57.73 64.10 15.02
CA ASN D 444 -58.49 65.34 14.87
C ASN D 444 -59.22 65.71 16.16
N SER D 445 -58.51 65.57 17.28
CA SER D 445 -59.08 65.85 18.60
C SER D 445 -59.29 67.35 18.80
N HIS D 446 -60.43 67.69 19.39
N HIS D 446 -60.43 67.72 19.39
CA HIS D 446 -60.76 69.08 19.70
CA HIS D 446 -60.72 69.12 19.66
C HIS D 446 -59.73 69.68 20.65
C HIS D 446 -59.71 69.69 20.65
N ARG D 447 -59.14 68.82 21.48
CA ARG D 447 -58.19 69.25 22.50
C ARG D 447 -56.85 69.70 21.92
N CYS D 448 -56.67 69.51 20.61
CA CYS D 448 -55.42 69.86 19.95
C CYS D 448 -55.64 70.82 18.78
N ASN D 449 -55.39 72.11 19.04
CA ASN D 449 -55.49 73.14 18.00
C ASN D 449 -56.86 73.17 17.33
N ASN D 450 -57.90 72.94 18.13
CA ASN D 450 -59.28 72.99 17.67
C ASN D 450 -59.68 71.82 16.76
N GLY D 451 -58.71 70.99 16.39
CA GLY D 451 -58.98 69.81 15.57
C GLY D 451 -57.91 69.50 14.54
N ASN D 452 -56.73 70.11 14.68
CA ASN D 452 -55.66 69.92 13.71
C ASN D 452 -54.66 68.82 14.12
N GLY D 453 -54.64 68.49 15.41
CA GLY D 453 -53.69 67.53 15.93
C GLY D 453 -54.33 66.26 16.47
N THR D 454 -53.49 65.31 16.85
CA THR D 454 -53.94 64.03 17.41
C THR D 454 -53.60 63.96 18.89
N PHE D 455 -54.56 63.50 19.69
CA PHE D 455 -54.38 63.38 21.13
C PHE D 455 -54.13 61.92 21.51
N GLU D 456 -52.92 61.64 21.98
CA GLU D 456 -52.57 60.29 22.43
C GLU D 456 -51.66 60.34 23.65
N CYS D 457 -51.91 59.46 24.61
CA CYS D 457 -51.07 59.33 25.79
C CYS D 457 -50.94 60.64 26.56
N GLY D 458 -51.97 61.47 26.49
CA GLY D 458 -52.03 62.68 27.30
C GLY D 458 -51.31 63.88 26.72
N VAL D 459 -50.92 63.80 25.45
CA VAL D 459 -50.27 64.92 24.77
C VAL D 459 -50.77 65.06 23.33
N CYS D 460 -50.53 66.24 22.75
CA CYS D 460 -50.98 66.53 21.40
C CYS D 460 -49.87 66.34 20.37
N ARG D 461 -50.12 65.46 19.41
CA ARG D 461 -49.19 65.20 18.32
C ARG D 461 -49.68 65.86 17.04
N CYS D 462 -48.76 66.39 16.25
CA CYS D 462 -49.10 66.90 14.93
C CYS D 462 -49.57 65.74 14.06
N GLY D 463 -50.75 65.90 13.45
CA GLY D 463 -51.34 64.86 12.64
C GLY D 463 -50.58 64.62 11.34
N PRO D 464 -51.06 63.64 10.55
CA PRO D 464 -50.42 63.33 9.26
C PRO D 464 -50.60 64.45 8.25
N GLY D 465 -49.52 64.81 7.55
CA GLY D 465 -49.55 65.84 6.54
C GLY D 465 -48.91 67.13 6.99
N TRP D 466 -48.80 67.32 8.30
CA TRP D 466 -48.23 68.55 8.85
C TRP D 466 -46.72 68.41 9.02
N LEU D 467 -46.00 69.49 8.72
CA LEU D 467 -44.56 69.55 8.89
C LEU D 467 -44.20 70.36 10.13
N GLY D 468 -43.17 69.93 10.85
CA GLY D 468 -42.74 70.59 12.06
C GLY D 468 -43.22 69.88 13.31
N SER D 469 -42.49 70.05 14.41
CA SER D 469 -42.85 69.42 15.67
C SER D 469 -43.93 70.20 16.40
N GLN D 470 -44.17 71.44 15.96
CA GLN D 470 -45.19 72.30 16.55
C GLN D 470 -46.06 72.95 15.47
N CYS D 471 -45.81 72.59 14.21
CA CYS D 471 -46.59 73.09 13.08
C CYS D 471 -46.56 74.61 13.02
N GLU E 1 25.09 22.70 -40.23
CA GLU E 1 24.97 21.80 -41.41
C GLU E 1 25.20 20.34 -41.01
N VAL E 2 24.44 19.45 -41.63
CA VAL E 2 24.53 18.02 -41.33
C VAL E 2 25.63 17.35 -42.15
N GLN E 3 26.42 16.51 -41.49
CA GLN E 3 27.50 15.79 -42.16
C GLN E 3 27.98 14.62 -41.29
N LEU E 4 28.05 13.44 -41.90
CA LEU E 4 28.49 12.23 -41.21
C LEU E 4 29.95 11.94 -41.53
N GLN E 5 30.80 11.97 -40.50
CA GLN E 5 32.23 11.73 -40.65
C GLN E 5 32.62 10.38 -40.07
N GLN E 6 32.97 9.44 -40.95
CA GLN E 6 33.33 8.09 -40.55
C GLN E 6 34.84 7.94 -40.35
N SER E 7 35.26 6.75 -39.92
CA SER E 7 36.66 6.49 -39.67
C SER E 7 37.43 6.25 -40.96
N GLY E 8 38.74 6.05 -40.84
CA GLY E 8 39.61 5.84 -41.98
C GLY E 8 39.58 4.40 -42.47
N ALA E 9 40.21 4.17 -43.62
CA ALA E 9 40.25 2.85 -44.23
C ALA E 9 40.91 1.82 -43.31
N GLU E 10 40.26 0.67 -43.15
CA GLU E 10 40.74 -0.39 -42.27
C GLU E 10 41.34 -1.54 -43.07
N LEU E 11 42.51 -2.01 -42.63
CA LEU E 11 43.15 -3.18 -43.19
C LEU E 11 43.43 -4.20 -42.08
N VAL E 12 42.71 -5.31 -42.12
CA VAL E 12 42.82 -6.33 -41.09
C VAL E 12 42.91 -7.73 -41.70
N LYS E 13 43.18 -8.73 -40.87
CA LYS E 13 43.33 -10.10 -41.34
C LYS E 13 42.08 -10.93 -41.05
N PRO E 14 41.92 -12.06 -41.73
CA PRO E 14 40.75 -12.93 -41.49
C PRO E 14 40.67 -13.41 -40.06
N GLY E 15 39.46 -13.48 -39.52
CA GLY E 15 39.25 -13.93 -38.15
C GLY E 15 39.32 -12.80 -37.14
N ALA E 16 39.86 -11.66 -37.57
CA ALA E 16 39.97 -10.50 -36.69
C ALA E 16 38.59 -9.84 -36.50
N SER E 17 38.58 -8.71 -35.81
CA SER E 17 37.34 -7.98 -35.55
C SER E 17 37.60 -6.48 -35.48
N VAL E 18 37.12 -5.75 -36.49
CA VAL E 18 37.31 -4.31 -36.57
C VAL E 18 36.04 -3.58 -36.12
N LYS E 19 36.21 -2.38 -35.58
CA LYS E 19 35.09 -1.58 -35.09
C LYS E 19 35.08 -0.21 -35.79
N LEU E 20 34.18 -0.04 -36.75
CA LEU E 20 34.09 1.21 -37.51
C LEU E 20 33.35 2.28 -36.72
N SER E 21 33.59 3.53 -37.09
CA SER E 21 33.05 4.69 -36.38
C SER E 21 32.31 5.63 -37.34
N CYS E 22 31.31 6.33 -36.80
CA CYS E 22 30.53 7.29 -37.58
C CYS E 22 30.13 8.47 -36.70
N THR E 23 30.95 9.52 -36.71
CA THR E 23 30.74 10.67 -35.83
C THR E 23 29.85 11.72 -36.48
N ALA E 24 28.90 12.24 -35.71
CA ALA E 24 27.99 13.27 -36.18
C ALA E 24 28.62 14.65 -36.09
N SER E 25 28.29 15.51 -37.05
CA SER E 25 28.84 16.87 -37.10
C SER E 25 27.74 17.88 -37.44
N GLY E 26 27.52 18.83 -36.53
CA GLY E 26 26.53 19.86 -36.73
C GLY E 26 25.15 19.46 -36.22
N PHE E 27 25.09 18.35 -35.49
CA PHE E 27 23.83 17.86 -34.94
C PHE E 27 24.10 16.77 -33.91
N ASN E 28 23.19 16.64 -32.94
CA ASN E 28 23.29 15.57 -31.95
C ASN E 28 22.85 14.24 -32.55
N ILE E 29 23.67 13.21 -32.37
CA ILE E 29 23.40 11.90 -32.96
C ILE E 29 22.13 11.28 -32.40
N LYS E 30 21.68 11.78 -31.25
CA LYS E 30 20.50 11.28 -30.58
C LYS E 30 19.21 11.58 -31.37
N ASP E 31 19.31 12.47 -32.35
CA ASP E 31 18.13 13.00 -33.04
C ASP E 31 17.34 11.95 -33.83
N THR E 32 18.03 11.11 -34.59
CA THR E 32 17.37 10.21 -35.53
C THR E 32 17.94 8.80 -35.52
N TYR E 33 17.30 7.91 -36.28
CA TYR E 33 17.86 6.59 -36.55
C TYR E 33 19.20 6.73 -37.25
N VAL E 34 20.08 5.76 -37.04
CA VAL E 34 21.34 5.69 -37.76
C VAL E 34 21.50 4.30 -38.34
N HIS E 35 21.57 4.22 -39.67
CA HIS E 35 21.68 2.95 -40.37
C HIS E 35 23.10 2.68 -40.82
N TRP E 36 23.40 1.41 -41.09
CA TRP E 36 24.68 1.02 -41.67
C TRP E 36 24.43 0.26 -42.97
N VAL E 37 25.15 0.64 -44.02
CA VAL E 37 24.97 0.04 -45.34
C VAL E 37 26.31 -0.46 -45.90
N LYS E 38 26.28 -1.65 -46.48
CA LYS E 38 27.45 -2.28 -47.06
C LYS E 38 27.39 -2.20 -48.59
N GLN E 39 28.52 -1.90 -49.23
CA GLN E 39 28.58 -1.80 -50.68
C GLN E 39 29.74 -2.60 -51.27
N ARG E 40 29.41 -3.58 -52.10
CA ARG E 40 30.39 -4.34 -52.86
C ARG E 40 30.22 -4.04 -54.35
N PRO E 41 31.29 -4.22 -55.14
CA PRO E 41 31.19 -3.97 -56.58
C PRO E 41 30.17 -4.87 -57.28
N GLU E 42 30.24 -6.17 -57.02
CA GLU E 42 29.39 -7.14 -57.70
C GLU E 42 28.00 -7.21 -57.08
N GLN E 43 27.95 -7.55 -55.80
CA GLN E 43 26.67 -7.79 -55.12
C GLN E 43 25.81 -6.54 -55.05
N GLY E 44 26.43 -5.40 -54.75
CA GLY E 44 25.73 -4.14 -54.69
C GLY E 44 25.55 -3.65 -53.26
N LEU E 45 24.44 -2.95 -53.03
CA LEU E 45 24.17 -2.36 -51.72
C LEU E 45 23.35 -3.31 -50.83
N GLU E 46 23.73 -3.38 -49.55
CA GLU E 46 23.07 -4.26 -48.60
C GLU E 46 22.88 -3.56 -47.26
N TRP E 47 21.64 -3.50 -46.81
CA TRP E 47 21.30 -2.89 -45.52
C TRP E 47 21.68 -3.83 -44.38
N ILE E 48 22.57 -3.38 -43.51
CA ILE E 48 23.03 -4.18 -42.38
C ILE E 48 22.03 -4.10 -41.22
N GLY E 49 21.77 -2.88 -40.76
CA GLY E 49 20.86 -2.66 -39.65
C GLY E 49 20.78 -1.20 -39.27
N ARG E 50 20.11 -0.92 -38.15
CA ARG E 50 19.95 0.44 -37.66
C ARG E 50 20.05 0.50 -36.14
N ILE E 51 20.13 1.71 -35.59
CA ILE E 51 20.14 1.91 -34.16
C ILE E 51 19.45 3.22 -33.80
N ASP E 52 18.90 3.27 -32.59
CA ASP E 52 18.30 4.50 -32.05
C ASP E 52 19.15 4.97 -30.88
N PRO E 53 20.09 5.90 -31.13
CA PRO E 53 21.01 6.36 -30.08
C PRO E 53 20.32 7.00 -28.87
N ALA E 54 19.01 7.23 -28.94
CA ALA E 54 18.28 7.82 -27.85
C ALA E 54 17.90 6.79 -26.78
N ASN E 55 18.21 5.52 -27.05
CA ASN E 55 17.92 4.45 -26.11
C ASN E 55 18.80 3.22 -26.32
N GLY E 56 19.26 3.02 -27.55
CA GLY E 56 20.21 1.97 -27.86
C GLY E 56 19.58 0.74 -28.51
N TYR E 57 18.28 0.81 -28.80
CA TYR E 57 17.60 -0.31 -29.44
C TYR E 57 18.02 -0.43 -30.89
N THR E 58 18.12 -1.67 -31.38
CA THR E 58 18.67 -1.95 -32.70
C THR E 58 17.80 -2.89 -33.53
N LYS E 59 18.02 -2.85 -34.84
CA LYS E 59 17.41 -3.78 -35.78
C LYS E 59 18.50 -4.25 -36.75
N TYR E 60 18.39 -5.50 -37.22
CA TYR E 60 19.37 -6.06 -38.13
C TYR E 60 18.71 -6.83 -39.26
N ASP E 61 19.39 -6.89 -40.40
CA ASP E 61 19.06 -7.84 -41.45
C ASP E 61 19.54 -9.20 -40.93
N PRO E 62 18.66 -10.21 -40.87
CA PRO E 62 19.05 -11.50 -40.27
C PRO E 62 20.28 -12.13 -40.91
N LYS E 63 20.67 -11.65 -42.09
CA LYS E 63 21.87 -12.15 -42.75
C LYS E 63 23.13 -11.80 -41.97
N PHE E 64 23.11 -10.63 -41.34
CA PHE E 64 24.29 -10.12 -40.63
C PHE E 64 24.26 -10.40 -39.13
N GLN E 65 23.49 -11.40 -38.73
CA GLN E 65 23.41 -11.78 -37.32
C GLN E 65 24.71 -12.42 -36.86
N GLY E 66 25.19 -12.00 -35.70
CA GLY E 66 26.44 -12.51 -35.14
C GLY E 66 27.63 -11.72 -35.66
N LYS E 67 27.63 -11.44 -36.96
CA LYS E 67 28.72 -10.70 -37.58
C LYS E 67 28.65 -9.22 -37.22
N ALA E 68 27.57 -8.56 -37.63
CA ALA E 68 27.41 -7.13 -37.41
C ALA E 68 26.85 -6.83 -36.03
N THR E 69 27.44 -5.84 -35.36
CA THR E 69 26.95 -5.36 -34.07
C THR E 69 27.01 -3.83 -34.05
N ILE E 70 25.84 -3.21 -33.93
CA ILE E 70 25.73 -1.75 -33.95
C ILE E 70 25.51 -1.21 -32.54
N THR E 71 26.31 -0.22 -32.17
CA THR E 71 26.22 0.42 -30.86
C THR E 71 26.35 1.92 -31.02
N ALA E 72 26.26 2.65 -29.91
CA ALA E 72 26.36 4.10 -29.94
C ALA E 72 26.67 4.68 -28.56
N ASP E 73 27.33 5.83 -28.55
CA ASP E 73 27.64 6.55 -27.32
C ASP E 73 27.29 8.02 -27.51
N THR E 74 26.27 8.47 -26.79
CA THR E 74 25.80 9.86 -26.90
C THR E 74 26.88 10.85 -26.46
N SER E 75 27.74 10.41 -25.54
CA SER E 75 28.81 11.26 -25.04
C SER E 75 29.80 11.61 -26.16
N SER E 76 30.23 10.59 -26.89
CA SER E 76 31.15 10.79 -28.01
C SER E 76 30.41 11.28 -29.25
N ASN E 77 29.08 11.23 -29.20
CA ASN E 77 28.24 11.64 -30.33
C ASN E 77 28.57 10.82 -31.57
N THR E 78 28.71 9.51 -31.37
CA THR E 78 29.17 8.62 -32.43
C THR E 78 28.45 7.27 -32.39
N ALA E 79 28.16 6.73 -33.57
CA ALA E 79 27.61 5.39 -33.71
C ALA E 79 28.67 4.47 -34.32
N TYR E 80 28.75 3.25 -33.80
CA TYR E 80 29.78 2.31 -34.23
C TYR E 80 29.18 1.09 -34.95
N LEU E 81 30.04 0.40 -35.70
CA LEU E 81 29.67 -0.88 -36.30
C LEU E 81 30.79 -1.88 -36.10
N GLN E 82 30.60 -2.79 -35.14
CA GLN E 82 31.59 -3.81 -34.85
C GLN E 82 31.35 -5.05 -35.71
N LEU E 83 32.35 -5.37 -36.54
CA LEU E 83 32.33 -6.60 -37.34
C LEU E 83 33.29 -7.60 -36.72
N SER E 84 32.84 -8.84 -36.58
CA SER E 84 33.63 -9.90 -35.96
C SER E 84 33.73 -11.12 -36.86
N SER E 85 34.80 -11.90 -36.69
CA SER E 85 35.04 -13.09 -37.49
C SER E 85 35.01 -12.75 -38.97
N LEU E 86 35.96 -11.93 -39.40
CA LEU E 86 35.96 -11.40 -40.76
C LEU E 86 36.38 -12.44 -41.79
N THR E 87 35.93 -12.24 -43.02
CA THR E 87 36.27 -13.09 -44.15
C THR E 87 36.58 -12.23 -45.37
N SER E 88 36.86 -12.87 -46.50
CA SER E 88 37.12 -12.16 -47.73
C SER E 88 35.84 -11.55 -48.30
N GLU E 89 34.70 -12.12 -47.91
CA GLU E 89 33.41 -11.66 -48.40
C GLU E 89 32.95 -10.41 -47.65
N ASP E 90 33.56 -10.14 -46.50
CA ASP E 90 33.27 -8.94 -45.73
C ASP E 90 34.04 -7.74 -46.27
N THR E 91 34.91 -7.97 -47.23
CA THR E 91 35.66 -6.89 -47.88
C THR E 91 34.71 -6.00 -48.66
N ALA E 92 34.43 -4.82 -48.12
CA ALA E 92 33.48 -3.90 -48.74
C ALA E 92 33.56 -2.50 -48.13
N VAL E 93 32.88 -1.55 -48.77
CA VAL E 93 32.76 -0.20 -48.24
C VAL E 93 31.52 -0.11 -47.37
N TYR E 94 31.64 0.53 -46.22
CA TYR E 94 30.54 0.65 -45.26
C TYR E 94 30.19 2.10 -45.00
N TYR E 95 28.90 2.43 -45.18
CA TYR E 95 28.40 3.79 -45.00
C TYR E 95 27.43 3.87 -43.82
N CYS E 96 27.47 4.99 -43.11
CA CYS E 96 26.46 5.30 -42.10
C CYS E 96 25.42 6.23 -42.75
N VAL E 97 24.16 6.04 -42.37
CA VAL E 97 23.06 6.78 -43.01
C VAL E 97 22.01 7.24 -42.00
N ARG E 98 21.45 8.42 -42.24
CA ARG E 98 20.34 8.94 -41.45
C ARG E 98 19.37 9.71 -42.36
N PRO E 99 18.11 9.86 -41.91
CA PRO E 99 17.12 10.59 -42.71
C PRO E 99 17.18 12.10 -42.55
N LEU E 100 16.56 12.82 -43.49
CA LEU E 100 16.41 14.27 -43.38
C LEU E 100 15.18 14.59 -42.53
N TYR E 101 14.01 14.33 -43.08
CA TYR E 101 12.75 14.59 -42.39
C TYR E 101 12.05 13.29 -42.05
N ASP E 102 11.65 12.55 -43.08
CA ASP E 102 10.95 11.27 -42.91
C ASP E 102 11.73 10.35 -41.98
N TYR E 103 11.09 9.97 -40.88
CA TYR E 103 11.70 9.11 -39.86
C TYR E 103 12.40 7.87 -40.42
N TYR E 104 11.87 7.35 -41.52
CA TYR E 104 12.32 6.05 -42.05
C TYR E 104 13.17 6.17 -43.32
N ALA E 105 13.47 7.39 -43.75
CA ALA E 105 14.17 7.59 -45.02
C ALA E 105 15.68 7.35 -44.90
N MET E 106 16.35 7.43 -46.04
CA MET E 106 17.79 7.21 -46.13
C MET E 106 18.41 8.32 -46.99
N ASP E 107 18.60 9.49 -46.40
CA ASP E 107 18.92 10.70 -47.15
C ASP E 107 20.37 11.15 -47.04
N TYR E 108 20.87 11.28 -45.81
CA TYR E 108 22.24 11.73 -45.57
C TYR E 108 23.19 10.55 -45.38
N TRP E 109 24.31 10.58 -46.11
CA TRP E 109 25.27 9.48 -46.10
C TRP E 109 26.68 9.97 -45.76
N GLY E 110 27.42 9.14 -45.01
CA GLY E 110 28.81 9.42 -44.71
C GLY E 110 29.68 9.13 -45.94
N GLN E 111 30.95 9.50 -45.87
CA GLN E 111 31.83 9.32 -47.02
C GLN E 111 32.18 7.84 -47.21
N GLY E 112 31.90 7.03 -46.19
CA GLY E 112 32.13 5.60 -46.26
C GLY E 112 33.52 5.19 -45.82
N THR E 113 33.64 3.94 -45.39
CA THR E 113 34.91 3.38 -44.93
C THR E 113 35.22 2.08 -45.66
N SER E 114 36.36 2.03 -46.33
CA SER E 114 36.81 0.83 -47.03
C SER E 114 37.48 -0.14 -46.07
N VAL E 115 36.91 -1.34 -45.95
CA VAL E 115 37.47 -2.38 -45.09
C VAL E 115 38.01 -3.52 -45.94
N THR E 116 39.32 -3.74 -45.88
CA THR E 116 39.97 -4.79 -46.65
C THR E 116 40.44 -5.92 -45.72
N VAL E 117 40.01 -7.14 -46.04
CA VAL E 117 40.39 -8.33 -45.27
C VAL E 117 41.33 -9.20 -46.09
N SER E 118 42.54 -9.42 -45.57
CA SER E 118 43.55 -10.19 -46.29
C SER E 118 44.65 -10.68 -45.35
N SER E 119 45.27 -11.81 -45.70
CA SER E 119 46.31 -12.41 -44.87
C SER E 119 47.70 -11.92 -45.24
N ALA E 120 47.89 -11.51 -46.49
CA ALA E 120 49.19 -11.11 -46.99
C ALA E 120 49.75 -9.92 -46.22
N LYS E 121 51.06 -9.95 -45.98
CA LYS E 121 51.76 -8.86 -45.29
C LYS E 121 52.19 -7.81 -46.30
N THR E 122 52.92 -6.81 -45.84
CA THR E 122 53.42 -5.76 -46.71
C THR E 122 54.35 -6.34 -47.78
N THR E 123 54.12 -5.95 -49.03
CA THR E 123 54.88 -6.48 -50.15
C THR E 123 55.12 -5.40 -51.20
N ALA E 124 56.37 -5.29 -51.66
CA ALA E 124 56.72 -4.31 -52.69
C ALA E 124 56.44 -4.87 -54.08
N PRO E 125 56.04 -4.00 -55.02
CA PRO E 125 55.67 -4.44 -56.36
C PRO E 125 56.86 -4.75 -57.27
N SER E 126 56.61 -5.48 -58.35
CA SER E 126 57.60 -5.70 -59.39
C SER E 126 57.31 -4.80 -60.57
N VAL E 127 58.24 -4.74 -61.52
CA VAL E 127 58.08 -3.92 -62.72
C VAL E 127 58.65 -4.65 -63.93
N TYR E 128 57.81 -4.84 -64.95
CA TYR E 128 58.20 -5.55 -66.16
C TYR E 128 57.92 -4.70 -67.40
N PRO E 129 58.96 -4.42 -68.21
CA PRO E 129 58.75 -3.61 -69.42
C PRO E 129 58.12 -4.41 -70.56
N LEU E 130 57.18 -3.80 -71.27
CA LEU E 130 56.47 -4.46 -72.36
C LEU E 130 56.61 -3.69 -73.67
N ALA E 131 57.42 -4.23 -74.58
CA ALA E 131 57.65 -3.64 -75.89
C ALA E 131 56.96 -4.46 -76.99
N PRO E 132 56.73 -3.86 -78.16
CA PRO E 132 56.07 -4.58 -79.26
C PRO E 132 56.84 -5.81 -79.73
N VAL E 133 56.14 -6.72 -80.40
CA VAL E 133 56.75 -7.93 -80.93
C VAL E 133 57.62 -7.61 -82.15
N CYS E 134 58.65 -8.41 -82.37
CA CYS E 134 59.53 -8.24 -83.52
C CYS E 134 58.75 -8.38 -84.82
N SER E 140 52.97 4.15 -88.06
CA SER E 140 52.59 5.54 -87.79
C SER E 140 52.42 5.79 -86.30
N SER E 141 52.14 4.73 -85.55
CA SER E 141 51.97 4.83 -84.11
C SER E 141 52.36 3.53 -83.43
N VAL E 142 52.73 3.61 -82.15
CA VAL E 142 53.17 2.45 -81.39
C VAL E 142 52.68 2.52 -79.95
N THR E 143 52.41 1.36 -79.36
CA THR E 143 51.94 1.26 -77.98
C THR E 143 52.94 0.50 -77.12
N LEU E 144 53.22 1.02 -75.93
CA LEU E 144 54.11 0.37 -74.97
C LEU E 144 53.31 -0.15 -73.79
N GLY E 145 54.02 -0.64 -72.76
CA GLY E 145 53.38 -1.16 -71.58
C GLY E 145 54.32 -1.25 -70.39
N CYS E 146 53.73 -1.23 -69.20
CA CYS E 146 54.49 -1.32 -67.96
C CYS E 146 53.71 -2.12 -66.92
N LEU E 147 53.94 -3.43 -66.88
CA LEU E 147 53.21 -4.32 -65.98
C LEU E 147 53.77 -4.27 -64.56
N VAL E 148 52.87 -4.11 -63.59
CA VAL E 148 53.22 -4.11 -62.17
C VAL E 148 52.43 -5.19 -61.45
N LYS E 149 53.10 -5.99 -60.64
CA LYS E 149 52.45 -7.14 -60.01
C LYS E 149 53.08 -7.51 -58.67
N GLY E 150 52.27 -8.12 -57.81
CA GLY E 150 52.75 -8.66 -56.55
C GLY E 150 53.07 -7.59 -55.52
N TYR E 151 52.03 -6.97 -54.97
CA TYR E 151 52.21 -5.96 -53.93
C TYR E 151 50.99 -5.86 -53.02
N PHE E 152 51.20 -5.31 -51.83
CA PHE E 152 50.14 -5.14 -50.85
C PHE E 152 50.61 -4.23 -49.73
N PRO E 153 49.73 -3.34 -49.23
CA PRO E 153 48.37 -3.05 -49.69
C PRO E 153 48.35 -1.99 -50.78
N GLU E 154 47.15 -1.54 -51.16
CA GLU E 154 47.00 -0.45 -52.11
C GLU E 154 47.35 0.88 -51.42
N PRO E 155 47.59 1.94 -52.21
CA PRO E 155 47.64 2.00 -53.68
C PRO E 155 49.06 2.16 -54.20
N VAL E 156 49.18 2.46 -55.50
CA VAL E 156 50.47 2.70 -56.12
C VAL E 156 50.37 3.83 -57.13
N THR E 157 51.50 4.49 -57.39
CA THR E 157 51.55 5.61 -58.33
C THR E 157 52.38 5.26 -59.56
N LEU E 158 51.71 5.15 -60.70
CA LEU E 158 52.37 4.83 -61.96
C LEU E 158 52.41 6.07 -62.86
N THR E 159 53.63 6.45 -63.27
CA THR E 159 53.82 7.58 -64.17
C THR E 159 54.85 7.22 -65.24
N TRP E 160 54.87 8.00 -66.32
CA TRP E 160 55.80 7.78 -67.42
C TRP E 160 56.79 8.94 -67.51
N ASN E 161 58.08 8.62 -67.47
CA ASN E 161 59.15 9.61 -67.42
C ASN E 161 58.94 10.58 -66.26
N SER E 162 58.65 10.03 -65.10
CA SER E 162 58.47 10.80 -63.87
C SER E 162 57.33 11.81 -63.99
N GLY E 163 56.23 11.38 -64.59
CA GLY E 163 55.05 12.22 -64.72
C GLY E 163 55.16 13.25 -65.83
N SER E 164 56.06 13.00 -66.78
CA SER E 164 56.23 13.91 -67.91
C SER E 164 55.00 13.88 -68.82
N LEU E 165 54.78 12.72 -69.44
CA LEU E 165 53.62 12.54 -70.33
C LEU E 165 52.45 11.93 -69.58
N SER E 166 51.29 12.59 -69.66
CA SER E 166 50.07 12.10 -69.04
C SER E 166 48.97 11.96 -70.09
N SER E 167 49.01 12.81 -71.10
CA SER E 167 48.03 12.77 -72.19
C SER E 167 48.16 11.48 -72.99
N GLY E 168 47.22 10.56 -72.79
CA GLY E 168 47.24 9.28 -73.48
C GLY E 168 47.86 8.19 -72.64
N VAL E 169 47.47 8.12 -71.37
CA VAL E 169 47.98 7.11 -70.45
C VAL E 169 46.82 6.40 -69.77
N HIS E 170 46.50 5.20 -70.24
CA HIS E 170 45.41 4.40 -69.69
C HIS E 170 45.90 3.50 -68.57
N THR E 171 45.99 4.03 -67.36
CA THR E 171 46.36 3.25 -66.19
C THR E 171 45.14 2.49 -65.67
N PHE E 172 45.15 1.17 -65.82
CA PHE E 172 44.01 0.34 -65.45
C PHE E 172 43.95 0.11 -63.94
N PRO E 173 42.73 -0.06 -63.40
CA PRO E 173 42.60 -0.35 -61.96
C PRO E 173 43.25 -1.66 -61.56
N ALA E 174 43.83 -1.70 -60.35
CA ALA E 174 44.46 -2.91 -59.84
C ALA E 174 43.42 -4.01 -59.62
N VAL E 175 43.84 -5.26 -59.81
CA VAL E 175 42.96 -6.41 -59.63
C VAL E 175 43.55 -7.36 -58.59
N LEU E 176 42.69 -7.93 -57.75
CA LEU E 176 43.13 -8.84 -56.71
C LEU E 176 43.52 -10.20 -57.28
N GLN E 177 44.69 -10.69 -56.88
CA GLN E 177 45.18 -11.99 -57.33
C GLN E 177 45.83 -12.73 -56.16
N SER E 178 45.02 -13.52 -55.46
CA SER E 178 45.48 -14.31 -54.31
C SER E 178 46.21 -13.45 -53.29
N ASP E 179 45.47 -12.55 -52.65
CA ASP E 179 46.01 -11.69 -51.60
C ASP E 179 47.13 -10.77 -52.10
N LEU E 180 47.20 -10.58 -53.41
CA LEU E 180 48.17 -9.68 -54.02
C LEU E 180 47.60 -9.02 -55.27
N TYR E 181 47.93 -7.75 -55.47
CA TYR E 181 47.35 -6.96 -56.55
C TYR E 181 48.19 -6.99 -57.82
N THR E 182 47.58 -6.60 -58.93
CA THR E 182 48.26 -6.52 -60.23
C THR E 182 47.72 -5.35 -61.03
N LEU E 183 48.52 -4.29 -61.13
CA LEU E 183 48.13 -3.08 -61.86
C LEU E 183 48.91 -2.98 -63.17
N SER E 184 48.24 -2.50 -64.21
CA SER E 184 48.86 -2.33 -65.53
C SER E 184 48.48 -1.00 -66.16
N SER E 185 49.43 -0.42 -66.88
CA SER E 185 49.21 0.84 -67.59
C SER E 185 49.75 0.75 -69.01
N SER E 186 49.32 1.68 -69.86
CA SER E 186 49.77 1.72 -71.24
C SER E 186 49.86 3.15 -71.75
N VAL E 187 50.65 3.36 -72.80
CA VAL E 187 50.83 4.68 -73.39
C VAL E 187 51.07 4.54 -74.89
N THR E 188 50.62 5.53 -75.65
CA THR E 188 50.74 5.51 -77.10
C THR E 188 51.40 6.79 -77.63
N VAL E 189 52.28 6.61 -78.61
CA VAL E 189 52.96 7.73 -79.26
C VAL E 189 53.18 7.42 -80.74
N THR E 190 53.73 8.37 -81.47
CA THR E 190 54.01 8.19 -82.89
C THR E 190 55.30 7.39 -83.09
N SER E 191 55.54 6.97 -84.32
CA SER E 191 56.74 6.20 -84.65
C SER E 191 58.00 7.06 -84.54
N SER E 192 57.81 8.37 -84.55
CA SER E 192 58.93 9.32 -84.45
C SER E 192 59.15 9.76 -83.02
N THR E 193 58.82 8.90 -82.06
CA THR E 193 58.98 9.19 -80.64
C THR E 193 59.73 8.06 -79.94
N TRP E 194 59.53 6.84 -80.43
CA TRP E 194 60.18 5.66 -79.86
C TRP E 194 60.46 4.65 -80.97
N PRO E 195 61.68 4.06 -80.98
CA PRO E 195 62.80 4.23 -80.06
C PRO E 195 63.73 5.39 -80.47
N SER E 196 63.16 6.54 -80.81
CA SER E 196 63.95 7.72 -81.14
C SER E 196 64.28 8.52 -79.89
N GLN E 197 63.55 8.27 -78.81
CA GLN E 197 63.74 8.95 -77.54
C GLN E 197 63.63 7.97 -76.39
N SER E 198 64.48 8.15 -75.37
CA SER E 198 64.47 7.27 -74.20
C SER E 198 63.16 7.39 -73.43
N ILE E 199 62.59 6.24 -73.05
CA ILE E 199 61.34 6.19 -72.31
C ILE E 199 61.40 5.15 -71.20
N THR E 200 61.02 5.57 -70.00
CA THR E 200 61.05 4.70 -68.82
C THR E 200 59.71 4.77 -68.10
N CYS E 201 59.30 3.66 -67.49
CA CYS E 201 58.05 3.59 -66.75
C CYS E 201 58.30 3.68 -65.24
N ASN E 202 57.82 4.76 -64.63
CA ASN E 202 58.01 4.97 -63.20
C ASN E 202 56.90 4.34 -62.36
N VAL E 203 57.28 3.82 -61.20
CA VAL E 203 56.34 3.19 -60.27
C VAL E 203 56.73 3.53 -58.83
N ALA E 204 55.72 3.64 -57.96
CA ALA E 204 55.96 3.96 -56.56
C ALA E 204 54.92 3.29 -55.66
N HIS E 205 55.39 2.76 -54.52
CA HIS E 205 54.53 2.08 -53.57
C HIS E 205 54.79 2.60 -52.16
N PRO E 206 54.01 3.62 -51.72
CA PRO E 206 54.21 4.27 -50.42
C PRO E 206 54.24 3.32 -49.22
N ALA E 207 53.55 2.20 -49.31
CA ALA E 207 53.45 1.26 -48.19
C ALA E 207 54.81 0.69 -47.81
N SER E 208 55.58 0.27 -48.81
CA SER E 208 56.91 -0.27 -48.59
C SER E 208 57.99 0.77 -48.89
N SER E 209 57.57 1.98 -49.24
CA SER E 209 58.48 3.09 -49.50
C SER E 209 59.52 2.75 -50.57
N THR E 210 59.04 2.27 -51.72
CA THR E 210 59.90 1.91 -52.84
C THR E 210 59.54 2.72 -54.09
N LYS E 211 60.56 3.05 -54.88
CA LYS E 211 60.38 3.89 -56.06
C LYS E 211 61.22 3.38 -57.24
N VAL E 212 60.95 2.15 -57.67
CA VAL E 212 61.70 1.52 -58.76
C VAL E 212 61.06 1.80 -60.11
N ASP E 213 61.87 1.84 -61.16
CA ASP E 213 61.39 2.06 -62.52
C ASP E 213 62.21 1.24 -63.53
N LYS E 214 61.58 0.88 -64.64
CA LYS E 214 62.22 0.06 -65.68
C LYS E 214 62.14 0.73 -67.05
N LYS E 215 63.29 0.78 -67.72
CA LYS E 215 63.39 1.38 -69.04
C LYS E 215 62.91 0.42 -70.14
N ILE E 216 62.00 0.89 -70.99
CA ILE E 216 61.47 0.07 -72.07
C ILE E 216 62.50 -0.09 -73.18
N GLU E 217 62.82 -1.35 -73.50
CA GLU E 217 63.81 -1.66 -74.54
C GLU E 217 63.13 -2.28 -75.77
N PRO E 218 63.58 -1.91 -76.98
CA PRO E 218 63.04 -2.59 -78.17
C PRO E 218 63.44 -4.06 -78.24
N ARG E 219 62.58 -4.89 -78.83
CA ARG E 219 62.86 -6.31 -78.97
C ARG E 219 63.55 -6.61 -80.29
N ASP F 1 12.02 -10.96 -47.77
CA ASP F 1 12.42 -9.56 -48.09
C ASP F 1 11.80 -9.10 -49.40
N ILE F 2 11.73 -7.79 -49.60
CA ILE F 2 11.19 -7.21 -50.82
C ILE F 2 12.28 -7.06 -51.86
N LEU F 3 12.07 -7.62 -53.05
CA LEU F 3 13.03 -7.53 -54.14
C LEU F 3 12.79 -6.28 -54.97
N MET F 4 13.84 -5.50 -55.18
CA MET F 4 13.78 -4.28 -55.98
C MET F 4 14.49 -4.48 -57.32
N THR F 5 13.71 -4.49 -58.39
CA THR F 5 14.25 -4.66 -59.74
C THR F 5 14.39 -3.30 -60.42
N GLN F 6 15.63 -2.88 -60.63
CA GLN F 6 15.93 -1.58 -61.22
C GLN F 6 16.42 -1.73 -62.66
N SER F 7 15.76 -1.06 -63.59
CA SER F 7 16.13 -1.11 -65.00
C SER F 7 16.12 0.30 -65.61
N PRO F 8 16.98 0.52 -66.63
CA PRO F 8 17.95 -0.42 -67.19
C PRO F 8 19.21 -0.50 -66.32
N SER F 9 20.03 -1.52 -66.55
CA SER F 9 21.30 -1.66 -65.82
C SER F 9 22.22 -0.50 -66.18
N SER F 10 22.10 -0.01 -67.40
CA SER F 10 22.90 1.11 -67.87
C SER F 10 22.31 1.67 -69.17
N MET F 11 22.49 2.96 -69.40
CA MET F 11 21.97 3.60 -70.61
C MET F 11 22.97 4.60 -71.19
N SER F 12 23.10 4.58 -72.51
CA SER F 12 23.95 5.53 -73.22
C SER F 12 23.12 6.73 -73.67
N VAL F 13 23.39 7.89 -73.09
CA VAL F 13 22.63 9.10 -73.37
C VAL F 13 23.56 10.31 -73.48
N SER F 14 22.98 11.46 -73.82
CA SER F 14 23.75 12.69 -74.02
C SER F 14 23.23 13.83 -73.15
N LEU F 15 23.91 14.97 -73.22
CA LEU F 15 23.52 16.15 -72.46
C LEU F 15 22.22 16.75 -72.98
N GLY F 16 21.44 17.32 -72.07
CA GLY F 16 20.18 17.97 -72.43
C GLY F 16 19.03 16.99 -72.63
N ASP F 17 19.34 15.70 -72.55
CA ASP F 17 18.33 14.67 -72.74
C ASP F 17 17.42 14.55 -71.52
N THR F 18 16.22 14.02 -71.73
CA THR F 18 15.28 13.74 -70.64
C THR F 18 15.12 12.23 -70.49
N VAL F 19 15.72 11.68 -69.45
CA VAL F 19 15.74 10.23 -69.24
C VAL F 19 14.92 9.84 -68.01
N SER F 20 14.61 8.55 -67.91
CA SER F 20 13.86 8.02 -66.78
C SER F 20 14.39 6.65 -66.35
N ILE F 21 14.43 6.44 -65.04
CA ILE F 21 14.88 5.16 -64.46
C ILE F 21 13.73 4.52 -63.69
N THR F 22 13.33 3.33 -64.10
CA THR F 22 12.23 2.61 -63.46
C THR F 22 12.71 1.72 -62.34
N CYS F 23 11.80 1.40 -61.42
CA CYS F 23 12.12 0.53 -60.29
C CYS F 23 10.88 -0.27 -59.88
N HIS F 24 11.00 -1.59 -59.92
CA HIS F 24 9.88 -2.48 -59.64
C HIS F 24 10.09 -3.27 -58.35
N ALA F 25 9.10 -3.20 -57.46
CA ALA F 25 9.13 -3.96 -56.21
C ALA F 25 8.30 -5.22 -56.34
N SER F 26 8.68 -6.27 -55.60
CA SER F 26 7.98 -7.54 -55.65
C SER F 26 6.58 -7.43 -55.07
N GLN F 27 6.31 -6.34 -54.37
CA GLN F 27 4.98 -6.07 -53.81
C GLN F 27 4.79 -4.58 -53.65
N GLY F 28 3.54 -4.17 -53.40
CA GLY F 28 3.23 -2.76 -53.21
C GLY F 28 3.93 -2.20 -51.98
N ILE F 29 4.51 -1.01 -52.11
CA ILE F 29 5.24 -0.38 -51.01
C ILE F 29 4.67 1.00 -50.67
N SER F 30 3.69 1.45 -51.45
CA SER F 30 2.95 2.69 -51.16
C SER F 30 3.87 3.89 -51.04
N SER F 31 4.67 4.13 -52.07
CA SER F 31 5.53 5.32 -52.16
C SER F 31 6.58 5.41 -51.07
N ASN F 32 6.81 4.31 -50.35
CA ASN F 32 7.87 4.26 -49.35
C ASN F 32 9.19 3.91 -50.01
N ILE F 33 9.60 4.77 -50.95
CA ILE F 33 10.80 4.52 -51.76
C ILE F 33 11.69 5.76 -51.77
N GLY F 34 13.01 5.53 -51.86
CA GLY F 34 13.98 6.61 -51.93
C GLY F 34 14.90 6.43 -53.11
N TRP F 35 15.46 7.54 -53.59
CA TRP F 35 16.39 7.52 -54.72
C TRP F 35 17.73 8.12 -54.32
N LEU F 36 18.80 7.50 -54.79
CA LEU F 36 20.16 7.88 -54.41
C LEU F 36 21.04 8.15 -55.63
N GLN F 37 22.07 8.96 -55.44
CA GLN F 37 23.05 9.24 -56.49
C GLN F 37 24.46 9.02 -55.94
N GLN F 38 25.30 8.37 -56.74
CA GLN F 38 26.70 8.16 -56.39
C GLN F 38 27.61 8.60 -57.53
N LYS F 39 28.14 9.80 -57.43
CA LYS F 39 29.05 10.31 -58.44
C LYS F 39 30.35 9.51 -58.42
N PRO F 40 31.07 9.47 -59.56
CA PRO F 40 32.30 8.67 -59.70
C PRO F 40 33.31 8.89 -58.58
N GLY F 41 33.55 7.85 -57.78
CA GLY F 41 34.55 7.90 -56.73
C GLY F 41 34.02 8.48 -55.42
N LYS F 42 33.00 9.32 -55.52
CA LYS F 42 32.45 10.00 -54.36
C LYS F 42 31.40 9.14 -53.67
N SER F 43 30.83 9.67 -52.58
CA SER F 43 29.85 8.93 -51.79
C SER F 43 28.44 9.12 -52.31
N PHE F 44 27.45 8.80 -51.47
CA PHE F 44 26.04 8.86 -51.87
C PHE F 44 25.39 10.19 -51.50
N MET F 45 24.52 10.66 -52.38
CA MET F 45 23.69 11.84 -52.14
C MET F 45 22.21 11.46 -52.29
N GLY F 46 21.38 11.93 -51.36
CA GLY F 46 19.96 11.65 -51.41
C GLY F 46 19.24 12.52 -52.41
N LEU F 47 18.39 11.91 -53.24
CA LEU F 47 17.65 12.63 -54.27
C LEU F 47 16.18 12.77 -53.89
N ILE F 48 15.51 11.64 -53.72
CA ILE F 48 14.09 11.60 -53.42
C ILE F 48 13.83 10.81 -52.15
N TYR F 49 12.82 11.22 -51.39
CA TYR F 49 12.32 10.44 -50.27
C TYR F 49 10.80 10.39 -50.33
N TYR F 50 10.23 9.26 -49.93
CA TYR F 50 8.79 9.02 -50.00
C TYR F 50 8.26 9.25 -51.41
N GLY F 51 8.99 8.75 -52.41
CA GLY F 51 8.48 8.66 -53.77
C GLY F 51 8.63 9.90 -54.64
N THR F 52 8.28 11.07 -54.11
CA THR F 52 8.17 12.27 -54.94
C THR F 52 8.80 13.53 -54.34
N ASN F 53 9.21 13.46 -53.07
CA ASN F 53 9.74 14.63 -52.39
C ASN F 53 11.25 14.78 -52.56
N LEU F 54 11.66 15.88 -53.19
CA LEU F 54 13.08 16.18 -53.37
C LEU F 54 13.75 16.47 -52.03
N VAL F 55 14.96 15.95 -51.86
CA VAL F 55 15.78 16.29 -50.71
C VAL F 55 16.23 17.75 -50.84
N ASP F 56 16.41 18.43 -49.72
CA ASP F 56 16.84 19.81 -49.73
C ASP F 56 18.20 19.95 -50.42
N GLY F 57 18.24 20.78 -51.46
CA GLY F 57 19.47 21.03 -52.20
C GLY F 57 19.47 20.44 -53.59
N VAL F 58 18.68 19.38 -53.78
CA VAL F 58 18.60 18.71 -55.07
C VAL F 58 18.00 19.64 -56.12
N PRO F 59 18.66 19.75 -57.30
CA PRO F 59 18.09 20.60 -58.37
C PRO F 59 16.69 20.16 -58.77
N SER F 60 15.87 21.13 -59.20
CA SER F 60 14.48 20.86 -59.51
C SER F 60 14.30 20.04 -60.79
N ARG F 61 15.39 19.79 -61.50
CA ARG F 61 15.32 19.02 -62.74
C ARG F 61 15.14 17.53 -62.44
N PHE F 62 15.36 17.14 -61.19
CA PHE F 62 15.06 15.79 -60.73
C PHE F 62 13.59 15.70 -60.32
N SER F 63 13.01 14.52 -60.46
CA SER F 63 11.62 14.30 -60.08
C SER F 63 11.28 12.82 -59.98
N GLY F 64 10.54 12.46 -58.94
CA GLY F 64 10.10 11.09 -58.73
C GLY F 64 8.60 10.95 -58.97
N SER F 65 8.17 9.73 -59.26
CA SER F 65 6.76 9.46 -59.52
C SER F 65 6.47 7.97 -59.46
N GLY F 66 5.18 7.63 -59.48
CA GLY F 66 4.74 6.25 -59.47
C GLY F 66 3.94 5.90 -58.22
N SER F 67 3.42 4.68 -58.19
CA SER F 67 2.66 4.20 -57.05
C SER F 67 2.58 2.68 -57.07
N GLY F 68 2.05 2.10 -56.00
CA GLY F 68 1.95 0.66 -55.90
C GLY F 68 3.31 0.00 -55.81
N ALA F 69 3.72 -0.66 -56.89
CA ALA F 69 4.99 -1.39 -56.92
C ALA F 69 5.86 -0.96 -58.11
N ASP F 70 5.46 0.12 -58.78
CA ASP F 70 6.21 0.63 -59.93
C ASP F 70 6.47 2.13 -59.78
N TYR F 71 7.75 2.50 -59.72
CA TYR F 71 8.15 3.88 -59.51
C TYR F 71 9.24 4.30 -60.50
N SER F 72 9.37 5.60 -60.71
CA SER F 72 10.30 6.12 -61.70
C SER F 72 10.99 7.40 -61.23
N LEU F 73 12.29 7.48 -61.51
CA LEU F 73 13.05 8.71 -61.34
C LEU F 73 13.21 9.36 -62.71
N THR F 74 13.25 10.69 -62.75
CA THR F 74 13.33 11.41 -64.02
C THR F 74 14.23 12.63 -63.91
N ILE F 75 15.12 12.77 -64.88
CA ILE F 75 16.03 13.92 -64.94
C ILE F 75 15.85 14.68 -66.25
N SER F 76 15.24 15.86 -66.16
CA SER F 76 15.02 16.68 -67.33
C SER F 76 16.26 17.51 -67.65
N SER F 77 16.71 17.44 -68.91
CA SER F 77 17.91 18.14 -69.36
C SER F 77 19.14 17.73 -68.54
N LEU F 78 19.74 16.62 -68.94
CA LEU F 78 20.91 16.08 -68.22
C LEU F 78 22.07 17.06 -68.21
N ASP F 79 22.66 17.24 -67.03
CA ASP F 79 23.85 18.06 -66.86
C ASP F 79 25.07 17.16 -66.77
N SER F 80 26.26 17.74 -66.99
CA SER F 80 27.50 16.98 -66.94
C SER F 80 27.69 16.27 -65.61
N GLU F 81 27.14 16.85 -64.55
CA GLU F 81 27.25 16.28 -63.21
C GLU F 81 26.38 15.04 -63.06
N ASP F 82 25.30 14.96 -63.82
CA ASP F 82 24.30 13.92 -63.65
C ASP F 82 24.78 12.54 -64.11
N PHE F 83 25.91 12.49 -64.81
CA PHE F 83 26.47 11.22 -65.24
C PHE F 83 27.05 10.47 -64.06
N ALA F 84 26.24 9.61 -63.45
CA ALA F 84 26.63 8.88 -62.25
C ALA F 84 25.76 7.66 -62.03
N ASP F 85 25.99 6.95 -60.93
CA ASP F 85 25.20 5.79 -60.58
C ASP F 85 23.96 6.20 -59.77
N TYR F 86 22.87 5.46 -59.96
CA TYR F 86 21.62 5.73 -59.26
C TYR F 86 21.01 4.46 -58.72
N TYR F 87 20.54 4.51 -57.47
CA TYR F 87 19.93 3.36 -56.82
C TYR F 87 18.57 3.73 -56.24
N CYS F 88 17.65 2.78 -56.26
CA CYS F 88 16.36 2.94 -55.58
C CYS F 88 16.36 2.08 -54.32
N VAL F 89 15.74 2.58 -53.26
CA VAL F 89 15.67 1.86 -51.99
C VAL F 89 14.26 1.94 -51.42
N GLN F 90 13.77 0.82 -50.90
CA GLN F 90 12.47 0.76 -50.24
C GLN F 90 12.64 0.66 -48.74
N TYR F 91 11.75 1.31 -48.00
CA TYR F 91 11.71 1.18 -46.54
C TYR F 91 10.27 0.99 -46.08
N ALA F 92 9.50 0.26 -46.87
CA ALA F 92 8.14 -0.13 -46.48
C ALA F 92 8.20 -1.27 -45.48
N GLN F 93 9.23 -2.10 -45.59
CA GLN F 93 9.42 -3.22 -44.69
C GLN F 93 10.89 -3.39 -44.33
N LEU F 94 11.14 -3.94 -43.15
CA LEU F 94 12.47 -4.37 -42.76
C LEU F 94 12.68 -5.81 -43.21
N PRO F 95 13.87 -6.15 -43.72
CA PRO F 95 15.04 -5.28 -43.92
C PRO F 95 14.88 -4.37 -45.14
N TYR F 96 15.47 -3.18 -45.09
CA TYR F 96 15.50 -2.31 -46.25
C TYR F 96 16.23 -3.01 -47.39
N THR F 97 15.80 -2.76 -48.62
CA THR F 97 16.42 -3.39 -49.79
C THR F 97 16.63 -2.38 -50.91
N PHE F 98 17.74 -2.53 -51.63
CA PHE F 98 18.12 -1.61 -52.69
C PHE F 98 17.92 -2.24 -54.06
N GLY F 99 17.94 -1.39 -55.09
CA GLY F 99 17.84 -1.86 -56.47
C GLY F 99 19.20 -2.27 -57.00
N GLY F 100 19.21 -2.90 -58.17
CA GLY F 100 20.45 -3.37 -58.78
C GLY F 100 21.37 -2.22 -59.18
N GLY F 101 20.79 -1.04 -59.41
CA GLY F 101 21.54 0.13 -59.77
C GLY F 101 21.48 0.43 -61.26
N THR F 102 21.66 1.70 -61.61
CA THR F 102 21.68 2.14 -63.00
C THR F 102 22.87 3.06 -63.22
N LYS F 103 23.53 2.89 -64.37
CA LYS F 103 24.72 3.67 -64.71
C LYS F 103 24.49 4.48 -65.98
N LEU F 104 24.48 5.80 -65.84
CA LEU F 104 24.33 6.69 -67.00
C LEU F 104 25.68 6.98 -67.64
N GLU F 105 25.78 6.67 -68.92
CA GLU F 105 27.02 6.83 -69.68
C GLU F 105 26.82 7.76 -70.86
N ILE F 106 27.90 8.38 -71.32
CA ILE F 106 27.85 9.34 -72.41
C ILE F 106 27.75 8.62 -73.76
N LYS F 107 26.74 8.99 -74.54
CA LYS F 107 26.56 8.43 -75.88
C LYS F 107 27.54 9.07 -76.86
N ARG F 108 28.00 8.27 -77.82
CA ARG F 108 28.93 8.77 -78.83
C ARG F 108 29.02 7.81 -80.01
N ALA F 109 29.85 8.15 -80.99
CA ALA F 109 30.06 7.29 -82.15
C ALA F 109 30.82 6.04 -81.75
N ASP F 110 30.48 4.92 -82.40
CA ASP F 110 31.13 3.65 -82.10
C ASP F 110 32.58 3.67 -82.58
N ALA F 111 33.48 3.09 -81.78
CA ALA F 111 34.90 3.05 -82.10
C ALA F 111 35.47 1.67 -81.84
N ALA F 112 36.22 1.16 -82.82
CA ALA F 112 36.82 -0.17 -82.71
C ALA F 112 38.03 -0.13 -81.77
N PRO F 113 38.34 -1.28 -81.13
CA PRO F 113 39.43 -1.32 -80.15
C PRO F 113 40.81 -1.43 -80.79
N THR F 114 41.80 -0.77 -80.17
CA THR F 114 43.18 -0.84 -80.62
C THR F 114 43.90 -1.98 -79.90
N VAL F 115 43.91 -3.15 -80.52
CA VAL F 115 44.50 -4.34 -79.92
C VAL F 115 46.01 -4.27 -79.96
N SER F 116 46.66 -4.64 -78.86
CA SER F 116 48.12 -4.61 -78.77
C SER F 116 48.63 -5.71 -77.84
N ILE F 117 49.21 -6.76 -78.42
CA ILE F 117 49.72 -7.89 -77.64
C ILE F 117 51.19 -7.67 -77.28
N PHE F 118 51.57 -8.13 -76.09
CA PHE F 118 52.93 -7.96 -75.59
C PHE F 118 53.40 -9.21 -74.85
N PRO F 119 54.52 -9.82 -75.30
CA PRO F 119 55.01 -11.03 -74.64
C PRO F 119 55.71 -10.74 -73.31
N PRO F 120 56.09 -11.79 -72.57
CA PRO F 120 56.76 -11.61 -71.28
C PRO F 120 58.09 -10.88 -71.39
N SER F 121 58.42 -10.06 -70.40
CA SER F 121 59.70 -9.36 -70.36
C SER F 121 60.81 -10.32 -69.99
N SER F 122 62.06 -9.89 -70.17
CA SER F 122 63.20 -10.69 -69.78
C SER F 122 63.36 -10.70 -68.27
N GLU F 123 62.96 -9.61 -67.63
CA GLU F 123 63.03 -9.49 -66.17
C GLU F 123 62.01 -10.42 -65.52
N GLN F 124 60.98 -10.78 -66.28
CA GLN F 124 59.92 -11.66 -65.78
C GLN F 124 60.28 -13.13 -65.97
N LEU F 125 60.82 -13.45 -67.13
CA LEU F 125 61.18 -14.83 -67.46
C LEU F 125 62.36 -15.33 -66.62
N THR F 126 63.02 -14.41 -65.91
CA THR F 126 64.13 -14.77 -65.03
C THR F 126 63.64 -15.21 -63.65
N SER F 127 62.48 -14.69 -63.25
CA SER F 127 61.92 -15.02 -61.94
C SER F 127 61.03 -16.26 -61.99
N GLY F 128 61.16 -17.04 -63.07
CA GLY F 128 60.41 -18.27 -63.22
C GLY F 128 58.91 -18.02 -63.38
N GLY F 129 58.57 -17.12 -64.29
CA GLY F 129 57.18 -16.79 -64.56
C GLY F 129 57.01 -16.14 -65.92
N ALA F 130 55.77 -15.92 -66.32
CA ALA F 130 55.47 -15.31 -67.62
C ALA F 130 54.04 -14.80 -67.68
N SER F 131 53.86 -13.62 -68.28
CA SER F 131 52.54 -13.02 -68.43
C SER F 131 52.42 -12.30 -69.78
N VAL F 132 51.44 -12.74 -70.57
CA VAL F 132 51.17 -12.13 -71.87
C VAL F 132 50.04 -11.11 -71.74
N VAL F 133 50.39 -9.83 -71.90
CA VAL F 133 49.43 -8.75 -71.78
C VAL F 133 48.82 -8.41 -73.15
N CYS F 134 47.58 -7.94 -73.14
CA CYS F 134 46.88 -7.58 -74.37
C CYS F 134 45.96 -6.38 -74.12
N PHE F 135 46.37 -5.21 -74.61
CA PHE F 135 45.63 -3.97 -74.38
C PHE F 135 44.61 -3.71 -75.50
N LEU F 136 43.39 -3.35 -75.09
CA LEU F 136 42.34 -2.96 -76.03
C LEU F 136 41.88 -1.55 -75.70
N ASN F 137 42.66 -0.57 -76.12
CA ASN F 137 42.45 0.82 -75.72
C ASN F 137 41.49 1.59 -76.63
N ASN F 138 40.69 2.45 -76.00
CA ASN F 138 39.81 3.38 -76.71
C ASN F 138 38.84 2.71 -77.67
N PHE F 139 37.70 2.28 -77.14
CA PHE F 139 36.64 1.72 -77.97
C PHE F 139 35.27 2.10 -77.41
N TYR F 140 34.23 1.84 -78.19
CA TYR F 140 32.86 2.15 -77.79
C TYR F 140 31.87 1.37 -78.65
N PRO F 141 30.82 0.79 -78.04
CA PRO F 141 30.45 0.80 -76.61
C PRO F 141 31.38 -0.02 -75.73
N LYS F 142 31.08 -0.04 -74.44
CA LYS F 142 31.90 -0.73 -73.44
C LYS F 142 31.92 -2.24 -73.64
N ASP F 143 30.85 -2.78 -74.22
CA ASP F 143 30.71 -4.22 -74.39
C ASP F 143 31.82 -4.79 -75.27
N ILE F 144 32.54 -5.76 -74.75
CA ILE F 144 33.65 -6.37 -75.47
C ILE F 144 34.02 -7.71 -74.84
N ASN F 145 34.38 -8.68 -75.68
CA ASN F 145 34.78 -10.02 -75.23
C ASN F 145 36.16 -10.39 -75.74
N VAL F 146 37.09 -10.60 -74.82
CA VAL F 146 38.43 -11.06 -75.17
C VAL F 146 38.49 -12.58 -75.09
N LYS F 147 39.26 -13.20 -75.98
CA LYS F 147 39.42 -14.65 -76.00
C LYS F 147 40.87 -15.02 -76.27
N TRP F 148 41.39 -15.97 -75.49
CA TRP F 148 42.76 -16.44 -75.63
C TRP F 148 42.81 -17.82 -76.26
N LYS F 149 43.70 -17.99 -77.24
CA LYS F 149 43.89 -19.28 -77.89
C LYS F 149 45.38 -19.62 -77.98
N ILE F 150 45.79 -20.63 -77.20
CA ILE F 150 47.16 -21.15 -77.28
C ILE F 150 47.22 -22.24 -78.34
N ASP F 151 47.81 -21.91 -79.49
CA ASP F 151 47.87 -22.82 -80.63
C ASP F 151 46.47 -23.27 -81.05
N GLY F 152 45.56 -22.31 -81.17
CA GLY F 152 44.20 -22.59 -81.62
C GLY F 152 43.27 -22.97 -80.48
N SER F 153 43.78 -23.77 -79.55
CA SER F 153 42.98 -24.22 -78.41
C SER F 153 42.66 -23.07 -77.46
N GLU F 154 41.38 -22.89 -77.19
CA GLU F 154 40.93 -21.78 -76.34
C GLU F 154 41.52 -21.87 -74.93
N ARG F 155 41.66 -20.72 -74.29
CA ARG F 155 42.22 -20.62 -72.94
C ARG F 155 41.30 -19.82 -72.02
N GLN F 156 40.96 -20.42 -70.89
CA GLN F 156 40.09 -19.78 -69.90
C GLN F 156 40.72 -19.79 -68.50
N ASN F 157 41.94 -20.32 -68.42
CA ASN F 157 42.62 -20.49 -67.14
C ASN F 157 43.65 -19.40 -66.87
N GLY F 158 43.58 -18.81 -65.69
CA GLY F 158 44.57 -17.83 -65.24
C GLY F 158 44.55 -16.53 -66.03
N VAL F 159 43.35 -15.98 -66.23
CA VAL F 159 43.19 -14.71 -66.94
C VAL F 159 42.83 -13.61 -65.96
N LEU F 160 43.45 -12.44 -66.13
CA LEU F 160 43.20 -11.28 -65.29
C LEU F 160 42.85 -10.06 -66.14
N ASN F 161 41.57 -9.69 -66.13
CA ASN F 161 41.08 -8.56 -66.91
C ASN F 161 40.78 -7.35 -66.01
N SER F 162 40.97 -6.16 -66.56
CA SER F 162 40.70 -4.92 -65.84
C SER F 162 40.15 -3.86 -66.78
N TRP F 163 39.04 -3.25 -66.39
CA TRP F 163 38.38 -2.23 -67.19
C TRP F 163 38.56 -0.84 -66.57
N THR F 164 38.81 0.15 -67.43
CA THR F 164 38.80 1.54 -67.02
C THR F 164 37.42 2.13 -67.23
N ASP F 165 37.08 3.14 -66.45
CA ASP F 165 35.80 3.83 -66.61
C ASP F 165 35.79 4.60 -67.92
N GLN F 166 34.63 5.12 -68.28
CA GLN F 166 34.50 5.91 -69.51
C GLN F 166 35.43 7.12 -69.44
N ASP F 167 36.44 7.12 -70.30
CA ASP F 167 37.49 8.14 -70.27
C ASP F 167 36.92 9.54 -70.43
N SER F 168 37.22 10.41 -69.47
CA SER F 168 36.72 11.78 -69.49
C SER F 168 37.28 12.58 -70.65
N LYS F 169 38.32 12.04 -71.30
CA LYS F 169 38.96 12.72 -72.41
C LYS F 169 38.13 12.62 -73.69
N ASP F 170 37.80 11.40 -74.09
CA ASP F 170 37.10 11.15 -75.35
C ASP F 170 35.92 10.20 -75.20
N SER F 171 35.53 9.92 -73.96
CA SER F 171 34.38 9.07 -73.66
C SER F 171 34.53 7.68 -74.27
N THR F 172 35.76 7.14 -74.24
CA THR F 172 36.04 5.80 -74.73
C THR F 172 36.43 4.89 -73.58
N TYR F 173 36.21 3.58 -73.79
CA TYR F 173 36.57 2.58 -72.79
C TYR F 173 37.83 1.85 -73.23
N SER F 174 38.57 1.32 -72.24
CA SER F 174 39.77 0.55 -72.50
C SER F 174 39.75 -0.73 -71.66
N MET F 175 40.51 -1.72 -72.09
CA MET F 175 40.52 -3.02 -71.42
C MET F 175 41.92 -3.64 -71.41
N SER F 176 42.29 -4.21 -70.27
CA SER F 176 43.55 -4.93 -70.12
C SER F 176 43.26 -6.41 -69.90
N SER F 177 44.21 -7.26 -70.27
CA SER F 177 44.04 -8.71 -70.12
C SER F 177 45.40 -9.39 -69.99
N THR F 178 45.59 -10.07 -68.86
CA THR F 178 46.87 -10.71 -68.55
C THR F 178 46.71 -12.21 -68.34
N LEU F 179 47.24 -13.00 -69.28
CA LEU F 179 47.26 -14.45 -69.16
C LEU F 179 48.56 -14.90 -68.50
N THR F 180 48.46 -15.30 -67.23
CA THR F 180 49.64 -15.65 -66.44
C THR F 180 49.83 -17.15 -66.30
N LEU F 181 51.08 -17.59 -66.25
CA LEU F 181 51.42 -18.98 -65.99
C LEU F 181 52.92 -19.12 -65.71
N THR F 182 53.36 -20.33 -65.41
CA THR F 182 54.76 -20.58 -65.06
C THR F 182 55.67 -20.54 -66.28
N LYS F 183 56.96 -20.33 -66.03
CA LYS F 183 57.96 -20.24 -67.10
C LYS F 183 58.00 -21.49 -67.96
N ASP F 184 58.00 -22.65 -67.32
CA ASP F 184 58.12 -23.92 -68.04
C ASP F 184 56.85 -24.22 -68.85
N GLU F 185 55.69 -23.81 -68.35
CA GLU F 185 54.45 -23.99 -69.10
C GLU F 185 54.45 -23.07 -70.32
N TYR F 186 55.05 -21.88 -70.17
CA TYR F 186 55.15 -20.94 -71.26
C TYR F 186 56.05 -21.49 -72.37
N GLU F 187 57.12 -22.17 -71.96
CA GLU F 187 58.08 -22.74 -72.91
C GLU F 187 57.63 -24.12 -73.39
N ARG F 188 56.34 -24.23 -73.72
CA ARG F 188 55.76 -25.46 -74.24
C ARG F 188 55.13 -25.23 -75.61
N HIS F 189 54.73 -24.00 -75.87
CA HIS F 189 54.02 -23.64 -77.10
C HIS F 189 54.75 -22.52 -77.82
N ASN F 190 54.20 -22.12 -78.98
CA ASN F 190 54.78 -21.06 -79.79
C ASN F 190 53.77 -19.95 -80.07
N SER F 191 52.66 -20.30 -80.71
CA SER F 191 51.65 -19.32 -81.09
C SER F 191 50.70 -19.00 -79.93
N TYR F 192 50.59 -17.72 -79.59
CA TYR F 192 49.67 -17.26 -78.55
C TYR F 192 48.75 -16.19 -79.12
N THR F 193 47.53 -16.59 -79.45
CA THR F 193 46.56 -15.70 -80.08
C THR F 193 45.86 -14.81 -79.04
N CYS F 194 45.31 -13.70 -79.51
CA CYS F 194 44.61 -12.76 -78.64
C CYS F 194 43.40 -12.16 -79.38
N GLU F 195 42.28 -12.88 -79.36
CA GLU F 195 41.09 -12.45 -80.09
C GLU F 195 40.29 -11.42 -79.31
N ALA F 196 39.36 -10.75 -79.99
CA ALA F 196 38.53 -9.73 -79.37
C ALA F 196 37.24 -9.50 -80.18
N THR F 197 36.10 -9.65 -79.53
CA THR F 197 34.80 -9.48 -80.17
C THR F 197 34.18 -8.13 -79.83
N HIS F 198 33.74 -7.41 -80.85
CA HIS F 198 33.14 -6.09 -80.67
C HIS F 198 32.07 -5.87 -81.73
N LYS F 199 31.17 -4.91 -81.50
CA LYS F 199 30.06 -4.68 -82.42
C LYS F 199 30.52 -3.94 -83.68
N THR F 200 31.58 -3.15 -83.55
CA THR F 200 32.11 -2.38 -84.68
C THR F 200 32.72 -3.30 -85.73
N SER F 201 33.11 -4.51 -85.31
CA SER F 201 33.76 -5.47 -86.19
C SER F 201 32.95 -6.75 -86.31
N THR F 202 32.49 -7.04 -87.52
CA THR F 202 31.76 -8.28 -87.79
C THR F 202 32.64 -9.49 -87.48
N SER F 203 33.94 -9.32 -87.70
CA SER F 203 34.92 -10.37 -87.43
C SER F 203 35.76 -10.02 -86.21
N PRO F 204 36.35 -11.04 -85.56
CA PRO F 204 37.20 -10.81 -84.38
C PRO F 204 38.60 -10.34 -84.75
N ILE F 205 39.07 -9.25 -84.14
CA ILE F 205 40.42 -8.76 -84.34
C ILE F 205 41.40 -9.72 -83.66
N VAL F 206 42.59 -9.87 -84.23
CA VAL F 206 43.56 -10.86 -83.77
C VAL F 206 44.97 -10.28 -83.66
N LYS F 207 45.71 -10.76 -82.67
CA LYS F 207 47.12 -10.42 -82.50
C LYS F 207 47.89 -11.63 -81.94
N SER F 208 48.85 -12.13 -82.71
CA SER F 208 49.60 -13.33 -82.33
C SER F 208 51.11 -13.10 -82.39
N PHE F 209 51.87 -14.08 -81.91
CA PHE F 209 53.31 -14.03 -81.94
C PHE F 209 53.92 -15.40 -81.65
N ASN F 210 55.13 -15.63 -82.16
CA ASN F 210 55.86 -16.87 -81.88
C ASN F 210 56.75 -16.70 -80.65
N ARG F 211 56.87 -17.77 -79.87
CA ARG F 211 57.65 -17.73 -78.63
C ARG F 211 59.13 -17.53 -78.90
N ASN F 212 59.67 -16.41 -78.43
CA ASN F 212 61.09 -16.09 -78.60
C ASN F 212 61.51 -16.15 -80.06
N GLU F 213 61.23 -15.08 -80.80
CA GLU F 213 61.47 -15.04 -82.24
C GLU F 213 62.87 -14.56 -82.57
N CYS F 214 63.16 -13.30 -82.28
CA CYS F 214 64.45 -12.70 -82.61
C CYS F 214 65.60 -13.43 -81.92
N GLU G 1 -5.32 2.34 45.52
CA GLU G 1 -6.30 1.56 46.32
C GLU G 1 -7.65 1.53 45.63
N VAL G 2 -8.35 0.41 45.76
CA VAL G 2 -9.65 0.23 45.13
C VAL G 2 -10.75 0.92 45.94
N GLN G 3 -11.42 1.87 45.29
CA GLN G 3 -12.56 2.56 45.89
C GLN G 3 -13.68 2.73 44.86
N LEU G 4 -14.90 2.43 45.28
CA LEU G 4 -16.07 2.62 44.44
C LEU G 4 -16.87 3.82 44.96
N GLN G 5 -16.89 4.89 44.17
CA GLN G 5 -17.53 6.13 44.56
C GLN G 5 -18.82 6.35 43.78
N GLN G 6 -19.95 6.26 44.48
CA GLN G 6 -21.26 6.37 43.86
C GLN G 6 -21.78 7.80 43.91
N SER G 7 -22.89 8.03 43.19
CA SER G 7 -23.50 9.36 43.13
C SER G 7 -24.24 9.68 44.43
N GLY G 8 -24.65 10.93 44.56
CA GLY G 8 -25.34 11.40 45.75
C GLY G 8 -26.76 10.87 45.84
N ALA G 9 -27.36 11.06 47.01
CA ALA G 9 -28.72 10.58 47.26
C ALA G 9 -29.72 11.22 46.31
N GLU G 10 -30.63 10.41 45.79
CA GLU G 10 -31.65 10.88 44.85
C GLU G 10 -33.01 11.01 45.54
N LEU G 11 -33.77 12.02 45.11
CA LEU G 11 -35.10 12.26 45.64
C LEU G 11 -36.05 12.56 44.48
N VAL G 12 -36.81 11.54 44.06
CA VAL G 12 -37.62 11.62 42.86
C VAL G 12 -39.07 11.23 43.12
N LYS G 13 -39.91 11.42 42.10
CA LYS G 13 -41.33 11.14 42.19
C LYS G 13 -41.67 9.79 41.55
N PRO G 14 -42.80 9.18 41.93
CA PRO G 14 -43.21 7.91 41.31
C PRO G 14 -43.53 8.06 39.84
N GLY G 15 -43.23 7.04 39.05
CA GLY G 15 -43.49 7.06 37.62
C GLY G 15 -42.32 7.62 36.83
N ALA G 16 -41.42 8.32 37.51
CA ALA G 16 -40.24 8.90 36.88
C ALA G 16 -39.12 7.87 36.80
N SER G 17 -37.96 8.31 36.30
CA SER G 17 -36.79 7.45 36.19
C SER G 17 -35.58 8.13 36.81
N VAL G 18 -34.59 7.33 37.19
CA VAL G 18 -33.36 7.82 37.79
C VAL G 18 -32.18 6.98 37.34
N LYS G 19 -31.00 7.58 37.28
CA LYS G 19 -29.80 6.89 36.81
C LYS G 19 -28.64 7.10 37.77
N LEU G 20 -28.37 6.08 38.58
CA LEU G 20 -27.27 6.13 39.54
C LEU G 20 -25.95 5.81 38.85
N SER G 21 -24.85 6.32 39.38
CA SER G 21 -23.53 6.09 38.81
C SER G 21 -22.59 5.47 39.84
N CYS G 22 -21.58 4.74 39.33
CA CYS G 22 -20.58 4.11 40.16
C CYS G 22 -19.20 4.26 39.51
N THR G 23 -18.44 5.23 39.99
CA THR G 23 -17.15 5.57 39.38
C THR G 23 -16.00 4.84 40.08
N ALA G 24 -15.18 4.15 39.27
CA ALA G 24 -14.03 3.43 39.79
C ALA G 24 -12.91 4.40 40.16
N SER G 25 -12.24 4.13 41.28
CA SER G 25 -11.15 4.98 41.75
C SER G 25 -9.95 4.13 42.16
N GLY G 26 -8.84 4.33 41.45
CA GLY G 26 -7.61 3.61 41.73
C GLY G 26 -7.47 2.33 40.93
N PHE G 27 -8.35 2.15 39.94
CA PHE G 27 -8.32 0.98 39.08
C PHE G 27 -9.17 1.20 37.84
N ASN G 28 -9.06 0.28 36.88
CA ASN G 28 -9.86 0.33 35.67
C ASN G 28 -11.18 -0.40 35.86
N ILE G 29 -12.29 0.29 35.59
CA ILE G 29 -13.62 -0.31 35.73
C ILE G 29 -13.75 -1.54 34.86
N LYS G 30 -12.97 -1.58 33.78
CA LYS G 30 -13.04 -2.65 32.79
C LYS G 30 -12.44 -3.97 33.29
N ASP G 31 -11.78 -3.92 34.45
CA ASP G 31 -11.05 -5.09 34.96
C ASP G 31 -11.94 -6.27 35.35
N THR G 32 -13.04 -5.99 36.04
CA THR G 32 -13.87 -7.04 36.61
C THR G 32 -15.36 -6.85 36.34
N TYR G 33 -16.16 -7.80 36.81
CA TYR G 33 -17.60 -7.64 36.84
C TYR G 33 -17.96 -6.49 37.77
N VAL G 34 -19.05 -5.81 37.48
CA VAL G 34 -19.61 -4.81 38.37
C VAL G 34 -21.08 -5.14 38.63
N HIS G 35 -21.41 -5.40 39.89
CA HIS G 35 -22.76 -5.78 40.28
C HIS G 35 -23.51 -4.61 40.91
N TRP G 36 -24.82 -4.76 41.03
CA TRP G 36 -25.65 -3.81 41.74
C TRP G 36 -26.54 -4.55 42.74
N VAL G 37 -26.58 -4.05 43.98
CA VAL G 37 -27.33 -4.69 45.05
C VAL G 37 -28.28 -3.69 45.71
N LYS G 38 -29.48 -4.14 46.01
CA LYS G 38 -30.52 -3.33 46.64
C LYS G 38 -30.68 -3.73 48.10
N GLN G 39 -30.77 -2.74 48.99
CA GLN G 39 -30.94 -3.01 50.42
C GLN G 39 -32.14 -2.27 50.99
N ARG G 40 -32.98 -3.02 51.71
CA ARG G 40 -34.09 -2.44 52.45
C ARG G 40 -34.10 -3.01 53.86
N PRO G 41 -34.63 -2.26 54.84
CA PRO G 41 -34.64 -2.73 56.22
C PRO G 41 -35.37 -4.05 56.42
N GLU G 42 -36.55 -4.18 55.81
CA GLU G 42 -37.37 -5.38 55.96
C GLU G 42 -36.93 -6.49 55.02
N GLN G 43 -36.94 -6.21 53.73
CA GLN G 43 -36.65 -7.22 52.72
C GLN G 43 -35.19 -7.63 52.70
N GLY G 44 -34.32 -6.74 53.17
CA GLY G 44 -32.89 -7.03 53.24
C GLY G 44 -32.19 -6.82 51.92
N LEU G 45 -31.16 -7.64 51.67
CA LEU G 45 -30.33 -7.49 50.48
C LEU G 45 -30.85 -8.30 49.30
N GLU G 46 -30.84 -7.67 48.12
CA GLU G 46 -31.28 -8.32 46.89
C GLU G 46 -30.34 -7.99 45.73
N TRP G 47 -30.00 -9.02 44.97
CA TRP G 47 -29.11 -8.86 43.82
C TRP G 47 -29.88 -8.40 42.59
N ILE G 48 -29.50 -7.25 42.05
CA ILE G 48 -30.17 -6.70 40.88
C ILE G 48 -29.62 -7.34 39.61
N GLY G 49 -28.31 -7.22 39.41
CA GLY G 49 -27.67 -7.74 38.22
C GLY G 49 -26.20 -7.41 38.17
N ARG G 50 -25.56 -7.70 37.05
CA ARG G 50 -24.15 -7.39 36.85
C ARG G 50 -23.91 -6.89 35.43
N ILE G 51 -22.73 -6.32 35.21
CA ILE G 51 -22.29 -5.96 33.87
C ILE G 51 -20.79 -6.16 33.75
N ASP G 52 -20.36 -6.60 32.58
CA ASP G 52 -18.94 -6.68 32.24
C ASP G 52 -18.61 -5.46 31.38
N PRO G 53 -18.00 -4.42 32.00
CA PRO G 53 -17.79 -3.18 31.26
C PRO G 53 -16.84 -3.31 30.06
N ALA G 54 -16.20 -4.46 29.92
CA ALA G 54 -15.27 -4.69 28.82
C ALA G 54 -16.01 -4.93 27.50
N ASN G 55 -17.27 -5.33 27.60
CA ASN G 55 -18.07 -5.63 26.40
C ASN G 55 -19.52 -5.19 26.54
N GLY G 56 -19.97 -4.96 27.77
CA GLY G 56 -21.29 -4.41 28.02
C GLY G 56 -22.38 -5.46 28.21
N TYR G 57 -22.00 -6.73 28.25
CA TYR G 57 -22.95 -7.80 28.47
C TYR G 57 -23.44 -7.78 29.91
N THR G 58 -24.72 -8.08 30.11
CA THR G 58 -25.35 -7.96 31.42
C THR G 58 -26.17 -9.20 31.81
N LYS G 59 -26.33 -9.39 33.11
CA LYS G 59 -27.22 -10.40 33.66
C LYS G 59 -28.15 -9.73 34.66
N TYR G 60 -29.36 -10.24 34.79
CA TYR G 60 -30.35 -9.67 35.70
C TYR G 60 -31.10 -10.74 36.47
N ASP G 61 -31.48 -10.42 37.70
CA ASP G 61 -32.47 -11.21 38.42
C ASP G 61 -33.81 -10.94 37.74
N PRO G 62 -34.56 -12.00 37.38
CA PRO G 62 -35.81 -11.77 36.64
C PRO G 62 -36.81 -10.87 37.38
N LYS G 63 -36.59 -10.67 38.67
CA LYS G 63 -37.45 -9.79 39.47
C LYS G 63 -37.29 -8.33 39.04
N PHE G 64 -36.08 -7.97 38.59
CA PHE G 64 -35.77 -6.59 38.24
C PHE G 64 -35.78 -6.35 36.72
N GLN G 65 -36.16 -7.37 35.96
CA GLN G 65 -36.24 -7.22 34.52
C GLN G 65 -37.36 -6.25 34.15
N GLY G 66 -36.98 -5.11 33.58
CA GLY G 66 -37.92 -4.09 33.19
C GLY G 66 -37.57 -2.75 33.83
N LYS G 67 -37.35 -2.77 35.14
CA LYS G 67 -37.01 -1.55 35.87
C LYS G 67 -35.52 -1.27 35.83
N ALA G 68 -34.72 -2.28 36.14
CA ALA G 68 -33.28 -2.12 36.20
C ALA G 68 -32.64 -2.19 34.82
N THR G 69 -31.71 -1.26 34.57
CA THR G 69 -30.94 -1.26 33.32
C THR G 69 -29.51 -0.83 33.64
N ILE G 70 -28.60 -1.80 33.62
CA ILE G 70 -27.20 -1.55 33.94
C ILE G 70 -26.39 -1.27 32.69
N THR G 71 -25.59 -0.22 32.74
CA THR G 71 -24.70 0.16 31.63
C THR G 71 -23.34 0.57 32.17
N ALA G 72 -22.41 0.84 31.27
CA ALA G 72 -21.05 1.22 31.67
C ALA G 72 -20.34 2.00 30.56
N ASP G 73 -19.57 3.00 30.97
CA ASP G 73 -18.76 3.79 30.05
C ASP G 73 -17.30 3.75 30.48
N THR G 74 -16.51 2.94 29.79
CA THR G 74 -15.10 2.77 30.14
C THR G 74 -14.32 4.08 30.03
N SER G 75 -14.83 5.01 29.23
CA SER G 75 -14.20 6.31 29.08
C SER G 75 -14.15 7.05 30.41
N SER G 76 -15.31 7.27 31.00
CA SER G 76 -15.40 7.95 32.29
C SER G 76 -15.11 6.99 33.44
N ASN G 77 -14.81 5.74 33.11
CA ASN G 77 -14.47 4.73 34.12
C ASN G 77 -15.61 4.55 35.12
N THR G 78 -16.84 4.55 34.60
CA THR G 78 -18.04 4.57 35.44
C THR G 78 -19.06 3.52 34.99
N ALA G 79 -19.77 2.96 35.96
CA ALA G 79 -20.89 2.07 35.70
C ALA G 79 -22.18 2.72 36.19
N TYR G 80 -23.29 2.43 35.52
CA TYR G 80 -24.56 3.07 35.84
C TYR G 80 -25.67 2.06 36.14
N LEU G 81 -26.66 2.51 36.90
CA LEU G 81 -27.87 1.74 37.16
C LEU G 81 -29.09 2.62 36.95
N GLN G 82 -29.82 2.37 35.86
CA GLN G 82 -31.04 3.11 35.56
C GLN G 82 -32.26 2.38 36.09
N LEU G 83 -33.10 3.12 36.82
CA LEU G 83 -34.37 2.58 37.32
C LEU G 83 -35.52 3.36 36.70
N SER G 84 -36.52 2.63 36.19
CA SER G 84 -37.63 3.23 35.47
C SER G 84 -38.98 2.91 36.13
N SER G 85 -39.97 3.78 35.87
CA SER G 85 -41.31 3.63 36.42
C SER G 85 -41.25 3.43 37.93
N LEU G 86 -40.62 4.38 38.61
CA LEU G 86 -40.30 4.24 40.03
C LEU G 86 -41.54 4.14 40.91
N THR G 87 -41.40 3.38 41.99
CA THR G 87 -42.48 3.10 42.92
C THR G 87 -41.97 3.24 44.34
N SER G 88 -42.88 3.35 45.31
CA SER G 88 -42.52 3.45 46.71
C SER G 88 -41.61 2.31 47.15
N GLU G 89 -41.79 1.14 46.54
CA GLU G 89 -40.99 -0.03 46.90
C GLU G 89 -39.56 0.07 46.36
N ASP G 90 -39.34 0.98 45.42
CA ASP G 90 -38.00 1.22 44.90
C ASP G 90 -37.21 2.12 45.86
N THR G 91 -37.86 2.56 46.93
CA THR G 91 -37.19 3.30 47.98
C THR G 91 -36.22 2.38 48.71
N ALA G 92 -34.94 2.52 48.42
CA ALA G 92 -33.92 1.66 48.98
C ALA G 92 -32.53 2.23 48.79
N VAL G 93 -31.53 1.60 49.42
CA VAL G 93 -30.14 1.97 49.23
C VAL G 93 -29.52 1.03 48.20
N TYR G 94 -28.82 1.60 47.23
CA TYR G 94 -28.24 0.82 46.13
C TYR G 94 -26.72 0.87 46.15
N TYR G 95 -26.11 -0.32 46.15
CA TYR G 95 -24.65 -0.45 46.19
C TYR G 95 -24.12 -1.03 44.89
N CYS G 96 -22.95 -0.55 44.46
CA CYS G 96 -22.22 -1.17 43.35
C CYS G 96 -21.11 -2.03 43.93
N VAL G 97 -20.91 -3.21 43.36
CA VAL G 97 -19.99 -4.21 43.93
C VAL G 97 -19.08 -4.83 42.87
N ARG G 98 -17.86 -5.15 43.27
CA ARG G 98 -16.93 -5.88 42.42
C ARG G 98 -16.11 -6.86 43.25
N PRO G 99 -15.54 -7.89 42.61
CA PRO G 99 -14.71 -8.87 43.33
C PRO G 99 -13.27 -8.41 43.55
N LEU G 100 -12.58 -9.08 44.47
CA LEU G 100 -11.16 -8.84 44.70
C LEU G 100 -10.32 -9.67 43.72
N TYR G 101 -10.34 -10.99 43.93
CA TYR G 101 -9.61 -11.93 43.07
C TYR G 101 -10.59 -12.83 42.33
N ASP G 102 -11.37 -13.60 43.08
CA ASP G 102 -12.35 -14.53 42.52
C ASP G 102 -13.29 -13.81 41.56
N TYR G 103 -13.34 -14.27 40.31
CA TYR G 103 -14.16 -13.66 39.27
C TYR G 103 -15.61 -13.43 39.67
N TYR G 104 -16.14 -14.34 40.50
CA TYR G 104 -17.57 -14.36 40.82
C TYR G 104 -17.91 -13.80 42.21
N ALA G 105 -16.91 -13.29 42.92
CA ALA G 105 -17.12 -12.87 44.31
C ALA G 105 -17.73 -11.47 44.42
N MET G 106 -17.98 -11.06 45.66
CA MET G 106 -18.61 -9.77 45.96
C MET G 106 -17.90 -9.10 47.13
N ASP G 107 -16.72 -8.54 46.87
CA ASP G 107 -15.80 -8.14 47.94
C ASP G 107 -15.75 -6.64 48.20
N TYR G 108 -15.56 -5.85 47.15
CA TYR G 108 -15.48 -4.39 47.30
C TYR G 108 -16.82 -3.73 47.03
N TRP G 109 -17.22 -2.83 47.93
CA TRP G 109 -18.53 -2.18 47.86
C TRP G 109 -18.40 -0.66 47.85
N GLY G 110 -19.30 0.00 47.12
CA GLY G 110 -19.39 1.44 47.15
C GLY G 110 -20.08 1.88 48.42
N GLN G 111 -20.08 3.18 48.69
CA GLN G 111 -20.65 3.69 49.94
C GLN G 111 -22.17 3.56 49.95
N GLY G 112 -22.76 3.42 48.76
CA GLY G 112 -24.19 3.27 48.63
C GLY G 112 -24.90 4.58 48.31
N THR G 113 -25.87 4.51 47.41
CA THR G 113 -26.67 5.67 47.02
C THR G 113 -28.09 5.52 47.54
N SER G 114 -28.55 6.50 48.31
CA SER G 114 -29.89 6.47 48.87
C SER G 114 -30.92 7.01 47.88
N VAL G 115 -31.98 6.23 47.66
CA VAL G 115 -33.07 6.63 46.78
C VAL G 115 -34.36 6.69 47.57
N THR G 116 -35.15 7.73 47.30
CA THR G 116 -36.45 7.91 47.96
C THR G 116 -37.49 8.36 46.95
N VAL G 117 -38.51 7.54 46.75
CA VAL G 117 -39.60 7.85 45.83
C VAL G 117 -40.82 8.31 46.61
N SER G 118 -41.28 9.53 46.33
CA SER G 118 -42.41 10.11 47.03
C SER G 118 -43.04 11.26 46.24
N SER G 119 -44.35 11.43 46.40
CA SER G 119 -45.07 12.52 45.77
C SER G 119 -45.14 13.74 46.68
N ALA G 120 -44.59 13.62 47.88
CA ALA G 120 -44.65 14.68 48.87
C ALA G 120 -43.90 15.93 48.40
N LYS G 121 -44.45 17.09 48.74
CA LYS G 121 -43.81 18.37 48.45
C LYS G 121 -42.94 18.79 49.63
N THR G 122 -42.11 19.80 49.42
CA THR G 122 -41.23 20.30 50.47
C THR G 122 -42.04 20.94 51.59
N THR G 123 -42.30 20.17 52.65
CA THR G 123 -43.12 20.62 53.77
C THR G 123 -42.27 20.83 55.01
N ALA G 124 -42.52 21.93 55.71
CA ALA G 124 -41.80 22.23 56.95
C ALA G 124 -42.41 21.49 58.13
N PRO G 125 -41.59 21.16 59.14
CA PRO G 125 -42.08 20.40 60.30
C PRO G 125 -43.00 21.21 61.22
N SER G 126 -43.75 20.49 62.04
CA SER G 126 -44.58 21.10 63.09
C SER G 126 -44.01 20.70 64.44
N VAL G 127 -43.34 21.64 65.10
CA VAL G 127 -42.67 21.36 66.37
C VAL G 127 -43.60 21.60 67.55
N TYR G 128 -43.79 20.55 68.36
CA TYR G 128 -44.69 20.61 69.51
C TYR G 128 -43.93 20.29 70.80
N PRO G 129 -44.05 21.16 71.83
CA PRO G 129 -43.39 20.85 73.10
C PRO G 129 -44.11 19.75 73.87
N LEU G 130 -43.35 18.95 74.61
CA LEU G 130 -43.92 17.83 75.37
C LEU G 130 -43.56 17.92 76.85
N ALA G 131 -44.38 18.63 77.61
CA ALA G 131 -44.19 18.75 79.05
C ALA G 131 -44.97 17.66 79.79
N PRO G 132 -44.45 17.22 80.94
CA PRO G 132 -45.11 16.14 81.69
C PRO G 132 -46.44 16.57 82.29
N VAL G 133 -47.14 15.63 82.92
CA VAL G 133 -48.44 15.91 83.52
C VAL G 133 -48.26 16.25 85.00
N CYS G 134 -49.22 16.98 85.54
CA CYS G 134 -49.17 17.39 86.95
C CYS G 134 -49.18 16.17 87.87
N THR G 138 -42.63 14.92 90.26
CA THR G 138 -43.01 14.17 91.45
C THR G 138 -41.85 13.32 91.96
N GLY G 139 -41.03 12.82 91.04
CA GLY G 139 -39.89 12.00 91.39
C GLY G 139 -38.62 12.83 91.48
N SER G 140 -37.48 12.16 91.44
CA SER G 140 -36.18 12.83 91.50
C SER G 140 -35.67 13.17 90.10
N SER G 141 -36.20 12.47 89.10
CA SER G 141 -35.81 12.68 87.70
C SER G 141 -37.01 13.12 86.88
N VAL G 142 -36.78 14.11 86.01
CA VAL G 142 -37.83 14.63 85.12
C VAL G 142 -37.45 14.37 83.68
N THR G 143 -38.45 14.18 82.82
CA THR G 143 -38.22 13.92 81.40
C THR G 143 -39.15 14.76 80.52
N LEU G 144 -38.56 15.56 79.64
CA LEU G 144 -39.31 16.37 78.69
C LEU G 144 -39.26 15.72 77.31
N GLY G 145 -39.75 16.43 76.30
CA GLY G 145 -39.75 15.91 74.94
C GLY G 145 -40.03 16.95 73.89
N CYS G 146 -39.95 16.54 72.62
CA CYS G 146 -40.20 17.42 71.50
C CYS G 146 -40.65 16.59 70.29
N LEU G 147 -41.78 16.97 69.71
CA LEU G 147 -42.36 16.23 68.59
C LEU G 147 -42.28 17.01 67.28
N VAL G 148 -41.49 16.48 66.35
CA VAL G 148 -41.35 17.07 65.02
C VAL G 148 -42.19 16.26 64.02
N LYS G 149 -43.29 16.84 63.55
CA LYS G 149 -44.28 16.10 62.79
C LYS G 149 -44.57 16.71 61.42
N GLY G 150 -44.73 15.84 60.42
CA GLY G 150 -45.19 16.23 59.11
C GLY G 150 -44.23 17.10 58.31
N TYR G 151 -42.99 16.64 58.17
CA TYR G 151 -42.01 17.34 57.34
C TYR G 151 -41.52 16.45 56.21
N PHE G 152 -41.01 17.09 55.16
CA PHE G 152 -40.47 16.37 54.02
C PHE G 152 -39.61 17.29 53.16
N PRO G 153 -38.46 16.79 52.67
CA PRO G 153 -37.86 15.47 52.90
C PRO G 153 -36.98 15.45 54.14
N GLU G 154 -36.28 14.34 54.36
CA GLU G 154 -35.29 14.25 55.43
C GLU G 154 -34.05 15.06 55.06
N PRO G 155 -33.18 15.35 56.03
CA PRO G 155 -33.29 15.09 57.47
C PRO G 155 -33.61 16.35 58.28
N VAL G 156 -33.55 16.22 59.60
CA VAL G 156 -33.69 17.36 60.50
C VAL G 156 -32.70 17.21 61.65
N THR G 157 -32.10 18.33 62.05
CA THR G 157 -31.17 18.35 63.18
C THR G 157 -31.87 18.87 64.43
N LEU G 158 -31.86 18.06 65.48
CA LEU G 158 -32.52 18.42 66.73
C LEU G 158 -31.51 18.49 67.87
N THR G 159 -31.54 19.62 68.58
CA THR G 159 -30.67 19.83 69.74
C THR G 159 -31.44 20.52 70.86
N TRP G 160 -30.87 20.50 72.06
CA TRP G 160 -31.48 21.14 73.22
C TRP G 160 -30.62 22.28 73.72
N ASN G 161 -31.23 23.45 73.89
CA ASN G 161 -30.51 24.65 74.31
C ASN G 161 -29.33 24.95 73.37
N SER G 162 -29.54 24.70 72.09
CA SER G 162 -28.54 24.96 71.06
C SER G 162 -27.26 24.17 71.30
N GLY G 163 -27.39 22.86 71.45
CA GLY G 163 -26.26 21.98 71.59
C GLY G 163 -25.69 21.93 73.00
N SER G 164 -26.18 22.80 73.87
CA SER G 164 -25.70 22.84 75.25
C SER G 164 -26.01 21.53 75.98
N LEU G 165 -27.29 21.27 76.19
CA LEU G 165 -27.73 20.04 76.85
C LEU G 165 -27.66 18.87 75.87
N SER G 166 -26.61 18.06 75.98
CA SER G 166 -26.35 16.96 75.06
C SER G 166 -26.51 15.61 75.73
N SER G 167 -25.91 15.45 76.91
CA SER G 167 -25.95 14.18 77.62
C SER G 167 -27.34 13.89 78.15
N GLY G 168 -27.72 12.61 78.15
CA GLY G 168 -29.03 12.19 78.64
C GLY G 168 -30.13 12.54 77.66
N VAL G 169 -29.88 12.31 76.37
CA VAL G 169 -30.83 12.64 75.32
C VAL G 169 -31.03 11.46 74.39
N HIS G 170 -32.25 11.31 73.89
CA HIS G 170 -32.59 10.23 72.96
C HIS G 170 -33.42 10.75 71.79
N THR G 171 -32.75 11.07 70.68
CA THR G 171 -33.44 11.48 69.46
C THR G 171 -33.71 10.26 68.59
N PHE G 172 -34.98 9.89 68.47
CA PHE G 172 -35.37 8.67 67.78
C PHE G 172 -35.36 8.85 66.27
N PRO G 173 -35.10 7.76 65.52
CA PRO G 173 -35.11 7.83 64.05
C PRO G 173 -36.45 8.29 63.49
N ALA G 174 -36.42 9.03 62.38
CA ALA G 174 -37.64 9.50 61.74
C ALA G 174 -38.46 8.31 61.21
N VAL G 175 -39.78 8.50 61.15
CA VAL G 175 -40.68 7.49 60.62
C VAL G 175 -41.61 8.12 59.59
N LEU G 176 -41.90 7.38 58.52
CA LEU G 176 -42.74 7.88 57.45
C LEU G 176 -44.22 7.73 57.79
N GLN G 177 -44.89 8.86 57.99
CA GLN G 177 -46.32 8.88 58.28
C GLN G 177 -47.09 9.51 57.14
N SER G 178 -47.56 8.68 56.21
CA SER G 178 -48.33 9.14 55.06
C SER G 178 -47.56 10.19 54.25
N ASP G 179 -46.51 9.75 53.57
CA ASP G 179 -45.72 10.59 52.69
C ASP G 179 -44.97 11.72 53.40
N LEU G 180 -45.16 11.85 54.71
CA LEU G 180 -44.45 12.85 55.50
C LEU G 180 -43.75 12.18 56.68
N TYR G 181 -42.69 12.80 57.17
CA TYR G 181 -41.88 12.22 58.23
C TYR G 181 -42.27 12.76 59.60
N THR G 182 -42.12 11.90 60.61
CA THR G 182 -42.36 12.27 62.00
C THR G 182 -41.17 11.84 62.85
N LEU G 183 -40.73 12.73 63.73
CA LEU G 183 -39.57 12.48 64.58
C LEU G 183 -39.83 13.01 65.98
N SER G 184 -39.20 12.40 66.97
CA SER G 184 -39.34 12.82 68.36
C SER G 184 -38.00 12.70 69.09
N SER G 185 -37.89 13.40 70.22
CA SER G 185 -36.67 13.39 71.00
C SER G 185 -36.98 13.66 72.47
N SER G 186 -36.38 12.87 73.36
CA SER G 186 -36.59 13.02 74.80
C SER G 186 -35.30 13.44 75.48
N VAL G 187 -35.42 14.04 76.67
CA VAL G 187 -34.27 14.44 77.45
C VAL G 187 -34.60 14.31 78.93
N THR G 188 -33.63 13.86 79.73
CA THR G 188 -33.84 13.61 81.14
C THR G 188 -32.84 14.36 82.01
N VAL G 189 -33.34 15.00 83.06
CA VAL G 189 -32.50 15.70 84.03
C VAL G 189 -33.11 15.55 85.43
N THR G 190 -32.53 16.23 86.41
CA THR G 190 -33.02 16.20 87.78
C THR G 190 -34.21 17.15 87.94
N SER G 191 -34.92 17.02 89.06
CA SER G 191 -36.09 17.85 89.32
C SER G 191 -35.71 19.29 89.63
N SER G 192 -34.50 19.48 90.15
CA SER G 192 -34.03 20.82 90.51
C SER G 192 -33.62 21.64 89.28
N THR G 193 -33.54 20.97 88.13
CA THR G 193 -33.12 21.63 86.90
C THR G 193 -34.29 22.29 86.18
N TRP G 194 -35.44 21.61 86.19
CA TRP G 194 -36.62 22.08 85.46
C TRP G 194 -37.86 22.06 86.37
N PRO G 195 -38.74 23.07 86.25
CA PRO G 195 -38.68 24.24 85.35
C PRO G 195 -37.74 25.34 85.84
N SER G 196 -36.82 25.00 86.74
CA SER G 196 -35.87 25.98 87.27
C SER G 196 -35.05 26.63 86.17
N GLN G 197 -34.63 25.82 85.20
CA GLN G 197 -33.82 26.30 84.08
C GLN G 197 -34.56 26.10 82.76
N SER G 198 -34.46 27.08 81.88
CA SER G 198 -35.16 27.04 80.59
C SER G 198 -34.59 25.98 79.66
N ILE G 199 -35.46 25.10 79.17
CA ILE G 199 -35.09 24.08 78.19
C ILE G 199 -35.83 24.31 76.88
N THR G 200 -35.07 24.42 75.79
CA THR G 200 -35.62 24.71 74.47
C THR G 200 -35.33 23.57 73.49
N CYS G 201 -36.24 23.38 72.54
CA CYS G 201 -36.09 22.34 71.51
C CYS G 201 -35.81 22.97 70.16
N ASN G 202 -34.54 22.97 69.76
CA ASN G 202 -34.13 23.58 68.49
C ASN G 202 -34.19 22.58 67.33
N VAL G 203 -35.07 22.85 66.37
CA VAL G 203 -35.25 21.99 65.21
C VAL G 203 -34.99 22.75 63.92
N ALA G 204 -34.08 22.23 63.10
CA ALA G 204 -33.75 22.84 61.81
C ALA G 204 -34.10 21.90 60.67
N HIS G 205 -34.68 22.44 59.61
CA HIS G 205 -35.06 21.69 58.43
C HIS G 205 -34.53 22.40 57.18
N PRO G 206 -33.24 22.22 56.87
CA PRO G 206 -32.54 22.91 55.78
C PRO G 206 -33.26 22.85 54.43
N ALA G 207 -34.10 21.85 54.22
CA ALA G 207 -34.82 21.70 52.96
C ALA G 207 -35.71 22.92 52.70
N SER G 208 -36.63 23.19 53.62
CA SER G 208 -37.49 24.35 53.53
C SER G 208 -36.83 25.58 54.17
N SER G 209 -35.62 25.38 54.68
CA SER G 209 -34.86 26.45 55.33
C SER G 209 -35.66 27.08 56.48
N THR G 210 -35.87 26.29 57.54
CA THR G 210 -36.60 26.75 58.71
C THR G 210 -35.94 26.23 59.99
N LYS G 211 -35.70 27.15 60.93
CA LYS G 211 -35.11 26.80 62.21
C LYS G 211 -35.97 27.30 63.37
N VAL G 212 -37.03 26.55 63.65
CA VAL G 212 -37.95 26.90 64.73
C VAL G 212 -37.42 26.39 66.06
N ASP G 213 -37.78 27.06 67.15
CA ASP G 213 -37.39 26.64 68.49
C ASP G 213 -38.54 26.83 69.46
N LYS G 214 -38.89 25.75 70.16
CA LYS G 214 -39.99 25.76 71.14
C LYS G 214 -39.48 25.53 72.55
N LYS G 215 -39.77 26.47 73.44
CA LYS G 215 -39.44 26.32 74.85
C LYS G 215 -40.48 25.47 75.55
N ILE G 216 -40.02 24.45 76.28
CA ILE G 216 -40.92 23.57 77.01
C ILE G 216 -41.46 24.27 78.24
N GLU G 217 -42.79 24.40 78.30
CA GLU G 217 -43.47 25.04 79.43
C GLU G 217 -44.32 24.03 80.19
N PRO G 218 -44.34 24.10 81.53
CA PRO G 218 -45.14 23.15 82.29
C PRO G 218 -46.64 23.36 82.10
N ARG G 219 -47.45 22.49 82.73
CA ARG G 219 -48.90 22.56 82.59
C ARG G 219 -49.54 23.09 83.88
N ASP H 1 -34.64 -20.23 42.74
CA ASP H 1 -33.42 -19.59 43.30
C ASP H 1 -32.97 -20.29 44.58
N ILE H 2 -31.69 -20.12 44.93
CA ILE H 2 -31.15 -20.71 46.14
C ILE H 2 -31.49 -19.86 47.35
N LEU H 3 -32.16 -20.47 48.32
CA LEU H 3 -32.52 -19.78 49.56
C LEU H 3 -31.37 -19.86 50.55
N MET H 4 -30.98 -18.70 51.10
CA MET H 4 -29.91 -18.63 52.09
C MET H 4 -30.48 -18.33 53.46
N THR H 5 -30.61 -19.37 54.29
CA THR H 5 -31.15 -19.23 55.63
C THR H 5 -30.02 -19.00 56.64
N GLN H 6 -29.85 -17.75 57.05
CA GLN H 6 -28.80 -17.37 57.98
C GLN H 6 -29.32 -17.33 59.40
N SER H 7 -28.55 -17.89 60.34
CA SER H 7 -28.92 -17.91 61.75
C SER H 7 -27.70 -17.73 62.65
N PRO H 8 -27.88 -17.12 63.83
CA PRO H 8 -29.14 -16.56 64.35
C PRO H 8 -29.42 -15.15 63.80
N SER H 9 -30.62 -14.65 64.03
CA SER H 9 -30.98 -13.30 63.58
C SER H 9 -30.16 -12.27 64.35
N SER H 10 -29.81 -12.61 65.59
CA SER H 10 -29.00 -11.74 66.43
C SER H 10 -28.48 -12.51 67.63
N MET H 11 -27.43 -11.99 68.26
CA MET H 11 -26.87 -12.62 69.45
C MET H 11 -26.29 -11.57 70.40
N SER H 12 -26.52 -11.76 71.70
CA SER H 12 -25.98 -10.88 72.72
C SER H 12 -24.71 -11.49 73.30
N VAL H 13 -23.58 -10.83 73.05
CA VAL H 13 -22.28 -11.34 73.48
C VAL H 13 -21.37 -10.20 73.95
N SER H 14 -20.23 -10.57 74.52
CA SER H 14 -19.30 -9.61 75.11
C SER H 14 -17.95 -9.64 74.41
N LEU H 15 -17.10 -8.67 74.74
CA LEU H 15 -15.75 -8.60 74.19
C LEU H 15 -14.93 -9.82 74.58
N GLY H 16 -14.19 -10.37 73.63
CA GLY H 16 -13.31 -11.50 73.87
C GLY H 16 -13.99 -12.84 73.66
N ASP H 17 -15.29 -12.82 73.43
CA ASP H 17 -16.04 -14.05 73.19
C ASP H 17 -15.69 -14.65 71.83
N THR H 18 -15.87 -15.96 71.71
CA THR H 18 -15.70 -16.66 70.43
C THR H 18 -17.06 -17.10 69.92
N VAL H 19 -17.58 -16.37 68.93
CA VAL H 19 -18.92 -16.62 68.42
C VAL H 19 -18.88 -17.21 67.02
N SER H 20 -20.01 -17.80 66.60
CA SER H 20 -20.10 -18.43 65.30
C SER H 20 -21.46 -18.18 64.63
N ILE H 21 -21.42 -17.59 63.44
CA ILE H 21 -22.61 -17.38 62.63
C ILE H 21 -22.67 -18.47 61.56
N THR H 22 -23.86 -19.03 61.35
CA THR H 22 -24.04 -20.11 60.38
C THR H 22 -24.93 -19.69 59.22
N CYS H 23 -24.84 -20.42 58.11
CA CYS H 23 -25.63 -20.14 56.93
C CYS H 23 -25.97 -21.45 56.22
N HIS H 24 -27.28 -21.66 55.98
CA HIS H 24 -27.75 -22.88 55.35
C HIS H 24 -28.39 -22.59 54.00
N ALA H 25 -27.88 -23.24 52.95
CA ALA H 25 -28.41 -23.09 51.61
C ALA H 25 -29.43 -24.19 51.31
N SER H 26 -30.33 -23.93 50.37
CA SER H 26 -31.36 -24.90 50.00
C SER H 26 -30.77 -26.04 49.17
N GLN H 27 -29.50 -25.90 48.80
CA GLN H 27 -28.81 -26.92 48.03
C GLN H 27 -27.30 -26.72 48.13
N GLY H 28 -26.53 -27.69 47.65
CA GLY H 28 -25.08 -27.60 47.67
C GLY H 28 -24.58 -26.46 46.82
N ILE H 29 -23.61 -25.71 47.34
CA ILE H 29 -23.02 -24.59 46.63
C ILE H 29 -21.50 -24.69 46.58
N SER H 30 -20.97 -25.77 47.15
CA SER H 30 -19.54 -26.07 47.12
C SER H 30 -18.64 -24.86 47.39
N SER H 31 -18.76 -24.32 48.60
CA SER H 31 -17.87 -23.26 49.09
C SER H 31 -17.97 -21.95 48.31
N ASN H 32 -18.90 -21.86 47.36
CA ASN H 32 -19.11 -20.63 46.62
C ASN H 32 -19.96 -19.66 47.44
N ILE H 33 -19.39 -19.24 48.58
CA ILE H 33 -20.08 -18.38 49.53
C ILE H 33 -19.14 -17.28 50.01
N GLY H 34 -19.72 -16.11 50.28
CA GLY H 34 -18.96 -14.98 50.80
C GLY H 34 -19.60 -14.46 52.07
N TRP H 35 -18.78 -13.84 52.92
CA TRP H 35 -19.25 -13.25 54.17
C TRP H 35 -18.97 -11.74 54.17
N LEU H 36 -19.96 -10.98 54.63
CA LEU H 36 -19.91 -9.52 54.56
C LEU H 36 -20.10 -8.88 55.93
N GLN H 37 -19.59 -7.67 56.08
CA GLN H 37 -19.74 -6.90 57.31
C GLN H 37 -20.23 -5.49 57.00
N GLN H 38 -21.22 -5.04 57.76
CA GLN H 38 -21.74 -3.68 57.65
C GLN H 38 -21.82 -3.04 59.03
N LYS H 39 -20.85 -2.18 59.34
CA LYS H 39 -20.84 -1.48 60.61
C LYS H 39 -22.00 -0.48 60.63
N PRO H 40 -22.50 -0.14 61.84
CA PRO H 40 -23.66 0.73 62.00
C PRO H 40 -23.60 2.02 61.17
N GLY H 41 -24.58 2.20 60.31
CA GLY H 41 -24.70 3.41 59.51
C GLY H 41 -23.54 3.60 58.54
N LYS H 42 -23.08 2.50 57.95
CA LYS H 42 -21.98 2.56 56.99
C LYS H 42 -22.17 1.52 55.90
N SER H 43 -21.23 1.47 54.96
CA SER H 43 -21.32 0.57 53.82
C SER H 43 -20.84 -0.83 54.20
N PHE H 44 -20.61 -1.66 53.18
CA PHE H 44 -20.21 -3.05 53.39
C PHE H 44 -18.70 -3.25 53.21
N MET H 45 -18.18 -4.25 53.91
CA MET H 45 -16.79 -4.68 53.77
C MET H 45 -16.75 -6.19 53.59
N GLY H 46 -15.95 -6.66 52.64
CA GLY H 46 -15.81 -8.09 52.40
C GLY H 46 -14.93 -8.75 53.44
N LEU H 47 -15.41 -9.87 54.00
CA LEU H 47 -14.66 -10.63 54.99
C LEU H 47 -14.06 -11.89 54.38
N ILE H 48 -14.92 -12.77 53.89
CA ILE H 48 -14.51 -14.05 53.33
C ILE H 48 -15.02 -14.20 51.90
N TYR H 49 -14.24 -14.91 51.08
CA TYR H 49 -14.70 -15.32 49.76
C TYR H 49 -14.30 -16.77 49.52
N TYR H 50 -15.08 -17.46 48.69
CA TYR H 50 -14.90 -18.88 48.44
C TYR H 50 -14.80 -19.68 49.73
N GLY H 51 -15.63 -19.32 50.70
CA GLY H 51 -15.83 -20.14 51.89
C GLY H 51 -14.83 -19.92 53.03
N THR H 52 -13.55 -19.79 52.70
CA THR H 52 -12.50 -19.79 53.72
C THR H 52 -11.42 -18.74 53.52
N ASN H 53 -11.36 -18.13 52.33
CA ASN H 53 -10.30 -17.19 52.01
C ASN H 53 -10.58 -15.78 52.53
N LEU H 54 -9.68 -15.28 53.37
CA LEU H 54 -9.79 -13.92 53.91
C LEU H 54 -9.57 -12.87 52.85
N VAL H 55 -10.44 -11.87 52.82
CA VAL H 55 -10.24 -10.70 51.97
C VAL H 55 -9.04 -9.94 52.50
N ASP H 56 -8.28 -9.31 51.60
CA ASP H 56 -7.09 -8.57 51.99
C ASP H 56 -7.42 -7.44 52.95
N GLY H 57 -6.73 -7.42 54.09
CA GLY H 57 -6.91 -6.37 55.09
C GLY H 57 -7.73 -6.83 56.28
N VAL H 58 -8.44 -7.93 56.13
CA VAL H 58 -9.27 -8.46 57.20
C VAL H 58 -8.40 -9.14 58.27
N PRO H 59 -8.71 -8.91 59.56
CA PRO H 59 -7.94 -9.57 60.63
C PRO H 59 -8.03 -11.10 60.57
N SER H 60 -7.03 -11.78 61.15
CA SER H 60 -6.99 -13.23 61.10
C SER H 60 -7.94 -13.87 62.12
N ARG H 61 -8.51 -13.07 63.01
CA ARG H 61 -9.45 -13.58 64.00
C ARG H 61 -10.75 -14.01 63.32
N PHE H 62 -11.00 -13.48 62.13
CA PHE H 62 -12.11 -13.93 61.30
C PHE H 62 -11.72 -15.22 60.58
N SER H 63 -12.68 -16.12 60.41
CA SER H 63 -12.42 -17.37 59.71
C SER H 63 -13.72 -17.99 59.22
N GLY H 64 -13.69 -18.53 58.00
CA GLY H 64 -14.84 -19.20 57.41
C GLY H 64 -14.61 -20.69 57.32
N SER H 65 -15.70 -21.45 57.30
CA SER H 65 -15.60 -22.91 57.19
C SER H 65 -16.93 -23.51 56.74
N GLY H 66 -16.92 -24.83 56.52
CA GLY H 66 -18.11 -25.56 56.11
C GLY H 66 -18.01 -26.07 54.69
N SER H 67 -19.02 -26.85 54.29
CA SER H 67 -19.05 -27.44 52.96
C SER H 67 -20.48 -27.82 52.59
N GLY H 68 -20.67 -28.26 51.36
CA GLY H 68 -21.97 -28.67 50.87
C GLY H 68 -22.96 -27.51 50.91
N ALA H 69 -23.86 -27.54 51.88
CA ALA H 69 -24.92 -26.54 52.00
C ALA H 69 -24.96 -25.93 53.40
N ASP H 70 -23.87 -26.09 54.15
CA ASP H 70 -23.78 -25.56 55.51
C ASP H 70 -22.41 -24.96 55.77
N TYR H 71 -22.40 -23.67 56.12
CA TYR H 71 -21.17 -22.93 56.30
C TYR H 71 -21.22 -22.09 57.57
N SER H 72 -20.05 -21.63 58.01
CA SER H 72 -19.96 -20.90 59.27
C SER H 72 -18.92 -19.78 59.22
N LEU H 73 -19.27 -18.65 59.86
CA LEU H 73 -18.33 -17.56 60.09
C LEU H 73 -18.01 -17.50 61.58
N THR H 74 -16.72 -17.52 61.90
CA THR H 74 -16.29 -17.53 63.30
C THR H 74 -15.40 -16.32 63.60
N ILE H 75 -15.64 -15.71 64.76
CA ILE H 75 -14.83 -14.58 65.21
C ILE H 75 -14.26 -14.88 66.59
N SER H 76 -12.96 -15.16 66.63
CA SER H 76 -12.27 -15.46 67.88
C SER H 76 -11.86 -14.17 68.59
N SER H 77 -12.27 -14.03 69.84
CA SER H 77 -11.97 -12.83 70.63
C SER H 77 -12.54 -11.59 69.98
N LEU H 78 -13.81 -11.30 70.27
CA LEU H 78 -14.51 -10.15 69.70
C LEU H 78 -13.85 -8.83 70.10
N ASP H 79 -13.72 -7.94 69.12
CA ASP H 79 -13.23 -6.59 69.34
C ASP H 79 -14.41 -5.63 69.37
N SER H 80 -14.19 -4.43 69.90
CA SER H 80 -15.24 -3.43 70.00
C SER H 80 -15.80 -3.04 68.64
N GLU H 81 -15.02 -3.27 67.59
CA GLU H 81 -15.42 -2.92 66.23
C GLU H 81 -16.23 -4.03 65.55
N ASP H 82 -16.21 -5.22 66.15
CA ASP H 82 -16.85 -6.38 65.54
C ASP H 82 -18.37 -6.38 65.72
N PHE H 83 -18.87 -5.55 66.64
CA PHE H 83 -20.30 -5.46 66.85
C PHE H 83 -20.96 -4.76 65.68
N ALA H 84 -21.53 -5.55 64.78
CA ALA H 84 -22.12 -5.03 63.56
C ALA H 84 -23.02 -6.07 62.90
N ASP H 85 -23.49 -5.76 61.69
CA ASP H 85 -24.31 -6.68 60.91
C ASP H 85 -23.44 -7.58 60.05
N TYR H 86 -23.85 -8.83 59.90
CA TYR H 86 -23.12 -9.79 59.07
C TYR H 86 -24.07 -10.55 58.15
N TYR H 87 -23.72 -10.59 56.87
CA TYR H 87 -24.53 -11.27 55.87
C TYR H 87 -23.70 -12.31 55.12
N CYS H 88 -24.36 -13.37 54.68
CA CYS H 88 -23.74 -14.35 53.80
C CYS H 88 -24.34 -14.20 52.41
N VAL H 89 -23.58 -14.56 51.39
CA VAL H 89 -24.04 -14.50 50.01
C VAL H 89 -23.48 -15.67 49.22
N GLN H 90 -24.34 -16.32 48.45
CA GLN H 90 -23.92 -17.42 47.59
C GLN H 90 -23.81 -16.92 46.15
N TYR H 91 -22.79 -17.39 45.44
CA TYR H 91 -22.66 -17.10 44.02
C TYR H 91 -22.39 -18.39 43.24
N ALA H 92 -22.94 -19.48 43.74
CA ALA H 92 -22.89 -20.75 43.03
C ALA H 92 -23.79 -20.70 41.80
N GLN H 93 -24.89 -19.96 41.92
CA GLN H 93 -25.84 -19.82 40.82
C GLN H 93 -26.40 -18.41 40.72
N LEU H 94 -26.66 -17.97 39.50
CA LEU H 94 -27.38 -16.73 39.29
C LEU H 94 -28.88 -17.01 39.40
N PRO H 95 -29.64 -16.12 40.04
CA PRO H 95 -29.21 -14.86 40.65
C PRO H 95 -28.52 -15.07 42.00
N TYR H 96 -27.55 -14.22 42.31
CA TYR H 96 -26.93 -14.24 43.64
C TYR H 96 -28.00 -13.96 44.68
N THR H 97 -27.93 -14.66 45.81
CA THR H 97 -28.89 -14.49 46.90
C THR H 97 -28.17 -14.32 48.23
N PHE H 98 -28.78 -13.55 49.12
CA PHE H 98 -28.17 -13.19 50.40
C PHE H 98 -28.89 -13.83 51.58
N GLY H 99 -28.18 -13.95 52.70
CA GLY H 99 -28.77 -14.41 53.94
C GLY H 99 -29.55 -13.29 54.60
N GLY H 100 -30.38 -13.64 55.58
CA GLY H 100 -31.22 -12.67 56.25
C GLY H 100 -30.44 -11.62 57.03
N GLY H 101 -29.24 -12.00 57.48
CA GLY H 101 -28.38 -11.10 58.23
C GLY H 101 -28.32 -11.45 59.70
N THR H 102 -27.19 -11.12 60.34
CA THR H 102 -26.98 -11.38 61.76
C THR H 102 -26.37 -10.15 62.43
N LYS H 103 -27.00 -9.69 63.51
CA LYS H 103 -26.54 -8.52 64.24
C LYS H 103 -25.91 -8.89 65.57
N LEU H 104 -24.63 -8.58 65.72
CA LEU H 104 -23.93 -8.79 67.00
C LEU H 104 -24.14 -7.60 67.92
N GLU H 105 -24.72 -7.87 69.09
CA GLU H 105 -25.07 -6.83 70.06
C GLU H 105 -24.31 -7.01 71.36
N ILE H 106 -24.11 -5.91 72.08
CA ILE H 106 -23.38 -5.93 73.34
C ILE H 106 -24.26 -6.46 74.46
N LYS H 107 -23.75 -7.45 75.19
CA LYS H 107 -24.48 -8.05 76.30
C LYS H 107 -24.28 -7.28 77.59
N ARG H 108 -25.32 -7.22 78.41
CA ARG H 108 -25.26 -6.53 79.69
C ARG H 108 -26.34 -7.01 80.65
N ALA H 109 -26.33 -6.48 81.86
CA ALA H 109 -27.34 -6.81 82.85
C ALA H 109 -28.70 -6.23 82.46
N ASP H 110 -29.77 -6.95 82.78
CA ASP H 110 -31.11 -6.50 82.45
C ASP H 110 -31.42 -5.16 83.12
N ALA H 111 -32.34 -4.41 82.52
CA ALA H 111 -32.71 -3.10 83.03
C ALA H 111 -34.14 -2.73 82.60
N ALA H 112 -34.97 -2.39 83.57
CA ALA H 112 -36.35 -2.01 83.29
C ALA H 112 -36.39 -0.62 82.65
N PRO H 113 -37.40 -0.38 81.79
CA PRO H 113 -37.50 0.89 81.08
C PRO H 113 -38.08 2.02 81.92
N THR H 114 -37.67 3.25 81.63
CA THR H 114 -38.23 4.44 82.27
C THR H 114 -39.34 5.02 81.40
N VAL H 115 -40.58 4.73 81.77
CA VAL H 115 -41.73 5.13 80.96
C VAL H 115 -42.15 6.57 81.26
N SER H 116 -42.58 7.28 80.21
CA SER H 116 -43.04 8.66 80.36
C SER H 116 -44.08 8.99 79.30
N ILE H 117 -45.29 9.34 79.75
CA ILE H 117 -46.37 9.68 78.84
C ILE H 117 -46.53 11.20 78.74
N PHE H 118 -46.94 11.68 77.58
CA PHE H 118 -47.07 13.11 77.31
C PHE H 118 -48.35 13.41 76.53
N PRO H 119 -49.29 14.16 77.13
CA PRO H 119 -50.50 14.52 76.40
C PRO H 119 -50.23 15.46 75.22
N PRO H 120 -51.22 15.67 74.36
CA PRO H 120 -51.08 16.59 73.23
C PRO H 120 -50.75 18.01 73.67
N SER H 121 -49.85 18.67 72.96
CA SER H 121 -49.51 20.05 73.27
C SER H 121 -50.68 20.97 72.93
N SER H 122 -50.66 22.19 73.45
CA SER H 122 -51.70 23.16 73.16
C SER H 122 -51.70 23.54 71.69
N GLU H 123 -50.50 23.69 71.13
CA GLU H 123 -50.35 24.11 69.73
C GLU H 123 -51.01 23.11 68.78
N GLN H 124 -50.79 21.82 69.03
CA GLN H 124 -51.31 20.77 68.16
C GLN H 124 -52.83 20.69 68.23
N LEU H 125 -53.37 20.85 69.43
CA LEU H 125 -54.82 20.77 69.63
C LEU H 125 -55.53 21.91 68.92
N THR H 126 -54.92 23.09 68.91
CA THR H 126 -55.51 24.25 68.25
C THR H 126 -55.49 24.10 66.74
N SER H 127 -54.66 23.19 66.24
CA SER H 127 -54.54 22.97 64.80
C SER H 127 -55.49 21.87 64.31
N GLY H 128 -56.03 21.09 65.25
CA GLY H 128 -57.02 20.08 64.94
C GLY H 128 -56.51 18.65 65.07
N GLY H 129 -55.32 18.49 65.64
CA GLY H 129 -54.72 17.19 65.84
C GLY H 129 -54.50 16.88 67.31
N ALA H 130 -54.14 15.63 67.60
CA ALA H 130 -53.91 15.20 68.97
C ALA H 130 -53.01 13.96 69.02
N SER H 131 -51.78 14.14 69.48
CA SER H 131 -50.81 13.05 69.56
C SER H 131 -50.35 12.80 70.99
N VAL H 132 -50.61 11.60 71.49
CA VAL H 132 -50.12 11.16 72.80
C VAL H 132 -48.81 10.41 72.60
N VAL H 133 -47.75 10.89 73.25
CA VAL H 133 -46.42 10.30 73.12
C VAL H 133 -46.07 9.48 74.36
N CYS H 134 -45.34 8.38 74.15
CA CYS H 134 -44.93 7.51 75.24
C CYS H 134 -43.48 7.07 75.04
N PHE H 135 -42.58 7.60 75.86
CA PHE H 135 -41.16 7.25 75.79
C PHE H 135 -40.84 6.09 76.72
N LEU H 136 -40.10 5.12 76.20
CA LEU H 136 -39.60 4.00 76.99
C LEU H 136 -38.09 3.95 76.87
N ASN H 137 -37.40 4.57 77.82
CA ASN H 137 -35.97 4.83 77.70
C ASN H 137 -35.07 3.90 78.52
N ASN H 138 -33.93 3.55 77.94
CA ASN H 138 -32.86 2.83 78.64
C ASN H 138 -33.33 1.52 79.27
N PHE H 139 -33.42 0.47 78.48
CA PHE H 139 -33.77 -0.85 78.97
C PHE H 139 -32.95 -1.92 78.27
N TYR H 140 -32.95 -3.12 78.85
CA TYR H 140 -32.26 -4.26 78.27
C TYR H 140 -32.89 -5.55 78.79
N PRO H 141 -33.09 -6.56 77.92
CA PRO H 141 -32.77 -6.64 76.50
C PRO H 141 -33.68 -5.79 75.61
N LYS H 142 -33.51 -5.92 74.30
CA LYS H 142 -34.22 -5.09 73.33
C LYS H 142 -35.70 -5.46 73.21
N ASP H 143 -36.03 -6.71 73.53
CA ASP H 143 -37.40 -7.21 73.37
C ASP H 143 -38.36 -6.50 74.31
N ILE H 144 -39.31 -5.78 73.74
CA ILE H 144 -40.30 -5.04 74.52
C ILE H 144 -41.61 -4.89 73.74
N ASN H 145 -42.73 -4.88 74.45
CA ASN H 145 -44.05 -4.71 73.85
C ASN H 145 -44.81 -3.54 74.47
N VAL H 146 -45.22 -2.61 73.61
CA VAL H 146 -46.02 -1.46 74.05
C VAL H 146 -47.49 -1.69 73.68
N LYS H 147 -48.39 -1.24 74.56
CA LYS H 147 -49.82 -1.41 74.34
C LYS H 147 -50.57 -0.14 74.75
N TRP H 148 -51.28 0.46 73.80
CA TRP H 148 -52.07 1.65 74.07
C TRP H 148 -53.49 1.28 74.50
N LYS H 149 -53.99 1.98 75.51
CA LYS H 149 -55.35 1.79 76.00
C LYS H 149 -56.09 3.11 76.14
N ILE H 150 -57.26 3.20 75.50
CA ILE H 150 -58.14 4.35 75.63
C ILE H 150 -59.35 3.95 76.47
N ASP H 151 -59.52 4.59 77.62
CA ASP H 151 -60.56 4.22 78.58
C ASP H 151 -60.45 2.73 78.93
N GLY H 152 -59.22 2.26 79.08
CA GLY H 152 -58.96 0.89 79.50
C GLY H 152 -58.97 -0.11 78.36
N SER H 153 -59.55 0.26 77.22
CA SER H 153 -59.67 -0.64 76.08
C SER H 153 -58.55 -0.44 75.09
N GLU H 154 -58.00 -1.54 74.60
CA GLU H 154 -56.82 -1.50 73.73
C GLU H 154 -57.10 -0.76 72.42
N ARG H 155 -56.06 -0.11 71.89
CA ARG H 155 -56.15 0.64 70.64
C ARG H 155 -54.92 0.34 69.78
N GLN H 156 -55.15 -0.04 68.53
CA GLN H 156 -54.07 -0.47 67.63
C GLN H 156 -53.96 0.41 66.39
N ASN H 157 -55.03 1.13 66.07
CA ASN H 157 -55.04 1.98 64.88
C ASN H 157 -54.46 3.36 65.15
N GLY H 158 -53.46 3.76 64.37
CA GLY H 158 -52.87 5.08 64.46
C GLY H 158 -51.67 5.16 65.38
N VAL H 159 -51.04 4.03 65.64
CA VAL H 159 -49.84 3.98 66.48
C VAL H 159 -48.60 4.03 65.62
N LEU H 160 -47.58 4.76 66.10
CA LEU H 160 -46.34 4.95 65.35
C LEU H 160 -45.15 4.77 66.27
N ASN H 161 -44.38 3.71 66.04
CA ASN H 161 -43.26 3.35 66.90
C ASN H 161 -41.90 3.63 66.28
N SER H 162 -40.90 3.85 67.12
CA SER H 162 -39.53 4.09 66.67
C SER H 162 -38.54 3.65 67.73
N TRP H 163 -37.52 2.91 67.31
CA TRP H 163 -36.50 2.39 68.22
C TRP H 163 -35.13 2.97 67.89
N THR H 164 -34.27 3.04 68.90
CA THR H 164 -32.89 3.47 68.73
C THR H 164 -31.95 2.26 68.73
N ASP H 165 -30.81 2.40 68.07
CA ASP H 165 -29.78 1.37 68.13
C ASP H 165 -29.22 1.29 69.55
N GLN H 166 -28.46 0.24 69.84
CA GLN H 166 -27.87 0.06 71.15
C GLN H 166 -26.98 1.26 71.49
N ASP H 167 -27.28 1.92 72.60
CA ASP H 167 -26.58 3.13 72.99
C ASP H 167 -25.08 2.88 73.16
N SER H 168 -24.28 3.90 72.84
CA SER H 168 -22.83 3.78 72.88
C SER H 168 -22.31 3.79 74.31
N LYS H 169 -23.04 4.44 75.21
CA LYS H 169 -22.60 4.59 76.59
C LYS H 169 -22.95 3.39 77.46
N ASP H 170 -24.25 3.21 77.72
CA ASP H 170 -24.70 2.18 78.66
C ASP H 170 -25.18 0.91 77.96
N SER H 171 -25.09 0.88 76.63
CA SER H 171 -25.46 -0.29 75.85
C SER H 171 -26.91 -0.73 76.10
N THR H 172 -27.79 0.25 76.32
CA THR H 172 -29.22 0.00 76.49
C THR H 172 -29.98 0.40 75.24
N TYR H 173 -31.28 0.14 75.24
CA TYR H 173 -32.14 0.49 74.13
C TYR H 173 -33.25 1.44 74.59
N SER H 174 -33.87 2.12 73.62
CA SER H 174 -34.96 3.03 73.92
C SER H 174 -36.00 2.99 72.80
N MET H 175 -37.24 3.30 73.15
CA MET H 175 -38.35 3.24 72.21
C MET H 175 -39.27 4.45 72.37
N SER H 176 -39.86 4.87 71.26
CA SER H 176 -40.81 5.98 71.25
C SER H 176 -42.09 5.58 70.53
N SER H 177 -43.20 5.56 71.27
CA SER H 177 -44.50 5.21 70.71
C SER H 177 -45.39 6.45 70.70
N THR H 178 -46.07 6.67 69.58
CA THR H 178 -46.91 7.85 69.39
C THR H 178 -48.29 7.47 68.85
N LEU H 179 -49.32 7.77 69.65
CA LEU H 179 -50.71 7.55 69.23
C LEU H 179 -51.32 8.87 68.74
N THR H 180 -51.65 8.91 67.46
CA THR H 180 -52.22 10.11 66.84
C THR H 180 -53.70 9.94 66.57
N LEU H 181 -54.49 10.88 67.10
CA LEU H 181 -55.93 10.93 66.85
C LEU H 181 -56.30 12.31 66.34
N THR H 182 -57.57 12.48 65.96
CA THR H 182 -58.09 13.80 65.62
C THR H 182 -58.41 14.53 66.91
N LYS H 183 -58.61 15.84 66.82
CA LYS H 183 -59.01 16.63 67.99
C LYS H 183 -60.36 16.15 68.50
N ASP H 184 -61.30 15.98 67.57
CA ASP H 184 -62.66 15.58 67.92
C ASP H 184 -62.70 14.22 68.60
N GLU H 185 -61.94 13.27 68.07
CA GLU H 185 -61.93 11.91 68.60
C GLU H 185 -61.20 11.83 69.94
N TYR H 186 -60.18 12.67 70.10
CA TYR H 186 -59.40 12.70 71.34
C TYR H 186 -60.26 13.11 72.53
N GLU H 187 -61.30 13.90 72.27
CA GLU H 187 -62.15 14.44 73.32
C GLU H 187 -63.36 13.56 73.63
N ARG H 188 -63.54 12.49 72.85
CA ARG H 188 -64.61 11.54 73.12
C ARG H 188 -64.29 10.68 74.34
N HIS H 189 -63.02 10.65 74.71
CA HIS H 189 -62.54 9.80 75.79
C HIS H 189 -61.80 10.61 76.85
N ASN H 190 -61.45 9.95 77.96
CA ASN H 190 -60.82 10.62 79.09
C ASN H 190 -59.46 10.02 79.44
N SER H 191 -59.44 8.71 79.67
CA SER H 191 -58.23 8.03 80.10
C SER H 191 -57.36 7.60 78.93
N TYR H 192 -56.06 7.87 79.02
CA TYR H 192 -55.09 7.48 78.00
C TYR H 192 -53.90 6.80 78.66
N THR H 193 -53.64 5.56 78.25
CA THR H 193 -52.64 4.72 78.90
C THR H 193 -51.72 4.02 77.90
N CYS H 194 -50.47 3.82 78.29
CA CYS H 194 -49.55 2.98 77.52
C CYS H 194 -48.91 1.96 78.47
N GLU H 195 -49.04 0.68 78.13
CA GLU H 195 -48.51 -0.40 78.95
C GLU H 195 -47.25 -0.99 78.33
N ALA H 196 -46.20 -1.09 79.15
CA ALA H 196 -44.93 -1.66 78.70
C ALA H 196 -44.71 -3.04 79.29
N THR H 197 -44.53 -4.03 78.41
CA THR H 197 -44.28 -5.41 78.82
C THR H 197 -42.82 -5.79 78.58
N HIS H 198 -42.07 -5.96 79.66
CA HIS H 198 -40.66 -6.28 79.58
C HIS H 198 -40.36 -7.50 80.46
N LYS H 199 -39.27 -8.20 80.18
CA LYS H 199 -38.94 -9.41 80.92
C LYS H 199 -38.44 -9.08 82.33
N THR H 200 -38.22 -7.80 82.60
CA THR H 200 -37.75 -7.37 83.91
C THR H 200 -38.89 -7.28 84.92
N SER H 201 -40.11 -7.62 84.49
CA SER H 201 -41.27 -7.57 85.36
C SER H 201 -42.44 -8.33 84.77
N THR H 202 -43.07 -9.19 85.57
CA THR H 202 -44.25 -9.93 85.14
C THR H 202 -45.43 -8.99 84.96
N SER H 203 -45.52 -8.00 85.84
CA SER H 203 -46.56 -6.98 85.74
C SER H 203 -46.14 -5.90 84.76
N PRO H 204 -47.03 -5.53 83.82
CA PRO H 204 -46.65 -4.49 82.85
C PRO H 204 -46.50 -3.12 83.49
N ILE H 205 -45.47 -2.38 83.11
CA ILE H 205 -45.28 -1.02 83.60
C ILE H 205 -46.29 -0.10 82.95
N VAL H 206 -47.17 0.49 83.76
CA VAL H 206 -48.26 1.31 83.27
C VAL H 206 -48.05 2.79 83.60
N LYS H 207 -48.26 3.65 82.60
CA LYS H 207 -48.29 5.09 82.81
C LYS H 207 -49.46 5.67 82.02
N SER H 208 -50.15 6.64 82.62
CA SER H 208 -51.35 7.20 82.02
C SER H 208 -51.69 8.57 82.58
N PHE H 209 -52.70 9.19 81.99
CA PHE H 209 -53.20 10.47 82.45
C PHE H 209 -54.67 10.61 82.06
N ASN H 210 -55.35 11.56 82.70
CA ASN H 210 -56.75 11.86 82.37
C ASN H 210 -56.85 13.23 81.72
N ARG H 211 -57.62 13.31 80.64
CA ARG H 211 -57.84 14.56 79.94
C ARG H 211 -58.50 15.57 80.87
N ASN H 212 -58.44 16.85 80.51
CA ASN H 212 -58.98 17.94 81.33
C ASN H 212 -58.32 18.02 82.70
N GLU H 213 -58.46 16.95 83.49
CA GLU H 213 -57.87 16.89 84.82
C GLU H 213 -56.35 17.01 84.78
N CYS H 214 -55.78 17.70 85.77
CA CYS H 214 -54.34 17.80 85.93
C CYS H 214 -54.01 18.39 87.30
C1 NAG I . 6.58 -11.91 -2.00
C2 NAG I . 6.02 -11.06 -0.85
C3 NAG I . 6.10 -9.58 -1.18
C4 NAG I . 7.52 -9.20 -1.60
C5 NAG I . 7.98 -10.12 -2.73
C6 NAG I . 9.40 -9.85 -3.15
C7 NAG I . 4.33 -12.45 0.27
C8 NAG I . 2.87 -12.68 0.48
N2 NAG I . 4.66 -11.44 -0.55
O3 NAG I . 5.70 -8.82 -0.05
O4 NAG I . 7.55 -7.86 -2.05
O5 NAG I . 7.91 -11.48 -2.30
O6 NAG I . 10.25 -9.70 -2.02
O7 NAG I . 5.18 -13.14 0.82
C1 NAG I . 8.42 -6.95 -1.38
C2 NAG I . 8.63 -5.70 -2.24
C3 NAG I . 9.44 -4.66 -1.48
C4 NAG I . 8.80 -4.37 -0.13
C5 NAG I . 8.57 -5.68 0.64
C6 NAG I . 7.81 -5.47 1.93
C7 NAG I . 8.63 -6.15 -4.66
C8 NAG I . 9.45 -6.50 -5.85
N2 NAG I . 9.28 -6.04 -3.50
O3 NAG I . 9.51 -3.47 -2.26
O4 NAG I . 9.63 -3.52 0.63
O5 NAG I . 7.79 -6.58 -0.16
O6 NAG I . 6.54 -4.88 1.68
O7 NAG I . 7.41 -5.98 -4.73
C1 BMA I . 9.83 -2.14 0.36
C2 BMA I . 10.19 -1.46 1.66
C3 BMA I . 9.92 0.04 1.52
C4 BMA I . 10.55 0.62 0.24
C5 BMA I . 10.25 -0.25 -1.01
C6 BMA I . 11.05 0.17 -2.22
O2 BMA I . 11.58 -1.60 1.94
O3 BMA I . 10.36 0.76 2.66
O4 BMA I . 10.08 1.94 0.02
O5 BMA I . 10.56 -1.62 -0.72
O6 BMA I . 10.72 -0.70 -3.29
C1 MAN I . 9.47 1.15 3.78
C2 MAN I . 10.29 2.09 4.69
C3 MAN I . 11.34 1.31 5.48
C4 MAN I . 10.70 0.09 6.17
C5 MAN I . 9.99 -0.79 5.13
C6 MAN I . 9.27 -1.98 5.75
O2 MAN I . 9.45 2.72 5.67
O3 MAN I . 12.01 2.12 6.45
O4 MAN I . 11.71 -0.67 6.84
O5 MAN I . 8.99 0.01 4.45
O6 MAN I . 8.77 -2.80 4.70
C1 MAN I . 10.78 -0.33 -4.67
C2 MAN I . 9.30 0.11 -4.94
C3 MAN I . 8.50 -0.99 -5.67
C4 MAN I . 9.33 -1.65 -6.78
C5 MAN I . 10.64 -2.18 -6.19
C6 MAN I . 11.50 -2.93 -7.18
O2 MAN I . 9.25 1.26 -5.78
O3 MAN I . 7.29 -0.48 -6.22
O4 MAN I . 8.59 -2.73 -7.34
O5 MAN I . 11.39 -1.04 -5.72
O6 MAN I . 10.67 -3.81 -7.93
C1 NAG J . 31.84 -21.13 -27.21
C2 NAG J . 32.93 -22.14 -27.52
C3 NAG J . 34.29 -21.46 -27.48
C4 NAG J . 34.31 -20.23 -28.37
C5 NAG J . 33.15 -19.30 -28.01
C6 NAG J . 33.03 -18.10 -28.92
C7 NAG J . 32.39 -24.45 -26.88
C8 NAG J . 32.44 -25.47 -25.78
N2 NAG J . 32.89 -23.25 -26.59
O3 NAG J . 35.30 -22.38 -27.93
O4 NAG J . 35.53 -19.52 -28.20
O5 NAG J . 31.92 -20.03 -28.12
O6 NAG J . 32.34 -17.04 -28.28
O7 NAG J . 31.92 -24.71 -27.98
C1 NAG J . 36.25 -19.24 -29.37
C2 NAG J . 37.32 -18.22 -29.00
C3 NAG J . 38.14 -17.85 -30.25
C4 NAG J . 38.67 -19.12 -30.91
C5 NAG J . 37.53 -20.10 -31.19
C6 NAG J . 38.01 -21.42 -31.74
C7 NAG J . 36.70 -16.77 -27.10
C8 NAG J . 37.31 -17.80 -26.20
N2 NAG J . 36.73 -17.03 -28.41
O3 NAG J . 39.21 -17.00 -29.87
O4 NAG J . 39.30 -18.78 -32.15
O5 NAG J . 36.84 -20.39 -29.96
O6 NAG J . 37.58 -21.59 -33.09
O7 NAG J . 36.18 -15.75 -26.66
C1 NAG K . -1.32 20.10 3.37
C2 NAG K . -0.13 19.97 2.44
C3 NAG K . 1.16 20.34 3.17
C4 NAG K . 1.04 21.72 3.81
C5 NAG K . -0.23 21.81 4.67
C6 NAG K . -0.49 23.21 5.19
C7 NAG K . -0.52 18.28 0.70
C8 NAG K . -0.34 16.85 0.30
N2 NAG K . -0.04 18.62 1.90
O3 NAG K . 2.24 20.34 2.24
O4 NAG K . 2.16 21.95 4.64
O5 NAG K . -1.37 21.44 3.88
O6 NAG K . -0.35 24.20 4.16
O7 NAG K . -1.08 19.09 -0.03
C1 NAG K . 2.96 23.05 4.32
C2 NAG K . 3.96 23.20 5.45
C3 NAG K . 4.81 24.45 5.24
C4 NAG K . 5.46 24.42 3.86
C5 NAG K . 4.42 24.16 2.77
C6 NAG K . 5.03 23.94 1.40
C7 NAG K . 3.10 22.17 7.52
C8 NAG K . 2.38 22.42 8.82
N2 NAG K . 3.28 23.25 6.75
O3 NAG K . 5.81 24.52 6.25
O4 NAG K . 6.10 25.67 3.60
O5 NAG K . 3.67 22.99 3.07
O6 NAG K . 6.05 22.94 1.42
O7 NAG K . 3.48 21.06 7.19
C1 BMA K . 7.45 25.76 4.06
C2 BMA K . 8.14 26.65 3.07
C3 BMA K . 9.63 26.57 3.34
C4 BMA K . 10.00 26.73 4.84
C5 BMA K . 8.95 26.10 5.84
C6 BMA K . 9.00 26.75 7.20
O2 BMA K . 7.75 28.00 3.26
O3 BMA K . 10.33 27.55 2.59
O4 BMA K . 11.26 26.10 5.07
O5 BMA K . 7.62 26.26 5.34
O6 BMA K . 8.88 25.72 8.18
C1 MAN K . 11.05 27.24 1.38
C2 MAN K . 11.82 28.43 0.78
C3 MAN K . 10.84 29.49 0.23
C4 MAN K . 9.77 28.84 -0.69
C5 MAN K . 9.06 27.71 0.06
C6 MAN K . 8.06 26.94 -0.80
O2 MAN K . 12.63 28.02 -0.33
O3 MAN K . 11.50 30.55 -0.46
O4 MAN K . 8.79 29.81 -1.09
O5 MAN K . 10.05 26.74 0.52
O6 MAN K . 8.02 25.58 -0.36
C1 NAG L . -21.32 35.33 28.89
C2 NAG L . -22.69 35.84 29.38
C3 NAG L . -22.58 37.29 29.84
C4 NAG L . -21.41 37.49 30.80
C5 NAG L . -20.13 36.94 30.17
C6 NAG L . -18.91 37.06 31.06
C7 NAG L . -24.80 34.98 28.42
C8 NAG L . -25.69 34.99 27.21
N2 NAG L . -23.68 35.72 28.32
O3 NAG L . -23.80 37.66 30.48
O4 NAG L . -21.25 38.88 31.09
O5 NAG L . -20.32 35.55 29.89
O6 NAG L . -18.72 35.91 31.87
O7 NAG L . -25.08 34.35 29.43
C1 NAG L . -21.62 39.38 32.39
C2 NAG L . -20.84 40.62 32.78
C3 NAG L . -21.25 41.07 34.19
C4 NAG L . -22.76 41.23 34.27
C5 NAG L . -23.46 39.97 33.79
C6 NAG L . -24.96 40.10 33.73
C7 NAG L . -18.60 40.62 31.69
C8 NAG L . -19.26 41.25 30.50
N2 NAG L . -19.39 40.36 32.74
O3 NAG L . -20.60 42.31 34.48
O4 NAG L . -23.15 41.51 35.61
O5 NAG L . -23.01 39.65 32.46
O6 NAG L . -25.46 39.94 32.41
O7 NAG L . -17.40 40.37 31.71
S SO4 M . 25.88 -41.11 28.53
O1 SO4 M . 26.68 -42.08 27.79
O2 SO4 M . 26.18 -41.20 29.95
O3 SO4 M . 26.19 -39.77 28.05
O4 SO4 M . 24.46 -41.39 28.32
S SO4 N . 37.79 -14.70 13.47
O1 SO4 N . 38.95 -14.39 14.31
O2 SO4 N . 37.21 -15.97 13.90
O3 SO4 N . 38.21 -14.80 12.08
O4 SO4 N . 36.80 -13.64 13.61
CA CA O . 14.87 0.71 29.38
CA CA P . 27.05 -3.98 22.89
CA CA Q . 34.98 -13.60 26.32
CA CA R . 32.42 -23.03 36.74
S SO4 S . 9.32 -1.77 9.80
O1 SO4 S . 9.37 -3.17 9.38
O2 SO4 S . 9.79 -1.65 11.17
O3 SO4 S . 10.17 -0.98 8.92
O4 SO4 S . 7.95 -1.28 9.71
S SO4 T . 1.02 -1.56 13.28
O1 SO4 T . 2.11 -1.96 12.39
O2 SO4 T . 0.75 -2.62 14.24
O3 SO4 T . 1.41 -0.35 14.01
O4 SO4 T . -0.18 -1.29 12.50
S SO4 U . -15.13 -11.23 22.51
O1 SO4 U . -14.37 -11.96 23.51
O2 SO4 U . -14.94 -11.83 21.19
O3 SO4 U . -14.69 -9.83 22.47
O4 SO4 U . -16.55 -11.27 22.84
MN MN V . -9.12 -23.70 4.99
MN MN W . -14.17 -22.25 -2.81
MN MN X . -5.45 -25.19 9.46
C1 NAG Y . 34.81 -29.94 -31.66
C2 NAG Y . 33.61 -30.52 -32.39
C3 NAG Y . 33.82 -30.39 -33.90
C4 NAG Y . 34.04 -28.93 -34.26
C5 NAG Y . 35.20 -28.34 -33.46
C6 NAG Y . 35.37 -26.85 -33.64
C7 NAG Y . 32.14 -32.45 -31.97
C8 NAG Y . 32.08 -33.89 -31.55
N2 NAG Y . 33.36 -31.91 -32.02
O3 NAG Y . 32.68 -30.91 -34.59
O4 NAG Y . 34.35 -28.83 -35.65
O5 NAG Y . 34.99 -28.56 -32.04
O6 NAG Y . 34.15 -26.15 -33.53
O7 NAG Y . 31.13 -31.81 -32.24
N1 MJX Z . -11.79 -22.00 8.25
C7 MJX Z . -11.40 -24.29 7.29
O1 MJX Z . -10.53 -23.80 6.53
C8 MJX Z . -11.39 -17.54 11.02
C9 MJX Z . -10.98 -16.10 11.33
C17 MJX Z . -9.78 -14.53 13.61
C18 MJX Z . -7.65 -11.60 14.66
N2 MJX Z . -10.57 -18.17 9.96
N3 MJX Z . -9.58 -16.07 11.72
O2 MJX Z . -11.59 -25.51 7.47
C10 MJX Z . -8.72 -16.66 10.72
C11 MJX Z . -9.17 -18.09 10.44
C12 MJX Z . -9.09 -14.96 12.45
C13 MJX Z . -7.93 -14.27 12.04
C14 MJX Z . -7.47 -13.17 12.78
C3 MJX Z . -10.50 -21.95 9.00
C4 MJX Z . -12.82 -21.12 8.89
C5 MJX Z . -12.31 -19.68 9.00
C6 MJX Z . -12.34 -23.37 8.08
C1 MJX Z . -10.98 -19.59 9.80
C2 MJX Z . -9.97 -20.51 9.08
C16 MJX Z . -9.32 -13.42 14.35
C15 MJX Z . -8.16 -12.74 13.92
N4 MJX Z . -7.28 -11.71 15.94
N5 MJX Z . -7.53 -10.44 14.02
S SO4 AA . -10.04 -17.02 6.73
O1 SO4 AA . -8.86 -17.69 7.30
O2 SO4 AA . -10.74 -17.94 5.85
O3 SO4 AA . -10.93 -16.60 7.81
O4 SO4 AA . -9.60 -15.85 5.97
S SO4 BA . -11.78 8.68 -29.93
O1 SO4 BA . -10.68 8.62 -30.87
O2 SO4 BA . -12.26 7.33 -29.63
O3 SO4 BA . -11.33 9.32 -28.70
O4 SO4 BA . -12.88 9.46 -30.51
S SO4 CA . -9.49 52.20 -6.65
O1 SO4 CA . -8.11 51.75 -6.52
O2 SO4 CA . -10.23 51.86 -5.44
O3 SO4 CA . -9.52 53.64 -6.85
O4 SO4 CA . -10.12 51.54 -7.79
S SO4 DA . 13.00 20.63 -9.49
O1 SO4 DA . 14.12 21.49 -9.84
O2 SO4 DA . 13.46 19.25 -9.39
O3 SO4 DA . 12.44 21.04 -8.20
O4 SO4 DA . 11.97 20.73 -10.51
CL CL EA . -28.29 37.78 -29.93
CA CA FA . 14.33 37.92 -22.40
CA CA GA . 5.02 46.79 -15.32
CA CA HA . -5.56 52.71 -19.87
CA CA IA . -11.51 50.19 -32.39
S SO4 JA . 9.84 27.67 -4.73
O1 SO4 JA . 11.01 27.83 -3.88
O2 SO4 JA . 9.59 26.25 -4.96
O3 SO4 JA . 10.08 28.33 -6.02
O4 SO4 JA . 8.67 28.28 -4.10
MN MN KA . -6.31 3.82 -8.85
MN MN LA . -4.99 -2.21 -1.93
MN MN MA . -7.75 7.89 -12.87
C1 NAG NA . -30.52 35.47 32.20
C2 NAG NA . -31.09 34.09 32.52
C3 NAG NA . -31.19 33.91 34.03
C4 NAG NA . -29.86 34.22 34.71
C5 NAG NA . -29.36 35.60 34.28
C6 NAG NA . -27.99 35.94 34.84
C7 NAG NA . -32.69 32.83 31.12
C8 NAG NA . -34.07 32.82 30.54
N2 NAG NA . -32.37 33.90 31.87
O3 NAG NA . -31.59 32.57 34.32
O4 NAG NA . -30.03 34.20 36.12
O5 NAG NA . -29.25 35.64 32.86
O6 NAG NA . -27.24 36.72 33.94
O7 NAG NA . -31.89 31.92 30.92
CL CL OA . -27.22 13.68 15.44
N1 MJX PA . -3.18 2.43 -11.96
C7 MJX PA . -5.62 1.91 -11.57
O1 MJX PA . -5.62 2.67 -10.58
C8 MJX PA . 1.43 4.62 -13.35
C9 MJX PA . 2.71 5.48 -13.19
C17 MJX PA . 4.19 7.57 -14.80
C18 MJX PA . 6.60 10.48 -14.60
N2 MJX PA . 0.35 5.01 -12.41
N3 MJX PA . 2.39 6.89 -13.34
O2 MJX PA . -6.65 1.43 -12.08
C10 MJX PA . 1.34 7.30 -12.43
C11 MJX PA . 0.11 6.45 -12.66
C12 MJX PA . 3.42 7.79 -13.63
C13 MJX PA . 3.72 8.88 -12.80
C14 MJX PA . 4.76 9.76 -13.12
C3 MJX PA . -3.38 3.82 -12.44
C4 MJX PA . -1.91 1.87 -12.50
C5 MJX PA . -0.69 2.75 -12.18
C6 MJX PA . -4.30 1.51 -12.24
C1 MJX PA . -0.87 4.20 -12.69
C2 MJX PA . -2.19 4.73 -12.08
C16 MJX PA . 5.25 8.45 -15.13
C15 MJX PA . 5.53 9.55 -14.29
N4 MJX PA . 6.70 11.06 -15.79
N5 MJX PA . 7.51 10.72 -13.66
S SO4 QA . 0.69 5.01 -9.06
O1 SO4 QA . 1.38 5.48 -7.87
O2 SO4 QA . -0.15 3.86 -8.72
O3 SO4 QA . 1.66 4.61 -10.07
O4 SO4 QA . -0.16 6.08 -9.58
S SO4 RA . -18.66 -29.79 48.47
O1 SO4 RA . -17.92 -29.48 47.24
O2 SO4 RA . -18.07 -30.97 49.09
O3 SO4 RA . -18.59 -28.66 49.39
O4 SO4 RA . -20.05 -30.06 48.14
#